data_4UQV
#
_entry.id   4UQV
#
_cell.length_a   123.130
_cell.length_b   47.160
_cell.length_c   344.079
_cell.angle_alpha   90.00
_cell.angle_beta   90.02
_cell.angle_gamma   90.00
#
_symmetry.space_group_name_H-M   'P 1 21 1'
#
loop_
_entity.id
_entity.type
_entity.pdbx_description
1 polymer 'SERINE HYDROXYMETHYLTRANSFERASE'
2 non-polymer "PYRIDOXAL-5'-PHOSPHATE"
#
_entity_poly.entity_id   1
_entity_poly.type   'polypeptide(L)'
_entity_poly.pdbx_seq_one_letter_code
;MEYSDVPKFIRDVSIKQHEWMRESIKLIASENITSLAVREACATDFMHRYAEGLPGKRLYQGCKYIDEVETLCIELSKEL
FKAEHANVQPTSGVVANLAVFFAETKPGDKLMALSVPDGGHISHWKVSAAGIRGLKVINHPFDPEEMNIDADAMVKKILE
EKPKLILFGGSLFPFPHPVADAYEAAQEVGAKIAYDGAHVLGLIAGKQFQDPLREGAEYLMGSTHKTFFGPQGGVILTTK
ENADKIDSHVFPGVVSNHHLHHKAGLAIALAEMLEFGEAYAKQVIKNAKALAQALYERGFNVLCEHKDFTESHQVIIDIE
SSPDIEFSASELAKMYEEANIILNKNLLPWDDVNNSDNPSGIRLGTQECTRLGMKEKEMEEIAEFMKRIAIDKEKPEKVR
EDVKEFAKEYSTIHYSFDEGDGFKYLRFY
;
_entity_poly.pdbx_strand_id   A,B,C,D,E,F,G,H,I,J,K,L
#
loop_
_chem_comp.id
_chem_comp.type
_chem_comp.name
_chem_comp.formula
PLP non-polymer PYRIDOXAL-5'-PHOSPHATE 'C8 H10 N O6 P'
#
# COMPACT_ATOMS: atom_id res chain seq x y z
N MET A 1 -76.90 41.05 8.53
CA MET A 1 -77.57 40.40 9.67
C MET A 1 -77.25 41.10 10.99
N GLU A 2 -78.13 40.93 11.97
CA GLU A 2 -77.87 41.40 13.32
C GLU A 2 -77.48 40.20 14.20
N TYR A 3 -77.19 40.47 15.48
CA TYR A 3 -76.82 39.39 16.39
C TYR A 3 -77.95 38.38 16.54
N SER A 4 -79.18 38.88 16.51
CA SER A 4 -80.37 38.05 16.62
C SER A 4 -80.43 36.99 15.50
N ASP A 5 -79.73 37.26 14.42
CA ASP A 5 -79.75 36.39 13.25
C ASP A 5 -78.75 35.24 13.36
N VAL A 6 -77.95 35.24 14.43
CA VAL A 6 -76.88 34.26 14.60
C VAL A 6 -77.34 32.81 14.82
N PRO A 7 -78.26 32.57 15.78
CA PRO A 7 -78.62 31.15 15.96
C PRO A 7 -79.40 30.60 14.78
N LYS A 8 -80.11 31.47 14.07
CA LYS A 8 -80.90 31.06 12.92
C LYS A 8 -80.01 30.75 11.72
N PHE A 9 -78.87 31.42 11.64
CA PHE A 9 -77.91 31.17 10.58
C PHE A 9 -77.35 29.74 10.65
N ILE A 10 -76.69 29.43 11.76
CA ILE A 10 -75.95 28.18 11.86
C ILE A 10 -76.87 26.97 11.81
N ARG A 11 -78.06 27.09 12.41
CA ARG A 11 -79.05 26.02 12.34
C ARG A 11 -79.26 25.64 10.89
N ASP A 12 -79.47 26.66 10.06
CA ASP A 12 -79.63 26.43 8.62
C ASP A 12 -78.42 25.66 8.13
N VAL A 13 -77.24 26.23 8.37
CA VAL A 13 -75.98 25.61 8.00
C VAL A 13 -75.93 24.20 8.58
N SER A 14 -76.35 24.07 9.84
CA SER A 14 -76.34 22.77 10.52
C SER A 14 -77.20 21.79 9.74
N ILE A 15 -78.40 22.22 9.39
CA ILE A 15 -79.29 21.40 8.59
C ILE A 15 -78.59 21.01 7.30
N LYS A 16 -77.97 22.01 6.69
CA LYS A 16 -77.32 21.82 5.39
C LYS A 16 -76.13 20.88 5.51
N GLN A 17 -75.62 20.70 6.72
CA GLN A 17 -74.61 19.68 6.96
C GLN A 17 -75.27 18.31 6.88
N HIS A 18 -76.32 18.13 7.66
CA HIS A 18 -77.02 16.85 7.75
C HIS A 18 -77.47 16.36 6.38
N GLU A 19 -77.89 17.29 5.54
CA GLU A 19 -78.27 16.97 4.18
C GLU A 19 -77.06 16.50 3.38
N TRP A 20 -76.01 17.31 3.37
CA TRP A 20 -74.89 17.11 2.46
C TRP A 20 -74.23 15.75 2.67
N MET A 21 -73.91 15.44 3.91
CA MET A 21 -73.25 14.17 4.21
C MET A 21 -74.19 12.99 4.00
N ARG A 22 -75.49 13.24 4.09
CA ARG A 22 -76.47 12.17 3.86
C ARG A 22 -76.35 11.66 2.43
N GLU A 23 -76.16 12.61 1.52
CA GLU A 23 -76.04 12.32 0.09
C GLU A 23 -74.59 12.11 -0.31
N SER A 24 -73.70 12.09 0.68
CA SER A 24 -72.28 11.93 0.42
C SER A 24 -71.77 10.54 0.75
N ILE A 25 -70.79 10.07 0.00
CA ILE A 25 -70.10 8.82 0.32
C ILE A 25 -68.89 9.18 1.15
N LYS A 26 -68.89 8.79 2.43
CA LYS A 26 -67.88 9.28 3.36
C LYS A 26 -66.71 8.30 3.47
N LEU A 27 -65.58 8.69 2.88
CA LEU A 27 -64.35 7.91 2.98
C LEU A 27 -63.37 8.52 3.98
N ILE A 28 -63.75 9.61 4.63
CA ILE A 28 -62.91 10.23 5.63
C ILE A 28 -62.65 9.23 6.76
N ALA A 29 -61.38 8.95 7.02
CA ALA A 29 -61.02 7.85 7.89
C ALA A 29 -60.95 8.23 9.37
N SER A 30 -60.91 9.53 9.64
CA SER A 30 -60.79 10.00 11.01
C SER A 30 -62.18 10.23 11.61
N GLU A 31 -63.21 9.89 10.85
CA GLU A 31 -64.59 10.14 11.24
C GLU A 31 -65.46 8.91 11.04
N ASN A 32 -66.42 8.72 11.95
CA ASN A 32 -67.43 7.67 11.81
C ASN A 32 -68.79 8.21 12.22
N ILE A 33 -69.82 7.38 12.13
CA ILE A 33 -71.19 7.83 12.38
C ILE A 33 -71.79 7.26 13.66
N THR A 34 -72.25 8.15 14.53
CA THR A 34 -72.78 7.77 15.84
C THR A 34 -74.30 7.62 15.80
N SER A 35 -74.81 6.69 16.59
CA SER A 35 -76.25 6.42 16.61
C SER A 35 -77.02 7.58 17.25
N LEU A 36 -78.33 7.43 17.32
CA LEU A 36 -79.17 8.50 17.85
C LEU A 36 -79.18 8.49 19.38
N ALA A 37 -78.95 7.31 19.96
CA ALA A 37 -78.91 7.18 21.41
C ALA A 37 -77.73 7.91 22.01
N VAL A 38 -76.55 7.68 21.43
CA VAL A 38 -75.34 8.34 21.89
C VAL A 38 -75.42 9.85 21.71
N ARG A 39 -76.00 10.29 20.59
CA ARG A 39 -76.16 11.71 20.31
C ARG A 39 -77.12 12.34 21.33
N GLU A 40 -78.20 11.64 21.60
CA GLU A 40 -79.14 12.03 22.64
C GLU A 40 -78.42 12.22 23.96
N ALA A 41 -77.57 11.24 24.29
CA ALA A 41 -76.76 11.31 25.50
C ALA A 41 -75.81 12.52 25.47
N CYS A 42 -75.38 12.91 24.27
CA CYS A 42 -74.46 14.02 24.11
C CYS A 42 -75.18 15.37 24.07
N ALA A 43 -76.51 15.32 24.11
CA ALA A 43 -77.32 16.52 24.15
C ALA A 43 -77.72 16.95 25.58
N THR A 44 -77.15 16.30 26.60
CA THR A 44 -77.74 16.31 27.94
C THR A 44 -76.93 17.08 29.01
N ASP A 45 -77.62 17.45 30.08
CA ASP A 45 -77.16 18.41 31.08
C ASP A 45 -75.79 18.10 31.70
N PHE A 46 -75.32 16.87 31.58
CA PHE A 46 -73.97 16.55 32.04
C PHE A 46 -72.92 17.41 31.32
N MET A 47 -73.29 17.88 30.14
CA MET A 47 -72.46 18.79 29.36
C MET A 47 -72.24 20.11 30.08
N HIS A 48 -73.25 20.53 30.84
CA HIS A 48 -73.20 21.77 31.59
C HIS A 48 -72.55 21.64 32.97
N ARG A 49 -72.36 20.41 33.43
CA ARG A 49 -71.92 20.22 34.81
C ARG A 49 -70.43 19.94 34.95
N TYR A 50 -69.98 19.85 36.20
CA TYR A 50 -68.55 19.76 36.52
C TYR A 50 -68.30 18.66 37.54
N ALA A 51 -67.56 17.64 37.16
CA ALA A 51 -67.28 16.53 38.06
C ALA A 51 -65.78 16.33 38.25
N GLU A 52 -65.42 15.66 39.35
CA GLU A 52 -64.02 15.47 39.68
C GLU A 52 -63.71 14.00 39.95
N GLY A 53 -62.63 13.53 39.33
CA GLY A 53 -61.95 12.32 39.77
C GLY A 53 -62.75 11.08 40.09
N LEU A 54 -62.49 10.54 41.27
CA LEU A 54 -63.08 9.30 41.74
C LEU A 54 -64.36 9.52 42.56
N PRO A 55 -65.40 8.75 42.25
CA PRO A 55 -66.65 8.73 43.02
C PRO A 55 -66.42 8.52 44.51
N LEU A 59 -65.36 16.19 45.89
CA LEU A 59 -65.17 17.62 46.12
C LEU A 59 -66.43 18.41 45.79
N TYR A 60 -67.02 18.13 44.64
CA TYR A 60 -68.24 18.79 44.21
C TYR A 60 -69.46 17.98 44.63
N GLN A 61 -70.64 18.54 44.34
CA GLN A 61 -71.90 17.84 44.56
C GLN A 61 -72.61 17.61 43.24
N GLY A 62 -73.77 16.96 43.30
CA GLY A 62 -74.54 16.67 42.11
C GLY A 62 -73.87 15.65 41.21
N CYS A 63 -72.85 14.98 41.75
CA CYS A 63 -72.04 14.05 40.97
C CYS A 63 -72.60 12.63 41.02
N LYS A 64 -73.73 12.46 41.72
CA LYS A 64 -74.36 11.17 41.91
C LYS A 64 -74.48 10.37 40.61
N TYR A 65 -75.35 10.85 39.72
CA TYR A 65 -75.60 10.17 38.46
C TYR A 65 -74.39 10.23 37.55
N ILE A 66 -73.59 11.27 37.75
CA ILE A 66 -72.32 11.40 37.04
C ILE A 66 -71.38 10.26 37.42
N ASP A 67 -71.25 10.04 38.73
CA ASP A 67 -70.40 8.96 39.23
C ASP A 67 -70.93 7.62 38.76
N GLU A 68 -72.25 7.50 38.70
CA GLU A 68 -72.89 6.28 38.21
C GLU A 68 -72.51 5.99 36.77
N VAL A 69 -72.70 6.98 35.90
CA VAL A 69 -72.45 6.78 34.48
C VAL A 69 -70.97 6.62 34.15
N GLU A 70 -70.09 7.32 34.86
CA GLU A 70 -68.67 7.16 34.60
C GLU A 70 -68.15 5.84 35.19
N THR A 71 -68.81 5.37 36.24
CA THR A 71 -68.57 4.02 36.75
C THR A 71 -68.86 3.01 35.65
N LEU A 72 -70.05 3.09 35.10
CA LEU A 72 -70.45 2.23 33.98
C LEU A 72 -69.46 2.34 32.83
N CYS A 73 -68.96 3.54 32.59
CA CYS A 73 -67.93 3.77 31.58
C CYS A 73 -66.70 2.91 31.85
N ILE A 74 -66.02 3.20 32.96
CA ILE A 74 -64.77 2.53 33.31
C ILE A 74 -64.90 1.01 33.31
N GLU A 75 -66.01 0.50 33.84
CA GLU A 75 -66.16 -0.94 33.96
C GLU A 75 -66.52 -1.62 32.64
N LEU A 76 -67.44 -1.04 31.88
CA LEU A 76 -67.77 -1.57 30.56
C LEU A 76 -66.54 -1.53 29.66
N SER A 77 -65.69 -0.54 29.88
CA SER A 77 -64.44 -0.40 29.14
C SER A 77 -63.45 -1.50 29.52
N LYS A 78 -63.33 -1.76 30.82
CA LYS A 78 -62.47 -2.85 31.28
C LYS A 78 -62.99 -4.19 30.80
N GLU A 79 -64.29 -4.26 30.52
CA GLU A 79 -64.89 -5.46 29.98
C GLU A 79 -64.66 -5.59 28.48
N LEU A 80 -64.61 -4.47 27.77
CA LEU A 80 -64.55 -4.49 26.30
C LEU A 80 -63.18 -4.88 25.74
N PHE A 81 -62.12 -4.26 26.24
CA PHE A 81 -60.78 -4.55 25.74
C PHE A 81 -60.05 -5.58 26.61
N LYS A 82 -60.71 -6.03 27.67
CA LYS A 82 -60.10 -6.89 28.68
C LYS A 82 -58.80 -6.27 29.19
N ALA A 83 -58.94 -5.13 29.85
CA ALA A 83 -57.80 -4.42 30.42
C ALA A 83 -57.90 -4.39 31.95
N GLU A 84 -56.75 -4.37 32.62
CA GLU A 84 -56.72 -4.33 34.07
C GLU A 84 -57.36 -3.05 34.57
N HIS A 85 -57.16 -1.97 33.81
CA HIS A 85 -57.59 -0.64 34.22
C HIS A 85 -57.88 0.23 33.00
N ALA A 86 -58.84 1.13 33.15
CA ALA A 86 -59.21 2.03 32.07
C ALA A 86 -59.54 3.40 32.62
N ASN A 87 -59.09 4.43 31.92
CA ASN A 87 -59.39 5.80 32.32
C ASN A 87 -60.17 6.52 31.23
N VAL A 88 -61.42 6.87 31.54
CA VAL A 88 -62.31 7.46 30.55
C VAL A 88 -62.29 8.98 30.59
N GLN A 89 -61.51 9.53 31.52
CA GLN A 89 -61.45 10.98 31.72
C GLN A 89 -60.98 11.85 30.53
N PRO A 90 -60.06 11.37 29.68
CA PRO A 90 -59.58 12.20 28.56
C PRO A 90 -60.67 12.87 27.71
N THR A 91 -60.39 14.10 27.28
CA THR A 91 -61.27 14.83 26.38
C THR A 91 -60.84 14.64 24.93
N SER A 92 -59.70 13.97 24.74
CA SER A 92 -59.12 13.80 23.42
C SER A 92 -58.24 12.57 23.39
N GLY A 93 -57.91 12.10 22.18
CA GLY A 93 -56.95 11.03 22.04
C GLY A 93 -55.57 11.59 22.29
N VAL A 94 -55.38 12.87 21.93
CA VAL A 94 -54.10 13.53 22.09
C VAL A 94 -53.87 13.96 23.54
N VAL A 95 -54.96 14.19 24.27
CA VAL A 95 -54.89 14.55 25.68
C VAL A 95 -54.64 13.28 26.48
N ALA A 96 -55.08 12.16 25.91
CA ALA A 96 -54.80 10.84 26.45
C ALA A 96 -53.31 10.57 26.28
N ASN A 97 -52.82 10.84 25.06
CA ASN A 97 -51.39 10.76 24.76
C ASN A 97 -50.57 11.58 25.73
N LEU A 98 -50.99 12.83 25.92
CA LEU A 98 -50.26 13.78 26.75
C LEU A 98 -50.27 13.36 28.21
N ALA A 99 -51.39 12.78 28.65
CA ALA A 99 -51.46 12.24 30.00
C ALA A 99 -50.47 11.09 30.17
N VAL A 100 -50.40 10.23 29.16
CA VAL A 100 -49.46 9.10 29.19
C VAL A 100 -48.01 9.59 29.22
N PHE A 101 -47.71 10.58 28.38
CA PHE A 101 -46.37 11.17 28.32
C PHE A 101 -45.99 11.71 29.68
N PHE A 102 -46.89 12.53 30.22
CA PHE A 102 -46.73 13.12 31.55
C PHE A 102 -46.44 12.04 32.60
N ALA A 103 -47.15 10.93 32.51
CA ALA A 103 -47.00 9.85 33.49
C ALA A 103 -45.66 9.13 33.34
N GLU A 104 -45.28 8.84 32.10
CA GLU A 104 -44.10 8.01 31.86
C GLU A 104 -42.82 8.76 31.54
N THR A 105 -42.87 10.09 31.44
CA THR A 105 -41.69 10.85 31.09
C THR A 105 -41.48 12.11 31.92
N LYS A 106 -40.23 12.58 31.89
CA LYS A 106 -39.86 13.88 32.41
C LYS A 106 -39.26 14.64 31.23
N PRO A 107 -39.28 15.98 31.28
CA PRO A 107 -38.87 16.76 30.11
C PRO A 107 -37.49 16.40 29.56
N GLY A 108 -37.40 16.20 28.25
CA GLY A 108 -36.15 15.90 27.59
C GLY A 108 -35.96 14.47 27.15
N ASP A 109 -36.77 13.55 27.68
CA ASP A 109 -36.57 12.13 27.45
C ASP A 109 -36.98 11.68 26.04
N LYS A 110 -36.45 10.53 25.62
CA LYS A 110 -36.54 10.07 24.24
C LYS A 110 -37.82 9.30 23.94
N LEU A 111 -38.54 9.72 22.90
CA LEU A 111 -39.75 9.03 22.46
C LEU A 111 -39.46 8.22 21.19
N MET A 112 -40.43 7.41 20.74
CA MET A 112 -40.31 6.71 19.47
C MET A 112 -41.63 6.67 18.70
N ALA A 113 -41.64 7.20 17.48
CA ALA A 113 -42.85 7.17 16.66
C ALA A 113 -42.53 7.27 15.16
N LEU A 114 -43.42 6.74 14.33
CA LEU A 114 -43.26 6.81 12.88
C LEU A 114 -43.67 8.19 12.38
N SER A 115 -43.05 8.62 11.28
CA SER A 115 -43.24 10.00 10.81
C SER A 115 -44.59 10.21 10.14
N VAL A 116 -44.85 11.47 9.78
CA VAL A 116 -46.11 11.84 9.15
C VAL A 116 -46.24 11.27 7.73
N PRO A 117 -45.19 11.44 6.88
CA PRO A 117 -45.30 10.68 5.63
C PRO A 117 -45.20 9.18 5.89
N ASP A 118 -44.40 8.81 6.87
CA ASP A 118 -44.24 7.41 7.24
C ASP A 118 -45.50 6.86 7.92
N GLY A 119 -46.47 7.74 8.17
CA GLY A 119 -47.77 7.31 8.65
C GLY A 119 -48.20 7.69 10.06
N GLY A 120 -47.30 8.26 10.83
CA GLY A 120 -47.65 8.74 12.16
C GLY A 120 -48.45 10.03 12.06
N HIS A 121 -48.96 10.49 13.20
CA HIS A 121 -49.72 11.74 13.25
C HIS A 121 -49.16 12.66 14.32
N ILE A 122 -49.58 13.92 14.32
CA ILE A 122 -49.05 14.89 15.28
C ILE A 122 -49.44 14.48 16.70
N SER A 123 -48.71 15.05 17.67
CA SER A 123 -48.68 14.67 19.08
C SER A 123 -47.66 13.55 19.26
N HIS A 124 -47.16 13.03 18.14
CA HIS A 124 -46.06 12.08 18.18
C HIS A 124 -44.73 12.81 18.09
N TRP A 125 -44.80 14.11 17.81
CA TRP A 125 -43.61 14.89 17.50
C TRP A 125 -43.53 16.21 18.25
N LYS A 126 -42.36 16.82 18.20
CA LYS A 126 -42.19 18.21 18.61
C LYS A 126 -42.97 19.05 17.60
N VAL A 127 -43.25 20.30 17.98
CA VAL A 127 -44.25 21.20 17.37
C VAL A 127 -45.65 20.72 17.73
N SER A 128 -45.74 19.62 18.47
CA SER A 128 -47.00 19.12 18.98
C SER A 128 -46.83 18.50 20.37
N ALA A 129 -47.83 17.77 20.84
CA ALA A 129 -47.91 17.27 22.21
C ALA A 129 -46.64 16.59 22.72
N ALA A 130 -45.98 15.83 21.86
CA ALA A 130 -44.73 15.18 22.24
C ALA A 130 -43.64 16.19 22.55
N GLY A 131 -43.70 17.35 21.90
CA GLY A 131 -42.71 18.39 22.11
C GLY A 131 -42.97 19.22 23.35
N ILE A 132 -44.13 19.04 23.97
CA ILE A 132 -44.50 19.84 25.13
C ILE A 132 -43.84 19.34 26.42
N ARG A 133 -43.50 18.05 26.50
CA ARG A 133 -42.77 17.59 27.67
C ARG A 133 -41.42 16.96 27.34
N GLY A 134 -41.42 15.70 26.91
CA GLY A 134 -40.17 15.05 26.55
C GLY A 134 -39.65 15.68 25.28
N LEU A 135 -38.47 16.28 25.36
CA LEU A 135 -37.89 16.91 24.17
C LEU A 135 -37.65 15.88 23.09
N LYS A 136 -36.68 15.00 23.35
CA LYS A 136 -36.19 14.06 22.34
C LYS A 136 -37.26 13.09 21.87
N VAL A 137 -37.47 13.05 20.56
CA VAL A 137 -38.32 12.04 19.96
C VAL A 137 -37.67 11.51 18.68
N ILE A 138 -37.38 10.21 18.65
CA ILE A 138 -36.80 9.60 17.47
C ILE A 138 -37.85 8.81 16.72
N ASN A 139 -37.46 8.21 15.61
CA ASN A 139 -38.41 7.52 14.74
C ASN A 139 -38.18 6.01 14.65
N HIS A 140 -39.27 5.27 14.48
CA HIS A 140 -39.19 3.85 14.18
C HIS A 140 -38.58 3.67 12.79
N PRO A 141 -37.65 2.71 12.66
CA PRO A 141 -37.10 2.38 11.34
C PRO A 141 -38.20 1.88 10.41
N PHE A 142 -38.30 2.46 9.22
CA PHE A 142 -39.46 2.18 8.37
C PHE A 142 -39.10 1.89 6.93
N ASP A 143 -39.60 0.78 6.41
CA ASP A 143 -39.44 0.43 5.00
C ASP A 143 -40.77 0.62 4.26
N PRO A 144 -40.76 1.46 3.21
CA PRO A 144 -41.97 1.78 2.43
C PRO A 144 -42.62 0.57 1.74
N GLU A 145 -41.84 -0.34 1.16
CA GLU A 145 -42.39 -1.43 0.35
C GLU A 145 -43.28 -2.36 1.16
N GLU A 146 -42.86 -2.69 2.39
CA GLU A 146 -43.73 -3.38 3.32
C GLU A 146 -44.22 -2.31 4.27
N MET A 147 -45.48 -1.93 4.15
CA MET A 147 -45.97 -0.69 4.74
C MET A 147 -45.91 -0.64 6.28
N ASN A 148 -45.54 -1.75 6.89
CA ASN A 148 -45.34 -1.76 8.34
C ASN A 148 -43.94 -1.25 8.71
N ILE A 149 -43.66 -1.22 10.01
CA ILE A 149 -42.38 -0.76 10.54
C ILE A 149 -41.31 -1.86 10.37
N ASP A 150 -40.05 -1.46 10.18
CA ASP A 150 -38.97 -2.44 10.08
C ASP A 150 -38.62 -2.94 11.48
N ALA A 151 -38.79 -4.23 11.69
CA ALA A 151 -38.78 -4.81 13.03
C ALA A 151 -37.39 -5.03 13.62
N ASP A 152 -36.47 -5.54 12.80
CA ASP A 152 -35.13 -5.90 13.25
C ASP A 152 -34.28 -4.66 13.51
N ALA A 153 -34.27 -3.78 12.51
CA ALA A 153 -33.59 -2.49 12.62
C ALA A 153 -34.11 -1.75 13.84
N MET A 154 -35.41 -1.89 14.11
CA MET A 154 -36.00 -1.34 15.33
C MET A 154 -35.41 -2.00 16.57
N VAL A 155 -35.34 -3.33 16.56
CA VAL A 155 -34.79 -4.09 17.68
C VAL A 155 -33.40 -3.59 18.06
N LYS A 156 -32.55 -3.34 17.08
CA LYS A 156 -31.22 -2.80 17.38
C LYS A 156 -31.26 -1.33 17.75
N LYS A 157 -32.00 -0.54 16.98
CA LYS A 157 -32.05 0.92 17.16
C LYS A 157 -32.53 1.33 18.55
N ILE A 158 -33.52 0.60 19.06
CA ILE A 158 -34.02 0.84 20.40
C ILE A 158 -32.87 0.72 21.41
N LEU A 159 -31.99 -0.25 21.18
CA LEU A 159 -30.82 -0.43 22.01
C LEU A 159 -29.84 0.71 21.78
N GLU A 160 -29.76 1.17 20.54
CA GLU A 160 -28.89 2.30 20.17
C GLU A 160 -29.23 3.57 20.95
N GLU A 161 -30.39 4.15 20.65
CA GLU A 161 -30.75 5.46 21.16
C GLU A 161 -31.42 5.43 22.53
N LYS A 162 -31.86 4.25 22.95
CA LYS A 162 -32.43 4.05 24.29
C LYS A 162 -33.63 4.97 24.58
N PRO A 163 -34.73 4.82 23.83
CA PRO A 163 -35.89 5.68 24.06
C PRO A 163 -36.61 5.35 25.38
N LYS A 164 -37.09 6.36 26.09
CA LYS A 164 -37.70 6.11 27.39
C LYS A 164 -39.21 5.86 27.29
N LEU A 165 -39.76 6.05 26.10
CA LEU A 165 -41.14 5.68 25.83
C LEU A 165 -41.25 5.20 24.39
N ILE A 166 -41.92 4.07 24.16
CA ILE A 166 -42.02 3.57 22.79
C ILE A 166 -43.46 3.57 22.29
N LEU A 167 -43.76 4.49 21.37
CA LEU A 167 -45.14 4.65 20.88
C LEU A 167 -45.39 3.91 19.58
N PHE A 168 -46.59 3.36 19.44
CA PHE A 168 -47.02 2.80 18.17
C PHE A 168 -48.34 3.41 17.72
N GLY A 169 -48.82 3.01 16.55
CA GLY A 169 -50.03 3.57 15.97
C GLY A 169 -49.76 4.84 15.18
N GLY A 170 -50.64 5.16 14.24
CA GLY A 170 -50.46 6.33 13.41
C GLY A 170 -51.66 6.72 12.55
N SER A 171 -51.54 7.85 11.87
CA SER A 171 -52.59 8.34 10.99
C SER A 171 -52.76 7.44 9.77
N LEU A 172 -51.65 7.20 9.08
CA LEU A 172 -51.65 6.23 7.99
C LEU A 172 -51.23 4.92 8.61
N PHE A 173 -52.18 3.99 8.71
CA PHE A 173 -52.01 2.84 9.60
C PHE A 173 -52.52 1.55 9.00
N PRO A 174 -51.90 1.10 7.90
CA PRO A 174 -52.37 -0.16 7.32
C PRO A 174 -52.14 -1.39 8.22
N PHE A 175 -50.92 -1.57 8.73
CA PHE A 175 -50.56 -2.88 9.28
C PHE A 175 -50.38 -2.83 10.79
N PRO A 176 -50.64 -3.97 11.47
CA PRO A 176 -50.37 -4.07 12.91
C PRO A 176 -48.88 -3.96 13.19
N HIS A 177 -48.51 -3.08 14.13
CA HIS A 177 -47.11 -2.83 14.43
C HIS A 177 -46.47 -3.99 15.17
N PRO A 178 -45.19 -4.27 14.85
CA PRO A 178 -44.43 -5.34 15.50
C PRO A 178 -44.17 -5.05 16.97
N VAL A 179 -45.22 -5.05 17.79
CA VAL A 179 -45.08 -4.91 19.23
C VAL A 179 -44.65 -6.25 19.82
N ALA A 180 -44.95 -7.33 19.11
CA ALA A 180 -44.56 -8.67 19.53
C ALA A 180 -43.07 -8.90 19.32
N ASP A 181 -42.42 -7.98 18.62
CA ASP A 181 -41.02 -8.10 18.30
C ASP A 181 -40.11 -7.47 19.35
N ALA A 182 -40.24 -6.16 19.55
CA ALA A 182 -39.23 -5.35 20.22
C ALA A 182 -39.34 -5.29 21.74
N TYR A 183 -40.25 -6.06 22.33
CA TYR A 183 -40.46 -6.03 23.77
C TYR A 183 -39.16 -6.30 24.56
N GLU A 184 -38.38 -7.26 24.10
CA GLU A 184 -37.14 -7.60 24.80
C GLU A 184 -36.15 -6.44 24.71
N ALA A 185 -36.20 -5.70 23.61
CA ALA A 185 -35.36 -4.52 23.44
C ALA A 185 -35.84 -3.46 24.41
N ALA A 186 -37.15 -3.39 24.60
CA ALA A 186 -37.74 -2.46 25.56
C ALA A 186 -37.29 -2.81 26.96
N GLN A 187 -37.08 -4.10 27.20
CA GLN A 187 -36.51 -4.57 28.46
C GLN A 187 -35.09 -4.05 28.60
N GLU A 188 -34.30 -4.29 27.56
CA GLU A 188 -32.87 -3.94 27.59
C GLU A 188 -32.66 -2.44 27.71
N VAL A 189 -33.65 -1.66 27.29
CA VAL A 189 -33.63 -0.22 27.55
C VAL A 189 -34.13 0.11 28.95
N GLY A 190 -35.18 -0.58 29.38
CA GLY A 190 -35.82 -0.29 30.66
C GLY A 190 -36.97 0.69 30.57
N ALA A 191 -37.59 0.75 29.39
CA ALA A 191 -38.67 1.69 29.13
C ALA A 191 -39.96 0.99 28.71
N LYS A 192 -41.07 1.72 28.77
CA LYS A 192 -42.39 1.13 28.53
C LYS A 192 -42.89 1.27 27.10
N ILE A 193 -43.60 0.24 26.66
CA ILE A 193 -44.25 0.21 25.36
C ILE A 193 -45.70 0.68 25.45
N ALA A 194 -46.05 1.63 24.59
CA ALA A 194 -47.40 2.18 24.51
C ALA A 194 -47.89 2.12 23.08
N TYR A 195 -49.17 1.79 22.92
CA TYR A 195 -49.78 1.63 21.61
C TYR A 195 -50.92 2.62 21.46
N ASP A 196 -50.78 3.58 20.56
CA ASP A 196 -51.84 4.56 20.38
C ASP A 196 -52.78 4.02 19.32
N GLY A 197 -53.95 3.60 19.77
CA GLY A 197 -54.92 2.93 18.93
C GLY A 197 -56.01 3.89 18.53
N ALA A 198 -55.70 5.18 18.58
CA ALA A 198 -56.68 6.23 18.31
C ALA A 198 -57.44 5.96 17.03
N HIS A 199 -56.72 5.51 16.00
CA HIS A 199 -57.34 5.16 14.74
C HIS A 199 -57.96 3.75 14.76
N VAL A 200 -57.24 2.81 15.36
CA VAL A 200 -57.56 1.38 15.23
C VAL A 200 -58.39 0.83 16.40
N LEU A 201 -58.73 1.68 17.36
CA LEU A 201 -59.37 1.26 18.61
C LEU A 201 -60.59 0.36 18.44
N GLY A 202 -61.55 0.81 17.62
CA GLY A 202 -62.76 0.05 17.38
C GLY A 202 -62.50 -1.34 16.86
N LEU A 203 -61.48 -1.47 16.02
CA LEU A 203 -61.08 -2.76 15.48
C LEU A 203 -60.52 -3.65 16.58
N ILE A 204 -59.80 -3.05 17.52
CA ILE A 204 -59.28 -3.80 18.67
C ILE A 204 -60.42 -4.31 19.51
N ALA A 205 -61.43 -3.47 19.72
CA ALA A 205 -62.60 -3.84 20.52
C ALA A 205 -63.40 -4.95 19.84
N GLY A 206 -63.27 -5.04 18.52
CA GLY A 206 -63.97 -6.05 17.74
C GLY A 206 -63.21 -7.35 17.62
N LYS A 207 -62.20 -7.52 18.48
CA LYS A 207 -61.35 -8.70 18.46
C LYS A 207 -60.69 -8.92 17.09
N GLN A 208 -60.12 -7.85 16.55
CA GLN A 208 -59.45 -7.91 15.25
C GLN A 208 -58.11 -7.18 15.32
N PHE A 209 -57.45 -7.06 14.17
CA PHE A 209 -56.15 -6.40 14.04
C PHE A 209 -55.12 -7.02 14.96
N GLN A 210 -54.62 -6.23 15.91
CA GLN A 210 -53.66 -6.73 16.88
C GLN A 210 -54.11 -6.44 18.31
N ASP A 211 -53.52 -7.16 19.27
CA ASP A 211 -53.85 -6.97 20.68
C ASP A 211 -52.63 -6.54 21.47
N PRO A 212 -52.37 -5.23 21.51
CA PRO A 212 -51.18 -4.64 22.15
C PRO A 212 -51.00 -5.05 23.60
N LEU A 213 -52.10 -5.14 24.35
CA LEU A 213 -52.02 -5.43 25.78
C LEU A 213 -51.38 -6.78 26.10
N ARG A 214 -51.52 -7.74 25.19
CA ARG A 214 -50.87 -9.04 25.39
C ARG A 214 -49.50 -9.09 24.71
N GLU A 215 -49.22 -8.08 23.89
CA GLU A 215 -48.02 -8.08 23.05
C GLU A 215 -46.85 -7.34 23.70
N GLY A 216 -47.04 -6.88 24.92
CA GLY A 216 -45.99 -6.17 25.62
C GLY A 216 -46.25 -4.68 25.79
N ALA A 217 -47.31 -4.18 25.16
CA ALA A 217 -47.68 -2.77 25.32
C ALA A 217 -48.28 -2.54 26.69
N GLU A 218 -47.69 -1.61 27.43
CA GLU A 218 -48.19 -1.27 28.76
C GLU A 218 -49.38 -0.33 28.67
N TYR A 219 -49.43 0.47 27.61
CA TYR A 219 -50.50 1.44 27.43
C TYR A 219 -51.18 1.32 26.07
N LEU A 220 -52.51 1.35 26.08
CA LEU A 220 -53.29 1.49 24.85
C LEU A 220 -54.16 2.75 24.93
N MET A 221 -53.83 3.74 24.11
CA MET A 221 -54.56 5.00 24.10
C MET A 221 -55.45 5.05 22.88
N GLY A 222 -56.57 5.74 22.99
CA GLY A 222 -57.43 5.87 21.83
C GLY A 222 -58.30 7.10 21.76
N SER A 223 -58.63 7.47 20.53
CA SER A 223 -59.65 8.46 20.25
C SER A 223 -60.93 7.71 20.01
N THR A 224 -61.90 7.91 20.88
CA THR A 224 -63.12 7.11 20.87
C THR A 224 -63.98 7.33 19.63
N HIS A 225 -63.63 8.33 18.82
CA HIS A 225 -64.45 8.72 17.67
C HIS A 225 -64.01 8.17 16.30
N LYS A 226 -62.99 7.33 16.26
CA LYS A 226 -62.50 6.78 14.99
C LYS A 226 -63.25 5.58 14.58
N THR A 227 -62.56 4.44 14.44
CA THR A 227 -63.23 3.18 14.11
C THR A 227 -64.01 2.67 15.32
N PHE A 228 -63.70 3.25 16.47
CA PHE A 228 -64.59 3.20 17.61
C PHE A 228 -65.65 4.24 17.23
N PHE A 229 -66.91 3.83 17.11
CA PHE A 229 -67.90 4.74 16.55
C PHE A 229 -68.53 5.63 17.63
N GLY A 230 -67.97 5.55 18.83
CA GLY A 230 -68.38 6.41 19.92
C GLY A 230 -68.06 7.88 19.68
N PRO A 231 -68.38 8.73 20.67
CA PRO A 231 -68.33 10.19 20.53
C PRO A 231 -66.92 10.76 20.56
N GLN A 232 -66.83 12.08 20.39
CA GLN A 232 -65.57 12.80 20.45
C GLN A 232 -65.02 12.77 21.87
N GLY A 233 -63.78 12.33 22.00
CA GLY A 233 -63.15 12.20 23.30
C GLY A 233 -62.02 11.17 23.24
N GLY A 234 -61.56 10.71 24.39
CA GLY A 234 -60.46 9.77 24.42
C GLY A 234 -60.50 8.79 25.57
N VAL A 235 -59.67 7.76 25.50
CA VAL A 235 -59.63 6.73 26.55
C VAL A 235 -58.22 6.16 26.74
N ILE A 236 -57.88 5.89 27.99
CA ILE A 236 -56.63 5.25 28.35
C ILE A 236 -56.89 3.81 28.79
N LEU A 237 -55.98 2.91 28.44
CA LEU A 237 -56.03 1.53 28.87
C LEU A 237 -54.68 1.11 29.43
N THR A 238 -54.67 0.72 30.69
CA THR A 238 -53.42 0.45 31.40
C THR A 238 -53.66 -0.55 32.52
N THR A 239 -52.69 -0.71 33.40
CA THR A 239 -52.82 -1.66 34.51
C THR A 239 -53.12 -0.97 35.83
N LYS A 240 -53.19 -1.75 36.89
CA LYS A 240 -53.36 -1.21 38.24
C LYS A 240 -52.03 -0.73 38.83
N GLU A 241 -50.93 -1.21 38.27
CA GLU A 241 -49.60 -0.75 38.65
C GLU A 241 -49.48 0.72 38.29
N ASN A 242 -50.10 1.06 37.15
CA ASN A 242 -50.14 2.41 36.64
C ASN A 242 -51.39 3.18 37.06
N ALA A 243 -52.16 2.60 37.97
CA ALA A 243 -53.49 3.15 38.28
C ALA A 243 -53.37 4.49 39.00
N ASP A 244 -52.87 4.47 40.23
CA ASP A 244 -52.72 5.73 40.98
C ASP A 244 -51.81 6.69 40.22
N LYS A 245 -50.82 6.13 39.54
CA LYS A 245 -49.90 6.91 38.73
C LYS A 245 -50.63 7.79 37.73
N ILE A 246 -51.25 7.18 36.72
CA ILE A 246 -51.84 7.94 35.63
C ILE A 246 -53.14 8.61 36.05
N ASP A 247 -53.83 8.03 37.04
CA ASP A 247 -55.04 8.66 37.56
C ASP A 247 -54.67 9.98 38.24
N SER A 248 -53.52 10.01 38.90
CA SER A 248 -53.01 11.26 39.43
C SER A 248 -52.53 12.17 38.31
N HIS A 249 -52.26 11.57 37.15
CA HIS A 249 -51.81 12.33 35.98
C HIS A 249 -52.99 12.81 35.15
N VAL A 250 -54.20 12.44 35.56
CA VAL A 250 -55.41 13.08 35.06
C VAL A 250 -56.28 13.52 36.25
N PHE A 251 -56.37 14.83 36.46
CA PHE A 251 -56.96 15.35 37.70
C PHE A 251 -56.37 14.78 38.99
N PRO A 252 -55.14 15.20 39.35
CA PRO A 252 -54.49 16.44 38.91
C PRO A 252 -53.91 16.45 37.50
N GLY A 253 -54.23 17.52 36.79
CA GLY A 253 -53.51 17.89 35.59
C GLY A 253 -53.93 17.33 34.26
N VAL A 254 -53.76 18.18 33.25
CA VAL A 254 -53.93 17.92 31.83
C VAL A 254 -55.12 17.08 31.42
N VAL A 255 -56.20 17.12 32.19
CA VAL A 255 -57.51 17.14 31.57
C VAL A 255 -58.46 18.03 32.36
N SER A 256 -58.66 19.24 31.85
CA SER A 256 -59.92 19.97 31.87
C SER A 256 -60.80 19.74 33.09
N ASN A 257 -62.06 19.49 32.75
CA ASN A 257 -62.96 18.62 33.48
C ASN A 257 -63.38 17.62 32.42
N HIS A 258 -63.85 16.43 32.81
CA HIS A 258 -64.31 15.48 31.82
C HIS A 258 -65.50 16.08 31.09
N HIS A 259 -65.76 15.64 29.87
CA HIS A 259 -67.00 16.03 29.23
C HIS A 259 -67.99 14.94 29.62
N LEU A 260 -68.92 15.29 30.50
CA LEU A 260 -69.71 14.28 31.18
C LEU A 260 -70.80 13.76 30.27
N HIS A 261 -71.26 14.61 29.36
CA HIS A 261 -72.22 14.19 28.36
C HIS A 261 -71.56 13.25 27.36
N HIS A 262 -70.33 13.59 26.97
CA HIS A 262 -69.56 12.80 26.02
C HIS A 262 -69.26 11.42 26.58
N LYS A 263 -69.02 11.35 27.89
CA LYS A 263 -68.69 10.08 28.52
C LYS A 263 -69.94 9.27 28.79
N ALA A 264 -71.00 9.94 29.25
CA ALA A 264 -72.29 9.27 29.43
C ALA A 264 -72.80 8.74 28.10
N GLY A 265 -72.36 9.35 27.01
CA GLY A 265 -72.65 8.86 25.68
C GLY A 265 -71.70 7.76 25.28
N LEU A 266 -70.48 7.83 25.81
CA LEU A 266 -69.45 6.83 25.55
C LEU A 266 -69.88 5.48 26.12
N ALA A 267 -70.55 5.53 27.27
CA ALA A 267 -71.05 4.34 27.95
C ALA A 267 -71.96 3.51 27.03
N ILE A 268 -72.67 4.16 26.12
CA ILE A 268 -73.49 3.43 25.16
C ILE A 268 -72.64 2.71 24.14
N ALA A 269 -71.68 3.43 23.56
CA ALA A 269 -70.86 2.91 22.47
C ALA A 269 -69.98 1.76 22.94
N LEU A 270 -69.55 1.81 24.21
CA LEU A 270 -68.75 0.74 24.78
C LEU A 270 -69.46 -0.60 24.68
N ALA A 271 -70.68 -0.66 25.20
CA ALA A 271 -71.47 -1.88 25.16
C ALA A 271 -71.98 -2.15 23.75
N GLU A 272 -72.09 -1.09 22.97
CA GLU A 272 -72.48 -1.21 21.56
C GLU A 272 -71.47 -2.06 20.81
N MET A 273 -70.19 -1.77 21.01
CA MET A 273 -69.16 -2.54 20.33
C MET A 273 -68.81 -3.79 21.13
N LEU A 274 -69.29 -3.85 22.37
CA LEU A 274 -69.23 -5.11 23.11
C LEU A 274 -70.10 -6.14 22.41
N GLU A 275 -71.34 -5.75 22.10
CA GLU A 275 -72.28 -6.67 21.47
C GLU A 275 -72.05 -6.84 19.96
N PHE A 276 -71.88 -5.73 19.24
CA PHE A 276 -71.77 -5.75 17.79
C PHE A 276 -70.34 -5.73 17.25
N GLY A 277 -69.35 -5.63 18.14
CA GLY A 277 -67.97 -5.41 17.74
C GLY A 277 -67.38 -6.34 16.70
N GLU A 278 -67.56 -7.64 16.91
CA GLU A 278 -67.00 -8.65 16.02
C GLU A 278 -67.56 -8.50 14.61
N ALA A 279 -68.89 -8.51 14.50
CA ALA A 279 -69.56 -8.36 13.21
C ALA A 279 -69.14 -7.06 12.50
N TYR A 280 -69.29 -5.95 13.22
CA TYR A 280 -68.97 -4.64 12.66
C TYR A 280 -67.52 -4.54 12.15
N ALA A 281 -66.58 -4.86 13.03
CA ALA A 281 -65.15 -4.79 12.68
C ALA A 281 -64.81 -5.71 11.51
N LYS A 282 -65.34 -6.93 11.54
CA LYS A 282 -65.09 -7.88 10.46
C LYS A 282 -65.63 -7.38 9.12
N GLN A 283 -66.80 -6.75 9.14
CA GLN A 283 -67.35 -6.19 7.91
C GLN A 283 -66.54 -4.99 7.45
N VAL A 284 -65.98 -4.24 8.40
CA VAL A 284 -65.09 -3.13 8.08
C VAL A 284 -63.88 -3.65 7.30
N ILE A 285 -63.18 -4.59 7.91
CA ILE A 285 -62.01 -5.23 7.30
C ILE A 285 -62.32 -5.78 5.91
N LYS A 286 -63.43 -6.51 5.82
CA LYS A 286 -63.84 -7.13 4.55
C LYS A 286 -64.13 -6.06 3.49
N ASN A 287 -64.74 -4.97 3.91
CA ASN A 287 -65.06 -3.88 2.99
C ASN A 287 -63.82 -3.18 2.49
N ALA A 288 -62.80 -3.09 3.34
CA ALA A 288 -61.51 -2.56 2.90
C ALA A 288 -60.88 -3.49 1.89
N LYS A 289 -60.87 -4.79 2.21
CA LYS A 289 -60.29 -5.79 1.31
C LYS A 289 -60.97 -5.80 -0.05
N ALA A 290 -62.28 -5.56 -0.07
CA ALA A 290 -63.05 -5.54 -1.31
C ALA A 290 -62.81 -4.25 -2.09
N LEU A 291 -62.95 -3.12 -1.40
CA LEU A 291 -62.83 -1.81 -2.03
C LEU A 291 -61.45 -1.57 -2.61
N ALA A 292 -60.41 -2.03 -1.91
CA ALA A 292 -59.04 -1.80 -2.35
C ALA A 292 -58.69 -2.67 -3.54
N GLN A 293 -59.18 -3.90 -3.56
CA GLN A 293 -58.91 -4.82 -4.67
C GLN A 293 -59.62 -4.33 -5.92
N ALA A 294 -60.91 -4.02 -5.75
CA ALA A 294 -61.71 -3.46 -6.84
C ALA A 294 -61.13 -2.13 -7.30
N LEU A 295 -60.42 -1.46 -6.40
CA LEU A 295 -59.72 -0.21 -6.73
C LEU A 295 -58.52 -0.49 -7.63
N TYR A 296 -57.67 -1.42 -7.19
CA TYR A 296 -56.41 -1.70 -7.86
C TYR A 296 -56.62 -2.31 -9.25
N GLU A 297 -57.64 -3.14 -9.40
CA GLU A 297 -57.86 -3.78 -10.69
C GLU A 297 -58.24 -2.80 -11.80
N ARG A 298 -58.72 -1.62 -11.40
CA ARG A 298 -59.21 -0.63 -12.36
C ARG A 298 -58.19 0.44 -12.74
N GLY A 299 -56.99 0.36 -12.20
CA GLY A 299 -55.95 1.32 -12.51
C GLY A 299 -55.65 2.30 -11.39
N PHE A 300 -56.32 2.14 -10.26
CA PHE A 300 -55.96 2.89 -9.05
C PHE A 300 -54.79 2.19 -8.39
N ASN A 301 -53.73 2.94 -8.10
CA ASN A 301 -52.53 2.33 -7.55
C ASN A 301 -52.52 2.35 -6.03
N VAL A 302 -52.64 1.17 -5.42
CA VAL A 302 -52.65 1.04 -3.98
C VAL A 302 -51.32 0.48 -3.50
N LEU A 303 -50.83 1.00 -2.39
CA LEU A 303 -49.55 0.58 -1.84
C LEU A 303 -49.64 -0.81 -1.24
N CYS A 304 -48.58 -1.60 -1.47
CA CYS A 304 -48.44 -2.94 -0.87
C CYS A 304 -49.61 -3.86 -1.20
N GLU A 305 -49.71 -4.27 -2.46
CA GLU A 305 -50.80 -5.10 -2.93
C GLU A 305 -50.68 -6.55 -2.48
N HIS A 306 -49.45 -7.03 -2.31
CA HIS A 306 -49.20 -8.44 -2.02
C HIS A 306 -49.66 -8.84 -0.62
N LYS A 307 -49.85 -7.85 0.23
CA LYS A 307 -50.29 -8.10 1.60
C LYS A 307 -51.81 -8.00 1.71
N ASP A 308 -52.47 -7.85 0.56
CA ASP A 308 -53.93 -7.79 0.45
C ASP A 308 -54.52 -6.56 1.13
N PHE A 309 -53.87 -5.41 0.92
CA PHE A 309 -54.34 -4.15 1.47
C PHE A 309 -54.57 -4.23 2.98
N THR A 310 -53.57 -4.73 3.70
CA THR A 310 -53.64 -4.84 5.15
C THR A 310 -54.84 -5.60 5.74
N GLU A 311 -55.41 -5.06 6.81
CA GLU A 311 -56.68 -5.54 7.36
C GLU A 311 -57.45 -4.40 8.01
N SER A 312 -56.91 -3.19 7.95
CA SER A 312 -57.56 -2.03 8.54
C SER A 312 -58.72 -1.55 7.68
N HIS A 313 -59.25 -0.38 7.99
CA HIS A 313 -60.29 0.23 7.17
C HIS A 313 -59.66 1.18 6.17
N GLN A 314 -58.34 1.26 6.19
CA GLN A 314 -57.62 2.21 5.36
C GLN A 314 -57.20 1.64 4.02
N VAL A 315 -57.52 2.38 2.97
CA VAL A 315 -57.03 2.10 1.64
C VAL A 315 -56.23 3.29 1.16
N ILE A 316 -54.92 3.09 0.99
CA ILE A 316 -54.03 4.19 0.63
C ILE A 316 -53.67 4.17 -0.85
N ILE A 317 -54.10 5.20 -1.56
CA ILE A 317 -53.90 5.27 -3.01
C ILE A 317 -52.68 6.11 -3.38
N ASP A 318 -51.90 5.61 -4.33
CA ASP A 318 -50.78 6.34 -4.86
C ASP A 318 -51.15 6.88 -6.25
N ILE A 319 -51.36 8.20 -6.33
CA ILE A 319 -51.90 8.81 -7.56
C ILE A 319 -50.83 9.10 -8.63
N GLU A 320 -49.68 9.58 -8.20
CA GLU A 320 -48.62 9.97 -9.13
C GLU A 320 -48.03 8.78 -9.87
N SER A 321 -48.42 7.58 -9.45
CA SER A 321 -48.00 6.35 -10.10
C SER A 321 -49.00 5.87 -11.14
N SER A 322 -50.04 6.66 -11.38
CA SER A 322 -51.14 6.25 -12.25
C SER A 322 -50.93 6.60 -13.73
N PRO A 323 -50.76 5.57 -14.58
CA PRO A 323 -50.71 5.69 -16.04
C PRO A 323 -52.09 6.00 -16.63
N ASP A 324 -53.13 5.76 -15.84
CA ASP A 324 -54.51 5.93 -16.29
C ASP A 324 -55.04 7.31 -15.95
N ILE A 325 -55.13 7.60 -14.66
CA ILE A 325 -55.65 8.87 -14.18
C ILE A 325 -54.78 10.04 -14.59
N GLU A 326 -53.48 9.96 -14.26
CA GLU A 326 -52.52 11.03 -14.53
C GLU A 326 -52.91 12.37 -13.89
N PHE A 327 -53.37 12.30 -12.64
CA PHE A 327 -53.69 13.52 -11.90
C PHE A 327 -52.73 13.71 -10.74
N SER A 328 -52.93 14.77 -9.98
CA SER A 328 -52.28 14.96 -8.69
C SER A 328 -53.26 14.52 -7.60
N ALA A 329 -52.89 14.71 -6.34
CA ALA A 329 -53.79 14.35 -5.25
C ALA A 329 -54.79 15.47 -4.99
N SER A 330 -54.29 16.61 -4.55
CA SER A 330 -55.13 17.79 -4.25
C SER A 330 -56.04 18.14 -5.40
N GLU A 331 -55.45 18.24 -6.59
CA GLU A 331 -56.19 18.48 -7.84
C GLU A 331 -57.36 17.53 -7.99
N LEU A 332 -57.12 16.27 -7.64
CA LEU A 332 -58.14 15.23 -7.72
C LEU A 332 -59.09 15.30 -6.52
N ALA A 333 -58.52 15.60 -5.35
CA ALA A 333 -59.28 15.65 -4.11
C ALA A 333 -60.42 16.67 -4.18
N LYS A 334 -60.11 17.85 -4.71
CA LYS A 334 -61.12 18.90 -4.87
C LYS A 334 -62.29 18.41 -5.72
N MET A 335 -61.96 17.72 -6.82
CA MET A 335 -62.96 17.16 -7.71
C MET A 335 -63.82 16.12 -7.00
N TYR A 336 -63.16 15.16 -6.34
CA TYR A 336 -63.86 14.09 -5.63
C TYR A 336 -64.81 14.65 -4.57
N GLU A 337 -64.39 15.71 -3.89
CA GLU A 337 -65.27 16.36 -2.93
C GLU A 337 -66.44 17.02 -3.67
N GLU A 338 -66.14 17.63 -4.82
CA GLU A 338 -67.17 18.27 -5.63
C GLU A 338 -68.12 17.23 -6.22
N ALA A 339 -67.69 15.98 -6.19
CA ALA A 339 -68.48 14.84 -6.67
C ALA A 339 -69.32 14.26 -5.53
N ASN A 340 -69.33 14.96 -4.39
CA ASN A 340 -70.04 14.52 -3.19
C ASN A 340 -69.45 13.24 -2.59
N ILE A 341 -68.18 13.00 -2.89
CA ILE A 341 -67.46 11.87 -2.32
C ILE A 341 -66.37 12.40 -1.42
N ILE A 342 -66.55 12.25 -0.11
CA ILE A 342 -65.65 12.88 0.84
C ILE A 342 -64.59 11.91 1.34
N LEU A 343 -63.37 12.41 1.43
CA LEU A 343 -62.22 11.63 1.83
C LEU A 343 -61.14 12.60 2.28
N ASN A 344 -59.94 12.12 2.52
CA ASN A 344 -58.82 13.02 2.77
C ASN A 344 -57.56 12.60 2.02
N LYS A 345 -56.92 13.58 1.39
CA LYS A 345 -55.63 13.34 0.76
C LYS A 345 -54.61 13.10 1.87
N ASN A 346 -53.61 12.28 1.58
CA ASN A 346 -52.64 11.91 2.58
C ASN A 346 -51.21 11.87 2.05
N LEU A 347 -50.29 12.02 3.00
CA LEU A 347 -48.86 12.04 2.73
C LEU A 347 -48.32 10.63 2.87
N LEU A 348 -47.84 10.08 1.76
CA LEU A 348 -47.38 8.69 1.72
C LEU A 348 -45.93 8.55 2.14
N PRO A 349 -45.53 7.36 2.59
CA PRO A 349 -44.12 7.11 2.92
C PRO A 349 -43.25 7.16 1.67
N TRP A 350 -43.88 6.97 0.52
CA TRP A 350 -43.21 7.05 -0.76
C TRP A 350 -42.83 8.50 -1.06
N ASP A 351 -43.46 9.42 -0.34
CA ASP A 351 -43.02 10.81 -0.32
C ASP A 351 -41.81 10.97 0.60
N ASP A 352 -41.04 12.03 0.38
CA ASP A 352 -39.87 12.35 1.20
C ASP A 352 -40.31 13.06 2.47
N VAL A 353 -39.35 13.64 3.18
CA VAL A 353 -39.67 14.53 4.29
C VAL A 353 -40.62 15.62 3.78
N ASN A 354 -41.74 15.82 4.46
CA ASN A 354 -42.81 16.64 3.91
C ASN A 354 -43.28 17.83 4.73
N ASN A 355 -43.08 19.02 4.17
CA ASN A 355 -43.86 20.19 4.53
C ASN A 355 -45.00 20.31 3.51
N SER A 356 -45.09 19.28 2.66
CA SER A 356 -45.92 19.27 1.46
C SER A 356 -47.37 19.71 1.64
N ASP A 357 -47.78 20.65 0.79
CA ASP A 357 -49.17 21.11 0.74
C ASP A 357 -50.03 20.15 -0.05
N ASN A 358 -49.48 19.62 -1.14
CA ASN A 358 -50.18 18.67 -1.99
C ASN A 358 -49.45 17.33 -2.05
N PRO A 359 -49.69 16.47 -1.05
CA PRO A 359 -49.01 15.17 -0.96
C PRO A 359 -49.32 14.26 -2.15
N SER A 360 -48.72 13.08 -2.14
CA SER A 360 -48.82 12.16 -3.26
C SER A 360 -49.89 11.07 -3.12
N GLY A 361 -50.72 11.12 -2.08
CA GLY A 361 -51.55 9.98 -1.78
C GLY A 361 -52.95 10.25 -1.28
N ILE A 362 -53.72 9.17 -1.10
CA ILE A 362 -55.11 9.28 -0.64
C ILE A 362 -55.40 8.28 0.48
N ARG A 363 -56.10 8.73 1.52
CA ARG A 363 -56.53 7.83 2.58
C ARG A 363 -58.03 7.59 2.53
N LEU A 364 -58.45 6.34 2.32
CA LEU A 364 -59.86 5.99 2.27
C LEU A 364 -60.32 5.09 3.41
N GLY A 365 -61.16 5.61 4.30
CA GLY A 365 -61.75 4.78 5.33
C GLY A 365 -62.98 4.05 4.82
N THR A 366 -63.14 2.80 5.23
CA THR A 366 -64.32 2.02 4.86
C THR A 366 -65.36 1.94 5.97
N GLN A 367 -65.10 2.61 7.08
CA GLN A 367 -65.90 2.45 8.29
C GLN A 367 -67.33 2.99 8.22
N GLU A 368 -67.48 4.24 7.77
CA GLU A 368 -68.80 4.88 7.75
C GLU A 368 -69.75 4.15 6.80
N CYS A 369 -69.23 3.79 5.63
CA CYS A 369 -69.97 2.99 4.67
C CYS A 369 -70.40 1.66 5.30
N THR A 370 -69.50 1.04 6.05
CA THR A 370 -69.80 -0.20 6.76
C THR A 370 -70.96 0.00 7.73
N ARG A 371 -70.95 1.11 8.44
CA ARG A 371 -72.04 1.40 9.37
C ARG A 371 -73.35 1.75 8.64
N LEU A 372 -73.24 2.16 7.39
CA LEU A 372 -74.43 2.56 6.63
C LEU A 372 -75.18 1.37 6.04
N GLY A 373 -74.62 0.17 6.20
CA GLY A 373 -75.26 -1.03 5.70
C GLY A 373 -74.77 -1.40 4.32
N MET A 374 -73.72 -0.71 3.88
CA MET A 374 -73.08 -0.99 2.60
C MET A 374 -72.29 -2.29 2.68
N LYS A 375 -72.17 -2.98 1.55
CA LYS A 375 -71.54 -4.29 1.53
C LYS A 375 -70.40 -4.34 0.52
N GLU A 376 -69.84 -5.53 0.33
CA GLU A 376 -68.70 -5.73 -0.57
C GLU A 376 -69.00 -5.31 -2.01
N LYS A 377 -70.14 -5.76 -2.52
CA LYS A 377 -70.54 -5.46 -3.89
C LYS A 377 -70.65 -3.95 -4.11
N GLU A 378 -71.10 -3.24 -3.07
CA GLU A 378 -71.26 -1.80 -3.15
C GLU A 378 -69.92 -1.09 -2.97
N MET A 379 -68.94 -1.79 -2.41
CA MET A 379 -67.59 -1.26 -2.32
C MET A 379 -66.94 -1.34 -3.69
N GLU A 380 -67.15 -2.46 -4.36
CA GLU A 380 -66.66 -2.64 -5.73
C GLU A 380 -67.36 -1.65 -6.66
N GLU A 381 -68.64 -1.41 -6.38
CA GLU A 381 -69.40 -0.41 -7.12
C GLU A 381 -68.91 1.00 -6.79
N ILE A 382 -68.36 1.19 -5.60
CA ILE A 382 -67.77 2.48 -5.22
C ILE A 382 -66.47 2.71 -6.00
N ALA A 383 -65.67 1.65 -6.10
CA ALA A 383 -64.46 1.67 -6.92
C ALA A 383 -64.79 2.07 -8.35
N GLU A 384 -65.70 1.30 -8.95
CA GLU A 384 -66.09 1.55 -10.34
C GLU A 384 -66.82 2.89 -10.49
N PHE A 385 -67.34 3.41 -9.38
CA PHE A 385 -68.04 4.70 -9.40
C PHE A 385 -67.08 5.89 -9.40
N MET A 386 -66.09 5.86 -8.53
CA MET A 386 -65.13 6.96 -8.46
C MET A 386 -64.12 6.82 -9.60
N LYS A 387 -64.13 5.67 -10.25
CA LYS A 387 -63.31 5.45 -11.43
C LYS A 387 -63.69 6.41 -12.57
N ARG A 388 -64.93 6.87 -12.58
CA ARG A 388 -65.42 7.72 -13.66
C ARG A 388 -64.70 9.06 -13.77
N ILE A 389 -64.49 9.73 -12.64
CA ILE A 389 -63.82 11.02 -12.64
C ILE A 389 -62.32 10.85 -12.86
N ALA A 390 -61.79 9.71 -12.43
CA ALA A 390 -60.35 9.46 -12.49
C ALA A 390 -59.95 8.67 -13.73
N ILE A 391 -60.43 7.44 -13.83
CA ILE A 391 -60.10 6.58 -14.96
C ILE A 391 -60.77 7.07 -16.24
N ASP A 392 -62.08 7.25 -16.20
CA ASP A 392 -62.83 7.69 -17.37
C ASP A 392 -62.78 9.21 -17.58
N LYS A 393 -62.44 9.93 -16.52
CA LYS A 393 -62.23 11.38 -16.56
C LYS A 393 -63.46 12.18 -16.99
N GLU A 394 -64.64 11.74 -16.56
CA GLU A 394 -65.88 12.48 -16.80
C GLU A 394 -65.98 13.70 -15.89
N LYS A 395 -66.80 14.66 -16.28
CA LYS A 395 -67.00 15.86 -15.46
C LYS A 395 -67.67 15.51 -14.14
N PRO A 396 -67.33 16.25 -13.07
CA PRO A 396 -67.83 15.98 -11.71
C PRO A 396 -69.34 15.96 -11.59
N GLU A 397 -70.05 16.78 -12.35
CA GLU A 397 -71.49 16.96 -12.18
C GLU A 397 -72.31 15.74 -12.66
N LYS A 398 -72.01 15.29 -13.87
CA LYS A 398 -72.73 14.16 -14.46
C LYS A 398 -72.60 12.92 -13.60
N VAL A 399 -71.45 12.79 -12.95
CA VAL A 399 -71.19 11.68 -12.04
C VAL A 399 -71.69 12.03 -10.63
N ARG A 400 -71.98 13.30 -10.42
CA ARG A 400 -72.52 13.78 -9.15
C ARG A 400 -74.01 13.51 -9.09
N GLU A 401 -74.59 13.23 -10.26
CA GLU A 401 -75.99 12.84 -10.33
C GLU A 401 -76.27 11.56 -9.51
N ASP A 402 -75.40 10.56 -9.65
CA ASP A 402 -75.61 9.23 -9.06
C ASP A 402 -75.23 9.14 -7.58
N VAL A 403 -74.15 9.81 -7.20
CA VAL A 403 -73.57 9.70 -5.87
C VAL A 403 -74.58 9.98 -4.77
N LYS A 404 -75.36 11.03 -4.93
CA LYS A 404 -76.33 11.44 -3.92
C LYS A 404 -77.36 10.35 -3.72
N GLU A 405 -77.71 9.65 -4.80
CA GLU A 405 -78.66 8.53 -4.71
C GLU A 405 -78.03 7.34 -3.98
N PHE A 406 -76.87 6.91 -4.45
CA PHE A 406 -76.18 5.76 -3.87
C PHE A 406 -75.96 5.95 -2.36
N ALA A 407 -75.57 7.16 -1.97
CA ALA A 407 -75.29 7.46 -0.58
C ALA A 407 -76.56 7.63 0.24
N LYS A 408 -77.52 8.38 -0.28
CA LYS A 408 -78.76 8.63 0.45
C LYS A 408 -79.52 7.34 0.71
N GLU A 409 -79.44 6.41 -0.23
CA GLU A 409 -80.24 5.19 -0.12
C GLU A 409 -79.89 4.40 1.14
N TYR A 410 -78.63 4.41 1.55
CA TYR A 410 -78.31 3.87 2.86
C TYR A 410 -77.81 4.96 3.80
N SER A 411 -78.71 5.47 4.64
CA SER A 411 -78.35 6.34 5.76
C SER A 411 -78.47 5.61 7.10
N THR A 412 -78.97 4.38 7.06
CA THR A 412 -79.31 3.64 8.27
C THR A 412 -78.05 3.21 9.03
N ILE A 413 -78.12 3.20 10.35
CA ILE A 413 -76.97 2.83 11.15
C ILE A 413 -76.97 1.33 11.45
N HIS A 414 -76.03 0.63 10.83
CA HIS A 414 -75.87 -0.80 11.06
C HIS A 414 -75.08 -1.04 12.34
N TYR A 415 -75.25 -2.20 12.93
CA TYR A 415 -74.54 -2.59 14.16
C TYR A 415 -74.85 -1.67 15.34
N SER A 416 -76.13 -1.43 15.57
CA SER A 416 -76.57 -0.58 16.68
C SER A 416 -77.87 -1.10 17.30
N PHE A 417 -78.15 -0.66 18.52
CA PHE A 417 -79.40 -1.00 19.20
C PHE A 417 -80.55 -0.16 18.69
N ASP A 418 -80.31 1.14 18.56
CA ASP A 418 -81.24 2.02 17.88
C ASP A 418 -80.87 2.07 16.40
N GLU A 419 -81.82 1.71 15.54
CA GLU A 419 -81.55 1.57 14.12
C GLU A 419 -81.91 2.82 13.31
N GLY A 420 -82.33 3.88 14.01
CA GLY A 420 -82.91 5.03 13.37
C GLY A 420 -82.03 5.69 12.31
N ASP A 421 -82.65 6.50 11.46
CA ASP A 421 -81.95 7.14 10.35
C ASP A 421 -80.71 7.88 10.86
N GLY A 422 -79.58 7.58 10.23
CA GLY A 422 -78.28 8.06 10.69
C GLY A 422 -78.18 9.57 10.82
N PHE A 423 -78.73 10.28 9.84
CA PHE A 423 -78.74 11.75 9.91
C PHE A 423 -80.16 12.25 10.07
N LYS A 424 -80.48 12.71 11.28
CA LYS A 424 -81.79 13.29 11.56
C LYS A 424 -81.63 14.53 12.42
N TYR A 425 -82.02 15.68 11.90
CA TYR A 425 -81.86 16.93 12.64
C TYR A 425 -82.91 17.01 13.75
N LEU A 426 -82.43 17.17 14.97
CA LEU A 426 -83.32 17.29 16.12
C LEU A 426 -83.60 18.74 16.45
N ARG A 427 -84.84 19.17 16.23
CA ARG A 427 -85.24 20.53 16.54
C ARG A 427 -85.37 20.71 18.05
N PHE A 428 -85.01 21.89 18.53
CA PHE A 428 -85.10 22.19 19.96
C PHE A 428 -86.03 23.38 20.21
N TYR A 429 -85.64 24.55 19.71
CA TYR A 429 -86.43 25.76 19.88
C TYR A 429 -87.46 25.92 18.77
N MET B 1 -78.48 -7.32 34.12
CA MET B 1 -78.21 -6.37 33.05
C MET B 1 -77.99 -7.08 31.72
N GLU B 2 -77.87 -6.30 30.65
CA GLU B 2 -77.60 -6.86 29.33
C GLU B 2 -76.94 -5.78 28.47
N TYR B 3 -76.25 -6.20 27.42
CA TYR B 3 -75.62 -5.24 26.51
C TYR B 3 -76.68 -4.44 25.78
N SER B 4 -77.85 -5.02 25.62
CA SER B 4 -78.93 -4.40 24.88
C SER B 4 -79.60 -3.28 25.67
N ASP B 5 -79.37 -3.25 26.97
CA ASP B 5 -80.10 -2.33 27.85
C ASP B 5 -79.35 -1.03 28.20
N VAL B 6 -78.12 -0.89 27.74
CA VAL B 6 -77.35 0.33 28.03
C VAL B 6 -77.98 1.66 27.54
N PRO B 7 -78.65 1.67 26.36
CA PRO B 7 -79.20 2.98 26.01
C PRO B 7 -80.29 3.43 26.98
N LYS B 8 -81.05 2.45 27.47
CA LYS B 8 -82.10 2.69 28.45
C LYS B 8 -81.52 3.28 29.72
N PHE B 9 -80.59 2.53 30.31
CA PHE B 9 -79.95 2.89 31.58
C PHE B 9 -79.42 4.32 31.58
N ILE B 10 -78.57 4.64 30.61
CA ILE B 10 -77.96 5.96 30.56
C ILE B 10 -79.01 7.04 30.32
N ARG B 11 -80.10 6.66 29.63
CA ARG B 11 -81.20 7.61 29.44
C ARG B 11 -81.88 7.82 30.78
N ASP B 12 -82.10 6.70 31.48
CA ASP B 12 -82.77 6.69 32.77
C ASP B 12 -82.20 7.77 33.68
N VAL B 13 -80.90 7.66 33.96
CA VAL B 13 -80.19 8.62 34.79
C VAL B 13 -80.01 9.99 34.14
N SER B 14 -80.02 10.04 32.81
CA SER B 14 -79.90 11.33 32.12
C SER B 14 -81.12 12.19 32.42
N ILE B 15 -82.29 11.64 32.10
CA ILE B 15 -83.56 12.29 32.39
C ILE B 15 -83.63 12.71 33.84
N LYS B 16 -83.42 11.75 34.73
CA LYS B 16 -83.39 12.00 36.16
C LYS B 16 -82.44 13.15 36.52
N GLN B 17 -81.26 13.15 35.89
CA GLN B 17 -80.30 14.22 36.11
C GLN B 17 -80.97 15.56 35.89
N HIS B 18 -81.60 15.71 34.73
CA HIS B 18 -82.34 16.93 34.40
C HIS B 18 -83.27 17.26 35.55
N GLU B 19 -84.09 16.28 35.93
CA GLU B 19 -85.08 16.47 36.97
C GLU B 19 -84.43 17.07 38.21
N TRP B 20 -83.32 16.49 38.63
CA TRP B 20 -82.62 16.96 39.81
C TRP B 20 -82.28 18.44 39.64
N MET B 21 -81.59 18.75 38.55
CA MET B 21 -81.11 20.11 38.34
C MET B 21 -82.28 21.05 38.12
N ARG B 22 -83.46 20.51 37.87
CA ARG B 22 -84.62 21.35 37.70
C ARG B 22 -85.10 21.85 39.06
N GLU B 23 -85.05 20.98 40.07
CA GLU B 23 -85.61 21.32 41.36
C GLU B 23 -84.60 21.82 42.39
N SER B 24 -83.33 21.96 41.98
CA SER B 24 -82.29 22.30 42.95
C SER B 24 -81.68 23.69 42.75
N ILE B 25 -80.80 24.08 43.67
CA ILE B 25 -80.07 25.33 43.56
C ILE B 25 -78.61 25.04 43.25
N LYS B 26 -78.12 25.58 42.15
CA LYS B 26 -76.76 25.27 41.71
C LYS B 26 -75.85 26.47 41.95
N LEU B 27 -74.99 26.35 42.96
CA LEU B 27 -74.08 27.43 43.31
C LEU B 27 -72.69 27.19 42.72
N ILE B 28 -72.48 26.06 42.07
CA ILE B 28 -71.16 25.74 41.52
C ILE B 28 -70.77 26.78 40.47
N ALA B 29 -69.62 27.40 40.66
CA ALA B 29 -69.16 28.50 39.82
C ALA B 29 -68.71 28.01 38.46
N SER B 30 -68.53 26.69 38.33
CA SER B 30 -67.98 26.10 37.12
C SER B 30 -69.07 25.64 36.14
N GLU B 31 -70.33 25.82 36.54
CA GLU B 31 -71.45 25.28 35.77
C GLU B 31 -72.46 26.34 35.35
N ASN B 32 -72.93 26.24 34.11
CA ASN B 32 -73.93 27.16 33.58
C ASN B 32 -74.90 26.42 32.68
N ILE B 33 -76.10 26.96 32.52
CA ILE B 33 -77.09 26.40 31.62
C ILE B 33 -77.00 27.10 30.26
N THR B 34 -77.23 26.37 29.19
CA THR B 34 -77.12 26.94 27.87
C THR B 34 -78.47 26.94 27.16
N SER B 35 -78.63 27.86 26.21
CA SER B 35 -79.85 27.96 25.44
C SER B 35 -80.09 26.68 24.64
N LEU B 36 -81.35 26.36 24.41
CA LEU B 36 -81.70 25.15 23.67
C LEU B 36 -81.23 25.21 22.23
N ALA B 37 -80.86 26.39 21.76
CA ALA B 37 -80.28 26.56 20.43
C ALA B 37 -78.84 26.05 20.42
N VAL B 38 -78.08 26.46 21.42
CA VAL B 38 -76.72 25.97 21.62
C VAL B 38 -76.74 24.47 21.84
N ARG B 39 -77.61 24.03 22.73
CA ARG B 39 -77.74 22.61 23.06
C ARG B 39 -78.36 21.83 21.91
N GLU B 40 -78.92 22.54 20.94
CA GLU B 40 -79.33 21.93 19.68
C GLU B 40 -78.11 21.73 18.79
N ALA B 41 -77.24 22.74 18.79
CA ALA B 41 -76.06 22.75 17.92
C ALA B 41 -74.96 21.82 18.40
N CYS B 42 -74.98 21.47 19.68
CA CYS B 42 -73.97 20.57 20.23
C CYS B 42 -74.40 19.11 20.03
N ALA B 43 -75.62 18.91 19.56
CA ALA B 43 -76.15 17.59 19.26
C ALA B 43 -76.00 17.26 17.77
N THR B 44 -75.40 18.16 17.01
CA THR B 44 -75.40 18.05 15.55
C THR B 44 -74.34 17.11 14.97
N ASP B 45 -74.31 17.02 13.65
CA ASP B 45 -73.46 16.09 12.92
C ASP B 45 -71.98 16.42 13.03
N PHE B 46 -71.68 17.68 13.29
CA PHE B 46 -70.30 18.18 13.34
C PHE B 46 -69.44 17.44 14.36
N MET B 47 -70.10 16.77 15.30
CA MET B 47 -69.42 15.94 16.29
C MET B 47 -68.55 14.87 15.64
N HIS B 48 -68.99 14.39 14.48
CA HIS B 48 -68.27 13.35 13.75
C HIS B 48 -67.12 13.91 12.92
N ARG B 49 -67.30 15.09 12.36
CA ARG B 49 -66.37 15.64 11.38
C ARG B 49 -65.10 16.23 12.03
N TYR B 50 -64.01 16.22 11.26
CA TYR B 50 -62.67 16.57 11.75
C TYR B 50 -62.27 18.00 11.35
N ALA B 51 -62.21 18.19 10.02
CA ALA B 51 -61.85 19.45 9.38
C ALA B 51 -60.49 20.05 9.67
N GLU B 52 -60.46 21.38 9.78
CA GLU B 52 -59.21 22.10 9.98
C GLU B 52 -59.41 23.57 10.32
N GLY B 53 -58.36 24.18 10.88
CA GLY B 53 -58.29 25.63 10.95
C GLY B 53 -57.65 26.12 9.67
N LEU B 54 -57.68 27.42 9.43
CA LEU B 54 -57.12 28.00 8.21
C LEU B 54 -57.68 27.35 6.94
N PRO B 55 -58.93 27.68 6.59
CA PRO B 55 -59.61 27.17 5.38
C PRO B 55 -58.79 27.38 4.12
N LEU B 59 -56.66 20.54 3.75
CA LEU B 59 -56.38 19.22 4.32
C LEU B 59 -57.62 18.34 4.26
N TYR B 60 -58.42 18.38 5.31
CA TYR B 60 -59.69 17.66 5.35
C TYR B 60 -60.74 18.36 4.49
N GLN B 61 -61.75 17.62 4.08
CA GLN B 61 -62.78 18.15 3.18
C GLN B 61 -64.19 18.05 3.77
N GLY B 62 -65.11 18.82 3.20
CA GLY B 62 -66.49 18.85 3.66
C GLY B 62 -66.70 19.98 4.63
N CYS B 63 -65.72 20.89 4.67
CA CYS B 63 -65.65 21.93 5.67
C CYS B 63 -66.34 23.22 5.25
N LYS B 64 -66.98 23.19 4.09
CA LYS B 64 -67.69 24.35 3.57
C LYS B 64 -68.69 24.90 4.59
N TYR B 65 -69.39 23.98 5.25
CA TYR B 65 -70.34 24.37 6.27
C TYR B 65 -69.69 24.40 7.65
N ILE B 66 -68.46 23.92 7.73
CA ILE B 66 -67.66 24.05 8.95
C ILE B 66 -67.01 25.44 9.03
N ASP B 67 -66.49 25.89 7.88
CA ASP B 67 -65.74 27.14 7.81
C ASP B 67 -66.57 28.36 8.18
N GLU B 68 -67.87 28.29 7.92
CA GLU B 68 -68.77 29.41 8.25
C GLU B 68 -68.92 29.55 9.75
N VAL B 69 -69.17 28.42 10.42
CA VAL B 69 -69.26 28.36 11.87
C VAL B 69 -67.96 28.82 12.51
N GLU B 70 -66.88 28.19 12.09
CA GLU B 70 -65.53 28.54 12.52
C GLU B 70 -65.28 30.05 12.44
N THR B 71 -65.32 30.56 11.22
CA THR B 71 -65.07 31.97 10.96
C THR B 71 -65.99 32.89 11.76
N LEU B 72 -67.26 32.55 11.82
CA LEU B 72 -68.22 33.38 12.55
C LEU B 72 -67.84 33.44 14.03
N CYS B 73 -67.40 32.32 14.58
CA CYS B 73 -66.93 32.31 15.97
C CYS B 73 -65.71 33.20 16.13
N ILE B 74 -64.75 33.05 15.22
CA ILE B 74 -63.53 33.87 15.22
C ILE B 74 -63.84 35.37 15.20
N GLU B 75 -64.81 35.78 14.39
CA GLU B 75 -65.15 37.19 14.23
C GLU B 75 -65.99 37.74 15.36
N LEU B 76 -66.97 36.96 15.80
CA LEU B 76 -67.79 37.32 16.95
C LEU B 76 -66.87 37.53 18.16
N SER B 77 -65.88 36.67 18.28
CA SER B 77 -64.89 36.84 19.33
C SER B 77 -63.99 38.03 19.03
N LYS B 78 -63.80 38.32 17.74
CA LYS B 78 -62.94 39.40 17.30
C LYS B 78 -63.55 40.77 17.61
N GLU B 79 -64.87 40.81 17.79
CA GLU B 79 -65.54 42.02 18.25
C GLU B 79 -65.70 42.01 19.76
N LEU B 80 -66.41 40.98 20.25
CA LEU B 80 -66.79 40.85 21.65
C LEU B 80 -65.67 41.12 22.65
N PHE B 81 -64.50 40.54 22.41
CA PHE B 81 -63.36 40.74 23.31
C PHE B 81 -62.52 41.92 22.87
N LYS B 82 -62.84 42.46 21.70
CA LYS B 82 -62.19 43.65 21.15
C LYS B 82 -60.68 43.42 20.97
N ALA B 83 -60.31 42.19 20.63
CA ALA B 83 -58.91 41.85 20.41
C ALA B 83 -58.62 41.67 18.92
N GLU B 84 -57.41 42.03 18.51
CA GLU B 84 -57.04 42.01 17.10
C GLU B 84 -56.87 40.59 16.57
N HIS B 85 -56.55 39.64 17.43
CA HIS B 85 -56.54 38.24 17.01
C HIS B 85 -57.26 37.32 18.00
N ALA B 86 -57.98 36.35 17.46
CA ALA B 86 -58.77 35.43 18.26
C ALA B 86 -58.75 34.02 17.69
N ASN B 87 -58.79 33.02 18.57
CA ASN B 87 -58.90 31.63 18.15
C ASN B 87 -59.85 30.82 19.04
N VAL B 88 -60.81 30.17 18.39
CA VAL B 88 -61.86 29.41 19.04
C VAL B 88 -61.61 27.89 19.18
N GLN B 89 -60.55 27.42 18.51
CA GLN B 89 -60.28 25.98 18.40
C GLN B 89 -60.08 25.14 19.68
N PRO B 90 -59.48 25.71 20.74
CA PRO B 90 -59.16 24.86 21.90
C PRO B 90 -60.38 24.08 22.40
N THR B 91 -60.14 22.83 22.78
CA THR B 91 -61.21 21.94 23.22
C THR B 91 -61.41 22.02 24.73
N SER B 92 -60.66 22.90 25.38
CA SER B 92 -60.69 23.06 26.83
C SER B 92 -59.84 24.22 27.32
N GLY B 93 -60.05 24.60 28.58
CA GLY B 93 -59.30 25.66 29.20
C GLY B 93 -57.85 25.27 29.46
N VAL B 94 -57.65 24.05 29.93
CA VAL B 94 -56.29 23.55 30.14
C VAL B 94 -55.59 23.34 28.80
N VAL B 95 -56.38 23.17 27.74
CA VAL B 95 -55.83 22.99 26.40
C VAL B 95 -55.42 24.34 25.84
N ALA B 96 -56.22 25.37 26.11
CA ALA B 96 -55.85 26.73 25.77
C ALA B 96 -54.56 27.09 26.51
N ASN B 97 -54.50 26.72 27.78
CA ASN B 97 -53.28 26.84 28.56
C ASN B 97 -52.12 26.11 27.90
N LEU B 98 -52.38 24.92 27.36
CA LEU B 98 -51.36 24.13 26.66
C LEU B 98 -50.82 24.87 25.46
N ALA B 99 -51.71 25.55 24.74
CA ALA B 99 -51.32 26.32 23.56
C ALA B 99 -50.46 27.51 23.96
N VAL B 100 -50.95 28.30 24.92
CA VAL B 100 -50.22 29.48 25.38
C VAL B 100 -48.85 29.07 25.93
N PHE B 101 -48.80 27.95 26.64
CA PHE B 101 -47.55 27.44 27.20
C PHE B 101 -46.59 27.04 26.08
N PHE B 102 -47.09 26.27 25.12
CA PHE B 102 -46.29 25.78 24.01
C PHE B 102 -45.68 26.94 23.21
N ALA B 103 -46.46 28.00 23.02
CA ALA B 103 -45.99 29.14 22.24
C ALA B 103 -45.05 30.06 23.02
N GLU B 104 -45.41 30.34 24.28
CA GLU B 104 -44.73 31.38 25.04
C GLU B 104 -43.61 30.91 25.97
N THR B 105 -43.40 29.60 26.08
CA THR B 105 -42.34 29.09 26.93
C THR B 105 -41.65 27.87 26.36
N LYS B 106 -40.43 27.64 26.82
CA LYS B 106 -39.70 26.40 26.54
C LYS B 106 -39.42 25.74 27.88
N PRO B 107 -39.18 24.42 27.88
CA PRO B 107 -38.89 23.73 29.14
C PRO B 107 -37.68 24.32 29.86
N GLY B 108 -37.83 24.58 31.16
CA GLY B 108 -36.75 25.15 31.96
C GLY B 108 -36.98 26.59 32.37
N ASP B 109 -37.97 27.24 31.75
CA ASP B 109 -38.34 28.61 32.12
C ASP B 109 -39.12 28.63 33.43
N LYS B 110 -39.13 29.79 34.08
CA LYS B 110 -39.89 29.97 35.31
C LYS B 110 -41.26 30.53 35.02
N LEU B 111 -42.28 29.95 35.66
CA LEU B 111 -43.64 30.44 35.51
C LEU B 111 -44.14 31.02 36.83
N MET B 112 -44.95 32.06 36.75
CA MET B 112 -45.50 32.66 37.96
C MET B 112 -47.00 32.39 38.03
N ALA B 113 -47.42 31.71 39.09
CA ALA B 113 -48.82 31.35 39.26
C ALA B 113 -49.31 31.67 40.67
N LEU B 114 -50.59 31.42 40.92
CA LEU B 114 -51.17 31.62 42.23
C LEU B 114 -51.41 30.27 42.89
N SER B 115 -51.14 30.17 44.19
CA SER B 115 -51.30 28.91 44.91
C SER B 115 -52.74 28.43 44.83
N VAL B 116 -52.91 27.11 44.64
CA VAL B 116 -54.24 26.52 44.54
C VAL B 116 -55.15 26.87 45.74
N PRO B 117 -54.62 26.78 46.98
CA PRO B 117 -55.46 27.28 48.07
C PRO B 117 -55.64 28.79 47.98
N ASP B 118 -54.61 29.48 47.53
CA ASP B 118 -54.66 30.94 47.37
C ASP B 118 -55.53 31.35 46.19
N GLY B 119 -56.06 30.37 45.47
CA GLY B 119 -57.04 30.63 44.43
C GLY B 119 -56.63 30.37 42.99
N GLY B 120 -55.35 30.08 42.77
CA GLY B 120 -54.88 29.72 41.45
C GLY B 120 -55.44 28.38 41.01
N HIS B 121 -55.47 28.14 39.70
CA HIS B 121 -55.98 26.88 39.18
C HIS B 121 -54.94 25.78 39.35
N ILE B 122 -55.41 24.54 39.46
CA ILE B 122 -54.52 23.38 39.53
C ILE B 122 -53.69 23.26 38.25
N SER B 123 -54.28 23.69 37.13
CA SER B 123 -53.63 23.58 35.83
C SER B 123 -52.48 24.58 35.67
N HIS B 124 -52.47 25.60 36.51
CA HIS B 124 -51.42 26.62 36.46
C HIS B 124 -50.20 26.19 37.26
N TRP B 125 -50.25 24.99 37.82
CA TRP B 125 -49.16 24.46 38.63
C TRP B 125 -48.61 23.15 38.08
N LYS B 126 -47.38 22.83 38.47
CA LYS B 126 -46.76 21.55 38.10
C LYS B 126 -47.50 20.44 38.82
N VAL B 127 -47.37 19.20 38.29
CA VAL B 127 -48.25 18.04 38.49
C VAL B 127 -49.38 18.16 37.47
N SER B 128 -49.33 19.25 36.72
CA SER B 128 -50.29 19.58 35.69
C SER B 128 -49.56 20.25 34.55
N ALA B 129 -50.32 20.88 33.65
CA ALA B 129 -49.73 21.81 32.70
C ALA B 129 -48.85 22.78 33.47
N ALA B 130 -47.67 23.08 32.90
CA ALA B 130 -46.58 23.83 33.53
C ALA B 130 -45.73 22.92 34.42
N GLY B 131 -46.11 21.66 34.52
CA GLY B 131 -45.20 20.64 35.02
C GLY B 131 -44.64 19.96 33.80
N ILE B 132 -44.97 20.54 32.66
CA ILE B 132 -44.73 19.95 31.35
C ILE B 132 -43.95 20.91 30.46
N ARG B 133 -44.57 22.04 30.16
CA ARG B 133 -43.92 23.12 29.41
C ARG B 133 -43.35 24.16 30.37
N GLY B 134 -44.25 24.78 31.14
CA GLY B 134 -43.88 25.79 32.12
C GLY B 134 -42.81 25.36 33.09
N LEU B 135 -42.78 24.07 33.42
CA LEU B 135 -41.74 23.49 34.26
C LEU B 135 -41.61 24.24 35.59
N LYS B 136 -40.48 24.91 35.78
CA LYS B 136 -40.25 25.71 36.97
C LYS B 136 -41.39 26.71 37.14
N VAL B 137 -42.01 26.70 38.32
CA VAL B 137 -43.16 27.57 38.57
C VAL B 137 -43.08 28.19 39.96
N ILE B 138 -43.38 29.47 40.05
CA ILE B 138 -43.30 30.20 41.32
C ILE B 138 -44.63 30.84 41.70
N ASN B 139 -44.86 30.96 43.01
CA ASN B 139 -46.12 31.45 43.54
C ASN B 139 -46.34 32.95 43.37
N HIS B 140 -47.59 33.38 43.58
CA HIS B 140 -47.95 34.79 43.59
C HIS B 140 -48.38 35.18 45.00
N PRO B 141 -47.40 35.30 45.93
CA PRO B 141 -47.75 35.59 47.33
C PRO B 141 -48.31 37.01 47.47
N PHE B 142 -49.46 37.17 48.12
CA PHE B 142 -50.05 38.50 48.11
C PHE B 142 -50.42 39.21 49.43
N ASP B 143 -51.61 38.91 49.93
CA ASP B 143 -52.14 39.46 51.17
C ASP B 143 -53.22 38.56 51.74
N PRO B 144 -52.86 37.50 52.48
CA PRO B 144 -53.86 36.51 52.89
C PRO B 144 -55.13 37.13 53.51
N GLU B 145 -55.02 38.36 54.02
CA GLU B 145 -56.16 39.10 54.53
C GLU B 145 -57.17 39.46 53.43
N GLU B 146 -56.70 40.11 52.38
CA GLU B 146 -57.56 40.50 51.26
C GLU B 146 -57.27 39.64 50.03
N MET B 147 -58.30 39.19 49.32
CA MET B 147 -58.02 38.27 48.23
C MET B 147 -57.82 39.03 46.92
N ASN B 148 -56.54 39.11 46.54
CA ASN B 148 -56.06 39.71 45.30
C ASN B 148 -54.54 39.70 45.38
N ILE B 149 -53.86 39.91 44.26
CA ILE B 149 -52.39 39.86 44.28
C ILE B 149 -51.76 41.20 44.68
N ASP B 150 -50.83 41.12 45.63
CA ASP B 150 -50.09 42.29 46.08
C ASP B 150 -49.17 42.80 44.97
N ALA B 151 -49.29 44.08 44.65
CA ALA B 151 -48.55 44.67 43.53
C ALA B 151 -47.03 44.60 43.71
N ASP B 152 -46.54 45.19 44.80
CA ASP B 152 -45.10 45.37 44.96
C ASP B 152 -44.35 44.07 45.24
N ALA B 153 -44.97 43.16 45.97
CA ALA B 153 -44.34 41.86 46.25
C ALA B 153 -44.16 41.10 44.95
N MET B 154 -45.22 41.07 44.15
CA MET B 154 -45.20 40.43 42.85
C MET B 154 -44.16 41.06 41.94
N VAL B 155 -44.11 42.39 41.92
CA VAL B 155 -43.14 43.12 41.11
C VAL B 155 -41.70 42.81 41.52
N LYS B 156 -41.45 42.81 42.83
CA LYS B 156 -40.13 42.53 43.37
C LYS B 156 -39.66 41.12 43.03
N LYS B 157 -40.52 40.14 43.30
CA LYS B 157 -40.18 38.75 43.00
C LYS B 157 -40.04 38.54 41.50
N ILE B 158 -40.81 39.30 40.71
CA ILE B 158 -40.67 39.31 39.26
C ILE B 158 -39.26 39.77 38.90
N LEU B 159 -38.81 40.82 39.56
CA LEU B 159 -37.49 41.39 39.30
C LEU B 159 -36.36 40.43 39.66
N GLU B 160 -36.47 39.74 40.79
CA GLU B 160 -35.37 38.85 41.20
C GLU B 160 -35.42 37.40 40.69
N GLU B 161 -36.59 36.94 40.26
CA GLU B 161 -36.72 35.59 39.72
C GLU B 161 -36.33 35.49 38.25
N LYS B 162 -36.67 36.54 37.50
CA LYS B 162 -36.53 36.57 36.04
C LYS B 162 -37.28 35.44 35.32
N PRO B 163 -38.62 35.42 35.44
CA PRO B 163 -39.42 34.39 34.78
C PRO B 163 -39.77 34.73 33.34
N LYS B 164 -40.60 33.90 32.71
CA LYS B 164 -41.00 34.12 31.33
C LYS B 164 -42.46 34.59 31.22
N LEU B 165 -43.39 33.76 31.69
CA LEU B 165 -44.81 34.11 31.63
C LEU B 165 -45.40 34.33 33.02
N ILE B 166 -46.37 35.22 33.12
CA ILE B 166 -47.05 35.48 34.38
C ILE B 166 -48.56 35.27 34.24
N LEU B 167 -49.08 34.28 34.96
CA LEU B 167 -50.49 33.96 34.88
C LEU B 167 -51.35 34.80 35.81
N PHE B 168 -52.49 35.25 35.30
CA PHE B 168 -53.49 35.92 36.12
C PHE B 168 -54.83 35.20 36.00
N GLY B 169 -55.74 35.49 36.93
CA GLY B 169 -57.00 34.78 36.98
C GLY B 169 -56.87 33.51 37.80
N GLY B 170 -58.00 32.87 38.10
CA GLY B 170 -57.99 31.67 38.90
C GLY B 170 -59.37 31.06 39.09
N SER B 171 -59.41 29.92 39.77
CA SER B 171 -60.65 29.22 40.04
C SER B 171 -61.43 29.92 41.15
N LEU B 172 -60.71 30.46 42.12
CA LEU B 172 -61.34 31.33 43.11
C LEU B 172 -60.97 32.76 42.74
N PHE B 173 -61.95 33.51 42.22
CA PHE B 173 -61.68 34.80 41.61
C PHE B 173 -62.76 35.84 41.89
N PRO B 174 -62.89 36.26 43.16
CA PRO B 174 -63.92 37.24 43.53
C PRO B 174 -63.66 38.65 43.01
N PHE B 175 -62.40 39.07 42.96
CA PHE B 175 -62.07 40.47 42.67
C PHE B 175 -61.00 40.62 41.58
N PRO B 176 -60.99 41.75 40.87
CA PRO B 176 -60.07 41.98 39.75
C PRO B 176 -58.59 41.96 40.14
N HIS B 177 -57.78 41.33 39.30
CA HIS B 177 -56.35 41.15 39.54
C HIS B 177 -55.50 42.34 39.04
N PRO B 178 -54.30 42.50 39.61
CA PRO B 178 -53.42 43.58 39.15
C PRO B 178 -52.53 43.16 37.99
N VAL B 179 -53.12 43.08 36.79
CA VAL B 179 -52.36 42.77 35.59
C VAL B 179 -51.35 43.88 35.27
N ALA B 180 -51.82 45.11 35.36
CA ALA B 180 -51.01 46.28 35.00
C ALA B 180 -49.81 46.46 35.93
N ASP B 181 -49.96 46.06 37.19
CA ASP B 181 -48.86 46.18 38.15
C ASP B 181 -47.71 45.25 37.78
N ALA B 182 -48.04 44.05 37.31
CA ALA B 182 -47.02 43.10 36.90
C ALA B 182 -46.49 43.43 35.51
N TYR B 183 -47.32 44.12 34.73
CA TYR B 183 -47.01 44.44 33.33
C TYR B 183 -45.61 45.04 33.12
N GLU B 184 -45.35 46.20 33.71
CA GLU B 184 -44.08 46.89 33.48
C GLU B 184 -42.86 46.14 34.00
N ALA B 185 -42.99 45.52 35.17
CA ALA B 185 -41.88 44.78 35.76
C ALA B 185 -41.51 43.57 34.91
N ALA B 186 -42.52 42.79 34.54
CA ALA B 186 -42.32 41.65 33.67
C ALA B 186 -41.75 42.12 32.33
N GLN B 187 -42.20 43.28 31.88
CA GLN B 187 -41.70 43.88 30.65
C GLN B 187 -40.22 44.24 30.78
N GLU B 188 -39.77 44.52 32.01
CA GLU B 188 -38.36 44.76 32.25
C GLU B 188 -37.59 43.45 32.19
N VAL B 189 -38.14 42.43 32.83
CA VAL B 189 -37.52 41.11 32.82
C VAL B 189 -37.50 40.54 31.40
N GLY B 190 -38.43 41.00 30.58
CA GLY B 190 -38.64 40.42 29.26
C GLY B 190 -39.64 39.30 29.42
N ALA B 191 -40.47 39.43 30.46
CA ALA B 191 -41.50 38.46 30.76
C ALA B 191 -42.86 38.96 30.30
N LYS B 192 -43.70 38.04 29.83
CA LYS B 192 -44.98 38.41 29.24
C LYS B 192 -46.16 38.02 30.12
N ILE B 193 -47.24 38.79 30.04
CA ILE B 193 -48.41 38.55 30.89
C ILE B 193 -49.49 37.75 30.18
N ALA B 194 -49.88 36.63 30.77
CA ALA B 194 -50.98 35.83 30.25
C ALA B 194 -52.12 35.77 31.26
N TYR B 195 -53.35 35.79 30.73
CA TYR B 195 -54.54 35.87 31.57
C TYR B 195 -55.47 34.70 31.31
N ASP B 196 -55.79 33.96 32.37
CA ASP B 196 -56.78 32.90 32.28
C ASP B 196 -58.08 33.45 32.87
N GLY B 197 -59.02 33.75 31.98
CA GLY B 197 -60.25 34.44 32.35
C GLY B 197 -61.45 33.53 32.34
N ALA B 198 -61.21 32.22 32.43
CA ALA B 198 -62.25 31.20 32.29
C ALA B 198 -63.51 31.50 33.11
N HIS B 199 -63.33 31.75 34.39
CA HIS B 199 -64.45 31.97 35.30
C HIS B 199 -65.12 33.32 35.09
N VAL B 200 -64.35 34.34 34.75
CA VAL B 200 -64.90 35.68 34.61
C VAL B 200 -65.19 36.10 33.16
N LEU B 201 -64.99 35.18 32.21
CA LEU B 201 -65.05 35.49 30.78
C LEU B 201 -66.32 36.24 30.38
N GLY B 202 -67.47 35.73 30.80
CA GLY B 202 -68.75 36.38 30.52
C GLY B 202 -68.83 37.75 31.16
N LEU B 203 -68.15 37.89 32.31
CA LEU B 203 -68.11 39.15 33.03
C LEU B 203 -67.15 40.13 32.37
N ILE B 204 -66.22 39.59 31.59
CA ILE B 204 -65.31 40.42 30.81
C ILE B 204 -66.02 40.94 29.56
N ALA B 205 -66.82 40.07 28.95
CA ALA B 205 -67.56 40.42 27.74
C ALA B 205 -68.61 41.50 28.00
N GLY B 206 -69.15 41.53 29.21
CA GLY B 206 -70.21 42.46 29.55
C GLY B 206 -69.76 43.81 30.09
N LYS B 207 -68.52 44.18 29.76
CA LYS B 207 -67.91 45.42 30.22
C LYS B 207 -67.81 45.49 31.74
N GLN B 208 -67.83 44.34 32.40
CA GLN B 208 -67.78 44.31 33.85
C GLN B 208 -66.43 43.81 34.35
N PHE B 209 -66.31 43.71 35.67
CA PHE B 209 -65.11 43.15 36.31
C PHE B 209 -63.84 43.90 35.90
N GLN B 210 -62.95 43.19 35.21
CA GLN B 210 -61.66 43.74 34.85
C GLN B 210 -61.46 43.73 33.34
N ASP B 211 -60.51 44.54 32.86
CA ASP B 211 -60.14 44.54 31.45
C ASP B 211 -58.68 44.10 31.34
N PRO B 212 -58.45 42.78 31.33
CA PRO B 212 -57.12 42.16 31.32
C PRO B 212 -56.24 42.54 30.12
N LEU B 213 -56.83 42.68 28.95
CA LEU B 213 -56.06 42.92 27.73
C LEU B 213 -55.40 44.30 27.69
N ARG B 214 -56.10 45.31 28.20
CA ARG B 214 -55.61 46.68 28.13
C ARG B 214 -54.56 46.97 29.20
N GLU B 215 -54.41 46.04 30.14
CA GLU B 215 -53.50 46.22 31.26
C GLU B 215 -52.14 45.61 30.97
N GLY B 216 -51.96 45.14 29.74
CA GLY B 216 -50.69 44.62 29.29
C GLY B 216 -50.62 43.12 29.06
N ALA B 217 -51.68 42.41 29.44
CA ALA B 217 -51.74 40.97 29.17
C ALA B 217 -51.92 40.73 27.67
N GLU B 218 -50.98 39.99 27.08
CA GLU B 218 -51.03 39.72 25.65
C GLU B 218 -52.03 38.60 25.34
N TYR B 219 -52.08 37.60 26.20
CA TYR B 219 -52.98 36.48 26.00
C TYR B 219 -54.15 36.51 26.97
N LEU B 220 -55.37 36.50 26.41
CA LEU B 220 -56.55 36.29 27.23
C LEU B 220 -57.17 34.96 26.84
N MET B 221 -57.04 33.98 27.72
CA MET B 221 -57.54 32.63 27.43
C MET B 221 -58.61 32.26 28.45
N GLY B 222 -59.55 31.42 28.05
CA GLY B 222 -60.60 31.05 28.97
C GLY B 222 -61.53 29.94 28.51
N SER B 223 -62.18 29.31 29.49
CA SER B 223 -63.18 28.28 29.20
C SER B 223 -64.51 28.93 28.82
N THR B 224 -65.22 28.28 27.92
CA THR B 224 -66.47 28.82 27.40
C THR B 224 -67.68 28.33 28.19
N HIS B 225 -67.44 27.46 29.17
CA HIS B 225 -68.51 26.86 29.96
C HIS B 225 -68.76 27.46 31.35
N LYS B 226 -68.02 28.50 31.74
CA LYS B 226 -68.12 28.99 33.10
C LYS B 226 -69.01 29.93 33.82
N THR B 227 -68.81 31.22 33.63
CA THR B 227 -69.74 32.34 33.61
C THR B 227 -70.08 32.63 32.17
N PHE B 228 -69.12 32.34 31.30
CA PHE B 228 -69.38 32.26 29.88
C PHE B 228 -70.27 31.04 29.67
N PHE B 229 -71.43 31.24 29.07
CA PHE B 229 -72.33 30.12 28.82
C PHE B 229 -71.97 29.45 27.51
N GLY B 230 -71.99 28.13 27.49
CA GLY B 230 -71.69 27.40 26.28
C GLY B 230 -71.15 26.00 26.51
N PRO B 231 -70.74 25.35 25.42
CA PRO B 231 -70.20 23.98 25.41
C PRO B 231 -68.79 23.89 25.98
N GLN B 232 -68.36 22.68 26.33
CA GLN B 232 -67.00 22.45 26.78
C GLN B 232 -66.02 22.88 25.70
N GLY B 233 -65.04 23.69 26.08
CA GLY B 233 -64.06 24.20 25.14
C GLY B 233 -63.50 25.51 25.64
N GLY B 234 -62.62 26.12 24.84
CA GLY B 234 -61.98 27.35 25.26
C GLY B 234 -61.66 28.29 24.11
N VAL B 235 -61.28 29.52 24.47
CA VAL B 235 -60.94 30.52 23.47
C VAL B 235 -59.72 31.31 23.92
N ILE B 236 -58.83 31.60 22.98
CA ILE B 236 -57.64 32.39 23.29
C ILE B 236 -57.61 33.65 22.43
N LEU B 237 -57.09 34.73 22.99
CA LEU B 237 -57.05 36.02 22.29
C LEU B 237 -55.69 36.68 22.44
N THR B 238 -55.16 37.22 21.34
CA THR B 238 -53.82 37.80 21.36
C THR B 238 -53.59 38.82 20.23
N THR B 239 -52.35 39.27 20.13
CA THR B 239 -51.96 40.28 19.14
C THR B 239 -51.77 39.64 17.77
N LYS B 240 -51.97 40.44 16.73
CA LYS B 240 -51.86 39.98 15.35
C LYS B 240 -50.47 39.41 15.05
N GLU B 241 -49.45 39.99 15.69
CA GLU B 241 -48.08 39.51 15.56
C GLU B 241 -47.98 38.05 16.00
N ASN B 242 -48.89 37.65 16.89
CA ASN B 242 -48.91 36.30 17.43
C ASN B 242 -49.86 35.37 16.66
N ALA B 243 -50.55 35.91 15.66
CA ALA B 243 -51.50 35.14 14.87
C ALA B 243 -50.91 33.81 14.42
N ASP B 244 -49.88 33.89 13.58
CA ASP B 244 -49.22 32.71 13.06
C ASP B 244 -48.53 31.93 14.16
N LYS B 245 -48.19 32.62 15.25
CA LYS B 245 -47.48 31.98 16.36
C LYS B 245 -48.36 31.01 17.13
N ILE B 246 -49.51 31.48 17.60
CA ILE B 246 -50.37 30.64 18.43
C ILE B 246 -51.20 29.67 17.59
N ASP B 247 -51.53 30.07 16.36
CA ASP B 247 -52.35 29.21 15.50
C ASP B 247 -51.62 27.94 15.07
N SER B 248 -50.29 28.00 15.09
CA SER B 248 -49.49 26.80 14.86
C SER B 248 -49.27 26.02 16.15
N HIS B 249 -49.48 26.70 17.28
CA HIS B 249 -49.36 26.08 18.60
C HIS B 249 -50.72 25.67 19.21
N VAL B 250 -51.80 25.97 18.49
CA VAL B 250 -53.14 25.59 18.90
C VAL B 250 -53.71 24.58 17.90
N PHE B 251 -53.33 24.73 16.64
CA PHE B 251 -53.76 23.79 15.61
C PHE B 251 -52.80 22.63 15.36
N PRO B 252 -51.68 22.92 14.55
CA PRO B 252 -50.70 21.83 14.48
C PRO B 252 -50.06 21.60 15.85
N GLY B 253 -50.36 22.46 16.80
CA GLY B 253 -49.81 22.36 18.14
C GLY B 253 -50.36 21.18 18.93
N VAL B 254 -51.39 21.44 19.74
CA VAL B 254 -51.97 20.39 20.57
C VAL B 254 -53.49 20.35 20.51
N VAL B 255 -54.04 20.47 19.29
CA VAL B 255 -55.48 20.40 19.10
C VAL B 255 -55.52 18.93 18.69
N SER B 256 -56.57 18.23 19.11
CA SER B 256 -56.91 16.91 18.59
C SER B 256 -57.54 16.98 17.21
N ASN B 257 -58.79 17.39 17.23
CA ASN B 257 -59.44 18.14 16.18
C ASN B 257 -60.24 19.06 17.07
N HIS B 258 -60.97 20.01 16.51
CA HIS B 258 -61.79 20.82 17.38
C HIS B 258 -63.07 20.04 17.59
N HIS B 259 -63.94 20.54 18.46
CA HIS B 259 -65.25 19.94 18.59
C HIS B 259 -66.18 20.90 17.87
N LEU B 260 -66.62 20.47 16.70
CA LEU B 260 -67.25 21.38 15.74
C LEU B 260 -68.70 21.63 16.12
N HIS B 261 -69.32 20.65 16.76
CA HIS B 261 -70.65 20.84 17.32
C HIS B 261 -70.55 21.82 18.49
N HIS B 262 -69.41 21.82 19.17
CA HIS B 262 -69.17 22.76 20.24
C HIS B 262 -68.87 24.15 19.71
N LYS B 263 -68.37 24.24 18.47
CA LYS B 263 -68.13 25.53 17.85
C LYS B 263 -69.45 26.12 17.35
N ALA B 264 -70.29 25.25 16.79
CA ALA B 264 -71.65 25.64 16.43
C ALA B 264 -72.36 26.16 17.68
N GLY B 265 -72.27 25.41 18.76
CA GLY B 265 -72.83 25.85 20.02
C GLY B 265 -72.19 27.14 20.50
N LEU B 266 -70.93 27.35 20.11
CA LEU B 266 -70.16 28.51 20.55
C LEU B 266 -70.64 29.82 19.93
N ALA B 267 -70.89 29.78 18.62
CA ALA B 267 -71.29 30.99 17.88
C ALA B 267 -72.49 31.70 18.52
N ILE B 268 -73.57 30.94 18.74
CA ILE B 268 -74.79 31.47 19.33
C ILE B 268 -74.51 32.15 20.65
N ALA B 269 -73.77 31.47 21.52
CA ALA B 269 -73.39 32.00 22.83
C ALA B 269 -72.64 33.31 22.68
N LEU B 270 -71.75 33.37 21.69
CA LEU B 270 -71.01 34.59 21.39
C LEU B 270 -71.97 35.74 21.07
N ALA B 271 -73.00 35.44 20.29
CA ALA B 271 -74.02 36.44 19.98
C ALA B 271 -74.76 36.89 21.24
N GLU B 272 -75.16 35.90 22.05
CA GLU B 272 -75.85 36.16 23.32
C GLU B 272 -75.05 37.12 24.17
N MET B 273 -73.74 36.91 24.18
CA MET B 273 -72.80 37.80 24.86
C MET B 273 -72.81 39.19 24.24
N LEU B 274 -72.71 39.24 22.92
CA LEU B 274 -72.62 40.51 22.19
C LEU B 274 -73.83 41.41 22.39
N GLU B 275 -75.00 40.81 22.57
CA GLU B 275 -76.20 41.59 22.83
C GLU B 275 -76.50 41.72 24.32
N PHE B 276 -76.88 40.62 24.94
CA PHE B 276 -77.34 40.65 26.32
C PHE B 276 -76.21 40.71 27.36
N GLY B 277 -75.01 40.27 26.99
CA GLY B 277 -73.93 40.10 27.93
C GLY B 277 -73.63 41.27 28.84
N GLU B 278 -73.82 42.49 28.31
CA GLU B 278 -73.57 43.71 29.06
C GLU B 278 -74.50 43.84 30.27
N ALA B 279 -75.76 43.44 30.09
CA ALA B 279 -76.72 43.41 31.20
C ALA B 279 -76.55 42.15 32.03
N TYR B 280 -76.32 41.04 31.34
CA TYR B 280 -76.11 39.74 31.97
C TYR B 280 -75.06 39.77 33.05
N ALA B 281 -73.83 40.08 32.68
CA ALA B 281 -72.71 40.13 33.61
C ALA B 281 -73.01 41.01 34.82
N LYS B 282 -73.67 42.14 34.57
CA LYS B 282 -74.07 43.07 35.62
C LYS B 282 -75.02 42.42 36.62
N GLN B 283 -76.04 41.74 36.10
CA GLN B 283 -77.00 41.07 36.97
C GLN B 283 -76.32 39.94 37.74
N VAL B 284 -75.35 39.29 37.11
CA VAL B 284 -74.60 38.21 37.76
C VAL B 284 -73.83 38.73 38.97
N ILE B 285 -72.98 39.74 38.75
CA ILE B 285 -72.17 40.27 39.84
C ILE B 285 -73.05 40.90 40.93
N LYS B 286 -74.12 41.59 40.53
CA LYS B 286 -75.05 42.17 41.49
C LYS B 286 -75.70 41.09 42.34
N ASN B 287 -76.04 39.97 41.69
CA ASN B 287 -76.60 38.82 42.38
C ASN B 287 -75.63 38.25 43.41
N ALA B 288 -74.42 37.94 42.98
CA ALA B 288 -73.43 37.36 43.87
C ALA B 288 -73.15 38.27 45.07
N LYS B 289 -72.99 39.57 44.81
CA LYS B 289 -72.79 40.54 45.87
C LYS B 289 -73.97 40.52 46.85
N ALA B 290 -75.18 40.51 46.31
CA ALA B 290 -76.39 40.48 47.13
C ALA B 290 -76.45 39.24 48.03
N LEU B 291 -76.11 38.09 47.46
CA LEU B 291 -76.14 36.84 48.20
C LEU B 291 -75.09 36.80 49.31
N ALA B 292 -73.86 37.18 48.98
CA ALA B 292 -72.78 37.21 49.96
C ALA B 292 -73.12 38.15 51.11
N GLN B 293 -73.54 39.36 50.77
CA GLN B 293 -73.93 40.36 51.75
C GLN B 293 -75.11 39.87 52.58
N ALA B 294 -75.97 39.04 51.98
CA ALA B 294 -77.12 38.50 52.67
C ALA B 294 -76.72 37.46 53.72
N LEU B 295 -75.91 36.49 53.32
CA LEU B 295 -75.58 35.38 54.20
C LEU B 295 -74.51 35.73 55.23
N TYR B 296 -73.72 36.78 54.97
CA TYR B 296 -72.76 37.23 55.98
C TYR B 296 -73.46 37.70 57.24
N GLU B 297 -74.63 38.32 57.06
CA GLU B 297 -75.41 38.83 58.18
C GLU B 297 -76.10 37.72 58.95
N ARG B 298 -76.17 36.53 58.34
CA ARG B 298 -76.94 35.43 58.90
C ARG B 298 -76.10 34.48 59.74
N GLY B 299 -74.84 34.85 59.97
CA GLY B 299 -73.96 34.05 60.80
C GLY B 299 -72.85 33.35 60.04
N PHE B 300 -72.96 33.30 58.72
CA PHE B 300 -71.87 32.80 57.88
C PHE B 300 -70.75 33.83 57.84
N ASN B 301 -69.54 33.39 57.49
CA ASN B 301 -68.45 34.33 57.30
C ASN B 301 -68.00 34.40 55.84
N VAL B 302 -68.35 35.48 55.17
CA VAL B 302 -67.86 35.77 53.83
C VAL B 302 -66.43 36.28 53.98
N LEU B 303 -65.66 36.23 52.90
CA LEU B 303 -64.33 36.83 52.92
C LEU B 303 -64.34 38.20 52.26
N CYS B 304 -63.81 39.19 52.95
CA CYS B 304 -63.69 40.57 52.44
C CYS B 304 -65.02 41.21 52.05
N GLU B 305 -65.85 41.52 53.04
CA GLU B 305 -67.13 42.16 52.78
C GLU B 305 -67.02 43.69 52.75
N HIS B 306 -65.90 44.22 53.20
CA HIS B 306 -65.67 45.66 53.22
C HIS B 306 -65.37 46.17 51.82
N LYS B 307 -65.03 45.23 50.93
CA LYS B 307 -64.69 45.53 49.55
C LYS B 307 -65.91 45.42 48.63
N ASP B 308 -67.08 45.18 49.22
CA ASP B 308 -68.32 44.98 48.47
C ASP B 308 -68.19 43.74 47.60
N GLU B 311 -66.64 40.98 43.36
CA GLU B 311 -66.75 41.66 42.08
C GLU B 311 -67.03 40.67 40.95
N SER B 312 -67.38 39.44 41.31
CA SER B 312 -67.69 38.41 40.33
C SER B 312 -68.80 37.51 40.82
N HIS B 313 -69.12 36.48 40.02
CA HIS B 313 -70.21 35.54 40.31
C HIS B 313 -69.99 34.77 41.60
N GLN B 314 -68.73 34.68 42.03
CA GLN B 314 -68.37 33.83 43.14
C GLN B 314 -68.74 34.40 44.51
N VAL B 315 -68.90 33.50 45.47
CA VAL B 315 -69.07 33.85 46.87
C VAL B 315 -68.20 32.95 47.72
N ILE B 316 -67.29 33.55 48.50
CA ILE B 316 -66.36 32.79 49.32
C ILE B 316 -66.73 32.83 50.79
N ILE B 317 -67.04 31.68 51.36
CA ILE B 317 -67.39 31.59 52.77
C ILE B 317 -66.33 30.82 53.55
N ASP B 318 -65.94 31.32 54.71
CA ASP B 318 -65.16 30.50 55.64
C ASP B 318 -66.13 29.88 56.63
N ILE B 319 -66.36 28.58 56.49
CA ILE B 319 -67.29 27.88 57.36
C ILE B 319 -66.55 27.38 58.58
N GLU B 320 -65.22 27.41 58.48
CA GLU B 320 -64.35 27.14 59.60
C GLU B 320 -64.69 28.09 60.74
N SER B 321 -64.42 29.37 60.54
CA SER B 321 -64.71 30.37 61.56
C SER B 321 -65.93 31.19 61.16
N SER B 322 -67.03 30.93 61.85
CA SER B 322 -68.21 31.77 61.77
C SER B 322 -68.82 31.72 63.16
N PRO B 323 -69.45 32.82 63.61
CA PRO B 323 -69.83 32.90 65.02
C PRO B 323 -70.77 31.78 65.48
N ASP B 324 -71.82 31.51 64.73
CA ASP B 324 -72.87 30.59 65.17
C ASP B 324 -72.85 29.17 64.60
N ILE B 325 -71.89 28.85 63.73
CA ILE B 325 -72.08 27.72 62.81
C ILE B 325 -71.90 26.31 63.39
N GLU B 326 -70.66 25.92 63.67
CA GLU B 326 -70.29 24.52 63.94
C GLU B 326 -70.95 23.46 63.07
N PHE B 327 -70.64 23.52 61.78
CA PHE B 327 -70.94 22.45 60.84
C PHE B 327 -69.77 22.33 59.87
N SER B 328 -69.26 21.11 59.67
CA SER B 328 -68.09 20.90 58.83
C SER B 328 -68.38 21.17 57.36
N ALA B 329 -67.35 21.60 56.62
CA ALA B 329 -67.51 22.01 55.22
C ALA B 329 -67.99 20.88 54.31
N SER B 330 -67.20 19.81 54.25
CA SER B 330 -67.53 18.65 53.42
C SER B 330 -68.87 18.08 53.83
N GLU B 331 -69.07 17.99 55.15
CA GLU B 331 -70.34 17.56 55.72
C GLU B 331 -71.49 18.45 55.26
N LEU B 332 -71.30 19.76 55.39
CA LEU B 332 -72.31 20.73 55.00
C LEU B 332 -72.72 20.58 53.53
N ALA B 333 -71.72 20.46 52.66
CA ALA B 333 -72.00 20.31 51.23
C ALA B 333 -72.70 18.99 50.95
N LYS B 334 -72.24 17.92 51.57
CA LYS B 334 -72.81 16.59 51.38
C LYS B 334 -74.29 16.56 51.78
N MET B 335 -74.61 17.26 52.87
CA MET B 335 -76.00 17.35 53.31
C MET B 335 -76.79 18.33 52.46
N TYR B 336 -76.10 19.31 51.90
CA TYR B 336 -76.71 20.29 51.00
C TYR B 336 -77.19 19.61 49.73
N GLU B 337 -76.43 18.61 49.31
CA GLU B 337 -76.78 17.80 48.14
C GLU B 337 -78.13 17.12 48.34
N GLU B 338 -78.39 16.70 49.58
CA GLU B 338 -79.65 16.07 49.94
C GLU B 338 -80.76 17.12 50.00
N ALA B 339 -80.38 18.37 50.15
CA ALA B 339 -81.31 19.47 50.31
C ALA B 339 -81.70 20.08 48.97
N ASN B 340 -81.24 19.46 47.89
CA ASN B 340 -81.39 19.99 46.53
C ASN B 340 -80.73 21.35 46.42
N ILE B 341 -79.50 21.43 46.91
CA ILE B 341 -78.68 22.62 46.78
C ILE B 341 -77.28 22.21 46.32
N ILE B 342 -76.89 22.68 45.14
CA ILE B 342 -75.63 22.30 44.53
C ILE B 342 -74.58 23.39 44.69
N LEU B 343 -73.42 22.99 45.24
CA LEU B 343 -72.33 23.91 45.51
C LEU B 343 -71.05 23.10 45.70
N ASN B 344 -69.97 23.75 46.13
CA ASN B 344 -68.75 23.01 46.40
C ASN B 344 -67.92 23.60 47.54
N LYS B 345 -67.26 22.70 48.29
CA LYS B 345 -66.23 23.09 49.24
C LYS B 345 -65.01 23.58 48.48
N ASN B 346 -64.30 24.54 49.04
CA ASN B 346 -63.16 25.13 48.35
C ASN B 346 -62.04 25.51 49.32
N LEU B 347 -60.82 25.55 48.79
CA LEU B 347 -59.65 25.90 49.58
C LEU B 347 -59.52 27.42 49.77
N LEU B 348 -58.86 27.80 50.86
CA LEU B 348 -58.59 29.19 51.18
C LEU B 348 -57.08 29.39 51.26
N PRO B 349 -56.60 30.63 51.07
CA PRO B 349 -55.16 30.91 51.12
C PRO B 349 -54.47 30.33 52.36
N TRP B 350 -55.18 30.34 53.49
CA TRP B 350 -54.66 29.82 54.75
C TRP B 350 -55.02 28.35 54.98
N ASP B 351 -55.86 27.80 54.10
CA ASP B 351 -56.65 26.61 54.44
C ASP B 351 -55.92 25.35 54.90
N ASP B 352 -55.31 24.62 53.97
CA ASP B 352 -54.97 23.23 54.25
C ASP B 352 -53.96 22.57 53.32
N VAL B 353 -53.88 21.24 53.44
CA VAL B 353 -52.82 20.42 52.90
C VAL B 353 -52.66 20.40 51.37
N ASN B 354 -53.59 21.06 50.68
CA ASN B 354 -53.66 21.11 49.21
C ASN B 354 -54.14 19.79 48.61
N ASN B 355 -54.17 18.76 49.44
CA ASN B 355 -54.78 17.48 49.11
C ASN B 355 -56.15 17.40 49.77
N SER B 356 -56.52 18.49 50.43
CA SER B 356 -57.58 18.51 51.44
C SER B 356 -58.95 18.04 50.97
N ASP B 357 -59.48 17.05 51.69
CA ASP B 357 -60.88 16.65 51.56
C ASP B 357 -61.73 17.57 52.41
N ASN B 358 -61.07 18.25 53.36
CA ASN B 358 -61.76 19.12 54.29
C ASN B 358 -61.24 20.56 54.25
N PRO B 359 -61.43 21.27 53.12
CA PRO B 359 -60.99 22.66 53.08
C PRO B 359 -61.96 23.56 53.85
N SER B 360 -61.42 24.60 54.48
CA SER B 360 -62.20 25.47 55.34
C SER B 360 -63.21 26.32 54.59
N GLY B 361 -63.03 26.44 53.27
CA GLY B 361 -63.86 27.34 52.50
C GLY B 361 -65.03 26.68 51.78
N ILE B 362 -65.96 27.52 51.35
CA ILE B 362 -67.11 27.12 50.56
C ILE B 362 -67.28 28.11 49.42
N ARG B 363 -67.23 27.61 48.19
CA ARG B 363 -67.35 28.47 47.01
C ARG B 363 -68.74 28.36 46.39
N LEU B 364 -69.32 29.51 46.07
CA LEU B 364 -70.64 29.55 45.45
C LEU B 364 -70.60 30.42 44.20
N GLY B 365 -71.63 30.31 43.36
CA GLY B 365 -71.79 31.25 42.27
C GLY B 365 -73.23 31.38 41.82
N THR B 366 -73.58 32.57 41.35
CA THR B 366 -74.95 32.88 40.96
C THR B 366 -75.20 32.81 39.47
N GLN B 367 -74.15 32.58 38.69
CA GLN B 367 -74.23 32.66 37.23
C GLN B 367 -75.26 31.69 36.67
N GLU B 368 -75.26 30.48 37.21
CA GLU B 368 -76.17 29.44 36.78
C GLU B 368 -77.59 29.78 37.20
N CYS B 369 -77.72 30.37 38.39
CA CYS B 369 -79.02 30.78 38.89
C CYS B 369 -79.44 32.11 38.26
N THR B 370 -78.47 32.97 37.94
CA THR B 370 -78.77 34.23 37.28
C THR B 370 -79.32 33.99 35.89
N ARG B 371 -78.75 33.03 35.18
CA ARG B 371 -79.24 32.65 33.85
C ARG B 371 -80.70 32.21 33.92
N LEU B 372 -81.11 31.69 35.07
CA LEU B 372 -82.47 31.22 35.26
C LEU B 372 -83.44 32.36 35.57
N GLY B 373 -82.89 33.58 35.65
CA GLY B 373 -83.69 34.77 35.86
C GLY B 373 -83.92 35.08 37.32
N MET B 374 -83.13 34.47 38.19
CA MET B 374 -83.23 34.72 39.63
C MET B 374 -82.71 36.11 39.96
N LYS B 375 -83.14 36.63 41.11
CA LYS B 375 -82.81 37.98 41.53
C LYS B 375 -82.59 38.01 43.04
N GLU B 376 -82.51 39.22 43.60
CA GLU B 376 -82.13 39.41 44.99
C GLU B 376 -83.04 38.70 46.00
N LYS B 377 -84.33 38.71 45.74
CA LYS B 377 -85.29 38.01 46.60
C LYS B 377 -84.94 36.52 46.67
N GLU B 378 -84.65 35.95 45.49
CA GLU B 378 -84.27 34.55 45.37
C GLU B 378 -83.09 34.21 46.26
N MET B 379 -82.13 35.13 46.37
CA MET B 379 -80.92 34.86 47.15
C MET B 379 -81.03 35.27 48.61
N GLU B 380 -82.03 36.06 48.97
CA GLU B 380 -82.33 36.21 50.39
C GLU B 380 -82.95 34.89 50.82
N GLU B 381 -83.77 34.35 49.93
CA GLU B 381 -84.34 33.02 50.12
C GLU B 381 -83.26 31.95 50.14
N ILE B 382 -82.17 32.16 49.39
CA ILE B 382 -81.08 31.19 49.32
C ILE B 382 -80.23 31.24 50.58
N ALA B 383 -79.86 32.46 51.00
CA ALA B 383 -79.10 32.65 52.22
C ALA B 383 -79.87 32.08 53.40
N GLU B 384 -81.18 32.31 53.40
CA GLU B 384 -82.06 31.75 54.40
C GLU B 384 -82.09 30.22 54.29
N PHE B 385 -82.10 29.72 53.06
CA PHE B 385 -82.10 28.28 52.80
C PHE B 385 -80.89 27.61 53.43
N MET B 386 -79.74 28.25 53.32
CA MET B 386 -78.52 27.73 53.89
C MET B 386 -78.47 27.98 55.40
N LYS B 387 -79.22 28.98 55.86
CA LYS B 387 -79.29 29.27 57.29
C LYS B 387 -80.17 28.26 58.02
N ARG B 388 -81.11 27.67 57.30
CA ARG B 388 -81.99 26.65 57.86
C ARG B 388 -81.19 25.45 58.35
N ILE B 389 -80.35 24.91 57.47
CA ILE B 389 -79.56 23.72 57.79
C ILE B 389 -78.36 24.00 58.68
N ALA B 390 -77.59 25.03 58.31
CA ALA B 390 -76.30 25.27 58.93
C ALA B 390 -76.40 25.93 60.31
N ILE B 391 -76.82 27.19 60.32
CA ILE B 391 -76.83 27.97 61.56
C ILE B 391 -77.89 27.44 62.53
N ASP B 392 -78.95 26.84 62.00
CA ASP B 392 -80.06 26.38 62.83
C ASP B 392 -79.97 24.91 63.24
N LYS B 393 -78.89 24.24 62.84
CA LYS B 393 -78.66 22.83 63.18
C LYS B 393 -79.80 21.94 62.71
N GLU B 394 -79.93 21.74 61.40
CA GLU B 394 -81.11 21.08 60.85
C GLU B 394 -80.81 19.92 59.89
N LYS B 395 -81.83 19.09 59.65
CA LYS B 395 -81.75 17.94 58.75
C LYS B 395 -82.25 18.28 57.34
N PRO B 396 -81.48 17.91 56.31
CA PRO B 396 -81.66 18.28 54.89
C PRO B 396 -82.99 17.91 54.26
N GLU B 397 -83.47 16.69 54.53
CA GLU B 397 -84.67 16.16 53.89
C GLU B 397 -85.87 17.08 54.05
N LYS B 398 -85.89 17.83 55.15
CA LYS B 398 -86.91 18.85 55.38
C LYS B 398 -86.91 19.91 54.28
N VAL B 399 -85.85 20.71 54.22
CA VAL B 399 -85.75 21.82 53.27
C VAL B 399 -85.67 21.33 51.82
N ARG B 400 -85.39 20.05 51.65
CA ARG B 400 -85.33 19.43 50.32
C ARG B 400 -86.58 19.72 49.51
N GLU B 401 -87.74 19.63 50.15
CA GLU B 401 -89.03 19.84 49.47
C GLU B 401 -89.28 21.30 49.11
N ASP B 402 -89.14 22.17 50.11
CA ASP B 402 -89.28 23.61 49.92
C ASP B 402 -88.39 24.11 48.77
N VAL B 403 -87.13 23.70 48.77
CA VAL B 403 -86.21 24.11 47.72
C VAL B 403 -86.56 23.44 46.39
N LYS B 404 -87.05 22.20 46.47
CA LYS B 404 -87.56 21.50 45.28
C LYS B 404 -88.56 22.36 44.55
N GLU B 405 -89.59 22.82 45.27
CA GLU B 405 -90.63 23.63 44.65
C GLU B 405 -90.16 25.06 44.36
N PHE B 406 -89.14 25.51 45.09
CA PHE B 406 -88.54 26.81 44.82
C PHE B 406 -87.96 26.84 43.42
N ALA B 407 -87.06 25.91 43.14
CA ALA B 407 -86.37 25.90 41.86
C ALA B 407 -87.21 25.29 40.73
N LYS B 408 -88.17 24.43 41.10
CA LYS B 408 -89.07 23.83 40.12
C LYS B 408 -89.78 24.89 39.30
N GLU B 409 -90.06 26.02 39.93
CA GLU B 409 -90.89 27.04 39.31
C GLU B 409 -90.08 27.92 38.37
N TYR B 410 -88.78 27.62 38.23
CA TYR B 410 -88.03 28.18 37.13
C TYR B 410 -87.77 27.09 36.11
N SER B 411 -88.59 27.06 35.06
CA SER B 411 -88.39 26.18 33.92
C SER B 411 -87.48 26.81 32.88
N THR B 412 -87.74 28.08 32.61
CA THR B 412 -87.13 28.80 31.49
C THR B 412 -85.74 29.36 31.79
N ILE B 413 -84.96 29.54 30.73
CA ILE B 413 -83.65 30.17 30.82
C ILE B 413 -83.72 31.55 30.15
N HIS B 414 -82.92 32.49 30.65
CA HIS B 414 -83.00 33.87 30.19
C HIS B 414 -81.67 34.38 29.70
N TYR B 415 -81.63 35.67 29.37
CA TYR B 415 -80.47 36.29 28.74
C TYR B 415 -80.04 35.52 27.50
N SER B 416 -81.03 35.06 26.74
CA SER B 416 -80.79 34.39 25.47
C SER B 416 -81.85 34.85 24.46
N PHE B 417 -81.58 34.65 23.17
CA PHE B 417 -82.49 35.09 22.13
C PHE B 417 -83.83 34.36 22.20
N ASP B 418 -83.78 33.05 22.34
CA ASP B 418 -84.98 32.30 22.67
C ASP B 418 -85.08 32.23 24.18
N GLU B 419 -86.20 31.70 24.70
CA GLU B 419 -86.21 31.24 26.07
C GLU B 419 -86.92 29.89 26.12
N GLY B 420 -86.16 28.83 26.38
CA GLY B 420 -86.70 27.50 26.48
C GLY B 420 -86.69 27.03 27.91
N ASP B 421 -87.33 25.89 28.18
CA ASP B 421 -87.13 25.24 29.46
C ASP B 421 -85.80 24.50 29.35
N GLY B 422 -84.84 24.90 30.17
CA GLY B 422 -83.46 24.50 29.98
C GLY B 422 -83.16 23.04 30.32
N PHE B 423 -83.99 22.46 31.16
CA PHE B 423 -83.80 21.09 31.61
C PHE B 423 -84.60 20.10 30.76
N LYS B 424 -85.22 20.61 29.69
CA LYS B 424 -85.99 19.80 28.77
C LYS B 424 -85.20 18.60 28.26
N TYR B 425 -85.81 17.42 28.32
CA TYR B 425 -85.20 16.22 27.77
C TYR B 425 -85.91 15.81 26.49
N LEU B 426 -85.18 15.83 25.39
CA LEU B 426 -85.74 15.47 24.09
C LEU B 426 -85.07 14.21 23.56
N ARG B 427 -85.85 13.14 23.43
CA ARG B 427 -85.34 11.88 22.95
C ARG B 427 -85.08 11.92 21.44
N PHE B 428 -83.90 11.46 21.05
CA PHE B 428 -83.51 11.43 19.64
C PHE B 428 -84.09 10.20 18.96
N TYR B 429 -84.43 9.19 19.76
CA TYR B 429 -84.91 7.92 19.24
C TYR B 429 -86.02 7.37 20.13
N TYR C 3 -6.07 13.52 -26.82
CA TYR C 3 -5.61 12.59 -27.85
C TYR C 3 -4.21 12.10 -27.53
N SER C 4 -3.44 11.75 -28.56
CA SER C 4 -2.12 11.16 -28.35
C SER C 4 -1.17 12.10 -27.60
N ASP C 5 -1.46 13.40 -27.68
CA ASP C 5 -0.61 14.42 -27.08
C ASP C 5 -0.84 14.59 -25.58
N VAL C 6 -2.10 14.49 -25.18
CA VAL C 6 -2.52 14.81 -23.82
C VAL C 6 -1.97 13.90 -22.69
N PRO C 7 -1.81 12.58 -22.91
CA PRO C 7 -1.25 11.85 -21.78
C PRO C 7 0.18 12.29 -21.45
N LYS C 8 0.99 12.51 -22.48
CA LYS C 8 2.33 13.06 -22.31
C LYS C 8 2.23 14.42 -21.65
N PHE C 9 1.31 15.24 -22.15
CA PHE C 9 1.11 16.60 -21.66
C PHE C 9 0.86 16.62 -20.16
N ILE C 10 -0.20 15.93 -19.74
CA ILE C 10 -0.61 15.90 -18.34
C ILE C 10 0.44 15.21 -17.49
N ARG C 11 1.17 14.28 -18.09
CA ARG C 11 2.32 13.68 -17.39
C ARG C 11 3.33 14.74 -16.98
N ASP C 12 3.93 15.38 -17.97
CA ASP C 12 4.99 16.36 -17.68
C ASP C 12 4.48 17.56 -16.90
N VAL C 13 3.19 17.86 -17.06
CA VAL C 13 2.58 18.97 -16.34
C VAL C 13 2.38 18.61 -14.87
N SER C 14 1.97 17.36 -14.62
CA SER C 14 1.84 16.87 -13.25
C SER C 14 3.20 16.90 -12.58
N ILE C 15 4.22 16.46 -13.32
CA ILE C 15 5.61 16.57 -12.88
C ILE C 15 5.96 18.02 -12.56
N LYS C 16 5.44 18.94 -13.38
CA LYS C 16 5.71 20.36 -13.21
C LYS C 16 5.05 20.94 -11.96
N GLN C 17 3.86 20.46 -11.61
CA GLN C 17 3.22 20.85 -10.36
C GLN C 17 4.02 20.29 -9.20
N HIS C 18 4.45 19.03 -9.32
CA HIS C 18 5.30 18.39 -8.33
C HIS C 18 6.53 19.22 -8.01
N GLU C 19 7.21 19.68 -9.06
CA GLU C 19 8.46 20.40 -8.92
C GLU C 19 8.25 21.87 -8.55
N TRP C 20 7.10 22.41 -8.92
CA TRP C 20 6.74 23.78 -8.55
C TRP C 20 6.47 23.84 -7.06
N MET C 21 5.71 22.86 -6.58
CA MET C 21 5.41 22.77 -5.16
C MET C 21 6.63 22.25 -4.42
N ARG C 22 7.57 21.66 -5.15
CA ARG C 22 8.82 21.23 -4.56
C ARG C 22 9.62 22.43 -4.12
N GLU C 23 9.74 23.42 -5.01
CA GLU C 23 10.30 24.70 -4.60
C GLU C 23 9.22 25.79 -4.67
N SER C 24 8.69 26.11 -3.50
CA SER C 24 7.69 27.15 -3.26
C SER C 24 7.26 27.00 -1.81
N ILE C 25 6.56 27.99 -1.28
CA ILE C 25 6.08 27.91 0.10
C ILE C 25 4.56 27.96 0.19
N LYS C 26 3.95 26.86 0.61
CA LYS C 26 2.49 26.79 0.68
C LYS C 26 1.98 27.12 2.07
N LEU C 27 1.38 28.29 2.22
CA LEU C 27 0.85 28.73 3.49
C LEU C 27 -0.67 28.60 3.65
N ILE C 28 -1.35 28.12 2.62
CA ILE C 28 -2.81 28.01 2.65
C ILE C 28 -3.26 27.16 3.84
N ALA C 29 -4.27 27.63 4.57
CA ALA C 29 -4.71 26.97 5.79
C ALA C 29 -5.53 25.71 5.51
N SER C 30 -6.06 25.61 4.30
CA SER C 30 -6.84 24.43 3.90
C SER C 30 -5.94 23.38 3.28
N GLU C 31 -4.64 23.63 3.34
CA GLU C 31 -3.63 22.92 2.58
C GLU C 31 -2.74 22.00 3.43
N ASN C 32 -2.76 20.70 3.16
CA ASN C 32 -1.89 19.76 3.88
C ASN C 32 -1.35 18.65 3.00
N ILE C 33 -0.17 18.13 3.36
CA ILE C 33 0.50 17.12 2.57
C ILE C 33 0.30 15.73 3.17
N THR C 34 0.19 14.72 2.31
CA THR C 34 -0.07 13.36 2.75
C THR C 34 1.13 12.47 2.51
N SER C 35 1.25 11.42 3.32
CA SER C 35 2.40 10.53 3.27
C SER C 35 2.43 9.76 1.97
N LEU C 36 3.62 9.25 1.64
CA LEU C 36 3.83 8.46 0.44
C LEU C 36 2.94 7.22 0.40
N ALA C 37 2.63 6.68 1.58
CA ALA C 37 1.82 5.46 1.68
C ALA C 37 0.36 5.73 1.38
N VAL C 38 -0.11 6.90 1.79
CA VAL C 38 -1.47 7.34 1.49
C VAL C 38 -1.65 7.45 -0.02
N ARG C 39 -0.77 8.23 -0.64
CA ARG C 39 -0.71 8.37 -2.09
C ARG C 39 -0.59 7.02 -2.78
N GLU C 40 0.17 6.10 -2.17
CA GLU C 40 0.27 4.74 -2.67
C GLU C 40 -1.09 4.08 -2.72
N ALA C 41 -1.76 4.06 -1.56
CA ALA C 41 -3.06 3.40 -1.43
C ALA C 41 -4.13 4.05 -2.30
N CYS C 42 -3.89 5.29 -2.72
CA CYS C 42 -4.88 5.99 -3.55
C CYS C 42 -4.91 5.49 -5.00
N ALA C 43 -3.86 4.79 -5.42
CA ALA C 43 -3.75 4.33 -6.81
C ALA C 43 -4.26 2.90 -7.03
N THR C 44 -4.79 2.29 -5.97
CA THR C 44 -5.18 0.88 -6.00
C THR C 44 -6.44 0.57 -6.81
N ASP C 45 -6.83 -0.70 -6.79
CA ASP C 45 -8.03 -1.18 -7.48
C ASP C 45 -9.31 -0.64 -6.82
N PHE C 46 -9.18 -0.20 -5.58
CA PHE C 46 -10.30 0.39 -4.85
C PHE C 46 -10.75 1.69 -5.52
N MET C 47 -9.96 2.16 -6.46
CA MET C 47 -10.30 3.32 -7.29
C MET C 47 -11.39 2.94 -8.29
N HIS C 48 -11.50 1.64 -8.58
CA HIS C 48 -12.47 1.13 -9.53
C HIS C 48 -13.74 0.67 -8.80
N ALA C 51 -18.89 -1.68 -3.65
CA ALA C 51 -18.44 -1.50 -2.27
C ALA C 51 -19.42 -0.62 -1.51
N GLU C 52 -20.58 -0.42 -2.14
CA GLU C 52 -21.67 0.37 -1.57
C GLU C 52 -22.27 -0.28 -0.33
N GLY C 53 -22.43 0.50 0.74
CA GLY C 53 -23.03 0.01 1.96
C GLY C 53 -22.09 -0.18 3.13
N LEU C 54 -22.64 -0.68 4.24
CA LEU C 54 -21.87 -0.86 5.48
C LEU C 54 -20.92 -2.04 5.37
N PRO C 55 -19.81 -2.00 6.14
CA PRO C 55 -18.93 -3.18 6.20
C PRO C 55 -19.55 -4.34 6.97
N GLY C 56 -19.03 -5.55 6.75
CA GLY C 56 -19.46 -6.76 7.44
C GLY C 56 -20.34 -7.53 6.48
N LYS C 57 -20.95 -6.78 5.56
CA LYS C 57 -21.33 -7.19 4.21
C LYS C 57 -22.13 -6.08 3.55
N ARG C 58 -22.18 -6.12 2.23
CA ARG C 58 -22.95 -5.16 1.44
C ARG C 58 -23.19 -5.67 0.03
N LEU C 59 -24.13 -5.02 -0.65
CA LEU C 59 -24.50 -5.37 -2.01
C LEU C 59 -23.34 -5.11 -2.98
N TYR C 60 -23.42 -5.74 -4.15
CA TYR C 60 -22.45 -5.61 -5.27
C TYR C 60 -21.23 -6.50 -5.04
N GLN C 61 -21.22 -7.17 -3.89
CA GLN C 61 -20.15 -8.10 -3.49
C GLN C 61 -18.74 -7.53 -3.43
N GLY C 62 -17.76 -8.30 -3.89
CA GLY C 62 -16.39 -7.86 -4.04
C GLY C 62 -15.74 -7.19 -2.84
N CYS C 63 -16.38 -7.30 -1.67
CA CYS C 63 -16.05 -6.48 -0.51
C CYS C 63 -15.13 -7.11 0.54
N LYS C 64 -14.60 -8.29 0.25
CA LYS C 64 -13.77 -9.04 1.20
C LYS C 64 -12.68 -8.18 1.87
N TYR C 65 -11.75 -7.66 1.09
CA TYR C 65 -10.69 -6.81 1.66
C TYR C 65 -11.09 -5.33 1.67
N ILE C 66 -12.23 -5.03 1.06
CA ILE C 66 -12.72 -3.66 1.01
C ILE C 66 -13.29 -3.28 2.38
N ASP C 67 -13.84 -4.28 3.07
CA ASP C 67 -14.41 -4.07 4.40
C ASP C 67 -13.33 -3.94 5.49
N GLU C 68 -12.20 -4.61 5.28
CA GLU C 68 -11.13 -4.61 6.28
C GLU C 68 -10.59 -3.21 6.55
N VAL C 69 -10.14 -2.54 5.49
CA VAL C 69 -9.58 -1.20 5.60
C VAL C 69 -10.62 -0.22 6.16
N GLU C 70 -11.89 -0.45 5.83
CA GLU C 70 -12.96 0.42 6.29
C GLU C 70 -13.15 0.25 7.79
N THR C 71 -13.20 -1.00 8.24
CA THR C 71 -13.32 -1.32 9.66
C THR C 71 -12.14 -0.74 10.43
N LEU C 72 -10.97 -0.80 9.82
CA LEU C 72 -9.79 -0.15 10.37
C LEU C 72 -10.07 1.32 10.58
N CYS C 73 -10.55 1.99 9.54
CA CYS C 73 -10.88 3.40 9.63
C CYS C 73 -11.86 3.68 10.76
N ILE C 74 -12.82 2.77 10.94
CA ILE C 74 -13.84 2.96 11.98
C ILE C 74 -13.24 2.87 13.38
N GLU C 75 -12.55 1.78 13.68
CA GLU C 75 -12.01 1.59 15.03
C GLU C 75 -10.91 2.60 15.35
N LEU C 76 -10.12 2.95 14.33
CA LEU C 76 -9.04 3.90 14.53
C LEU C 76 -9.56 5.34 14.63
N SER C 77 -10.70 5.61 14.00
CA SER C 77 -11.35 6.90 14.14
C SER C 77 -11.99 7.02 15.52
N LYS C 78 -12.63 5.94 15.94
CA LYS C 78 -13.22 5.86 17.26
C LYS C 78 -12.16 6.01 18.33
N GLU C 79 -10.97 5.50 18.04
CA GLU C 79 -9.86 5.57 18.98
C GLU C 79 -9.19 6.94 18.98
N LEU C 80 -9.06 7.54 17.81
CA LEU C 80 -8.37 8.81 17.66
C LEU C 80 -9.13 9.96 18.31
N PHE C 81 -10.41 10.06 18.00
CA PHE C 81 -11.24 11.15 18.51
C PHE C 81 -12.00 10.73 19.77
N LYS C 82 -11.74 9.51 20.25
CA LYS C 82 -12.43 8.94 21.39
C LYS C 82 -13.93 8.88 21.11
N ALA C 83 -14.27 8.77 19.82
CA ALA C 83 -15.66 8.75 19.39
C ALA C 83 -16.27 7.38 19.60
N GLU C 84 -17.52 7.34 20.04
CA GLU C 84 -18.20 6.08 20.28
C GLU C 84 -18.67 5.47 18.96
N HIS C 85 -18.79 6.30 17.94
CA HIS C 85 -19.14 5.84 16.60
C HIS C 85 -18.55 6.75 15.53
N ALA C 86 -18.17 6.16 14.40
CA ALA C 86 -17.56 6.91 13.31
C ALA C 86 -18.01 6.41 11.95
N ASN C 87 -18.28 7.35 11.05
CA ASN C 87 -18.57 7.04 9.65
C ASN C 87 -17.53 7.69 8.74
N VAL C 88 -16.73 6.84 8.11
CA VAL C 88 -15.63 7.29 7.25
C VAL C 88 -16.03 7.30 5.78
N GLN C 89 -17.25 6.84 5.49
CA GLN C 89 -17.74 6.71 4.13
C GLN C 89 -17.86 7.97 3.26
N PRO C 90 -18.20 9.16 3.85
CA PRO C 90 -18.36 10.35 3.02
C PRO C 90 -17.21 10.64 2.06
N THR C 91 -17.54 11.16 0.88
CA THR C 91 -16.57 11.41 -0.17
C THR C 91 -15.82 12.73 0.00
N SER C 92 -16.37 13.62 0.82
CA SER C 92 -15.75 14.92 1.08
C SER C 92 -16.28 15.50 2.39
N GLY C 93 -15.79 16.69 2.74
CA GLY C 93 -16.24 17.36 3.95
C GLY C 93 -17.64 17.93 3.79
N VAL C 94 -17.89 18.53 2.64
CA VAL C 94 -19.17 19.17 2.36
C VAL C 94 -20.31 18.15 2.32
N VAL C 95 -20.04 16.98 1.76
CA VAL C 95 -21.07 15.94 1.71
C VAL C 95 -21.27 15.34 3.10
N ALA C 96 -20.30 15.54 3.98
CA ALA C 96 -20.46 15.13 5.38
C ALA C 96 -21.36 16.13 6.08
N ASN C 97 -21.16 17.41 5.78
CA ASN C 97 -22.05 18.45 6.27
C ASN C 97 -23.48 18.21 5.84
N LEU C 98 -23.67 17.99 4.54
CA LEU C 98 -24.98 17.75 3.98
C LEU C 98 -25.56 16.43 4.48
N ALA C 99 -24.68 15.48 4.81
CA ALA C 99 -25.13 14.23 5.41
C ALA C 99 -25.76 14.50 6.77
N VAL C 100 -25.05 15.27 7.59
CA VAL C 100 -25.53 15.63 8.91
C VAL C 100 -26.83 16.44 8.83
N PHE C 101 -26.89 17.36 7.87
CA PHE C 101 -28.09 18.18 7.67
C PHE C 101 -29.30 17.30 7.29
N PHE C 102 -29.13 16.56 6.20
CA PHE C 102 -30.14 15.66 5.68
C PHE C 102 -30.63 14.71 6.76
N ALA C 103 -29.71 14.30 7.63
CA ALA C 103 -30.04 13.45 8.77
C ALA C 103 -30.89 14.16 9.81
N GLU C 104 -30.38 15.27 10.31
CA GLU C 104 -30.91 15.92 11.51
C GLU C 104 -31.87 17.07 11.24
N THR C 105 -32.09 17.40 9.97
CA THR C 105 -32.98 18.51 9.64
C THR C 105 -33.86 18.26 8.42
N LYS C 106 -34.98 18.97 8.39
CA LYS C 106 -35.93 18.91 7.29
C LYS C 106 -35.99 20.27 6.62
N PRO C 107 -36.37 20.32 5.34
CA PRO C 107 -36.42 21.60 4.63
C PRO C 107 -37.34 22.60 5.35
N GLY C 108 -36.82 23.80 5.59
CA GLY C 108 -37.58 24.83 6.29
C GLY C 108 -37.14 25.04 7.73
N ASP C 109 -36.45 24.06 8.29
CA ASP C 109 -36.01 24.15 9.68
C ASP C 109 -34.90 25.19 9.85
N LYS C 110 -34.69 25.65 11.08
CA LYS C 110 -33.72 26.70 11.35
C LYS C 110 -32.31 26.17 11.58
N LEU C 111 -31.33 26.90 11.07
CA LEU C 111 -29.93 26.58 11.28
C LEU C 111 -29.19 27.81 11.80
N MET C 112 -28.22 27.60 12.70
CA MET C 112 -27.41 28.70 13.21
C MET C 112 -25.95 28.46 12.89
N ALA C 113 -25.35 29.33 12.09
CA ALA C 113 -23.96 29.12 11.68
C ALA C 113 -23.17 30.42 11.59
N LEU C 114 -21.85 30.30 11.64
CA LEU C 114 -20.95 31.46 11.53
C LEU C 114 -21.22 32.27 10.27
N SER C 115 -21.25 33.59 10.42
CA SER C 115 -21.46 34.49 9.29
C SER C 115 -20.32 34.40 8.30
N VAL C 116 -20.64 34.60 7.02
CA VAL C 116 -19.68 34.40 5.94
C VAL C 116 -18.41 35.27 6.04
N PRO C 117 -18.56 36.61 6.19
CA PRO C 117 -17.32 37.39 6.27
C PRO C 117 -16.55 37.15 7.57
N ASP C 118 -17.23 36.57 8.55
CA ASP C 118 -16.65 36.32 9.86
C ASP C 118 -15.83 35.04 9.87
N GLY C 119 -15.76 34.40 8.71
CA GLY C 119 -15.02 33.16 8.57
C GLY C 119 -15.93 31.95 8.56
N GLY C 120 -17.22 32.19 8.41
CA GLY C 120 -18.18 31.11 8.28
C GLY C 120 -18.02 30.42 6.95
N HIS C 121 -17.88 29.11 6.97
CA HIS C 121 -17.73 28.35 5.74
C HIS C 121 -19.03 28.40 4.94
N ILE C 122 -18.90 28.48 3.62
CA ILE C 122 -20.05 28.26 2.76
C ILE C 122 -20.40 26.78 2.89
N SER C 123 -21.63 26.43 2.51
CA SER C 123 -22.25 25.11 2.73
C SER C 123 -22.85 25.04 4.13
N HIS C 124 -22.52 26.04 4.96
CA HIS C 124 -23.23 26.28 6.20
C HIS C 124 -24.27 27.35 5.92
N TRP C 125 -24.30 27.78 4.66
CA TRP C 125 -25.19 28.86 4.23
C TRP C 125 -25.88 28.53 2.92
N LYS C 126 -26.89 29.33 2.60
CA LYS C 126 -27.58 29.22 1.33
C LYS C 126 -26.60 29.53 0.22
N VAL C 127 -26.94 29.07 -0.99
CA VAL C 127 -26.11 29.01 -2.20
C VAL C 127 -25.16 27.82 -2.24
N SER C 128 -25.09 27.03 -1.18
CA SER C 128 -24.26 25.82 -1.24
C SER C 128 -24.91 24.51 -0.78
N ALA C 129 -25.04 24.34 0.54
CA ALA C 129 -25.48 23.08 1.11
C ALA C 129 -26.62 23.28 2.09
N ALA C 130 -26.37 24.06 3.13
CA ALA C 130 -27.41 24.39 4.10
C ALA C 130 -28.58 25.09 3.42
N GLY C 131 -28.38 25.55 2.18
CA GLY C 131 -29.44 26.09 1.37
C GLY C 131 -30.19 25.00 0.61
N ILE C 132 -29.59 23.82 0.55
CA ILE C 132 -30.22 22.67 -0.10
C ILE C 132 -31.27 22.03 0.82
N ARG C 133 -30.80 21.49 1.95
CA ARG C 133 -31.69 20.83 2.91
C ARG C 133 -32.06 21.76 4.07
N GLY C 134 -31.05 22.15 4.85
CA GLY C 134 -31.24 22.94 6.05
C GLY C 134 -32.03 24.23 5.89
N LEU C 135 -32.00 24.79 4.68
CA LEU C 135 -32.73 26.01 4.35
C LEU C 135 -32.42 27.18 5.29
N LYS C 136 -33.45 27.66 5.99
CA LYS C 136 -33.36 28.91 6.77
C LYS C 136 -32.19 28.90 7.76
N VAL C 137 -31.37 29.94 7.67
CA VAL C 137 -30.10 29.99 8.39
C VAL C 137 -29.85 31.41 8.93
N ILE C 138 -29.27 31.48 10.12
CA ILE C 138 -28.96 32.74 10.77
C ILE C 138 -27.51 32.81 11.23
N ASN C 139 -27.01 34.04 11.33
CA ASN C 139 -25.60 34.28 11.63
C ASN C 139 -25.29 34.32 13.12
N HIS C 140 -24.25 33.59 13.51
CA HIS C 140 -23.73 33.64 14.86
C HIS C 140 -23.27 35.05 15.21
N PRO C 141 -23.72 35.57 16.37
CA PRO C 141 -23.19 36.85 16.85
C PRO C 141 -21.68 36.76 17.07
N PHE C 142 -20.93 37.71 16.51
CA PHE C 142 -19.47 37.58 16.48
C PHE C 142 -18.78 38.81 17.06
N ASP C 143 -17.58 38.60 17.59
CA ASP C 143 -16.79 39.68 18.17
C ASP C 143 -15.60 40.01 17.28
N PRO C 144 -15.51 41.28 16.83
CA PRO C 144 -14.44 41.71 15.93
C PRO C 144 -13.03 41.63 16.50
N GLU C 145 -12.83 42.17 17.71
CA GLU C 145 -11.48 42.31 18.26
C GLU C 145 -10.95 41.00 18.86
N GLU C 146 -11.78 40.36 19.68
CA GLU C 146 -11.51 38.98 20.08
C GLU C 146 -12.22 38.10 19.07
N MET C 147 -11.47 37.26 18.34
CA MET C 147 -12.11 36.57 17.24
C MET C 147 -12.68 35.25 17.73
N ASN C 148 -14.02 35.23 17.82
CA ASN C 148 -14.80 34.11 18.32
C ASN C 148 -16.27 34.52 18.44
N ILE C 149 -17.15 33.54 18.62
CA ILE C 149 -18.56 33.81 18.83
C ILE C 149 -18.76 34.44 20.22
N ASP C 150 -19.66 35.41 20.31
CA ASP C 150 -19.94 36.07 21.59
C ASP C 150 -20.57 35.09 22.57
N ALA C 151 -20.15 35.16 23.82
CA ALA C 151 -20.59 34.20 24.83
C ALA C 151 -22.05 34.38 25.26
N ASP C 152 -22.39 35.59 25.70
CA ASP C 152 -23.70 35.84 26.28
C ASP C 152 -24.78 36.24 25.27
N ALA C 153 -24.36 36.63 24.07
CA ALA C 153 -25.33 36.96 23.02
C ALA C 153 -25.83 35.71 22.31
N MET C 154 -24.90 34.80 22.02
CA MET C 154 -25.21 33.58 21.28
C MET C 154 -26.27 32.75 21.97
N VAL C 155 -26.10 32.53 23.27
CA VAL C 155 -27.04 31.71 24.04
C VAL C 155 -28.41 32.35 24.09
N LYS C 156 -28.45 33.68 24.15
CA LYS C 156 -29.69 34.42 24.06
C LYS C 156 -30.39 34.10 22.74
N LYS C 157 -29.61 34.13 21.66
CA LYS C 157 -30.13 33.84 20.33
C LYS C 157 -30.63 32.40 20.24
N ILE C 158 -29.91 31.47 20.86
CA ILE C 158 -30.30 30.07 20.88
C ILE C 158 -31.63 29.90 21.60
N LEU C 159 -31.78 30.61 22.71
CA LEU C 159 -32.98 30.51 23.52
C LEU C 159 -34.21 31.09 22.84
N GLU C 160 -34.13 32.33 22.38
CA GLU C 160 -35.30 32.99 21.79
C GLU C 160 -35.57 32.63 20.32
N GLU C 161 -34.51 32.54 19.51
CA GLU C 161 -34.69 32.21 18.10
C GLU C 161 -35.03 30.74 17.90
N LYS C 162 -34.74 29.93 18.93
CA LYS C 162 -35.04 28.50 18.94
C LYS C 162 -34.65 27.80 17.64
N PRO C 163 -33.34 27.68 17.36
CA PRO C 163 -32.93 27.02 16.12
C PRO C 163 -33.07 25.51 16.20
N LYS C 164 -33.25 24.86 15.05
CA LYS C 164 -33.32 23.41 14.98
C LYS C 164 -31.93 22.78 15.03
N LEU C 165 -30.94 23.50 14.54
CA LEU C 165 -29.58 22.99 14.52
C LEU C 165 -28.55 24.12 14.67
N ILE C 166 -27.46 23.82 15.38
CA ILE C 166 -26.42 24.80 15.65
C ILE C 166 -25.05 24.30 15.20
N LEU C 167 -24.38 25.06 14.34
CA LEU C 167 -23.08 24.64 13.84
C LEU C 167 -21.95 25.38 14.52
N PHE C 168 -20.72 24.98 14.21
CA PHE C 168 -19.52 25.58 14.79
C PHE C 168 -18.35 25.43 13.83
N GLY C 169 -17.44 26.39 13.85
CA GLY C 169 -16.26 26.35 13.00
C GLY C 169 -16.41 27.17 11.74
N GLY C 170 -15.49 26.99 10.81
CA GLY C 170 -15.54 27.70 9.54
C GLY C 170 -14.25 27.65 8.75
N SER C 171 -14.15 28.47 7.72
CA SER C 171 -12.93 28.58 6.93
C SER C 171 -11.89 29.36 7.70
N LEU C 172 -12.35 30.28 8.54
CA LEU C 172 -11.48 31.01 9.45
C LEU C 172 -11.74 30.54 10.88
N PHE C 173 -10.72 29.99 11.53
CA PHE C 173 -10.90 29.34 12.82
C PHE C 173 -9.75 29.60 13.79
N PRO C 174 -9.59 30.86 14.24
CA PRO C 174 -8.48 31.20 15.14
C PRO C 174 -8.59 30.59 16.53
N PHE C 175 -9.80 30.57 17.11
CA PHE C 175 -9.98 30.17 18.49
C PHE C 175 -11.20 29.26 18.67
N PRO C 176 -11.20 28.42 19.72
CA PRO C 176 -12.31 27.51 20.02
C PRO C 176 -13.63 28.23 20.29
N HIS C 177 -14.72 27.63 19.83
CA HIS C 177 -16.04 28.24 19.94
C HIS C 177 -16.74 27.87 21.24
N PRO C 178 -17.74 28.67 21.66
CA PRO C 178 -18.51 28.38 22.88
C PRO C 178 -19.47 27.21 22.69
N VAL C 179 -18.95 25.99 22.76
CA VAL C 179 -19.75 24.79 22.61
C VAL C 179 -20.45 24.48 23.93
N ALA C 180 -19.66 24.24 24.97
CA ALA C 180 -20.19 23.95 26.31
C ALA C 180 -21.17 25.02 26.79
N ASP C 181 -20.99 26.26 26.32
CA ASP C 181 -21.92 27.33 26.63
C ASP C 181 -23.23 27.14 25.90
N ALA C 182 -23.15 26.58 24.70
CA ALA C 182 -24.32 26.38 23.86
C ALA C 182 -25.15 25.16 24.25
N TYR C 183 -24.53 24.18 24.92
CA TYR C 183 -25.19 22.91 25.20
C TYR C 183 -26.46 23.04 26.03
N GLU C 184 -26.39 23.80 27.12
CA GLU C 184 -27.52 23.95 28.03
C GLU C 184 -28.70 24.60 27.33
N ALA C 185 -28.45 25.76 26.73
CA ALA C 185 -29.48 26.50 26.01
C ALA C 185 -30.09 25.68 24.88
N ALA C 186 -29.23 25.03 24.09
CA ALA C 186 -29.67 24.27 22.93
C ALA C 186 -30.45 23.02 23.34
N GLN C 187 -30.10 22.46 24.49
CA GLN C 187 -30.78 21.27 24.99
C GLN C 187 -32.16 21.64 25.50
N GLU C 188 -32.25 22.74 26.25
CA GLU C 188 -33.53 23.22 26.73
C GLU C 188 -34.43 23.60 25.55
N VAL C 189 -33.84 24.26 24.56
CA VAL C 189 -34.59 24.80 23.43
C VAL C 189 -34.90 23.71 22.40
N GLY C 190 -34.23 22.57 22.54
CA GLY C 190 -34.42 21.46 21.62
C GLY C 190 -33.55 21.52 20.39
N ALA C 191 -32.36 22.12 20.53
CA ALA C 191 -31.43 22.24 19.41
C ALA C 191 -30.27 21.26 19.56
N LYS C 192 -29.76 20.80 18.42
CA LYS C 192 -28.62 19.89 18.40
C LYS C 192 -27.35 20.67 18.07
N ILE C 193 -26.24 20.27 18.67
CA ILE C 193 -24.98 20.98 18.46
C ILE C 193 -24.03 20.23 17.55
N ALA C 194 -23.70 20.87 16.43
CA ALA C 194 -22.75 20.29 15.49
C ALA C 194 -21.48 21.13 15.43
N TYR C 195 -20.34 20.45 15.29
CA TYR C 195 -19.04 21.09 15.28
C TYR C 195 -18.29 20.67 14.03
N ASP C 196 -18.03 21.62 13.14
CA ASP C 196 -17.37 21.31 11.89
C ASP C 196 -15.87 21.44 12.09
N GLY C 197 -15.19 20.29 12.03
CA GLY C 197 -13.81 20.22 12.45
C GLY C 197 -12.78 20.17 11.34
N ALA C 198 -13.15 20.57 10.13
CA ALA C 198 -12.26 20.50 8.98
C ALA C 198 -10.88 21.07 9.28
N HIS C 199 -10.81 22.39 9.46
CA HIS C 199 -9.54 23.08 9.72
C HIS C 199 -8.86 22.64 11.02
N VAL C 200 -9.66 22.24 12.00
CA VAL C 200 -9.13 21.87 13.31
C VAL C 200 -8.98 20.35 13.51
N LEU C 201 -9.33 19.56 12.50
CA LEU C 201 -9.36 18.09 12.62
C LEU C 201 -8.06 17.50 13.14
N GLY C 202 -6.95 17.84 12.51
CA GLY C 202 -5.66 17.35 12.92
C GLY C 202 -5.26 17.91 14.27
N LEU C 203 -5.81 19.07 14.62
CA LEU C 203 -5.54 19.70 15.89
C LEU C 203 -6.32 19.03 17.02
N ILE C 204 -7.58 18.70 16.75
CA ILE C 204 -8.42 18.01 17.71
C ILE C 204 -7.92 16.59 17.96
N ALA C 205 -7.61 15.91 16.86
CA ALA C 205 -7.15 14.53 16.94
C ALA C 205 -5.88 14.40 17.76
N GLY C 206 -5.08 15.46 17.76
CA GLY C 206 -3.87 15.51 18.56
C GLY C 206 -4.15 16.01 19.96
N LYS C 207 -5.44 16.03 20.30
CA LYS C 207 -5.93 16.45 21.62
C LYS C 207 -5.53 17.88 21.96
N GLN C 208 -5.25 18.67 20.93
CA GLN C 208 -4.93 20.08 21.13
C GLN C 208 -6.17 20.91 20.83
N PHE C 209 -6.03 22.23 20.84
CA PHE C 209 -7.14 23.13 20.57
C PHE C 209 -8.30 22.85 21.53
N GLN C 210 -9.42 22.40 20.97
CA GLN C 210 -10.61 22.11 21.75
C GLN C 210 -11.01 20.65 21.58
N ASP C 211 -11.76 20.11 22.54
CA ASP C 211 -12.31 18.76 22.44
C ASP C 211 -13.83 18.83 22.48
N PRO C 212 -14.44 19.14 21.33
CA PRO C 212 -15.88 19.41 21.21
C PRO C 212 -16.77 18.20 21.43
N LEU C 213 -16.22 17.00 21.29
CA LEU C 213 -17.02 15.80 21.48
C LEU C 213 -17.57 15.72 22.90
N ARG C 214 -16.68 15.74 23.87
CA ARG C 214 -17.08 15.63 25.26
C ARG C 214 -17.50 16.98 25.83
N GLU C 215 -17.42 18.04 25.03
CA GLU C 215 -18.02 19.29 25.44
C GLU C 215 -19.18 19.67 24.50
N GLY C 216 -20.40 19.45 24.97
CA GLY C 216 -21.59 20.01 24.36
C GLY C 216 -22.06 19.53 22.99
N ALA C 217 -21.25 18.76 22.27
CA ALA C 217 -21.55 18.51 20.85
C ALA C 217 -21.82 17.04 20.50
N GLU C 218 -22.87 16.84 19.72
CA GLU C 218 -23.25 15.51 19.24
C GLU C 218 -22.45 15.05 18.02
N TYR C 219 -22.24 15.97 17.08
CA TYR C 219 -21.54 15.63 15.84
C TYR C 219 -20.24 16.40 15.68
N LEU C 220 -19.15 15.69 15.44
CA LEU C 220 -17.91 16.33 15.01
C LEU C 220 -17.60 15.90 13.58
N MET C 221 -17.73 16.83 12.64
CA MET C 221 -17.64 16.49 11.23
C MET C 221 -16.55 17.27 10.50
N GLY C 222 -16.11 16.78 9.35
CA GLY C 222 -15.16 17.56 8.57
C GLY C 222 -14.55 16.90 7.35
N SER C 223 -13.53 17.56 6.79
CA SER C 223 -12.77 17.01 5.68
C SER C 223 -11.40 16.58 6.18
N THR C 224 -10.85 15.53 5.57
CA THR C 224 -9.67 14.87 6.11
C THR C 224 -8.33 15.40 5.57
N HIS C 225 -8.39 16.37 4.68
CA HIS C 225 -7.17 16.93 4.08
C HIS C 225 -6.70 18.25 4.68
N LYS C 226 -7.39 18.76 5.70
CA LYS C 226 -7.09 20.09 6.21
C LYS C 226 -6.04 20.41 7.20
N THR C 227 -6.21 20.05 8.46
CA THR C 227 -5.11 19.89 9.40
C THR C 227 -4.75 18.41 9.46
N PHE C 228 -5.74 17.57 9.22
CA PHE C 228 -5.52 16.14 9.10
C PHE C 228 -4.70 15.94 7.83
N PHE C 229 -3.53 15.33 7.94
CA PHE C 229 -2.63 15.23 6.81
C PHE C 229 -2.91 13.98 6.00
N GLY C 230 -4.01 13.31 6.33
CA GLY C 230 -4.52 12.22 5.51
C GLY C 230 -5.10 12.72 4.19
N PRO C 231 -5.71 11.81 3.42
CA PRO C 231 -6.13 12.06 2.04
C PRO C 231 -7.33 12.99 1.90
N GLN C 232 -7.72 13.18 0.64
CA GLN C 232 -8.88 13.99 0.29
C GLN C 232 -10.18 13.24 0.57
N GLY C 233 -11.11 13.90 1.25
CA GLY C 233 -12.34 13.24 1.63
C GLY C 233 -13.03 13.90 2.81
N GLY C 234 -13.82 13.11 3.52
CA GLY C 234 -14.54 13.60 4.69
C GLY C 234 -14.75 12.54 5.75
N VAL C 235 -15.18 12.97 6.93
CA VAL C 235 -15.47 12.05 8.03
C VAL C 235 -16.55 12.62 8.94
N ILE C 236 -17.36 11.73 9.51
CA ILE C 236 -18.41 12.10 10.45
C ILE C 236 -18.29 11.32 11.76
N LEU C 237 -18.00 12.01 12.85
CA LEU C 237 -17.85 11.37 14.15
C LEU C 237 -19.04 11.69 15.06
N THR C 238 -19.58 10.69 15.73
CA THR C 238 -20.71 10.92 16.64
C THR C 238 -20.95 9.77 17.61
N THR C 239 -21.96 9.92 18.45
CA THR C 239 -22.32 8.87 19.41
C THR C 239 -22.97 7.69 18.71
N LYS C 240 -22.98 6.53 19.35
CA LYS C 240 -23.55 5.33 18.73
C LYS C 240 -25.07 5.39 18.66
N GLU C 241 -25.66 6.38 19.32
CA GLU C 241 -27.09 6.65 19.15
C GLU C 241 -27.35 7.04 17.71
N ASN C 242 -26.56 8.00 17.22
CA ASN C 242 -26.71 8.54 15.88
C ASN C 242 -26.24 7.58 14.80
N ALA C 243 -25.63 6.48 15.21
CA ALA C 243 -24.99 5.53 14.30
C ALA C 243 -25.89 5.15 13.13
N ASP C 244 -26.98 4.45 13.41
CA ASP C 244 -27.91 4.02 12.38
C ASP C 244 -28.49 5.22 11.63
N LYS C 245 -28.73 6.31 12.35
CA LYS C 245 -29.32 7.50 11.76
C LYS C 245 -28.41 8.12 10.72
N ILE C 246 -27.17 8.39 11.10
CA ILE C 246 -26.24 9.03 10.17
C ILE C 246 -25.86 8.05 9.06
N ASP C 247 -25.58 6.80 9.40
CA ASP C 247 -25.17 5.81 8.42
C ASP C 247 -26.26 5.54 7.40
N SER C 248 -27.51 5.70 7.82
CA SER C 248 -28.63 5.62 6.89
C SER C 248 -28.79 6.94 6.13
N HIS C 249 -28.30 8.03 6.71
CA HIS C 249 -28.41 9.32 6.03
C HIS C 249 -27.15 9.71 5.27
N VAL C 250 -26.11 8.89 5.36
CA VAL C 250 -24.99 9.02 4.44
C VAL C 250 -24.80 7.68 3.74
N PHE C 251 -24.86 7.70 2.42
CA PHE C 251 -25.14 6.50 1.65
C PHE C 251 -26.36 5.68 2.07
N PRO C 252 -27.57 6.17 1.77
CA PRO C 252 -28.01 6.89 0.57
C PRO C 252 -27.41 8.26 0.21
N GLY C 253 -27.10 9.10 1.20
CA GLY C 253 -26.51 10.40 0.93
C GLY C 253 -27.13 11.09 -0.27
N HIS C 259 -15.47 5.57 -3.78
CA HIS C 259 -14.23 6.22 -3.32
C HIS C 259 -13.58 5.42 -2.20
N LEU C 260 -13.27 4.15 -2.46
CA LEU C 260 -12.71 3.28 -1.44
C LEU C 260 -11.18 3.36 -1.34
N HIS C 261 -10.54 3.93 -2.36
CA HIS C 261 -9.10 4.12 -2.34
C HIS C 261 -8.73 5.24 -1.36
N HIS C 262 -9.64 6.19 -1.25
CA HIS C 262 -9.48 7.31 -0.33
C HIS C 262 -9.55 6.83 1.13
N LYS C 263 -10.48 5.92 1.41
CA LYS C 263 -10.60 5.34 2.74
C LYS C 263 -9.40 4.43 3.00
N ALA C 264 -8.93 3.77 1.94
CA ALA C 264 -7.71 2.99 2.01
C ALA C 264 -6.55 3.85 2.48
N GLY C 265 -6.48 5.07 1.94
CA GLY C 265 -5.48 6.03 2.38
C GLY C 265 -5.77 6.53 3.78
N LEU C 266 -7.05 6.55 4.13
CA LEU C 266 -7.50 7.07 5.41
C LEU C 266 -7.12 6.13 6.53
N ALA C 267 -6.88 4.86 6.20
CA ALA C 267 -6.41 3.90 7.19
C ALA C 267 -5.01 4.31 7.70
N ILE C 268 -4.08 4.48 6.77
CA ILE C 268 -2.74 4.94 7.09
C ILE C 268 -2.79 6.29 7.76
N ALA C 269 -3.61 7.18 7.19
CA ALA C 269 -3.82 8.51 7.72
C ALA C 269 -4.15 8.47 9.20
N LEU C 270 -5.14 7.65 9.52
CA LEU C 270 -5.60 7.50 10.89
C LEU C 270 -4.53 6.88 11.77
N ALA C 271 -3.69 6.03 11.19
CA ALA C 271 -2.60 5.40 11.94
C ALA C 271 -1.51 6.40 12.31
N GLU C 272 -1.01 7.12 11.31
CA GLU C 272 0.08 8.07 11.51
C GLU C 272 -0.37 9.26 12.34
N MET C 273 -1.64 9.63 12.22
CA MET C 273 -2.21 10.66 13.08
C MET C 273 -2.48 10.09 14.47
N LEU C 274 -2.65 8.78 14.54
CA LEU C 274 -2.89 8.13 15.83
C LEU C 274 -1.64 8.18 16.67
N GLU C 275 -0.52 7.79 16.06
CA GLU C 275 0.75 7.82 16.77
C GLU C 275 1.31 9.24 16.92
N PHE C 276 1.40 9.95 15.80
CA PHE C 276 2.10 11.23 15.76
C PHE C 276 1.21 12.47 15.89
N GLY C 277 -0.09 12.27 16.10
CA GLY C 277 -1.03 13.37 16.14
C GLY C 277 -0.77 14.46 17.19
N GLU C 278 -0.41 14.05 18.40
CA GLU C 278 -0.16 15.00 19.47
C GLU C 278 1.04 15.89 19.16
N ALA C 279 2.16 15.26 18.80
CA ALA C 279 3.36 16.00 18.42
C ALA C 279 3.08 16.91 17.24
N TYR C 280 2.36 16.38 16.26
CA TYR C 280 1.98 17.14 15.08
C TYR C 280 1.23 18.41 15.46
N ALA C 281 0.06 18.25 16.06
CA ALA C 281 -0.78 19.39 16.44
C ALA C 281 -0.04 20.38 17.33
N LYS C 282 0.73 19.87 18.28
CA LYS C 282 1.49 20.71 19.19
C LYS C 282 2.48 21.59 18.43
N GLN C 283 3.34 20.95 17.64
CA GLN C 283 4.35 21.66 16.86
C GLN C 283 3.70 22.65 15.89
N VAL C 284 2.62 22.22 15.25
CA VAL C 284 1.85 23.07 14.33
C VAL C 284 1.39 24.36 15.01
N ILE C 285 0.75 24.21 16.17
CA ILE C 285 0.19 25.35 16.88
C ILE C 285 1.28 26.29 17.39
N LYS C 286 2.33 25.72 18.00
CA LYS C 286 3.45 26.53 18.46
C LYS C 286 4.05 27.32 17.30
N ASN C 287 4.16 26.63 16.16
CA ASN C 287 4.63 27.23 14.93
C ASN C 287 3.78 28.43 14.51
N ALA C 288 2.48 28.22 14.36
CA ALA C 288 1.57 29.30 14.00
C ALA C 288 1.66 30.47 14.98
N LYS C 289 1.91 30.15 16.25
CA LYS C 289 1.95 31.17 17.30
C LYS C 289 3.18 32.07 17.16
N ALA C 290 4.37 31.50 17.33
CA ALA C 290 5.58 32.31 17.29
C ALA C 290 5.87 32.82 15.86
N LEU C 291 5.25 32.20 14.86
CA LEU C 291 5.32 32.73 13.50
C LEU C 291 4.46 33.98 13.36
N ALA C 292 3.23 33.92 13.88
CA ALA C 292 2.38 35.08 13.86
C ALA C 292 3.01 36.22 14.65
N GLN C 293 3.78 35.84 15.68
CA GLN C 293 4.60 36.81 16.41
C GLN C 293 5.69 37.39 15.52
N ALA C 294 6.37 36.51 14.78
CA ALA C 294 7.47 36.92 13.92
C ALA C 294 7.00 37.81 12.77
N LEU C 295 5.75 37.66 12.38
CA LEU C 295 5.15 38.53 11.37
C LEU C 295 4.70 39.85 12.00
N TYR C 296 4.16 39.76 13.21
CA TYR C 296 3.67 40.94 13.90
C TYR C 296 4.79 41.92 14.23
N GLU C 297 5.94 41.38 14.60
CA GLU C 297 7.09 42.22 14.94
C GLU C 297 7.65 42.95 13.72
N ARG C 298 7.24 42.50 12.53
CA ARG C 298 7.63 43.16 11.29
C ARG C 298 6.74 44.35 11.00
N GLY C 299 5.61 44.43 11.71
CA GLY C 299 4.63 45.48 11.48
C GLY C 299 3.37 44.98 10.81
N PHE C 300 3.37 43.72 10.38
CA PHE C 300 2.16 43.09 9.88
C PHE C 300 1.10 43.15 10.96
N ASN C 301 -0.13 43.51 10.59
CA ASN C 301 -1.18 43.62 11.58
C ASN C 301 -1.93 42.30 11.69
N VAL C 302 -1.70 41.60 12.80
CA VAL C 302 -2.23 40.26 12.97
C VAL C 302 -3.38 40.29 13.96
N LEU C 303 -4.48 39.63 13.60
CA LEU C 303 -5.69 39.68 14.41
C LEU C 303 -5.52 38.96 15.75
N CYS C 304 -6.36 39.31 16.72
CA CYS C 304 -6.24 38.87 18.11
C CYS C 304 -4.88 39.26 18.67
N GLU C 305 -4.71 40.56 18.88
CA GLU C 305 -3.46 41.12 19.40
C GLU C 305 -3.12 40.56 20.77
N HIS C 306 -4.06 40.67 21.70
CA HIS C 306 -3.82 40.25 23.09
C HIS C 306 -3.96 38.75 23.33
N LYS C 307 -4.85 38.06 22.61
CA LYS C 307 -4.89 36.61 22.79
C LYS C 307 -3.98 35.95 21.77
N ASP C 308 -2.80 35.56 22.24
CA ASP C 308 -1.73 35.06 21.38
C ASP C 308 -1.55 35.89 20.12
N PHE C 309 -1.53 35.24 18.95
CA PHE C 309 -2.22 35.68 17.76
C PHE C 309 -3.26 34.65 17.29
N THR C 310 -3.25 33.48 17.94
CA THR C 310 -4.16 32.38 17.63
C THR C 310 -3.86 31.16 18.50
N GLU C 311 -4.83 30.28 18.66
CA GLU C 311 -4.58 28.96 19.21
C GLU C 311 -4.56 27.87 18.13
N SER C 312 -4.83 28.26 16.89
CA SER C 312 -4.90 27.32 15.77
C SER C 312 -3.69 27.44 14.84
N HIS C 313 -3.72 26.67 13.75
CA HIS C 313 -2.69 26.76 12.73
C HIS C 313 -2.86 28.02 11.88
N GLN C 314 -4.02 28.65 12.00
CA GLN C 314 -4.37 29.80 11.16
C GLN C 314 -3.79 31.11 11.63
N VAL C 315 -3.43 31.96 10.67
CA VAL C 315 -3.01 33.33 10.94
C VAL C 315 -3.70 34.27 9.95
N ILE C 316 -4.15 35.43 10.43
CA ILE C 316 -4.83 36.41 9.57
C ILE C 316 -4.27 37.81 9.78
N ILE C 317 -4.19 38.60 8.71
CA ILE C 317 -3.59 39.92 8.77
C ILE C 317 -4.41 41.01 8.09
N ASP C 318 -4.58 42.15 8.76
CA ASP C 318 -5.28 43.30 8.18
C ASP C 318 -4.28 44.22 7.51
N ILE C 319 -4.33 44.26 6.19
CA ILE C 319 -3.32 44.95 5.37
C ILE C 319 -3.51 46.45 5.18
N GLU C 320 -4.72 46.87 4.85
CA GLU C 320 -4.94 48.26 4.45
C GLU C 320 -4.95 49.20 5.64
N SER C 321 -5.20 48.64 6.82
CA SER C 321 -5.10 49.43 8.05
C SER C 321 -3.62 49.59 8.40
N SER C 322 -2.88 48.50 8.27
CA SER C 322 -1.44 48.50 8.55
C SER C 322 -0.69 49.38 7.55
N PRO C 323 -0.05 50.44 8.06
CA PRO C 323 0.52 51.54 7.27
C PRO C 323 1.61 51.14 6.28
N ASP C 324 2.59 50.36 6.72
CA ASP C 324 3.81 50.16 5.95
C ASP C 324 3.70 49.08 4.87
N ILE C 325 2.57 48.37 4.85
CA ILE C 325 2.37 47.36 3.83
C ILE C 325 2.02 48.03 2.50
N GLU C 326 0.89 48.74 2.49
CA GLU C 326 0.49 49.56 1.35
C GLU C 326 0.23 48.74 0.07
N PHE C 327 -0.56 47.69 0.20
CA PHE C 327 -1.04 46.93 -0.95
C PHE C 327 -2.46 46.42 -0.72
N SER C 328 -3.15 46.06 -1.80
CA SER C 328 -4.44 45.39 -1.67
C SER C 328 -4.22 43.90 -1.43
N ALA C 329 -5.02 43.33 -0.54
CA ALA C 329 -4.89 41.92 -0.19
C ALA C 329 -4.91 41.03 -1.42
N SER C 330 -5.79 41.39 -2.36
CA SER C 330 -5.84 40.72 -3.65
C SER C 330 -4.49 40.73 -4.32
N GLU C 331 -4.03 41.93 -4.67
CA GLU C 331 -2.77 42.07 -5.41
C GLU C 331 -1.57 41.64 -4.59
N LEU C 332 -1.63 41.80 -3.27
CA LEU C 332 -0.50 41.45 -2.41
C LEU C 332 -0.32 39.94 -2.32
N ALA C 333 -1.41 39.23 -2.01
CA ALA C 333 -1.38 37.78 -2.01
C ALA C 333 -1.00 37.27 -3.39
N LYS C 334 -1.59 37.87 -4.43
CA LYS C 334 -1.29 37.52 -5.81
C LYS C 334 0.18 37.72 -6.13
N MET C 335 0.84 38.63 -5.42
CA MET C 335 2.27 38.85 -5.56
C MET C 335 3.05 37.76 -4.84
N TYR C 336 2.61 37.39 -3.65
CA TYR C 336 3.25 36.31 -2.90
C TYR C 336 3.22 35.00 -3.68
N GLU C 337 2.08 34.72 -4.31
CA GLU C 337 1.92 33.53 -5.15
C GLU C 337 3.01 33.44 -6.21
N GLU C 338 3.28 34.57 -6.86
CA GLU C 338 4.25 34.62 -7.94
C GLU C 338 5.64 34.94 -7.42
N ALA C 339 5.72 35.18 -6.12
CA ALA C 339 7.00 35.26 -5.42
C ALA C 339 7.30 33.88 -4.83
N ASN C 340 6.45 32.92 -5.18
CA ASN C 340 6.51 31.55 -4.65
C ASN C 340 6.23 31.48 -3.15
N ILE C 341 5.23 32.23 -2.72
CA ILE C 341 4.66 32.05 -1.39
C ILE C 341 3.15 31.89 -1.55
N ILE C 342 2.65 30.69 -1.26
CA ILE C 342 1.27 30.38 -1.60
C ILE C 342 0.30 30.86 -0.53
N LEU C 343 -0.65 31.70 -0.94
CA LEU C 343 -1.62 32.29 -0.02
C LEU C 343 -3.01 32.34 -0.63
N ASN C 344 -3.94 32.97 0.08
CA ASN C 344 -5.23 33.32 -0.48
C ASN C 344 -5.78 34.60 0.15
N LYS C 345 -6.39 35.45 -0.66
CA LYS C 345 -7.01 36.67 -0.17
C LYS C 345 -8.26 36.34 0.63
N ASN C 346 -8.33 36.83 1.87
CA ASN C 346 -9.41 36.45 2.77
C ASN C 346 -10.23 37.62 3.27
N LEU C 347 -11.54 37.38 3.45
CA LEU C 347 -12.46 38.39 3.95
C LEU C 347 -12.38 38.53 5.47
N LEU C 348 -12.73 39.72 5.96
CA LEU C 348 -12.74 39.98 7.39
C LEU C 348 -14.12 40.53 7.80
N PRO C 349 -14.48 40.39 9.09
CA PRO C 349 -15.78 40.88 9.58
C PRO C 349 -16.08 42.34 9.24
N TRP C 350 -15.04 43.16 9.04
CA TRP C 350 -15.23 44.57 8.71
C TRP C 350 -15.19 44.86 7.21
N ASP C 351 -15.09 43.81 6.39
CA ASP C 351 -15.10 43.97 4.94
C ASP C 351 -16.47 44.43 4.43
N ASP C 352 -16.49 44.96 3.22
CA ASP C 352 -17.72 45.43 2.58
C ASP C 352 -18.54 44.25 2.09
N VAL C 353 -19.57 44.53 1.28
CA VAL C 353 -20.48 43.50 0.81
C VAL C 353 -19.71 42.31 0.24
N ASN C 354 -20.03 41.11 0.70
CA ASN C 354 -19.12 40.00 0.42
C ASN C 354 -19.58 39.04 -0.67
N ASN C 355 -19.07 39.29 -1.87
CA ASN C 355 -18.78 38.28 -2.88
C ASN C 355 -17.27 38.12 -2.95
N SER C 356 -16.60 38.85 -2.06
CA SER C 356 -15.40 39.62 -2.41
C SER C 356 -14.33 38.91 -3.23
N ASP C 357 -14.00 39.53 -4.35
CA ASP C 357 -12.82 39.22 -5.14
C ASP C 357 -11.71 40.15 -4.68
N ASN C 358 -12.10 41.11 -3.84
CA ASN C 358 -11.19 42.09 -3.29
C ASN C 358 -11.42 42.31 -1.80
N PRO C 359 -10.97 41.34 -0.97
CA PRO C 359 -11.16 41.41 0.49
C PRO C 359 -10.01 42.10 1.22
N SER C 360 -10.13 42.22 2.54
CA SER C 360 -9.14 42.91 3.37
C SER C 360 -7.94 42.06 3.79
N GLY C 361 -8.17 40.83 4.20
CA GLY C 361 -7.14 40.04 4.87
C GLY C 361 -6.51 38.89 4.12
N ILE C 362 -5.73 38.07 4.84
CA ILE C 362 -5.03 36.93 4.28
C ILE C 362 -5.14 35.71 5.20
N ARG C 363 -5.42 34.55 4.61
CA ARG C 363 -5.51 33.31 5.39
C ARG C 363 -4.23 32.49 5.28
N LEU C 364 -3.59 32.21 6.42
CA LEU C 364 -2.37 31.41 6.44
C LEU C 364 -2.49 30.22 7.37
N GLY C 365 -1.74 29.16 7.08
CA GLY C 365 -1.61 28.04 8.00
C GLY C 365 -0.31 27.29 7.81
N THR C 366 0.17 26.69 8.90
CA THR C 366 1.48 26.04 8.91
C THR C 366 1.41 24.52 8.78
N GLN C 367 0.20 23.98 8.71
CA GLN C 367 -0.01 22.54 8.88
C GLN C 367 0.74 21.66 7.87
N GLU C 368 0.97 22.18 6.66
CA GLU C 368 1.73 21.40 5.69
C GLU C 368 3.22 21.43 5.98
N CYS C 369 3.73 22.63 6.28
CA CYS C 369 5.15 22.83 6.53
C CYS C 369 5.67 21.94 7.66
N THR C 370 4.89 21.86 8.73
CA THR C 370 5.25 21.08 9.92
C THR C 370 5.55 19.62 9.56
N ARG C 371 4.88 19.12 8.53
CA ARG C 371 5.11 17.76 8.04
C ARG C 371 6.46 17.64 7.33
N LEU C 372 6.90 18.73 6.73
CA LEU C 372 8.10 18.72 5.89
C LEU C 372 9.39 18.72 6.71
N GLY C 373 9.24 18.93 8.02
CA GLY C 373 10.40 19.09 8.88
C GLY C 373 10.59 20.54 9.25
N MET C 374 9.74 21.40 8.69
CA MET C 374 9.71 22.80 9.09
C MET C 374 9.36 22.89 10.57
N LYS C 375 10.18 23.60 11.32
CA LYS C 375 10.04 23.64 12.76
C LYS C 375 9.95 25.07 13.26
N GLU C 376 10.02 25.21 14.59
CA GLU C 376 9.88 26.49 15.26
C GLU C 376 10.68 27.63 14.65
N LYS C 377 12.02 27.54 14.67
CA LYS C 377 12.91 28.63 14.26
C LYS C 377 12.45 29.36 12.98
N GLU C 378 11.91 28.58 12.06
CA GLU C 378 11.53 29.06 10.74
C GLU C 378 10.52 30.20 10.77
N MET C 379 9.96 30.50 11.95
CA MET C 379 9.12 31.70 12.10
C MET C 379 9.83 32.87 11.46
N GLU C 380 11.11 33.04 11.79
CA GLU C 380 11.81 34.22 11.31
C GLU C 380 12.02 34.14 9.80
N GLU C 381 12.20 32.92 9.30
CA GLU C 381 12.46 32.73 7.87
C GLU C 381 11.33 33.29 7.01
N ILE C 382 10.17 32.63 7.06
CA ILE C 382 9.01 33.07 6.28
C ILE C 382 8.68 34.55 6.52
N ALA C 383 8.59 34.93 7.80
CA ALA C 383 8.26 36.31 8.17
C ALA C 383 9.25 37.30 7.57
N GLU C 384 10.47 36.86 7.32
CA GLU C 384 11.47 37.72 6.69
C GLU C 384 11.08 37.95 5.22
N PHE C 385 10.78 36.86 4.53
CA PHE C 385 10.47 36.94 3.10
C PHE C 385 9.29 37.87 2.83
N MET C 386 8.27 37.78 3.68
CA MET C 386 7.13 38.68 3.57
C MET C 386 7.55 40.10 3.88
N LYS C 387 8.36 40.25 4.94
CA LYS C 387 8.84 41.55 5.40
C LYS C 387 9.44 42.34 4.24
N ARG C 388 10.53 41.84 3.67
CA ARG C 388 11.21 42.50 2.57
C ARG C 388 10.24 42.78 1.42
N ILE C 389 9.24 41.92 1.26
CA ILE C 389 8.25 42.11 0.22
C ILE C 389 7.22 43.19 0.60
N ALA C 390 6.77 43.15 1.85
CA ALA C 390 5.68 44.02 2.27
C ALA C 390 6.17 45.40 2.68
N ILE C 391 6.94 45.46 3.77
CA ILE C 391 7.39 46.74 4.30
C ILE C 391 8.55 47.32 3.51
N ASP C 392 9.54 46.48 3.20
CA ASP C 392 10.71 46.94 2.46
C ASP C 392 10.46 47.03 0.96
N LYS C 393 9.39 46.38 0.50
CA LYS C 393 8.99 46.39 -0.90
C LYS C 393 10.12 45.86 -1.81
N GLU C 394 10.37 44.55 -1.71
CA GLU C 394 11.38 43.90 -2.54
C GLU C 394 10.81 43.48 -3.88
N LYS C 395 11.61 42.75 -4.65
CA LYS C 395 11.18 42.26 -5.96
C LYS C 395 10.84 40.77 -5.90
N PRO C 396 9.60 40.42 -6.23
CA PRO C 396 9.13 39.04 -6.17
C PRO C 396 9.94 38.10 -7.05
N GLU C 397 10.18 38.53 -8.28
CA GLU C 397 10.91 37.74 -9.27
C GLU C 397 12.34 37.47 -8.80
N LYS C 398 12.92 38.44 -8.10
CA LYS C 398 14.31 38.31 -7.65
C LYS C 398 14.45 37.45 -6.40
N VAL C 399 13.42 37.44 -5.56
CA VAL C 399 13.47 36.65 -4.34
C VAL C 399 12.87 35.26 -4.51
N ARG C 400 12.29 35.03 -5.70
CA ARG C 400 11.62 33.77 -5.97
C ARG C 400 12.62 32.61 -5.97
N GLU C 401 13.87 32.90 -6.34
CA GLU C 401 14.92 31.88 -6.33
C GLU C 401 15.42 31.65 -4.89
N ASP C 402 15.40 32.72 -4.09
CA ASP C 402 15.74 32.62 -2.69
C ASP C 402 14.78 31.67 -1.99
N VAL C 403 13.49 31.90 -2.19
CA VAL C 403 12.49 31.04 -1.58
C VAL C 403 12.44 29.68 -2.28
N LYS C 404 12.94 29.61 -3.51
CA LYS C 404 13.15 28.31 -4.16
C LYS C 404 14.10 27.46 -3.33
N GLU C 405 15.28 28.02 -3.09
CA GLU C 405 16.32 27.31 -2.37
C GLU C 405 15.95 27.07 -0.92
N PHE C 406 15.12 27.95 -0.36
CA PHE C 406 14.61 27.74 0.99
C PHE C 406 13.64 26.56 1.02
N ALA C 407 12.75 26.53 0.04
CA ALA C 407 11.70 25.51 -0.02
C ALA C 407 12.25 24.13 -0.29
N LYS C 408 13.27 24.04 -1.14
CA LYS C 408 13.90 22.76 -1.43
C LYS C 408 14.42 22.09 -0.16
N GLU C 409 14.93 22.92 0.76
CA GLU C 409 15.56 22.44 1.97
C GLU C 409 14.62 21.57 2.81
N TYR C 410 13.33 21.85 2.73
CA TYR C 410 12.35 21.01 3.40
C TYR C 410 11.62 20.15 2.38
N SER C 411 11.94 18.87 2.39
CA SER C 411 11.46 17.93 1.39
C SER C 411 10.88 16.68 2.05
N THR C 412 11.73 15.98 2.80
CA THR C 412 11.34 14.74 3.46
C THR C 412 10.10 14.90 4.33
N ILE C 413 9.11 14.04 4.08
CA ILE C 413 7.87 14.05 4.84
C ILE C 413 8.11 13.42 6.21
N HIS C 414 7.51 13.99 7.25
CA HIS C 414 7.69 13.51 8.61
C HIS C 414 6.37 13.17 9.28
N TYR C 415 6.44 12.85 10.57
CA TYR C 415 5.27 12.49 11.37
C TYR C 415 4.52 11.31 10.77
N SER C 416 5.26 10.37 10.19
CA SER C 416 4.68 9.15 9.65
C SER C 416 5.61 7.97 9.91
N PHE C 417 5.25 6.82 9.37
CA PHE C 417 6.08 5.63 9.47
C PHE C 417 6.95 5.50 8.21
N ASP C 418 6.81 6.48 7.33
CA ASP C 418 7.55 6.51 6.06
C ASP C 418 8.10 7.91 5.80
N GLU C 419 9.38 7.99 5.49
CA GLU C 419 10.02 9.29 5.27
C GLU C 419 10.69 9.36 3.91
N GLY C 420 10.49 10.48 3.21
CA GLY C 420 11.10 10.70 1.92
C GLY C 420 10.59 11.97 1.29
N ASP C 421 11.20 12.39 0.18
CA ASP C 421 10.72 13.57 -0.53
C ASP C 421 9.29 13.34 -1.01
N GLY C 422 8.39 14.23 -0.61
CA GLY C 422 6.98 14.06 -0.90
C GLY C 422 6.61 14.56 -2.27
N PHE C 423 7.51 15.31 -2.90
CA PHE C 423 7.24 15.93 -4.19
C PHE C 423 7.77 15.10 -5.36
N LYS C 424 8.35 13.94 -5.06
CA LYS C 424 8.87 13.10 -6.12
C LYS C 424 7.71 12.49 -6.92
N TYR C 425 7.71 12.74 -8.22
CA TYR C 425 6.67 12.21 -9.09
C TYR C 425 6.99 10.77 -9.45
N LEU C 426 6.11 9.84 -9.10
CA LEU C 426 6.25 8.47 -9.55
C LEU C 426 5.65 8.35 -10.94
N ARG C 427 6.46 7.89 -11.88
CA ARG C 427 5.97 7.61 -13.21
C ARG C 427 5.57 6.15 -13.23
N PHE C 428 4.25 5.92 -13.32
CA PHE C 428 3.69 4.58 -13.20
C PHE C 428 3.94 3.80 -14.48
N TYR C 429 4.24 4.51 -15.56
CA TYR C 429 4.58 3.89 -16.83
C TYR C 429 5.61 4.74 -17.56
N GLU D 2 -0.78 -2.49 16.49
CA GLU D 2 0.20 -1.42 16.51
C GLU D 2 -0.05 -0.44 15.37
N TYR D 3 0.07 0.85 15.68
CA TYR D 3 -0.11 1.89 14.68
C TYR D 3 1.05 1.80 13.69
N SER D 4 2.20 1.40 14.19
CA SER D 4 3.37 1.18 13.36
C SER D 4 3.13 -0.02 12.45
N ASP D 5 2.29 -0.94 12.91
CA ASP D 5 1.97 -2.14 12.15
C ASP D 5 0.95 -1.84 11.04
N VAL D 6 0.26 -0.72 11.14
CA VAL D 6 -0.84 -0.43 10.21
C VAL D 6 -0.40 -0.20 8.74
N PRO D 7 0.64 0.62 8.49
CA PRO D 7 1.02 0.77 7.08
C PRO D 7 1.45 -0.55 6.44
N LYS D 8 2.09 -1.41 7.24
CA LYS D 8 2.39 -2.77 6.81
C LYS D 8 1.11 -3.50 6.45
N PHE D 9 0.09 -3.36 7.29
CA PHE D 9 -1.18 -4.04 7.06
C PHE D 9 -1.86 -3.60 5.78
N ILE D 10 -2.02 -2.28 5.62
CA ILE D 10 -2.69 -1.75 4.45
C ILE D 10 -1.89 -2.11 3.19
N ARG D 11 -0.57 -2.15 3.31
CA ARG D 11 0.29 -2.54 2.19
C ARG D 11 0.00 -3.99 1.81
N ASP D 12 -0.11 -4.84 2.82
CA ASP D 12 -0.30 -6.28 2.63
C ASP D 12 -1.69 -6.61 2.09
N VAL D 13 -2.71 -5.89 2.53
CA VAL D 13 -4.06 -6.14 2.04
C VAL D 13 -4.30 -5.43 0.71
N SER D 14 -3.44 -4.46 0.40
CA SER D 14 -3.51 -3.81 -0.90
C SER D 14 -2.87 -4.71 -1.96
N ILE D 15 -1.74 -5.31 -1.61
CA ILE D 15 -1.07 -6.23 -2.53
C ILE D 15 -1.77 -7.58 -2.58
N LYS D 16 -2.49 -7.93 -1.51
CA LYS D 16 -3.32 -9.13 -1.56
C LYS D 16 -4.60 -8.82 -2.32
N GLN D 17 -5.00 -7.55 -2.29
CA GLN D 17 -6.13 -7.12 -3.11
C GLN D 17 -5.74 -7.18 -4.57
N HIS D 18 -4.52 -6.78 -4.89
CA HIS D 18 -4.04 -6.84 -6.27
C HIS D 18 -3.79 -8.27 -6.70
N GLU D 19 -3.34 -9.10 -5.77
CA GLU D 19 -3.10 -10.52 -6.03
C GLU D 19 -4.42 -11.23 -6.35
N TRP D 20 -5.46 -10.87 -5.61
CA TRP D 20 -6.77 -11.47 -5.79
C TRP D 20 -7.45 -10.94 -7.05
N MET D 21 -7.35 -9.63 -7.26
CA MET D 21 -8.03 -8.94 -8.34
C MET D 21 -7.42 -9.24 -9.70
N ARG D 22 -6.09 -9.40 -9.72
CA ARG D 22 -5.37 -9.70 -10.95
C ARG D 22 -5.95 -10.93 -11.63
N GLU D 23 -6.11 -11.99 -10.83
CA GLU D 23 -6.57 -13.27 -11.33
C GLU D 23 -8.09 -13.31 -11.53
N SER D 24 -8.83 -12.66 -10.63
CA SER D 24 -10.29 -12.71 -10.66
C SER D 24 -10.90 -11.88 -11.79
N ILE D 25 -12.15 -12.18 -12.12
CA ILE D 25 -12.86 -11.42 -13.14
C ILE D 25 -13.83 -10.44 -12.48
N LYS D 26 -13.99 -9.27 -13.09
CA LYS D 26 -14.86 -8.23 -12.53
C LYS D 26 -16.07 -7.97 -13.43
N LEU D 27 -17.23 -8.42 -12.98
CA LEU D 27 -18.47 -8.24 -13.74
C LEU D 27 -19.32 -7.07 -13.22
N ILE D 28 -18.86 -6.38 -12.18
CA ILE D 28 -19.63 -5.27 -11.63
C ILE D 28 -19.74 -4.12 -12.63
N ALA D 29 -20.97 -3.73 -12.93
CA ALA D 29 -21.22 -2.70 -13.93
C ALA D 29 -20.82 -1.30 -13.44
N SER D 30 -20.86 -1.09 -12.13
CA SER D 30 -20.61 0.24 -11.58
C SER D 30 -19.12 0.52 -11.42
N GLU D 31 -18.28 -0.46 -11.72
CA GLU D 31 -16.84 -0.24 -11.64
C GLU D 31 -16.13 -0.71 -12.91
N ASN D 32 -15.04 -0.02 -13.23
CA ASN D 32 -14.31 -0.24 -14.48
C ASN D 32 -12.83 0.07 -14.25
N ILE D 33 -11.95 -0.63 -14.95
CA ILE D 33 -10.52 -0.48 -14.70
C ILE D 33 -9.95 0.71 -15.49
N THR D 34 -8.68 0.99 -15.29
CA THR D 34 -8.09 2.25 -15.74
C THR D 34 -6.61 2.10 -16.08
N SER D 35 -6.16 2.78 -17.13
CA SER D 35 -4.74 2.77 -17.51
C SER D 35 -3.85 3.42 -16.45
N LEU D 36 -2.61 2.97 -16.38
CA LEU D 36 -1.67 3.49 -15.39
C LEU D 36 -1.34 4.96 -15.63
N ALA D 37 -1.53 5.42 -16.86
CA ALA D 37 -1.35 6.83 -17.19
C ALA D 37 -2.33 7.67 -16.39
N VAL D 38 -3.59 7.24 -16.39
CA VAL D 38 -4.64 7.92 -15.66
C VAL D 38 -4.44 7.74 -14.15
N ARG D 39 -3.99 6.56 -13.75
CA ARG D 39 -3.74 6.26 -12.34
C ARG D 39 -2.54 7.02 -11.79
N GLU D 40 -1.73 7.60 -12.68
CA GLU D 40 -0.58 8.39 -12.27
C GLU D 40 -0.98 9.62 -11.44
N ALA D 41 -1.89 10.41 -12.00
CA ALA D 41 -2.24 11.70 -11.42
C ALA D 41 -2.85 11.61 -10.03
N CYS D 42 -3.48 10.48 -9.72
CA CYS D 42 -4.17 10.31 -8.44
C CYS D 42 -3.20 10.18 -7.28
N ALA D 43 -1.94 9.92 -7.59
CA ALA D 43 -0.90 9.81 -6.57
C ALA D 43 -0.14 11.13 -6.39
N THR D 44 -0.57 12.17 -7.12
CA THR D 44 0.18 13.41 -7.20
C THR D 44 -0.08 14.40 -6.08
N ASP D 45 0.65 15.51 -6.13
CA ASP D 45 0.57 16.58 -5.14
C ASP D 45 -0.75 17.33 -5.26
N PHE D 46 -1.38 17.17 -6.41
CA PHE D 46 -2.68 17.77 -6.71
C PHE D 46 -3.72 17.52 -5.62
N MET D 47 -3.71 16.30 -5.08
CA MET D 47 -4.68 15.91 -4.06
C MET D 47 -4.65 16.83 -2.85
N HIS D 48 -3.52 17.49 -2.63
CA HIS D 48 -3.38 18.46 -1.56
C HIS D 48 -3.90 19.86 -1.95
N ARG D 49 -3.64 20.25 -3.19
CA ARG D 49 -3.49 21.67 -3.55
C ARG D 49 -4.70 22.59 -3.46
N TYR D 50 -5.90 22.02 -3.40
CA TYR D 50 -7.10 22.79 -3.08
C TYR D 50 -7.35 23.99 -4.01
N ALA D 51 -7.70 23.71 -5.26
CA ALA D 51 -7.97 24.77 -6.22
C ALA D 51 -9.38 24.64 -6.80
N GLU D 52 -10.21 25.65 -6.57
CA GLU D 52 -11.58 25.66 -7.04
C GLU D 52 -11.64 26.19 -8.48
N GLY D 53 -12.83 26.18 -9.09
CA GLY D 53 -12.98 26.57 -10.49
C GLY D 53 -12.86 28.07 -10.72
N LEU D 54 -13.39 28.52 -11.85
CA LEU D 54 -13.25 29.90 -12.30
C LEU D 54 -11.77 30.29 -12.33
N PRO D 55 -11.03 29.76 -13.31
CA PRO D 55 -9.58 30.01 -13.45
C PRO D 55 -9.25 31.50 -13.56
N LEU D 59 -9.91 31.33 -6.46
CA LEU D 59 -10.26 31.95 -5.19
C LEU D 59 -9.12 31.77 -4.19
N TYR D 60 -8.36 30.71 -4.39
CA TYR D 60 -7.11 30.49 -3.65
C TYR D 60 -5.99 30.61 -4.67
N GLN D 61 -4.74 30.46 -4.24
CA GLN D 61 -3.64 30.72 -5.15
C GLN D 61 -2.58 29.63 -5.23
N GLY D 62 -1.58 29.86 -6.06
CA GLY D 62 -0.65 28.82 -6.45
C GLY D 62 -1.35 27.97 -7.50
N CYS D 63 -2.35 28.56 -8.13
CA CYS D 63 -3.25 27.84 -9.02
C CYS D 63 -2.89 27.95 -10.49
N LYS D 64 -1.82 28.67 -10.81
CA LYS D 64 -1.46 28.91 -12.22
C LYS D 64 -1.12 27.60 -12.94
N TYR D 65 -0.59 26.64 -12.19
CA TYR D 65 -0.34 25.31 -12.75
C TYR D 65 -1.58 24.43 -12.67
N ILE D 66 -2.54 24.80 -11.83
CA ILE D 66 -3.77 24.02 -11.66
C ILE D 66 -4.91 24.51 -12.55
N ASP D 67 -4.73 25.68 -13.15
CA ASP D 67 -5.75 26.24 -14.03
C ASP D 67 -5.70 25.58 -15.39
N GLU D 68 -4.50 25.16 -15.79
CA GLU D 68 -4.30 24.47 -17.06
C GLU D 68 -5.07 23.17 -17.09
N VAL D 69 -5.06 22.44 -15.97
CA VAL D 69 -5.80 21.19 -15.83
C VAL D 69 -7.29 21.42 -16.02
N GLU D 70 -7.81 22.41 -15.32
CA GLU D 70 -9.22 22.76 -15.40
C GLU D 70 -9.63 23.12 -16.82
N THR D 71 -8.96 24.11 -17.39
CA THR D 71 -9.30 24.60 -18.72
C THR D 71 -9.20 23.47 -19.75
N LEU D 72 -8.10 22.73 -19.71
CA LEU D 72 -7.91 21.59 -20.60
C LEU D 72 -9.06 20.58 -20.47
N CYS D 73 -9.48 20.33 -19.23
CA CYS D 73 -10.60 19.42 -18.98
C CYS D 73 -11.89 19.93 -19.60
N ILE D 74 -12.14 21.24 -19.45
CA ILE D 74 -13.30 21.88 -20.03
C ILE D 74 -13.32 21.74 -21.53
N GLU D 75 -12.23 22.20 -22.17
CA GLU D 75 -12.12 22.18 -23.62
C GLU D 75 -12.26 20.77 -24.15
N LEU D 76 -11.49 19.83 -23.58
CA LEU D 76 -11.48 18.45 -24.07
C LEU D 76 -12.82 17.75 -23.88
N SER D 77 -13.47 17.98 -22.74
CA SER D 77 -14.79 17.41 -22.52
C SER D 77 -15.78 18.00 -23.53
N LYS D 78 -15.59 19.27 -23.87
CA LYS D 78 -16.41 19.93 -24.87
C LYS D 78 -16.15 19.39 -26.27
N GLU D 79 -14.92 18.95 -26.51
CA GLU D 79 -14.57 18.31 -27.78
C GLU D 79 -15.30 16.99 -27.88
N LEU D 80 -15.12 16.17 -26.85
CA LEU D 80 -15.62 14.82 -26.82
C LEU D 80 -17.14 14.75 -26.87
N PHE D 81 -17.81 15.56 -26.06
CA PHE D 81 -19.27 15.49 -25.98
C PHE D 81 -19.97 16.52 -26.85
N LYS D 82 -19.20 17.38 -27.51
CA LYS D 82 -19.75 18.44 -28.37
C LYS D 82 -20.74 19.32 -27.61
N ALA D 83 -20.37 19.71 -26.39
CA ALA D 83 -21.25 20.49 -25.54
C ALA D 83 -20.97 21.98 -25.66
N GLU D 84 -22.03 22.78 -25.62
CA GLU D 84 -21.91 24.22 -25.62
C GLU D 84 -21.16 24.66 -24.38
N HIS D 85 -21.38 23.94 -23.28
CA HIS D 85 -20.66 24.18 -22.04
C HIS D 85 -20.49 22.90 -21.24
N ALA D 86 -19.33 22.77 -20.60
CA ALA D 86 -19.02 21.59 -19.81
C ALA D 86 -18.46 21.97 -18.45
N ASN D 87 -18.75 21.15 -17.45
CA ASN D 87 -18.24 21.36 -16.10
C ASN D 87 -17.65 20.07 -15.53
N VAL D 88 -16.35 20.11 -15.27
CA VAL D 88 -15.61 18.93 -14.81
C VAL D 88 -15.43 18.91 -13.30
N GLN D 89 -15.99 19.91 -12.61
CA GLN D 89 -15.81 20.07 -11.17
C GLN D 89 -16.31 18.95 -10.24
N PRO D 90 -17.48 18.34 -10.53
CA PRO D 90 -18.09 17.47 -9.50
C PRO D 90 -17.19 16.38 -8.93
N THR D 91 -17.16 16.30 -7.60
CA THR D 91 -16.33 15.34 -6.89
C THR D 91 -16.83 13.91 -7.09
N SER D 92 -18.10 13.79 -7.43
CA SER D 92 -18.67 12.48 -7.75
C SER D 92 -19.93 12.64 -8.61
N GLY D 93 -20.36 11.53 -9.19
CA GLY D 93 -21.57 11.52 -9.99
C GLY D 93 -22.79 11.92 -9.19
N VAL D 94 -22.92 11.40 -7.97
CA VAL D 94 -24.04 11.74 -7.11
C VAL D 94 -24.00 13.23 -6.74
N VAL D 95 -22.79 13.75 -6.61
CA VAL D 95 -22.59 15.16 -6.30
C VAL D 95 -22.95 16.01 -7.51
N ALA D 96 -22.60 15.53 -8.71
CA ALA D 96 -22.99 16.20 -9.94
C ALA D 96 -24.50 16.30 -10.02
N ASN D 97 -25.17 15.17 -9.81
CA ASN D 97 -26.62 15.10 -9.81
C ASN D 97 -27.22 16.07 -8.79
N LEU D 98 -26.61 16.12 -7.61
CA LEU D 98 -27.05 17.02 -6.56
C LEU D 98 -26.89 18.48 -6.96
N ALA D 99 -25.85 18.77 -7.74
CA ALA D 99 -25.58 20.12 -8.23
C ALA D 99 -26.64 20.53 -9.24
N VAL D 100 -26.99 19.61 -10.13
CA VAL D 100 -28.06 19.88 -11.09
C VAL D 100 -29.39 20.10 -10.36
N PHE D 101 -29.67 19.26 -9.36
CA PHE D 101 -30.91 19.37 -8.59
C PHE D 101 -30.99 20.71 -7.87
N PHE D 102 -29.89 21.11 -7.24
CA PHE D 102 -29.80 22.40 -6.58
C PHE D 102 -29.97 23.53 -7.60
N ALA D 103 -29.54 23.27 -8.83
CA ALA D 103 -29.62 24.27 -9.89
C ALA D 103 -31.04 24.52 -10.37
N GLU D 104 -31.74 23.45 -10.77
CA GLU D 104 -33.04 23.61 -11.42
C GLU D 104 -34.28 23.51 -10.52
N THR D 105 -34.10 23.10 -9.27
CA THR D 105 -35.27 22.79 -8.44
C THR D 105 -35.37 23.60 -7.15
N LYS D 106 -36.57 24.10 -6.88
CA LYS D 106 -36.89 24.70 -5.60
C LYS D 106 -37.33 23.57 -4.64
N PRO D 107 -37.35 23.85 -3.33
CA PRO D 107 -37.67 22.85 -2.31
C PRO D 107 -39.12 22.38 -2.35
N GLY D 108 -39.40 21.33 -3.10
CA GLY D 108 -40.76 20.90 -3.34
C GLY D 108 -41.27 20.92 -4.77
N ASP D 109 -40.44 21.37 -5.70
CA ASP D 109 -40.77 21.22 -7.12
C ASP D 109 -40.82 19.74 -7.50
N LYS D 110 -41.56 19.42 -8.57
CA LYS D 110 -41.84 18.03 -8.92
C LYS D 110 -40.86 17.44 -9.94
N LEU D 111 -40.45 16.21 -9.70
CA LEU D 111 -39.47 15.53 -10.56
C LEU D 111 -39.97 14.17 -11.01
N MET D 112 -39.88 13.90 -12.30
CA MET D 112 -40.21 12.59 -12.84
C MET D 112 -38.92 11.82 -13.12
N ALA D 113 -38.65 10.81 -12.31
CA ALA D 113 -37.40 10.06 -12.43
C ALA D 113 -37.66 8.56 -12.40
N LEU D 114 -36.75 7.80 -13.01
CA LEU D 114 -36.88 6.35 -13.08
C LEU D 114 -36.84 5.72 -11.69
N SER D 115 -37.86 4.92 -11.39
CA SER D 115 -37.99 4.26 -10.09
C SER D 115 -36.87 3.26 -9.83
N VAL D 116 -36.49 3.12 -8.56
CA VAL D 116 -35.36 2.28 -8.18
C VAL D 116 -35.56 0.79 -8.48
N PRO D 117 -36.71 0.20 -8.05
CA PRO D 117 -36.91 -1.18 -8.49
C PRO D 117 -37.05 -1.29 -10.00
N ASP D 118 -37.55 -0.21 -10.62
CA ASP D 118 -37.69 -0.15 -12.07
C ASP D 118 -36.32 -0.04 -12.75
N GLY D 119 -35.27 0.05 -11.95
CA GLY D 119 -33.92 0.13 -12.48
C GLY D 119 -33.27 1.48 -12.25
N GLY D 120 -34.04 2.44 -11.75
CA GLY D 120 -33.52 3.75 -11.43
C GLY D 120 -32.45 3.68 -10.35
N HIS D 121 -31.52 4.62 -10.40
CA HIS D 121 -30.43 4.69 -9.42
C HIS D 121 -30.89 5.41 -8.15
N ILE D 122 -30.34 4.99 -7.02
CA ILE D 122 -30.55 5.69 -5.77
C ILE D 122 -29.88 7.06 -5.88
N SER D 123 -30.28 7.98 -4.99
CA SER D 123 -29.90 9.40 -5.03
C SER D 123 -30.82 10.15 -5.99
N HIS D 124 -31.72 9.41 -6.62
CA HIS D 124 -32.80 10.02 -7.39
C HIS D 124 -34.04 10.16 -6.52
N TRP D 125 -33.96 9.71 -5.27
CA TRP D 125 -35.16 9.50 -4.48
C TRP D 125 -35.13 10.04 -3.06
N LYS D 126 -36.19 9.72 -2.32
CA LYS D 126 -36.49 10.32 -1.03
C LYS D 126 -35.48 10.01 0.08
N VAL D 127 -34.91 8.80 0.03
CA VAL D 127 -34.00 8.35 1.08
C VAL D 127 -32.63 9.01 0.93
N SER D 128 -32.48 9.74 -0.17
CA SER D 128 -31.20 10.26 -0.63
C SER D 128 -31.43 11.60 -1.29
N ALA D 129 -30.47 12.06 -2.08
CA ALA D 129 -30.60 13.30 -2.84
C ALA D 129 -31.92 13.31 -3.62
N ALA D 130 -32.52 14.50 -3.70
CA ALA D 130 -33.90 14.75 -4.13
C ALA D 130 -34.90 14.44 -3.02
N GLY D 131 -34.43 13.72 -1.99
CA GLY D 131 -35.14 13.64 -0.73
C GLY D 131 -34.39 14.58 0.19
N ILE D 132 -33.22 14.99 -0.29
CA ILE D 132 -32.42 16.02 0.37
C ILE D 132 -32.93 17.40 -0.01
N ARG D 133 -32.74 17.75 -1.29
CA ARG D 133 -33.02 19.09 -1.78
C ARG D 133 -34.46 19.55 -1.57
N GLY D 134 -35.39 19.03 -2.37
CA GLY D 134 -36.78 19.39 -2.26
C GLY D 134 -37.68 18.28 -1.78
N LEU D 135 -38.99 18.50 -1.84
CA LEU D 135 -39.92 17.40 -1.68
C LEU D 135 -41.01 17.37 -2.75
N LYS D 136 -40.88 16.42 -3.67
CA LYS D 136 -41.93 15.80 -4.48
C LYS D 136 -41.19 14.90 -5.44
N VAL D 137 -41.83 13.84 -5.92
CA VAL D 137 -41.27 12.98 -6.95
C VAL D 137 -42.38 12.30 -7.75
N ILE D 138 -42.19 12.18 -9.07
CA ILE D 138 -43.06 11.35 -9.89
C ILE D 138 -42.22 10.20 -10.43
N ASN D 139 -42.84 9.04 -10.59
CA ASN D 139 -42.12 7.89 -11.12
C ASN D 139 -42.20 7.83 -12.63
N HIS D 140 -41.49 6.86 -13.19
CA HIS D 140 -41.55 6.61 -14.63
C HIS D 140 -42.31 5.31 -14.87
N PRO D 141 -43.35 5.35 -15.72
CA PRO D 141 -43.94 4.07 -16.12
C PRO D 141 -42.90 3.24 -16.83
N PHE D 142 -42.71 1.99 -16.42
CA PHE D 142 -41.62 1.19 -16.96
C PHE D 142 -42.11 -0.17 -17.43
N ASP D 143 -41.72 -0.54 -18.65
CA ASP D 143 -42.16 -1.79 -19.27
C ASP D 143 -41.23 -2.93 -18.88
N PRO D 144 -41.75 -3.91 -18.10
CA PRO D 144 -41.02 -5.07 -17.60
C PRO D 144 -40.46 -5.96 -18.70
N GLU D 145 -40.95 -5.78 -19.93
CA GLU D 145 -40.54 -6.60 -21.05
C GLU D 145 -39.41 -5.92 -21.83
N GLU D 146 -39.71 -4.78 -22.43
CA GLU D 146 -38.69 -3.93 -23.02
C GLU D 146 -38.44 -2.78 -22.07
N MET D 147 -37.21 -2.61 -21.58
CA MET D 147 -37.04 -1.69 -20.46
C MET D 147 -36.77 -0.27 -20.91
N ASN D 148 -37.81 0.55 -20.79
CA ASN D 148 -37.74 1.98 -21.06
C ASN D 148 -38.95 2.62 -20.40
N ILE D 149 -38.92 3.94 -20.22
CA ILE D 149 -40.13 4.64 -19.80
C ILE D 149 -41.14 4.50 -20.92
N ASP D 150 -42.41 4.30 -20.56
CA ASP D 150 -43.46 4.23 -21.58
C ASP D 150 -43.41 5.50 -22.40
N ALA D 151 -43.23 5.35 -23.70
CA ALA D 151 -42.94 6.49 -24.56
C ALA D 151 -44.19 7.34 -24.79
N ASP D 152 -45.30 6.66 -25.05
CA ASP D 152 -46.54 7.32 -25.43
C ASP D 152 -47.31 7.87 -24.23
N ALA D 153 -47.19 7.20 -23.09
CA ALA D 153 -47.90 7.58 -21.87
C ALA D 153 -47.22 8.73 -21.12
N MET D 154 -45.89 8.66 -21.05
CA MET D 154 -45.11 9.60 -20.28
C MET D 154 -45.37 11.05 -20.69
N VAL D 155 -45.44 11.30 -21.98
CA VAL D 155 -45.69 12.65 -22.50
C VAL D 155 -47.03 13.18 -21.99
N LYS D 156 -48.02 12.30 -21.96
CA LYS D 156 -49.33 12.64 -21.43
C LYS D 156 -49.21 13.01 -19.95
N LYS D 157 -48.53 12.16 -19.19
CA LYS D 157 -48.35 12.41 -17.76
C LYS D 157 -47.66 13.75 -17.52
N ILE D 158 -46.63 14.06 -18.29
CA ILE D 158 -45.94 15.33 -18.17
C ILE D 158 -46.90 16.48 -18.48
N LEU D 159 -47.68 16.32 -19.53
CA LEU D 159 -48.61 17.35 -19.97
C LEU D 159 -49.63 17.69 -18.89
N GLU D 160 -50.18 16.66 -18.24
CA GLU D 160 -51.20 16.91 -17.22
C GLU D 160 -50.61 17.32 -15.88
N GLU D 161 -49.56 16.63 -15.46
CA GLU D 161 -49.00 16.81 -14.12
C GLU D 161 -48.23 18.12 -13.98
N LYS D 162 -47.69 18.62 -15.08
CA LYS D 162 -46.84 19.81 -15.08
C LYS D 162 -45.62 19.68 -14.15
N PRO D 163 -44.72 18.72 -14.42
CA PRO D 163 -43.52 18.64 -13.58
C PRO D 163 -42.53 19.75 -13.91
N LYS D 164 -41.78 20.21 -12.92
CA LYS D 164 -40.83 21.31 -13.10
C LYS D 164 -39.56 20.84 -13.80
N LEU D 165 -39.19 19.58 -13.59
CA LEU D 165 -37.98 19.02 -14.18
C LEU D 165 -38.19 17.53 -14.46
N ILE D 166 -37.61 17.03 -15.55
CA ILE D 166 -37.73 15.61 -15.85
C ILE D 166 -36.37 14.92 -15.92
N LEU D 167 -36.16 13.94 -15.04
CA LEU D 167 -34.88 13.23 -14.98
C LEU D 167 -34.93 11.89 -15.71
N PHE D 168 -33.87 11.59 -16.45
CA PHE D 168 -33.76 10.30 -17.15
C PHE D 168 -32.56 9.50 -16.67
N GLY D 169 -32.59 8.20 -16.93
CA GLY D 169 -31.48 7.33 -16.59
C GLY D 169 -31.79 6.46 -15.39
N GLY D 170 -31.02 5.38 -15.23
CA GLY D 170 -31.21 4.47 -14.13
C GLY D 170 -30.00 3.61 -13.85
N SER D 171 -30.04 2.88 -12.73
CA SER D 171 -28.97 1.97 -12.36
C SER D 171 -29.01 0.71 -13.22
N LEU D 172 -30.12 0.52 -13.92
CA LEU D 172 -30.26 -0.57 -14.87
C LEU D 172 -30.68 0.00 -16.22
N PHE D 173 -29.80 -0.12 -17.21
CA PHE D 173 -29.91 0.63 -18.45
C PHE D 173 -29.58 -0.19 -19.69
N PRO D 174 -30.47 -1.13 -20.06
CA PRO D 174 -30.20 -2.04 -21.19
C PRO D 174 -30.04 -1.33 -22.53
N PHE D 175 -30.95 -0.42 -22.85
CA PHE D 175 -30.95 0.25 -24.16
C PHE D 175 -31.44 1.68 -24.03
N PRO D 176 -31.07 2.56 -24.99
CA PRO D 176 -31.47 3.97 -24.93
C PRO D 176 -32.98 4.16 -24.79
N HIS D 177 -33.37 4.97 -23.81
CA HIS D 177 -34.78 5.20 -23.50
C HIS D 177 -35.22 6.56 -24.11
N PRO D 178 -36.51 6.92 -23.99
CA PRO D 178 -36.95 8.11 -24.72
C PRO D 178 -36.51 9.46 -24.16
N VAL D 179 -35.29 9.89 -24.47
CA VAL D 179 -34.84 11.23 -24.11
C VAL D 179 -35.57 12.30 -24.92
N ALA D 180 -36.06 11.91 -26.10
CA ALA D 180 -36.72 12.84 -27.01
C ALA D 180 -38.17 13.09 -26.64
N ASP D 181 -38.86 12.03 -26.20
CA ASP D 181 -40.29 12.08 -25.98
C ASP D 181 -40.70 13.08 -24.90
N ALA D 182 -39.83 13.26 -23.91
CA ALA D 182 -40.13 14.20 -22.83
C ALA D 182 -39.88 15.64 -23.27
N TYR D 183 -38.94 15.84 -24.18
CA TYR D 183 -38.61 17.18 -24.67
C TYR D 183 -39.84 17.86 -25.27
N GLU D 184 -40.67 17.08 -25.94
CA GLU D 184 -41.87 17.59 -26.58
C GLU D 184 -42.86 18.12 -25.54
N ALA D 185 -42.61 17.80 -24.29
CA ALA D 185 -43.52 18.08 -23.19
C ALA D 185 -42.97 19.17 -22.26
N ALA D 186 -41.82 18.89 -21.66
CA ALA D 186 -41.19 19.76 -20.68
C ALA D 186 -41.11 21.25 -21.06
N GLN D 187 -40.40 21.54 -22.14
CA GLN D 187 -40.13 22.91 -22.55
C GLN D 187 -41.40 23.74 -22.74
N GLU D 188 -42.42 23.13 -23.33
CA GLU D 188 -43.69 23.82 -23.57
C GLU D 188 -44.55 23.86 -22.30
N VAL D 189 -44.31 22.91 -21.39
CA VAL D 189 -45.05 22.87 -20.14
C VAL D 189 -44.26 23.62 -19.06
N GLY D 190 -43.10 24.15 -19.46
CA GLY D 190 -42.29 25.00 -18.61
C GLY D 190 -41.08 24.30 -17.99
N ALA D 191 -40.93 23.02 -18.28
CA ALA D 191 -39.88 22.23 -17.64
C ALA D 191 -38.64 22.08 -18.51
N LYS D 192 -37.68 21.31 -18.00
CA LYS D 192 -36.45 21.01 -18.72
C LYS D 192 -36.08 19.54 -18.55
N ILE D 193 -35.23 19.06 -19.46
CA ILE D 193 -34.84 17.66 -19.45
C ILE D 193 -33.42 17.45 -18.91
N ALA D 194 -33.36 16.86 -17.73
CA ALA D 194 -32.09 16.43 -17.16
C ALA D 194 -31.90 14.95 -17.45
N TYR D 195 -30.70 14.58 -17.86
CA TYR D 195 -30.41 13.18 -18.16
C TYR D 195 -29.15 12.72 -17.46
N ASP D 196 -29.31 11.73 -16.59
CA ASP D 196 -28.17 11.14 -15.92
C ASP D 196 -27.70 9.96 -16.75
N GLY D 197 -26.55 10.13 -17.39
CA GLY D 197 -25.98 9.10 -18.22
C GLY D 197 -24.86 8.42 -17.47
N ALA D 198 -24.85 8.64 -16.16
CA ALA D 198 -23.76 8.22 -15.29
C ALA D 198 -23.35 6.77 -15.52
N HIS D 199 -24.34 5.91 -15.76
CA HIS D 199 -24.07 4.51 -16.06
C HIS D 199 -23.55 4.32 -17.49
N VAL D 200 -24.25 4.92 -18.46
CA VAL D 200 -23.97 4.70 -19.88
C VAL D 200 -23.12 5.78 -20.57
N LEU D 201 -22.68 6.78 -19.82
CA LEU D 201 -21.99 7.95 -20.38
C LEU D 201 -20.83 7.61 -21.33
N GLY D 202 -19.96 6.71 -20.90
CA GLY D 202 -18.76 6.38 -21.64
C GLY D 202 -19.01 5.79 -23.03
N LEU D 203 -20.21 5.30 -23.27
CA LEU D 203 -20.58 4.85 -24.61
C LEU D 203 -20.91 6.06 -25.47
N ILE D 204 -21.68 6.98 -24.90
CA ILE D 204 -22.01 8.24 -25.54
C ILE D 204 -20.74 9.03 -25.83
N ALA D 205 -19.68 8.70 -25.09
CA ALA D 205 -18.36 9.25 -25.36
C ALA D 205 -17.84 8.80 -26.72
N GLY D 206 -18.27 7.62 -27.16
CA GLY D 206 -17.86 7.08 -28.44
C GLY D 206 -18.91 7.26 -29.51
N LYS D 207 -19.78 8.25 -29.32
CA LYS D 207 -20.92 8.50 -30.20
C LYS D 207 -21.82 7.27 -30.26
N GLN D 208 -21.87 6.53 -29.14
CA GLN D 208 -22.66 5.31 -29.07
C GLN D 208 -23.81 5.47 -28.09
N PHE D 209 -24.57 4.39 -27.90
CA PHE D 209 -25.79 4.42 -27.10
C PHE D 209 -26.73 5.49 -27.65
N GLN D 210 -26.99 6.52 -26.86
CA GLN D 210 -27.76 7.67 -27.33
C GLN D 210 -27.06 8.95 -26.93
N ASP D 211 -26.92 9.89 -27.88
CA ASP D 211 -26.33 11.18 -27.54
C ASP D 211 -27.43 12.19 -27.21
N PRO D 212 -27.61 12.48 -25.92
CA PRO D 212 -28.78 13.14 -25.34
C PRO D 212 -28.94 14.62 -25.66
N LEU D 213 -27.84 15.37 -25.70
CA LEU D 213 -27.91 16.82 -25.83
C LEU D 213 -28.54 17.23 -27.16
N ARG D 214 -28.17 16.53 -28.21
CA ARG D 214 -28.74 16.79 -29.54
C ARG D 214 -30.06 16.05 -29.67
N GLU D 215 -30.29 15.11 -28.76
CA GLU D 215 -31.54 14.36 -28.70
C GLU D 215 -32.56 15.04 -27.80
N GLY D 216 -32.20 16.23 -27.30
CA GLY D 216 -33.16 17.07 -26.61
C GLY D 216 -32.98 17.27 -25.12
N ALA D 217 -32.08 16.52 -24.49
CA ALA D 217 -31.84 16.70 -23.08
C ALA D 217 -30.99 17.96 -22.84
N GLU D 218 -31.49 18.86 -22.01
CA GLU D 218 -30.76 20.09 -21.68
C GLU D 218 -29.57 19.80 -20.76
N TYR D 219 -29.69 18.75 -19.95
CA TYR D 219 -28.59 18.38 -19.06
C TYR D 219 -28.10 16.96 -19.33
N LEU D 220 -26.79 16.79 -19.32
CA LEU D 220 -26.21 15.45 -19.29
C LEU D 220 -25.19 15.36 -18.17
N MET D 221 -25.50 14.59 -17.13
CA MET D 221 -24.53 14.39 -16.07
C MET D 221 -23.90 13.02 -16.23
N GLY D 222 -22.91 12.71 -15.40
CA GLY D 222 -22.34 11.37 -15.46
C GLY D 222 -21.21 11.06 -14.51
N SER D 223 -21.04 9.77 -14.25
CA SER D 223 -19.95 9.27 -13.44
C SER D 223 -18.76 8.98 -14.33
N THR D 224 -17.58 9.43 -13.91
CA THR D 224 -16.38 9.25 -14.69
C THR D 224 -15.73 7.89 -14.42
N HIS D 225 -16.29 7.16 -13.45
CA HIS D 225 -15.72 5.88 -13.03
C HIS D 225 -16.42 4.63 -13.60
N LYS D 226 -17.48 4.79 -14.37
CA LYS D 226 -18.19 3.64 -14.91
C LYS D 226 -18.62 3.83 -16.31
N THR D 227 -18.09 2.97 -17.19
CA THR D 227 -18.28 3.00 -18.65
C THR D 227 -17.53 4.20 -19.25
N PHE D 228 -17.08 5.08 -18.37
CA PHE D 228 -16.04 6.05 -18.62
C PHE D 228 -14.91 5.56 -17.73
N PHE D 229 -13.73 5.30 -18.29
CA PHE D 229 -12.73 4.58 -17.52
C PHE D 229 -11.87 5.51 -16.67
N GLY D 230 -12.23 6.77 -16.61
CA GLY D 230 -11.55 7.72 -15.76
C GLY D 230 -11.72 7.42 -14.28
N PRO D 231 -11.07 8.22 -13.42
CA PRO D 231 -11.14 8.01 -11.97
C PRO D 231 -12.53 8.28 -11.42
N GLN D 232 -12.68 8.20 -10.10
CA GLN D 232 -14.00 8.33 -9.50
C GLN D 232 -14.35 9.80 -9.30
N GLY D 233 -15.43 10.22 -9.97
CA GLY D 233 -15.84 11.60 -9.94
C GLY D 233 -17.09 11.78 -10.79
N GLY D 234 -17.39 13.02 -11.16
CA GLY D 234 -18.57 13.31 -11.94
C GLY D 234 -18.40 14.48 -12.88
N VAL D 235 -19.28 14.58 -13.87
CA VAL D 235 -19.21 15.67 -14.84
C VAL D 235 -20.62 16.13 -15.19
N ILE D 236 -20.80 17.45 -15.24
CA ILE D 236 -22.06 18.03 -15.68
C ILE D 236 -21.87 18.64 -17.07
N LEU D 237 -22.89 18.55 -17.92
CA LEU D 237 -22.81 19.09 -19.27
C LEU D 237 -24.10 19.79 -19.65
N THR D 238 -23.97 21.00 -20.20
CA THR D 238 -25.14 21.80 -20.55
C THR D 238 -24.89 22.83 -21.64
N THR D 239 -25.87 23.72 -21.85
CA THR D 239 -25.81 24.69 -22.95
C THR D 239 -25.12 26.00 -22.56
N LYS D 240 -25.18 26.98 -23.46
CA LYS D 240 -24.62 28.31 -23.20
C LYS D 240 -25.45 29.03 -22.14
N GLU D 241 -26.75 28.84 -22.22
CA GLU D 241 -27.71 29.52 -21.35
C GLU D 241 -27.60 29.07 -19.88
N ASN D 242 -27.32 27.80 -19.68
CA ASN D 242 -27.25 27.24 -18.33
C ASN D 242 -25.84 27.22 -17.76
N ALA D 243 -24.88 27.76 -18.51
CA ALA D 243 -23.46 27.69 -18.16
C ALA D 243 -23.16 28.26 -16.77
N ASP D 244 -23.30 29.57 -16.63
CA ASP D 244 -23.00 30.23 -15.37
C ASP D 244 -23.94 29.78 -14.26
N LYS D 245 -25.15 29.39 -14.64
CA LYS D 245 -26.15 28.92 -13.69
C LYS D 245 -25.65 27.68 -12.95
N ILE D 246 -25.32 26.64 -13.71
CA ILE D 246 -24.85 25.41 -13.10
C ILE D 246 -23.46 25.63 -12.51
N ASP D 247 -22.64 26.45 -13.16
CA ASP D 247 -21.29 26.72 -12.69
C ASP D 247 -21.32 27.42 -11.34
N SER D 248 -22.41 28.11 -11.05
CA SER D 248 -22.65 28.65 -9.73
C SER D 248 -23.18 27.55 -8.82
N HIS D 249 -24.01 26.67 -9.38
CA HIS D 249 -24.63 25.62 -8.57
C HIS D 249 -23.74 24.39 -8.44
N VAL D 250 -22.56 24.44 -9.05
CA VAL D 250 -21.46 23.58 -8.66
C VAL D 250 -20.35 24.53 -8.22
N PHE D 251 -20.01 24.47 -6.93
CA PHE D 251 -19.25 25.54 -6.27
C PHE D 251 -19.82 26.94 -6.29
N PRO D 252 -20.86 27.20 -5.48
CA PRO D 252 -21.18 26.36 -4.32
C PRO D 252 -22.18 25.23 -4.59
N GLY D 253 -22.18 24.21 -3.73
CA GLY D 253 -23.10 23.09 -3.87
C GLY D 253 -22.48 21.76 -4.26
N VAL D 254 -21.24 21.77 -4.70
CA VAL D 254 -20.48 20.53 -4.84
C VAL D 254 -19.76 20.28 -3.53
N VAL D 255 -18.91 21.23 -3.19
CA VAL D 255 -17.86 21.10 -2.21
C VAL D 255 -17.16 22.45 -2.35
N SER D 256 -16.36 22.88 -1.38
CA SER D 256 -15.41 23.90 -1.78
C SER D 256 -14.06 23.23 -1.71
N ASN D 257 -13.68 22.62 -2.82
CA ASN D 257 -12.39 21.99 -2.99
C ASN D 257 -11.92 21.97 -4.45
N HIS D 258 -12.81 21.42 -5.26
CA HIS D 258 -12.61 20.41 -6.33
C HIS D 258 -12.18 19.05 -5.80
N HIS D 259 -11.50 18.29 -6.65
CA HIS D 259 -10.55 17.25 -6.30
C HIS D 259 -9.53 17.31 -7.42
N LEU D 260 -8.28 17.69 -7.14
CA LEU D 260 -7.41 18.04 -8.25
C LEU D 260 -6.82 16.83 -8.96
N HIS D 261 -6.32 15.87 -8.19
CA HIS D 261 -5.72 14.66 -8.73
C HIS D 261 -6.68 13.88 -9.62
N HIS D 262 -7.91 13.71 -9.13
CA HIS D 262 -8.96 13.05 -9.90
C HIS D 262 -9.22 13.78 -11.20
N LYS D 263 -9.02 15.10 -11.19
CA LYS D 263 -9.30 15.92 -12.36
C LYS D 263 -8.19 15.85 -13.41
N ALA D 264 -6.94 15.76 -12.96
CA ALA D 264 -5.83 15.56 -13.90
C ALA D 264 -5.91 14.17 -14.53
N GLY D 265 -6.14 13.17 -13.67
CA GLY D 265 -6.36 11.82 -14.15
C GLY D 265 -7.51 11.83 -15.13
N LEU D 266 -8.54 12.61 -14.81
CA LEU D 266 -9.68 12.79 -15.69
C LEU D 266 -9.27 13.41 -17.02
N ALA D 267 -8.23 14.24 -17.01
CA ALA D 267 -7.75 14.85 -18.24
C ALA D 267 -7.13 13.78 -19.15
N ILE D 268 -6.24 12.96 -18.58
CA ILE D 268 -5.63 11.88 -19.36
C ILE D 268 -6.70 10.92 -19.88
N ALA D 269 -7.64 10.58 -19.02
CA ALA D 269 -8.75 9.71 -19.37
C ALA D 269 -9.57 10.32 -20.50
N LEU D 270 -9.68 11.65 -20.47
CA LEU D 270 -10.36 12.39 -21.53
C LEU D 270 -9.63 12.22 -22.84
N ALA D 271 -8.29 12.23 -22.78
CA ALA D 271 -7.49 11.99 -23.98
C ALA D 271 -7.77 10.62 -24.57
N GLU D 272 -7.54 9.59 -23.76
CA GLU D 272 -7.64 8.23 -24.24
C GLU D 272 -9.05 7.91 -24.73
N MET D 273 -10.05 8.45 -24.04
CA MET D 273 -11.43 8.38 -24.49
C MET D 273 -11.60 9.08 -25.84
N LEU D 274 -10.98 10.24 -25.97
CA LEU D 274 -11.10 11.04 -27.19
C LEU D 274 -10.59 10.27 -28.40
N GLU D 275 -9.51 9.52 -28.24
CA GLU D 275 -8.97 8.78 -29.37
C GLU D 275 -9.66 7.41 -29.56
N PHE D 276 -9.54 6.52 -28.57
CA PHE D 276 -9.98 5.14 -28.74
C PHE D 276 -11.44 4.88 -28.33
N GLY D 277 -12.15 5.94 -27.96
CA GLY D 277 -13.52 5.83 -27.50
C GLY D 277 -14.49 5.09 -28.40
N GLU D 278 -14.32 5.26 -29.72
CA GLU D 278 -15.20 4.60 -30.69
C GLU D 278 -15.08 3.09 -30.61
N ALA D 279 -13.86 2.58 -30.76
CA ALA D 279 -13.60 1.15 -30.69
C ALA D 279 -14.00 0.61 -29.34
N TYR D 280 -13.66 1.36 -28.29
CA TYR D 280 -14.03 1.02 -26.92
C TYR D 280 -15.53 0.73 -26.83
N ALA D 281 -16.33 1.79 -27.00
CA ALA D 281 -17.78 1.69 -26.90
C ALA D 281 -18.35 0.59 -27.80
N LYS D 282 -17.89 0.56 -29.05
CA LYS D 282 -18.30 -0.43 -30.03
C LYS D 282 -18.16 -1.86 -29.52
N GLN D 283 -16.94 -2.27 -29.22
CA GLN D 283 -16.72 -3.66 -28.83
C GLN D 283 -17.33 -3.93 -27.46
N VAL D 284 -17.50 -2.89 -26.64
CA VAL D 284 -18.15 -3.05 -25.35
C VAL D 284 -19.63 -3.42 -25.51
N ILE D 285 -20.35 -2.69 -26.36
CA ILE D 285 -21.76 -3.00 -26.55
C ILE D 285 -21.94 -4.30 -27.34
N LYS D 286 -21.08 -4.54 -28.32
CA LYS D 286 -21.20 -5.76 -29.11
C LYS D 286 -20.84 -6.98 -28.27
N ASN D 287 -20.00 -6.80 -27.25
CA ASN D 287 -19.74 -7.84 -26.27
C ASN D 287 -20.90 -7.94 -25.27
N ALA D 288 -21.62 -6.84 -25.09
CA ALA D 288 -22.79 -6.84 -24.24
C ALA D 288 -23.89 -7.69 -24.87
N LYS D 289 -23.95 -7.66 -26.20
CA LYS D 289 -24.90 -8.48 -26.94
C LYS D 289 -24.41 -9.92 -27.09
N ALA D 290 -23.12 -10.09 -27.37
CA ALA D 290 -22.55 -11.42 -27.60
C ALA D 290 -22.49 -12.27 -26.34
N LEU D 291 -22.07 -11.68 -25.23
CA LEU D 291 -21.97 -12.41 -23.98
C LEU D 291 -23.34 -12.87 -23.50
N ALA D 292 -24.32 -11.98 -23.55
CA ALA D 292 -25.69 -12.31 -23.16
C ALA D 292 -26.25 -13.36 -24.12
N GLN D 293 -25.85 -13.25 -25.38
CA GLN D 293 -26.23 -14.23 -26.40
C GLN D 293 -25.69 -15.61 -26.01
N ALA D 294 -24.49 -15.61 -25.42
CA ALA D 294 -23.85 -16.84 -25.00
C ALA D 294 -24.49 -17.42 -23.75
N LEU D 295 -24.80 -16.53 -22.80
CA LEU D 295 -25.45 -16.94 -21.55
C LEU D 295 -26.80 -17.55 -21.83
N TYR D 296 -27.52 -16.98 -22.80
CA TYR D 296 -28.79 -17.53 -23.23
C TYR D 296 -28.55 -18.81 -24.02
N GLU D 297 -27.41 -18.86 -24.72
CA GLU D 297 -27.03 -20.02 -25.51
C GLU D 297 -26.72 -21.21 -24.60
N ARG D 298 -26.15 -20.93 -23.44
CA ARG D 298 -25.79 -21.99 -22.50
C ARG D 298 -26.88 -22.22 -21.46
N GLY D 299 -27.99 -21.49 -21.60
CA GLY D 299 -29.16 -21.73 -20.77
C GLY D 299 -29.48 -20.73 -19.67
N PHE D 300 -28.71 -19.66 -19.54
CA PHE D 300 -29.02 -18.62 -18.57
C PHE D 300 -29.97 -17.60 -19.18
N ASN D 301 -31.08 -17.33 -18.51
CA ASN D 301 -32.09 -16.45 -19.09
C ASN D 301 -31.71 -14.98 -18.95
N VAL D 302 -31.52 -14.33 -20.08
CA VAL D 302 -31.20 -12.90 -20.12
C VAL D 302 -32.39 -12.14 -20.64
N LEU D 303 -32.81 -11.11 -19.91
CA LEU D 303 -34.07 -10.44 -20.23
C LEU D 303 -33.97 -9.59 -21.48
N CYS D 304 -35.09 -8.99 -21.86
CA CYS D 304 -35.22 -8.27 -23.12
C CYS D 304 -34.75 -9.12 -24.29
N GLU D 305 -35.50 -10.17 -24.60
CA GLU D 305 -35.11 -11.13 -25.65
C GLU D 305 -35.10 -10.49 -27.05
N HIS D 306 -35.54 -9.24 -27.13
CA HIS D 306 -35.69 -8.51 -28.38
C HIS D 306 -34.37 -7.99 -28.98
N LYS D 307 -33.70 -7.10 -28.25
CA LYS D 307 -32.66 -6.24 -28.80
C LYS D 307 -31.24 -6.81 -28.80
N ASP D 308 -31.13 -8.12 -28.53
CA ASP D 308 -29.89 -8.78 -28.10
C ASP D 308 -29.60 -8.34 -26.68
N PHE D 309 -30.69 -8.09 -25.97
CA PHE D 309 -30.80 -8.03 -24.51
C PHE D 309 -30.11 -6.86 -23.84
N THR D 310 -29.30 -6.12 -24.57
CA THR D 310 -28.87 -4.79 -24.17
C THR D 310 -28.25 -4.03 -25.33
N GLU D 311 -28.46 -2.73 -25.38
CA GLU D 311 -27.70 -1.91 -26.31
C GLU D 311 -26.54 -1.17 -25.63
N SER D 312 -26.28 -1.42 -24.35
CA SER D 312 -25.20 -0.66 -23.73
C SER D 312 -24.00 -1.44 -23.20
N HIS D 313 -24.08 -1.87 -21.94
CA HIS D 313 -23.00 -2.65 -21.34
C HIS D 313 -23.55 -3.79 -20.49
N GLN D 314 -24.29 -3.40 -19.45
CA GLN D 314 -24.80 -4.32 -18.44
C GLN D 314 -25.53 -5.51 -19.03
N VAL D 315 -25.23 -6.69 -18.49
CA VAL D 315 -25.98 -7.88 -18.81
C VAL D 315 -26.95 -8.14 -17.66
N ILE D 316 -28.25 -8.12 -17.95
CA ILE D 316 -29.23 -8.39 -16.92
C ILE D 316 -29.77 -9.80 -17.05
N ILE D 317 -29.37 -10.66 -16.12
CA ILE D 317 -29.84 -12.03 -16.10
C ILE D 317 -30.94 -12.16 -15.05
N ASP D 318 -32.00 -12.90 -15.38
CA ASP D 318 -33.01 -13.21 -14.39
C ASP D 318 -32.84 -14.64 -13.91
N ILE D 319 -32.37 -14.79 -12.67
CA ILE D 319 -32.13 -16.10 -12.10
C ILE D 319 -33.42 -16.70 -11.56
N GLU D 320 -34.26 -15.84 -10.99
CA GLU D 320 -35.50 -16.28 -10.35
C GLU D 320 -36.38 -17.01 -11.35
N SER D 321 -36.41 -16.55 -12.60
CA SER D 321 -36.88 -17.44 -13.65
C SER D 321 -35.70 -17.80 -14.53
N SER D 322 -35.12 -18.95 -14.24
CA SER D 322 -34.14 -19.64 -15.06
C SER D 322 -34.35 -21.12 -14.79
N PRO D 323 -35.38 -21.71 -15.42
CA PRO D 323 -36.04 -22.95 -15.01
C PRO D 323 -35.11 -24.08 -14.59
N ASP D 324 -33.93 -24.14 -15.18
CA ASP D 324 -32.99 -25.21 -14.88
C ASP D 324 -32.27 -24.98 -13.55
N ILE D 325 -31.42 -23.97 -13.51
CA ILE D 325 -30.61 -23.69 -12.32
C ILE D 325 -31.47 -23.39 -11.08
N GLU D 326 -32.31 -22.37 -11.18
CA GLU D 326 -33.19 -21.93 -10.10
C GLU D 326 -32.50 -21.85 -8.73
N PHE D 327 -31.60 -20.88 -8.60
CA PHE D 327 -31.00 -20.56 -7.30
C PHE D 327 -31.42 -19.17 -6.86
N SER D 328 -30.90 -18.73 -5.71
CA SER D 328 -31.13 -17.37 -5.26
C SER D 328 -29.97 -16.49 -5.70
N ALA D 329 -30.28 -15.29 -6.20
CA ALA D 329 -29.28 -14.41 -6.80
C ALA D 329 -28.04 -14.23 -5.94
N SER D 330 -28.23 -14.01 -4.64
CA SER D 330 -27.11 -13.81 -3.74
C SER D 330 -26.31 -15.09 -3.55
N GLU D 331 -26.96 -16.23 -3.71
CA GLU D 331 -26.23 -17.50 -3.65
C GLU D 331 -25.23 -17.55 -4.79
N LEU D 332 -25.69 -17.25 -6.00
CA LEU D 332 -24.82 -17.17 -7.17
C LEU D 332 -23.71 -16.15 -6.96
N ALA D 333 -24.06 -15.01 -6.38
CA ALA D 333 -23.10 -13.93 -6.19
C ALA D 333 -21.98 -14.33 -5.23
N LYS D 334 -22.35 -14.96 -4.12
CA LYS D 334 -21.36 -15.40 -3.14
C LYS D 334 -20.53 -16.55 -3.69
N MET D 335 -21.19 -17.46 -4.39
CA MET D 335 -20.52 -18.58 -5.04
C MET D 335 -19.46 -18.10 -6.02
N TYR D 336 -19.84 -17.15 -6.87
CA TYR D 336 -18.95 -16.60 -7.87
C TYR D 336 -17.83 -15.78 -7.25
N GLU D 337 -18.13 -15.12 -6.12
CA GLU D 337 -17.19 -14.21 -5.50
C GLU D 337 -15.86 -14.87 -5.12
N GLU D 338 -15.91 -16.09 -4.61
CA GLU D 338 -14.70 -16.85 -4.34
C GLU D 338 -14.37 -17.80 -5.49
N ALA D 339 -15.18 -17.73 -6.53
CA ALA D 339 -14.92 -18.43 -7.79
C ALA D 339 -14.20 -17.48 -8.73
N ASN D 340 -13.84 -16.30 -8.21
CA ASN D 340 -13.18 -15.23 -8.94
C ASN D 340 -14.04 -14.62 -10.04
N ILE D 341 -15.32 -14.48 -9.75
CA ILE D 341 -16.22 -13.69 -10.59
C ILE D 341 -16.97 -12.71 -9.71
N ILE D 342 -16.72 -11.42 -9.92
CA ILE D 342 -17.26 -10.38 -9.04
C ILE D 342 -18.37 -9.59 -9.72
N LEU D 343 -19.59 -9.73 -9.24
CA LEU D 343 -20.78 -9.19 -9.92
C LEU D 343 -21.79 -8.57 -8.95
N ASN D 344 -22.93 -8.13 -9.47
CA ASN D 344 -23.90 -7.42 -8.63
C ASN D 344 -25.19 -8.20 -8.38
N LYS D 345 -25.55 -8.35 -7.11
CA LYS D 345 -26.89 -8.84 -6.75
C LYS D 345 -27.89 -7.78 -7.20
N ASN D 346 -28.91 -8.19 -7.96
CA ASN D 346 -29.72 -7.18 -8.63
C ASN D 346 -31.20 -7.18 -8.29
N LEU D 347 -31.78 -5.99 -8.27
CA LEU D 347 -33.21 -5.79 -8.02
C LEU D 347 -33.90 -5.46 -9.35
N LEU D 348 -35.09 -6.03 -9.56
CA LEU D 348 -35.76 -5.92 -10.85
C LEU D 348 -37.23 -5.48 -10.67
N PRO D 349 -37.84 -4.88 -11.71
CA PRO D 349 -39.12 -4.19 -11.45
C PRO D 349 -40.32 -5.10 -11.28
N TRP D 350 -40.18 -6.14 -10.48
CA TRP D 350 -41.30 -6.97 -10.07
C TRP D 350 -41.21 -7.29 -8.58
N ASP D 351 -40.10 -7.93 -8.25
CA ASP D 351 -40.00 -8.92 -7.19
C ASP D 351 -40.16 -8.47 -5.73
N ASP D 352 -41.15 -9.02 -5.06
CA ASP D 352 -41.07 -9.45 -3.67
C ASP D 352 -40.56 -8.42 -2.64
N VAL D 353 -39.62 -8.86 -1.78
CA VAL D 353 -39.08 -8.02 -0.71
C VAL D 353 -37.69 -7.43 -0.94
N ASN D 354 -36.72 -8.24 -1.37
CA ASN D 354 -35.36 -7.73 -1.60
C ASN D 354 -34.60 -7.41 -0.31
N ASN D 355 -35.28 -7.49 0.82
CA ASN D 355 -34.62 -7.39 2.11
C ASN D 355 -33.98 -8.73 2.49
N SER D 356 -34.46 -9.81 1.88
CA SER D 356 -33.87 -11.14 2.05
C SER D 356 -32.55 -11.22 1.29
N ASP D 357 -32.27 -10.16 0.54
CA ASP D 357 -30.99 -9.92 -0.14
C ASP D 357 -30.65 -10.93 -1.23
N ASN D 358 -31.65 -11.63 -1.76
CA ASN D 358 -31.48 -12.39 -2.99
C ASN D 358 -32.73 -12.32 -3.88
N PRO D 359 -33.14 -11.09 -4.27
CA PRO D 359 -34.52 -11.00 -4.77
C PRO D 359 -34.84 -11.71 -6.09
N SER D 360 -34.12 -11.44 -7.19
CA SER D 360 -34.27 -12.25 -8.38
C SER D 360 -32.97 -12.53 -9.14
N GLY D 361 -32.49 -11.47 -9.80
CA GLY D 361 -31.44 -11.59 -10.79
C GLY D 361 -30.09 -11.00 -10.45
N ILE D 362 -29.25 -10.89 -11.48
CA ILE D 362 -27.87 -10.45 -11.32
C ILE D 362 -27.48 -9.44 -12.40
N ARG D 363 -26.83 -8.36 -11.98
CA ARG D 363 -26.32 -7.36 -12.90
C ARG D 363 -24.83 -7.60 -13.16
N LEU D 364 -24.51 -7.62 -14.45
CA LEU D 364 -23.14 -7.79 -14.95
C LEU D 364 -22.68 -6.53 -15.66
N GLY D 365 -21.44 -6.55 -16.14
CA GLY D 365 -20.97 -5.50 -17.03
C GLY D 365 -19.85 -6.00 -17.91
N THR D 366 -19.73 -5.41 -19.09
CA THR D 366 -18.74 -5.86 -20.07
C THR D 366 -17.45 -5.07 -19.97
N GLN D 367 -17.47 -4.00 -19.19
CA GLN D 367 -16.28 -3.17 -19.02
C GLN D 367 -15.29 -3.84 -18.09
N GLU D 368 -14.12 -3.22 -17.98
CA GLU D 368 -13.03 -3.61 -17.07
C GLU D 368 -12.45 -4.99 -17.35
N CYS D 369 -13.06 -5.71 -18.28
CA CYS D 369 -12.47 -6.79 -19.06
C CYS D 369 -12.04 -6.29 -20.43
N THR D 370 -12.91 -5.50 -21.04
CA THR D 370 -12.70 -4.99 -22.40
C THR D 370 -11.53 -4.03 -22.41
N ARG D 371 -11.38 -3.30 -21.31
CA ARG D 371 -10.26 -2.39 -21.15
C ARG D 371 -8.99 -3.18 -20.88
N LEU D 372 -9.11 -4.24 -20.08
CA LEU D 372 -7.99 -5.05 -19.66
C LEU D 372 -7.54 -6.08 -20.71
N GLY D 373 -8.46 -6.50 -21.58
CA GLY D 373 -8.20 -7.64 -22.44
C GLY D 373 -9.00 -7.68 -23.72
N MET D 374 -8.90 -8.81 -24.43
CA MET D 374 -9.49 -8.94 -25.75
C MET D 374 -11.01 -8.99 -25.73
N LYS D 375 -11.58 -9.21 -26.92
CA LYS D 375 -12.97 -8.88 -27.17
C LYS D 375 -13.98 -10.00 -26.90
N GLU D 376 -13.99 -11.04 -27.74
CA GLU D 376 -15.02 -12.07 -27.65
C GLU D 376 -14.52 -13.39 -27.08
N LYS D 377 -13.58 -14.02 -27.80
CA LYS D 377 -13.09 -15.37 -27.47
C LYS D 377 -12.75 -15.55 -25.98
N GLU D 378 -12.15 -14.53 -25.38
CA GLU D 378 -11.84 -14.55 -23.96
C GLU D 378 -13.10 -14.56 -23.10
N MET D 379 -14.01 -13.65 -23.41
CA MET D 379 -15.19 -13.44 -22.59
C MET D 379 -16.38 -14.27 -23.10
N GLU D 380 -16.17 -15.04 -24.16
CA GLU D 380 -17.17 -16.01 -24.58
C GLU D 380 -17.05 -17.25 -23.70
N GLU D 381 -15.87 -17.44 -23.14
CA GLU D 381 -15.57 -18.59 -22.31
C GLU D 381 -16.07 -18.45 -20.87
N ILE D 382 -16.17 -17.21 -20.39
CA ILE D 382 -16.63 -16.96 -19.03
C ILE D 382 -18.08 -17.40 -18.85
N ALA D 383 -18.82 -17.39 -19.96
CA ALA D 383 -20.22 -17.83 -19.95
C ALA D 383 -20.30 -19.31 -19.63
N GLU D 384 -19.39 -20.10 -20.20
CA GLU D 384 -19.35 -21.53 -19.90
C GLU D 384 -18.77 -21.73 -18.50
N PHE D 385 -17.87 -20.84 -18.11
CA PHE D 385 -17.28 -20.89 -16.78
C PHE D 385 -18.36 -20.77 -15.70
N MET D 386 -19.31 -19.87 -15.91
CA MET D 386 -20.42 -19.72 -14.98
C MET D 386 -21.47 -20.81 -15.18
N LYS D 387 -21.60 -21.25 -16.43
CA LYS D 387 -22.51 -22.33 -16.80
C LYS D 387 -22.24 -23.58 -15.97
N ARG D 388 -20.98 -23.95 -15.84
CA ARG D 388 -20.62 -25.12 -15.03
C ARG D 388 -21.14 -24.97 -13.60
N ILE D 389 -20.71 -23.89 -12.95
CA ILE D 389 -21.05 -23.65 -11.55
C ILE D 389 -22.55 -23.64 -11.29
N ALA D 390 -23.25 -22.69 -11.89
CA ALA D 390 -24.63 -22.43 -11.47
C ALA D 390 -25.64 -23.45 -11.99
N ILE D 391 -25.81 -23.50 -13.31
CA ILE D 391 -26.94 -24.22 -13.89
C ILE D 391 -26.76 -25.74 -13.94
N ASP D 392 -25.53 -26.20 -14.07
CA ASP D 392 -25.25 -27.64 -14.04
C ASP D 392 -24.77 -28.09 -12.66
N LYS D 393 -24.73 -27.14 -11.73
CA LYS D 393 -24.43 -27.42 -10.32
C LYS D 393 -23.05 -28.02 -10.07
N GLU D 394 -22.04 -27.44 -10.72
CA GLU D 394 -20.65 -27.79 -10.42
C GLU D 394 -20.22 -27.02 -9.17
N LYS D 395 -19.32 -27.61 -8.38
CA LYS D 395 -18.86 -26.97 -7.15
C LYS D 395 -18.10 -25.68 -7.47
N PRO D 396 -18.59 -24.54 -6.93
CA PRO D 396 -18.12 -23.21 -7.32
C PRO D 396 -16.64 -22.96 -7.06
N GLU D 397 -16.19 -23.27 -5.86
CA GLU D 397 -14.82 -22.96 -5.44
C GLU D 397 -13.81 -23.64 -6.34
N LYS D 398 -14.14 -24.87 -6.73
CA LYS D 398 -13.32 -25.69 -7.62
C LYS D 398 -12.97 -24.96 -8.92
N VAL D 399 -13.86 -24.07 -9.35
CA VAL D 399 -13.70 -23.38 -10.63
C VAL D 399 -12.82 -22.12 -10.50
N ARG D 400 -12.56 -21.68 -9.27
CA ARG D 400 -11.75 -20.48 -9.07
C ARG D 400 -10.36 -20.67 -9.68
N GLU D 401 -9.76 -21.84 -9.46
CA GLU D 401 -8.42 -22.10 -9.99
C GLU D 401 -8.46 -22.26 -11.51
N ASP D 402 -9.66 -22.49 -12.05
CA ASP D 402 -9.84 -22.50 -13.50
C ASP D 402 -9.93 -21.06 -14.01
N VAL D 403 -10.59 -20.21 -13.21
CA VAL D 403 -10.78 -18.81 -13.57
C VAL D 403 -9.52 -17.98 -13.37
N LYS D 404 -8.86 -18.15 -12.23
CA LYS D 404 -7.70 -17.31 -11.88
C LYS D 404 -6.58 -17.41 -12.92
N GLU D 405 -6.42 -18.59 -13.52
CA GLU D 405 -5.39 -18.80 -14.53
C GLU D 405 -5.82 -18.25 -15.88
N PHE D 406 -7.14 -18.23 -16.09
CA PHE D 406 -7.72 -17.78 -17.35
C PHE D 406 -7.53 -16.28 -17.57
N ALA D 407 -7.67 -15.51 -16.49
CA ALA D 407 -7.58 -14.06 -16.58
C ALA D 407 -6.18 -13.57 -16.23
N LYS D 408 -5.29 -14.49 -15.87
CA LYS D 408 -3.94 -14.13 -15.46
C LYS D 408 -3.05 -13.89 -16.68
N GLU D 409 -3.59 -14.15 -17.86
CA GLU D 409 -2.83 -14.01 -19.09
C GLU D 409 -2.53 -12.56 -19.44
N TYR D 410 -3.56 -11.71 -19.49
CA TYR D 410 -3.35 -10.33 -19.91
C TYR D 410 -3.59 -9.32 -18.81
N SER D 411 -2.50 -8.78 -18.27
CA SER D 411 -2.57 -7.59 -17.42
C SER D 411 -2.30 -6.36 -18.28
N THR D 412 -1.87 -6.62 -19.51
CA THR D 412 -1.62 -5.56 -20.47
C THR D 412 -2.93 -4.90 -20.82
N ILE D 413 -3.01 -3.59 -20.63
CA ILE D 413 -4.28 -2.89 -20.71
C ILE D 413 -4.34 -1.93 -21.91
N HIS D 414 -5.20 -2.26 -22.86
CA HIS D 414 -5.30 -1.51 -24.11
C HIS D 414 -6.17 -0.29 -23.96
N TYR D 415 -6.50 0.34 -25.08
CA TYR D 415 -7.32 1.53 -25.12
C TYR D 415 -6.67 2.64 -24.31
N SER D 416 -5.34 2.66 -24.35
CA SER D 416 -4.56 3.69 -23.68
C SER D 416 -3.24 3.88 -24.39
N PHE D 417 -2.73 5.11 -24.36
CA PHE D 417 -1.42 5.39 -24.92
C PHE D 417 -0.36 4.81 -24.01
N ASP D 418 -0.77 4.53 -22.77
CA ASP D 418 0.09 3.85 -21.81
C ASP D 418 0.05 2.34 -22.02
N GLU D 419 1.21 1.70 -21.85
CA GLU D 419 1.30 0.25 -21.96
C GLU D 419 2.05 -0.33 -20.76
N GLY D 420 1.40 -1.20 -20.01
CA GLY D 420 2.03 -1.85 -18.87
C GLY D 420 1.11 -2.71 -18.03
N ASP D 421 1.66 -3.25 -16.95
CA ASP D 421 0.90 -4.10 -16.04
C ASP D 421 -0.03 -3.27 -15.16
N GLY D 422 -1.32 -3.58 -15.21
CA GLY D 422 -2.33 -2.78 -14.54
C GLY D 422 -2.39 -2.93 -13.04
N PHE D 423 -2.09 -4.12 -12.54
CA PHE D 423 -2.32 -4.44 -11.14
C PHE D 423 -1.09 -4.27 -10.24
N LYS D 424 0.00 -3.75 -10.81
CA LYS D 424 1.22 -3.53 -10.04
C LYS D 424 0.97 -2.57 -8.87
N TYR D 425 1.57 -2.86 -7.73
CA TYR D 425 1.47 -1.96 -6.58
C TYR D 425 2.76 -1.16 -6.45
N LEU D 426 2.67 0.13 -6.75
CA LEU D 426 3.85 0.98 -6.88
C LEU D 426 4.12 1.74 -5.59
N ARG D 427 5.26 1.45 -4.98
CA ARG D 427 5.62 2.05 -3.70
C ARG D 427 6.41 3.35 -3.87
N PHE D 428 6.74 3.99 -2.75
CA PHE D 428 7.52 5.22 -2.77
C PHE D 428 8.71 5.19 -1.82
N TYR D 429 8.46 5.53 -0.55
CA TYR D 429 9.51 5.51 0.46
C TYR D 429 10.29 4.21 0.43
N TYR E 3 -34.77 66.35 73.37
CA TYR E 3 -34.71 66.06 71.94
C TYR E 3 -33.79 67.03 71.20
N SER E 4 -32.82 67.56 71.93
CA SER E 4 -31.82 68.44 71.33
C SER E 4 -30.61 67.61 70.92
N ASP E 5 -30.74 66.29 71.02
CA ASP E 5 -29.66 65.37 70.71
C ASP E 5 -29.35 65.27 69.22
N VAL E 6 -30.30 65.70 68.38
CA VAL E 6 -30.18 65.56 66.94
C VAL E 6 -29.06 66.40 66.27
N PRO E 7 -28.90 67.69 66.64
CA PRO E 7 -27.82 68.44 65.99
C PRO E 7 -26.42 67.88 66.30
N LYS E 8 -26.24 67.35 67.51
CA LYS E 8 -24.97 66.74 67.87
C LYS E 8 -24.87 65.34 67.26
N PHE E 9 -26.02 64.73 67.01
CA PHE E 9 -26.06 63.43 66.34
C PHE E 9 -25.54 63.59 64.91
N ILE E 10 -26.07 64.57 64.21
CA ILE E 10 -25.65 64.88 62.85
C ILE E 10 -24.22 65.43 62.86
N ARG E 11 -23.83 66.06 63.97
CA ARG E 11 -22.45 66.46 64.14
C ARG E 11 -21.56 65.22 64.10
N ASP E 12 -21.99 64.19 64.82
CA ASP E 12 -21.28 62.90 64.84
C ASP E 12 -21.24 62.27 63.46
N VAL E 13 -22.39 62.08 62.84
CA VAL E 13 -22.50 61.48 61.51
C VAL E 13 -21.60 62.19 60.49
N SER E 14 -21.77 63.51 60.40
CA SER E 14 -21.03 64.32 59.44
C SER E 14 -19.53 64.29 59.72
N ILE E 15 -19.12 64.64 60.93
CA ILE E 15 -17.69 64.74 61.24
C ILE E 15 -16.99 63.39 61.11
N LYS E 16 -17.66 62.33 61.54
CA LYS E 16 -17.11 60.97 61.37
C LYS E 16 -17.00 60.63 59.88
N GLN E 17 -17.96 61.11 59.10
CA GLN E 17 -17.90 60.96 57.65
C GLN E 17 -16.65 61.66 57.10
N HIS E 18 -16.39 62.85 57.61
CA HIS E 18 -15.22 63.62 57.20
C HIS E 18 -13.92 62.88 57.52
N GLU E 19 -13.77 62.49 58.78
CA GLU E 19 -12.58 61.79 59.24
C GLU E 19 -12.36 60.50 58.46
N TRP E 20 -13.37 59.64 58.43
CA TRP E 20 -13.27 58.34 57.78
C TRP E 20 -12.99 58.46 56.28
N MET E 21 -13.71 59.35 55.61
CA MET E 21 -13.49 59.53 54.18
C MET E 21 -12.12 60.14 53.92
N ARG E 22 -11.61 60.88 54.90
CA ARG E 22 -10.29 61.48 54.80
C ARG E 22 -9.21 60.41 54.88
N GLU E 23 -9.48 59.36 55.66
CA GLU E 23 -8.50 58.31 55.89
C GLU E 23 -8.65 57.17 54.89
N SER E 24 -9.62 57.30 53.99
CA SER E 24 -9.93 56.23 53.05
C SER E 24 -9.65 56.62 51.61
N ILE E 25 -9.34 55.63 50.78
CA ILE E 25 -9.17 55.85 49.34
C ILE E 25 -10.51 55.60 48.64
N LYS E 26 -11.06 56.64 48.02
CA LYS E 26 -12.40 56.57 47.46
C LYS E 26 -12.36 56.40 45.94
N LEU E 27 -12.64 55.18 45.49
CA LEU E 27 -12.56 54.86 44.07
C LEU E 27 -13.88 54.81 43.31
N ILE E 28 -15.00 55.07 44.00
CA ILE E 28 -16.29 55.03 43.33
C ILE E 28 -16.40 56.16 42.31
N ALA E 29 -16.70 55.80 41.06
CA ALA E 29 -16.72 56.75 39.96
C ALA E 29 -17.85 57.76 40.09
N SER E 30 -18.88 57.40 40.85
CA SER E 30 -20.03 58.27 41.03
C SER E 30 -19.80 59.24 42.18
N GLU E 31 -18.63 59.17 42.79
CA GLU E 31 -18.28 60.07 43.88
C GLU E 31 -17.05 60.91 43.57
N ASN E 32 -17.20 62.22 43.65
CA ASN E 32 -16.08 63.14 43.50
C ASN E 32 -16.27 64.34 44.41
N ILE E 33 -15.15 64.86 44.93
CA ILE E 33 -15.21 65.97 45.86
C ILE E 33 -15.22 67.32 45.13
N THR E 34 -16.18 68.16 45.49
CA THR E 34 -16.30 69.47 44.87
C THR E 34 -15.21 70.39 45.36
N SER E 35 -15.19 71.62 44.87
CA SER E 35 -14.18 72.58 45.30
C SER E 35 -14.47 73.07 46.71
N LEU E 36 -13.60 73.92 47.21
CA LEU E 36 -13.79 74.55 48.51
C LEU E 36 -14.78 75.69 48.34
N ALA E 37 -14.86 76.19 47.11
CA ALA E 37 -15.68 77.36 46.80
C ALA E 37 -17.17 77.03 46.68
N VAL E 38 -17.47 75.93 45.99
CA VAL E 38 -18.84 75.58 45.64
C VAL E 38 -19.74 75.38 46.87
N ARG E 39 -19.16 74.89 47.96
CA ARG E 39 -19.90 74.67 49.20
C ARG E 39 -20.46 75.98 49.75
N GLU E 40 -19.66 77.04 49.64
CA GLU E 40 -20.08 78.37 50.08
C GLU E 40 -21.36 78.80 49.38
N ALA E 41 -21.40 78.56 48.07
CA ALA E 41 -22.59 78.86 47.28
C ALA E 41 -23.73 77.93 47.66
N CYS E 42 -23.37 76.70 48.03
CA CYS E 42 -24.36 75.70 48.38
C CYS E 42 -25.05 75.99 49.71
N ALA E 43 -24.41 76.82 50.54
CA ALA E 43 -24.97 77.14 51.86
C ALA E 43 -25.81 78.43 51.87
N THR E 44 -25.99 79.05 50.71
CA THR E 44 -26.56 80.39 50.64
C THR E 44 -28.08 80.47 50.88
N ASP E 45 -28.60 81.69 50.85
CA ASP E 45 -30.03 81.95 51.00
C ASP E 45 -30.79 81.45 49.78
N PHE E 46 -30.03 81.09 48.75
CA PHE E 46 -30.59 80.62 47.50
C PHE E 46 -31.32 79.29 47.66
N MET E 47 -31.05 78.60 48.76
CA MET E 47 -31.73 77.35 49.08
C MET E 47 -33.12 77.63 49.64
N HIS E 48 -33.30 78.84 50.14
CA HIS E 48 -34.54 79.23 50.82
C HIS E 48 -35.55 79.88 49.89
N ARG E 49 -35.17 80.07 48.63
CA ARG E 49 -35.96 80.94 47.78
C ARG E 49 -36.53 80.28 46.53
N TYR E 50 -37.61 80.88 46.02
CA TYR E 50 -38.30 80.34 44.86
C TYR E 50 -38.17 81.22 43.62
N ALA E 51 -37.60 80.63 42.57
CA ALA E 51 -37.65 81.19 41.23
C ALA E 51 -38.09 80.07 40.31
N GLU E 52 -38.89 80.41 39.30
CA GLU E 52 -39.38 79.39 38.40
C GLU E 52 -39.22 79.76 36.94
N GLY E 53 -38.37 79.02 36.24
CA GLY E 53 -38.19 79.20 34.81
C GLY E 53 -37.02 80.05 34.36
N LEU E 54 -37.06 80.42 33.09
CA LEU E 54 -36.00 81.16 32.43
C LEU E 54 -35.73 82.50 33.11
N PRO E 55 -34.44 82.79 33.38
CA PRO E 55 -34.02 84.04 34.00
C PRO E 55 -34.40 85.24 33.13
N GLY E 56 -34.94 86.29 33.77
CA GLY E 56 -35.44 87.44 33.05
C GLY E 56 -36.92 87.30 32.78
N LYS E 57 -37.38 86.05 32.77
CA LYS E 57 -38.80 85.73 32.74
C LYS E 57 -39.17 85.34 34.17
N ARG E 58 -40.39 85.64 34.61
CA ARG E 58 -40.65 85.54 36.04
C ARG E 58 -41.37 84.28 36.50
N LEU E 59 -42.69 84.30 36.36
CA LEU E 59 -43.58 83.34 37.02
C LEU E 59 -43.20 83.18 38.50
N TYR E 60 -42.69 84.27 39.09
CA TYR E 60 -42.34 84.42 40.50
C TYR E 60 -41.65 85.78 40.68
N GLN E 61 -41.39 86.17 41.92
CA GLN E 61 -40.71 87.44 42.15
C GLN E 61 -39.68 87.38 43.28
N GLY E 62 -38.84 88.42 43.35
CA GLY E 62 -37.79 88.49 44.36
C GLY E 62 -36.49 87.85 43.90
N CYS E 63 -36.54 87.26 42.72
CA CYS E 63 -35.44 86.47 42.16
C CYS E 63 -34.46 87.31 41.35
N LYS E 64 -34.63 88.62 41.41
CA LYS E 64 -33.87 89.57 40.59
C LYS E 64 -32.36 89.30 40.53
N TYR E 65 -31.76 88.95 41.66
CA TYR E 65 -30.31 88.70 41.68
C TYR E 65 -29.89 87.30 41.22
N ILE E 66 -30.70 86.28 41.50
CA ILE E 66 -30.34 84.93 41.05
C ILE E 66 -30.50 84.83 39.54
N ASP E 67 -31.20 85.78 38.96
CA ASP E 67 -31.33 85.84 37.51
C ASP E 67 -29.98 86.18 36.90
N GLU E 68 -29.13 86.81 37.72
CA GLU E 68 -27.75 87.06 37.34
C GLU E 68 -26.95 85.76 37.47
N VAL E 69 -27.34 84.94 38.45
CA VAL E 69 -26.73 83.64 38.67
C VAL E 69 -26.95 82.73 37.47
N GLU E 70 -28.19 82.69 36.99
CA GLU E 70 -28.49 81.93 35.80
C GLU E 70 -27.91 82.62 34.56
N THR E 71 -27.90 83.95 34.58
CA THR E 71 -27.26 84.74 33.53
C THR E 71 -25.83 84.26 33.34
N LEU E 72 -25.20 83.87 34.45
CA LEU E 72 -23.90 83.22 34.37
C LEU E 72 -24.05 81.81 33.85
N CYS E 73 -24.72 80.95 34.63
CA CYS E 73 -24.76 79.51 34.37
C CYS E 73 -25.04 79.11 32.93
N ILE E 74 -26.02 79.76 32.30
CA ILE E 74 -26.45 79.31 30.98
C ILE E 74 -25.39 79.66 29.94
N GLU E 75 -25.12 80.94 29.75
CA GLU E 75 -24.13 81.38 28.75
C GLU E 75 -22.75 80.78 29.02
N LEU E 76 -22.45 80.56 30.30
CA LEU E 76 -21.18 79.97 30.71
C LEU E 76 -21.06 78.53 30.24
N SER E 77 -22.09 77.73 30.53
CA SER E 77 -22.09 76.34 30.08
C SER E 77 -22.16 76.27 28.56
N LYS E 78 -22.72 77.31 27.94
CA LYS E 78 -22.70 77.44 26.50
C LYS E 78 -21.27 77.62 26.01
N GLU E 79 -20.49 78.39 26.75
CA GLU E 79 -19.11 78.66 26.36
C GLU E 79 -18.13 77.61 26.86
N LEU E 80 -18.61 76.63 27.62
CA LEU E 80 -17.76 75.55 28.10
C LEU E 80 -17.83 74.33 27.18
N PHE E 81 -19.00 73.71 27.13
CA PHE E 81 -19.22 72.54 26.29
C PHE E 81 -19.29 72.95 24.82
N LYS E 82 -19.28 74.26 24.58
CA LYS E 82 -19.37 74.81 23.23
C LYS E 82 -20.65 74.34 22.56
N ALA E 83 -21.79 74.75 23.11
CA ALA E 83 -23.08 74.30 22.62
C ALA E 83 -24.01 75.47 22.34
N GLU E 84 -24.96 75.26 21.44
CA GLU E 84 -25.94 76.30 21.10
C GLU E 84 -26.77 76.68 22.31
N HIS E 85 -27.44 75.70 22.89
CA HIS E 85 -28.36 75.96 24.00
C HIS E 85 -28.03 75.12 25.23
N ALA E 86 -28.19 75.72 26.40
CA ALA E 86 -27.91 75.04 27.65
C ALA E 86 -29.01 75.28 28.69
N ASN E 87 -29.62 74.19 29.14
CA ASN E 87 -30.58 74.26 30.23
C ASN E 87 -29.96 73.62 31.47
N VAL E 88 -29.61 74.46 32.44
CA VAL E 88 -28.89 74.01 33.63
C VAL E 88 -29.78 73.69 34.82
N GLN E 89 -31.06 74.05 34.71
CA GLN E 89 -31.99 74.02 35.85
C GLN E 89 -32.35 72.66 36.49
N PRO E 90 -32.46 71.57 35.69
CA PRO E 90 -32.88 70.30 36.30
C PRO E 90 -32.11 69.91 37.57
N THR E 91 -32.88 69.49 38.58
CA THR E 91 -32.38 69.35 39.95
C THR E 91 -31.61 68.06 40.19
N SER E 92 -32.30 66.93 40.19
CA SER E 92 -31.63 65.64 40.34
C SER E 92 -30.92 65.29 39.04
N GLY E 93 -29.94 64.41 39.11
CA GLY E 93 -29.24 63.99 37.91
C GLY E 93 -30.16 63.21 37.00
N VAL E 94 -31.16 62.56 37.58
CA VAL E 94 -32.09 61.73 36.81
C VAL E 94 -33.34 62.44 36.35
N VAL E 95 -33.58 63.65 36.84
CA VAL E 95 -34.78 64.38 36.41
C VAL E 95 -34.54 65.04 35.05
N ALA E 96 -33.28 65.24 34.69
CA ALA E 96 -32.94 65.70 33.36
C ALA E 96 -33.46 64.70 32.34
N ASN E 97 -33.24 63.42 32.65
CA ASN E 97 -33.75 62.33 31.83
C ASN E 97 -35.27 62.33 31.79
N LEU E 98 -35.90 62.73 32.89
CA LEU E 98 -37.35 62.87 32.91
C LEU E 98 -37.80 63.96 31.95
N ALA E 99 -37.03 65.04 31.91
CA ALA E 99 -37.30 66.17 31.02
C ALA E 99 -37.21 65.74 29.57
N VAL E 100 -36.10 65.10 29.22
CA VAL E 100 -35.90 64.67 27.84
C VAL E 100 -36.90 63.60 27.42
N PHE E 101 -37.12 62.62 28.29
CA PHE E 101 -38.08 61.55 28.02
C PHE E 101 -39.49 62.11 27.90
N PHE E 102 -39.74 63.24 28.57
CA PHE E 102 -41.02 63.92 28.46
C PHE E 102 -41.12 64.65 27.13
N ALA E 103 -40.03 65.25 26.70
CA ALA E 103 -40.03 66.07 25.50
C ALA E 103 -40.01 65.25 24.22
N GLU E 104 -38.88 64.62 23.96
CA GLU E 104 -38.65 63.96 22.67
C GLU E 104 -39.53 62.75 22.44
N THR E 105 -40.23 62.29 23.48
CA THR E 105 -41.13 61.15 23.32
C THR E 105 -42.56 61.49 23.73
N LYS E 106 -43.42 60.49 23.58
CA LYS E 106 -44.78 60.51 24.11
C LYS E 106 -44.98 59.12 24.70
N PRO E 107 -46.01 58.94 25.54
CA PRO E 107 -46.19 57.59 26.11
C PRO E 107 -46.29 56.52 25.02
N GLY E 108 -45.92 55.29 25.34
CA GLY E 108 -46.00 54.21 24.38
C GLY E 108 -44.86 54.18 23.38
N ASP E 109 -44.11 55.28 23.30
CA ASP E 109 -42.97 55.36 22.40
C ASP E 109 -41.92 54.33 22.79
N LYS E 110 -41.16 53.86 21.82
CA LYS E 110 -40.07 52.93 22.13
C LYS E 110 -38.85 53.74 22.54
N LEU E 111 -37.80 53.05 23.00
CA LEU E 111 -36.55 53.71 23.32
C LEU E 111 -35.41 52.71 23.23
N MET E 112 -34.24 53.16 22.80
CA MET E 112 -33.08 52.27 22.73
C MET E 112 -32.00 52.73 23.70
N ALA E 113 -31.72 51.90 24.69
CA ALA E 113 -30.73 52.23 25.70
C ALA E 113 -29.93 51.00 26.11
N LEU E 114 -28.76 51.25 26.72
CA LEU E 114 -27.90 50.17 27.19
C LEU E 114 -28.45 49.53 28.46
N SER E 115 -28.55 48.20 28.45
CA SER E 115 -29.16 47.48 29.55
C SER E 115 -28.32 47.55 30.82
N VAL E 116 -28.99 47.68 31.95
CA VAL E 116 -28.34 47.73 33.26
C VAL E 116 -27.38 46.54 33.50
N PRO E 117 -27.78 45.31 33.10
CA PRO E 117 -26.77 44.25 33.23
C PRO E 117 -25.54 44.48 32.36
N ASP E 118 -25.70 45.20 31.25
CA ASP E 118 -24.59 45.41 30.33
C ASP E 118 -23.71 46.59 30.76
N GLY E 119 -24.06 47.20 31.89
CA GLY E 119 -23.31 48.34 32.41
C GLY E 119 -23.94 49.67 32.06
N GLY E 120 -25.11 49.61 31.44
CA GLY E 120 -25.87 50.81 31.11
C GLY E 120 -26.46 51.40 32.37
N HIS E 121 -26.92 52.65 32.27
CA HIS E 121 -27.47 53.32 33.44
C HIS E 121 -28.82 52.72 33.81
N ILE E 122 -29.11 52.73 35.11
CA ILE E 122 -30.32 52.12 35.64
C ILE E 122 -31.57 52.83 35.13
N SER E 123 -31.57 54.16 35.19
CA SER E 123 -32.75 54.97 34.91
C SER E 123 -33.32 54.80 33.51
N HIS E 124 -32.58 54.13 32.64
CA HIS E 124 -32.98 53.95 31.26
C HIS E 124 -34.08 52.91 31.06
N TRP E 125 -34.37 52.13 32.10
CA TRP E 125 -35.27 50.99 31.96
C TRP E 125 -36.52 51.06 32.82
N LYS E 126 -37.40 50.09 32.65
CA LYS E 126 -38.80 50.16 33.09
C LYS E 126 -39.02 50.62 34.54
N VAL E 127 -38.63 49.79 35.49
CA VAL E 127 -38.91 50.08 36.89
C VAL E 127 -38.07 51.26 37.42
N SER E 128 -36.97 51.55 36.75
CA SER E 128 -36.05 52.58 37.22
C SER E 128 -36.50 54.01 36.91
N ALA E 129 -36.91 54.22 35.66
CA ALA E 129 -37.37 55.53 35.17
C ALA E 129 -37.76 55.34 33.71
N ALA E 130 -38.49 56.30 33.15
CA ALA E 130 -39.04 56.20 31.80
C ALA E 130 -40.08 55.07 31.71
N GLY E 131 -40.21 54.27 32.76
CA GLY E 131 -41.38 53.43 32.93
C GLY E 131 -42.45 54.38 33.41
N ILE E 132 -41.96 55.52 33.91
CA ILE E 132 -42.78 56.68 34.21
C ILE E 132 -43.31 57.29 32.92
N ARG E 133 -42.42 57.52 31.97
CA ARG E 133 -42.77 58.27 30.77
C ARG E 133 -42.43 57.53 29.48
N GLY E 134 -41.14 57.28 29.26
CA GLY E 134 -40.66 56.67 28.03
C GLY E 134 -41.27 55.31 27.73
N LEU E 135 -41.82 54.66 28.75
CA LEU E 135 -42.49 53.37 28.61
C LEU E 135 -41.63 52.35 27.90
N LYS E 136 -42.08 51.91 26.73
CA LYS E 136 -41.38 50.88 25.96
C LYS E 136 -39.94 51.27 25.69
N VAL E 137 -39.02 50.37 26.04
CA VAL E 137 -37.60 50.55 25.76
C VAL E 137 -37.04 49.22 25.24
N ILE E 138 -35.92 49.27 24.53
CA ILE E 138 -35.37 48.05 23.95
C ILE E 138 -33.86 47.90 24.06
N ASN E 139 -33.34 46.89 23.38
CA ASN E 139 -31.97 46.43 23.56
C ASN E 139 -30.95 47.14 22.68
N HIS E 140 -30.00 47.81 23.33
CA HIS E 140 -28.78 48.22 22.66
C HIS E 140 -27.86 47.00 22.59
N PRO E 141 -27.56 46.55 21.37
CA PRO E 141 -26.88 45.27 21.16
C PRO E 141 -25.45 45.34 21.65
N PHE E 142 -25.28 45.24 22.96
CA PHE E 142 -23.96 45.32 23.58
C PHE E 142 -23.03 44.30 22.96
N ASP E 143 -21.77 44.65 22.85
CA ASP E 143 -20.79 43.82 22.18
C ASP E 143 -19.73 43.39 23.21
N PRO E 144 -20.03 42.32 23.95
CA PRO E 144 -19.22 41.90 25.10
C PRO E 144 -17.79 41.53 24.74
N GLU E 145 -17.01 41.18 25.77
CA GLU E 145 -15.57 40.94 25.71
C GLU E 145 -14.80 42.24 25.48
N GLU E 146 -15.55 43.29 25.14
CA GLU E 146 -15.14 44.69 25.29
C GLU E 146 -16.42 45.44 25.61
N MET E 147 -16.33 46.76 25.73
CA MET E 147 -17.54 47.55 25.94
C MET E 147 -17.79 48.47 24.74
N ASN E 148 -18.78 48.08 23.93
CA ASN E 148 -19.17 48.84 22.74
C ASN E 148 -20.43 48.28 22.09
N ILE E 149 -20.83 48.90 20.99
CA ILE E 149 -22.02 48.48 20.26
C ILE E 149 -21.69 48.13 18.81
N ASP E 150 -22.34 47.11 18.28
CA ASP E 150 -22.14 46.71 16.89
C ASP E 150 -22.88 47.65 15.93
N ALA E 151 -22.15 48.15 14.94
CA ALA E 151 -22.72 49.07 13.96
C ALA E 151 -23.54 48.32 12.91
N ASP E 152 -23.01 47.19 12.44
CA ASP E 152 -23.69 46.36 11.45
C ASP E 152 -25.00 45.81 12.00
N ALA E 153 -25.08 45.68 13.32
CA ALA E 153 -26.32 45.33 13.98
C ALA E 153 -27.22 46.56 14.07
N MET E 154 -26.64 47.67 14.51
CA MET E 154 -27.38 48.91 14.76
C MET E 154 -28.15 49.38 13.54
N VAL E 155 -27.47 49.43 12.39
CA VAL E 155 -28.06 49.94 11.16
C VAL E 155 -29.41 49.31 10.84
N LYS E 156 -29.48 47.97 10.85
CA LYS E 156 -30.73 47.28 10.55
C LYS E 156 -31.65 47.26 11.78
N LYS E 157 -31.03 47.35 12.95
CA LYS E 157 -31.77 47.41 14.21
C LYS E 157 -32.76 48.55 14.23
N ILE E 158 -32.25 49.78 14.16
CA ILE E 158 -33.09 50.97 14.23
C ILE E 158 -34.18 50.95 13.15
N LEU E 159 -33.92 50.22 12.06
CA LEU E 159 -34.90 50.07 11.00
C LEU E 159 -36.02 49.12 11.38
N GLU E 160 -35.67 47.97 11.96
CA GLU E 160 -36.67 46.97 12.31
C GLU E 160 -37.50 47.37 13.53
N GLU E 161 -36.82 47.75 14.61
CA GLU E 161 -37.52 48.05 15.87
C GLU E 161 -38.15 49.44 15.88
N LYS E 162 -37.54 50.37 15.15
CA LYS E 162 -38.02 51.75 15.05
C LYS E 162 -38.21 52.44 16.40
N PRO E 163 -37.12 52.65 17.15
CA PRO E 163 -37.20 53.35 18.44
C PRO E 163 -37.34 54.86 18.26
N LYS E 164 -37.95 55.53 19.23
CA LYS E 164 -38.10 56.98 19.16
C LYS E 164 -36.82 57.71 19.55
N LEU E 165 -36.18 57.23 20.62
CA LEU E 165 -34.98 57.88 21.13
C LEU E 165 -33.86 56.86 21.36
N ILE E 166 -32.75 57.05 20.64
CA ILE E 166 -31.62 56.15 20.78
C ILE E 166 -30.66 56.72 21.81
N LEU E 167 -30.56 56.05 22.95
CA LEU E 167 -29.83 56.60 24.10
C LEU E 167 -28.46 55.97 24.28
N PHE E 168 -27.42 56.80 24.20
CA PHE E 168 -26.07 56.36 24.48
C PHE E 168 -25.64 56.80 25.86
N GLY E 169 -24.42 56.41 26.25
CA GLY E 169 -23.98 56.64 27.61
C GLY E 169 -24.51 55.56 28.53
N GLY E 170 -23.84 55.37 29.66
CA GLY E 170 -24.26 54.36 30.61
C GLY E 170 -23.61 54.52 31.96
N SER E 171 -23.90 53.61 32.87
CA SER E 171 -23.35 53.65 34.22
C SER E 171 -21.87 53.26 34.17
N LEU E 172 -21.61 52.03 33.74
CA LEU E 172 -20.23 51.60 33.55
C LEU E 172 -19.84 51.98 32.12
N PHE E 173 -18.91 52.90 31.99
CA PHE E 173 -18.68 53.58 30.70
C PHE E 173 -17.21 53.86 30.38
N PRO E 174 -16.41 52.79 30.20
CA PRO E 174 -14.97 52.96 29.92
C PRO E 174 -14.66 53.45 28.51
N PHE E 175 -15.53 53.17 27.54
CA PHE E 175 -15.21 53.45 26.15
C PHE E 175 -16.36 54.15 25.42
N PRO E 176 -16.03 55.08 24.52
CA PRO E 176 -17.01 55.93 23.83
C PRO E 176 -17.96 55.16 22.93
N HIS E 177 -19.26 55.47 23.07
CA HIS E 177 -20.30 54.82 22.29
C HIS E 177 -20.37 55.38 20.87
N PRO E 178 -20.77 54.54 19.90
CA PRO E 178 -20.85 54.95 18.50
C PRO E 178 -22.11 55.77 18.18
N VAL E 179 -22.09 57.06 18.48
CA VAL E 179 -23.22 57.93 18.17
C VAL E 179 -23.32 58.18 16.67
N ALA E 180 -22.16 58.18 16.00
CA ALA E 180 -22.10 58.44 14.57
C ALA E 180 -22.78 57.35 13.76
N ASP E 181 -22.54 56.10 14.14
CA ASP E 181 -23.14 54.96 13.45
C ASP E 181 -24.66 54.99 13.55
N ALA E 182 -25.14 55.19 14.76
CA ALA E 182 -26.57 55.19 15.02
C ALA E 182 -27.26 56.40 14.44
N TYR E 183 -26.57 57.54 14.34
CA TYR E 183 -27.18 58.71 13.74
C TYR E 183 -27.15 58.58 12.23
N GLU E 184 -26.19 57.80 11.73
CA GLU E 184 -26.11 57.49 10.31
C GLU E 184 -27.26 56.56 9.92
N ALA E 185 -27.59 55.62 10.80
CA ALA E 185 -28.68 54.67 10.56
C ALA E 185 -30.05 55.30 10.79
N ALA E 186 -30.15 56.10 11.85
CA ALA E 186 -31.40 56.73 12.23
C ALA E 186 -31.64 57.99 11.42
N GLN E 187 -30.64 58.35 10.63
CA GLN E 187 -30.79 59.42 9.65
C GLN E 187 -32.00 59.10 8.78
N GLU E 188 -31.98 57.91 8.19
CA GLU E 188 -33.02 57.46 7.29
C GLU E 188 -34.32 57.14 8.02
N VAL E 189 -34.21 56.83 9.31
CA VAL E 189 -35.39 56.45 10.11
C VAL E 189 -36.28 57.63 10.43
N GLY E 190 -35.70 58.72 10.93
CA GLY E 190 -36.45 59.90 11.31
C GLY E 190 -36.59 60.10 12.80
N ALA E 191 -35.98 59.22 13.59
CA ALA E 191 -35.98 59.35 15.04
C ALA E 191 -34.86 60.28 15.51
N LYS E 192 -34.63 60.32 16.82
CA LYS E 192 -33.55 61.15 17.36
C LYS E 192 -32.67 60.42 18.36
N ILE E 193 -31.44 60.90 18.50
CA ILE E 193 -30.46 60.29 19.37
C ILE E 193 -30.16 61.20 20.56
N ALA E 194 -30.07 60.61 21.74
CA ALA E 194 -29.71 61.33 22.96
C ALA E 194 -28.51 60.66 23.61
N TYR E 195 -27.72 61.44 24.35
CA TYR E 195 -26.53 60.92 25.01
C TYR E 195 -26.53 61.28 26.49
N ASP E 196 -26.67 60.27 27.36
CA ASP E 196 -26.57 60.55 28.78
C ASP E 196 -25.31 59.88 29.34
N GLY E 197 -24.26 60.67 29.49
CA GLY E 197 -23.08 60.19 30.18
C GLY E 197 -23.23 60.26 31.68
N ALA E 198 -23.45 61.47 32.18
CA ALA E 198 -23.65 61.78 33.60
C ALA E 198 -22.57 61.15 34.47
N HIS E 199 -21.46 60.80 33.84
CA HIS E 199 -20.28 60.25 34.49
C HIS E 199 -19.08 60.98 33.92
N VAL E 200 -18.94 60.85 32.60
CA VAL E 200 -17.80 61.34 31.84
C VAL E 200 -17.92 62.82 31.47
N LEU E 201 -18.95 63.48 31.98
CA LEU E 201 -19.20 64.89 31.68
C LEU E 201 -18.00 65.79 31.99
N GLY E 202 -17.13 65.34 32.91
CA GLY E 202 -15.92 66.06 33.23
C GLY E 202 -14.87 65.93 32.14
N LEU E 203 -14.77 64.73 31.59
CA LEU E 203 -13.88 64.45 30.46
C LEU E 203 -14.34 65.16 29.19
N ILE E 204 -15.65 65.12 28.94
CA ILE E 204 -16.22 65.78 27.77
C ILE E 204 -15.97 67.28 27.80
N ALA E 205 -16.22 67.89 28.96
CA ALA E 205 -15.96 69.32 29.15
C ALA E 205 -14.46 69.61 29.09
N GLY E 206 -13.65 68.56 29.23
CA GLY E 206 -12.21 68.68 29.12
C GLY E 206 -11.72 68.28 27.74
N LYS E 207 -12.62 68.30 26.76
CA LYS E 207 -12.32 67.94 25.37
C LYS E 207 -11.81 66.51 25.25
N GLN E 208 -12.18 65.66 26.20
CA GLN E 208 -11.74 64.26 26.19
C GLN E 208 -12.95 63.33 26.11
N PHE E 209 -12.69 62.02 26.22
CA PHE E 209 -13.69 60.99 25.97
C PHE E 209 -14.22 61.18 24.55
N GLN E 210 -15.50 61.51 24.42
CA GLN E 210 -16.08 61.84 23.13
C GLN E 210 -17.15 62.92 23.29
N ASP E 211 -17.29 63.77 22.29
CA ASP E 211 -18.34 64.78 22.30
C ASP E 211 -19.45 64.39 21.32
N PRO E 212 -20.59 63.93 21.84
CA PRO E 212 -21.73 63.48 21.04
C PRO E 212 -22.43 64.64 20.32
N LEU E 213 -22.22 65.85 20.79
CA LEU E 213 -22.83 67.02 20.15
C LEU E 213 -22.18 67.29 18.80
N ARG E 214 -20.89 66.99 18.70
CA ARG E 214 -20.19 67.09 17.42
C ARG E 214 -20.70 66.01 16.46
N GLU E 215 -20.82 64.79 16.96
CA GLU E 215 -21.28 63.70 16.12
C GLU E 215 -22.54 63.00 16.64
N GLY E 216 -23.65 63.22 15.94
CA GLY E 216 -24.81 62.37 16.07
C GLY E 216 -25.89 62.65 17.11
N ALA E 217 -25.56 63.35 18.17
CA ALA E 217 -26.52 63.55 19.25
C ALA E 217 -26.99 64.99 19.36
N GLU E 218 -28.31 65.18 19.30
CA GLU E 218 -28.91 66.49 19.49
C GLU E 218 -29.19 66.77 20.96
N TYR E 219 -28.85 65.80 21.81
CA TYR E 219 -29.06 65.92 23.25
C TYR E 219 -27.85 65.45 24.03
N LEU E 220 -27.28 66.33 24.83
CA LEU E 220 -26.24 65.94 25.78
C LEU E 220 -26.76 66.14 27.20
N MET E 221 -27.04 65.04 27.89
CA MET E 221 -27.58 65.09 29.23
C MET E 221 -26.52 64.62 30.22
N GLY E 222 -26.50 65.21 31.42
CA GLY E 222 -25.53 64.76 32.41
C GLY E 222 -25.70 65.27 33.82
N SER E 223 -25.10 64.56 34.77
CA SER E 223 -24.98 65.03 36.14
C SER E 223 -23.76 65.93 36.29
N THR E 224 -23.87 66.93 37.17
CA THR E 224 -22.77 67.87 37.38
C THR E 224 -21.81 67.43 38.48
N HIS E 225 -22.19 66.41 39.25
CA HIS E 225 -21.40 65.99 40.42
C HIS E 225 -20.47 64.79 40.22
N LYS E 226 -20.38 64.26 39.00
CA LYS E 226 -19.55 63.09 38.77
C LYS E 226 -18.10 62.83 38.55
N THR E 227 -17.60 63.13 37.35
CA THR E 227 -16.25 63.57 37.01
C THR E 227 -16.25 65.08 36.87
N PHE E 228 -17.39 65.62 36.44
CA PHE E 228 -17.69 67.02 36.63
C PHE E 228 -17.76 67.24 38.15
N PHE E 229 -16.99 68.17 38.67
CA PHE E 229 -16.84 68.29 40.13
C PHE E 229 -17.86 69.22 40.77
N GLY E 230 -18.84 69.69 39.98
CA GLY E 230 -19.86 70.58 40.52
C GLY E 230 -20.73 69.91 41.58
N PRO E 231 -21.67 70.69 42.15
CA PRO E 231 -22.53 70.18 43.22
C PRO E 231 -23.54 69.16 42.73
N GLN E 232 -24.39 68.66 43.61
CA GLN E 232 -25.44 67.74 43.21
C GLN E 232 -26.40 68.46 42.25
N GLY E 233 -26.60 67.86 41.07
CA GLY E 233 -27.45 68.49 40.08
C GLY E 233 -27.52 67.79 38.73
N GLY E 234 -27.96 68.54 37.72
CA GLY E 234 -28.01 68.05 36.36
C GLY E 234 -27.93 69.19 35.37
N VAL E 235 -27.53 68.88 34.15
CA VAL E 235 -27.47 69.87 33.09
C VAL E 235 -27.72 69.21 31.74
N ILE E 236 -28.41 69.94 30.87
CA ILE E 236 -28.68 69.48 29.50
C ILE E 236 -28.13 70.50 28.52
N LEU E 237 -27.51 70.03 27.45
CA LEU E 237 -26.94 70.88 26.42
C LEU E 237 -27.38 70.38 25.05
N THR E 238 -28.13 71.20 24.32
CA THR E 238 -28.70 70.78 23.04
C THR E 238 -28.60 71.86 21.97
N THR E 239 -29.13 71.54 20.80
CA THR E 239 -29.24 72.50 19.71
C THR E 239 -30.44 73.41 19.95
N LYS E 240 -30.41 74.62 19.40
CA LYS E 240 -31.47 75.59 19.66
C LYS E 240 -32.80 75.20 19.02
N GLU E 241 -32.75 74.30 18.04
CA GLU E 241 -33.96 73.76 17.43
C GLU E 241 -34.89 73.23 18.51
N ASN E 242 -34.29 72.52 19.46
CA ASN E 242 -34.99 71.93 20.58
C ASN E 242 -34.97 72.79 21.85
N ALA E 243 -34.44 74.00 21.75
CA ALA E 243 -34.18 74.81 22.95
C ALA E 243 -35.39 75.01 23.85
N ASP E 244 -36.32 75.84 23.42
CA ASP E 244 -37.46 76.17 24.28
C ASP E 244 -38.34 74.95 24.51
N LYS E 245 -38.36 74.04 23.54
CA LYS E 245 -39.04 72.78 23.71
C LYS E 245 -38.54 72.07 24.96
N ILE E 246 -37.23 71.96 25.12
CA ILE E 246 -36.70 71.30 26.31
C ILE E 246 -36.96 72.22 27.49
N ASP E 247 -36.95 73.53 27.23
CA ASP E 247 -37.24 74.52 28.27
C ASP E 247 -38.71 74.46 28.64
N SER E 248 -39.51 73.81 27.81
CA SER E 248 -40.90 73.55 28.14
C SER E 248 -40.99 72.35 29.07
N HIS E 249 -40.17 71.33 28.79
CA HIS E 249 -40.29 70.07 29.52
C HIS E 249 -39.34 70.05 30.71
N VAL E 250 -38.67 71.18 30.91
CA VAL E 250 -38.10 71.54 32.20
C VAL E 250 -38.85 72.78 32.64
N PHE E 251 -39.66 72.69 33.70
CA PHE E 251 -40.53 73.83 34.06
C PHE E 251 -41.52 74.37 33.02
N PRO E 252 -42.67 73.70 32.83
CA PRO E 252 -43.43 72.81 33.72
C PRO E 252 -43.01 71.35 33.83
N GLY E 253 -42.14 70.86 32.95
CA GLY E 253 -41.97 69.41 32.92
C GLY E 253 -41.38 68.79 34.17
N VAL E 254 -40.15 69.11 34.53
CA VAL E 254 -39.61 68.57 35.78
C VAL E 254 -39.66 69.55 36.95
N VAL E 255 -39.86 70.83 36.69
CA VAL E 255 -40.32 71.75 37.74
C VAL E 255 -39.46 71.82 39.02
N SER E 256 -40.09 71.64 40.17
CA SER E 256 -39.46 71.83 41.48
C SER E 256 -38.94 73.24 41.59
N ASN E 257 -37.71 73.42 42.07
CA ASN E 257 -37.07 74.70 41.93
C ASN E 257 -35.66 74.28 41.64
N HIS E 258 -35.04 74.95 40.68
CA HIS E 258 -33.64 74.69 40.35
C HIS E 258 -32.90 75.20 41.56
N HIS E 259 -32.02 74.37 42.12
CA HIS E 259 -31.48 74.74 43.43
C HIS E 259 -30.51 75.87 43.18
N LEU E 260 -30.83 77.03 43.72
CA LEU E 260 -30.17 78.26 43.34
C LEU E 260 -28.84 78.37 44.06
N HIS E 261 -28.70 77.57 45.12
CA HIS E 261 -27.41 77.45 45.79
C HIS E 261 -26.52 76.55 44.96
N HIS E 262 -27.12 75.47 44.46
CA HIS E 262 -26.44 74.55 43.54
C HIS E 262 -26.09 75.25 42.24
N LYS E 263 -26.93 76.21 41.83
CA LYS E 263 -26.67 76.98 40.62
C LYS E 263 -25.59 78.03 40.89
N ALA E 264 -25.66 78.64 42.07
CA ALA E 264 -24.65 79.61 42.48
C ALA E 264 -23.29 78.94 42.61
N GLY E 265 -23.30 77.63 42.80
CA GLY E 265 -22.06 76.86 42.79
C GLY E 265 -21.75 76.36 41.39
N LEU E 266 -22.78 76.28 40.56
CA LEU E 266 -22.62 75.82 39.19
C LEU E 266 -21.91 76.86 38.35
N ALA E 267 -22.16 78.14 38.64
CA ALA E 267 -21.47 79.23 37.98
C ALA E 267 -19.97 79.16 38.26
N ILE E 268 -19.62 78.67 39.45
CA ILE E 268 -18.22 78.48 39.83
C ILE E 268 -17.62 77.25 39.15
N ALA E 269 -18.35 76.14 39.24
CA ALA E 269 -17.90 74.87 38.70
C ALA E 269 -17.64 74.95 37.20
N LEU E 270 -18.53 75.62 36.49
CA LEU E 270 -18.43 75.77 35.05
C LEU E 270 -17.16 76.51 34.65
N ALA E 271 -16.74 77.47 35.47
CA ALA E 271 -15.51 78.22 35.21
C ALA E 271 -14.29 77.40 35.58
N GLU E 272 -14.39 76.66 36.69
CA GLU E 272 -13.32 75.76 37.10
C GLU E 272 -13.04 74.75 35.98
N MET E 273 -14.08 74.30 35.31
CA MET E 273 -13.93 73.42 34.16
C MET E 273 -13.42 74.18 32.94
N LEU E 274 -13.93 75.39 32.76
CA LEU E 274 -13.52 76.27 31.66
C LEU E 274 -12.00 76.49 31.65
N GLU E 275 -11.39 76.47 32.83
CA GLU E 275 -9.95 76.64 32.92
C GLU E 275 -9.22 75.29 33.04
N PHE E 276 -9.45 74.58 34.15
CA PHE E 276 -8.64 73.41 34.48
C PHE E 276 -9.13 72.13 33.81
N GLY E 277 -10.37 72.15 33.30
CA GLY E 277 -11.04 70.97 32.83
C GLY E 277 -10.33 70.05 31.85
N GLU E 278 -9.63 70.63 30.88
CA GLU E 278 -9.01 69.88 29.80
C GLU E 278 -7.79 69.07 30.25
N ALA E 279 -6.82 69.75 30.86
CA ALA E 279 -5.64 69.09 31.38
C ALA E 279 -6.03 68.15 32.52
N TYR E 280 -6.99 68.59 33.33
CA TYR E 280 -7.55 67.73 34.36
C TYR E 280 -8.04 66.43 33.76
N ALA E 281 -8.80 66.53 32.67
CA ALA E 281 -9.37 65.36 31.99
C ALA E 281 -8.28 64.42 31.48
N LYS E 282 -7.31 64.97 30.75
CA LYS E 282 -6.19 64.16 30.27
C LYS E 282 -5.53 63.39 31.42
N GLN E 283 -5.25 64.12 32.50
CA GLN E 283 -4.66 63.50 33.69
C GLN E 283 -5.53 62.37 34.22
N VAL E 284 -6.84 62.62 34.32
CA VAL E 284 -7.81 61.63 34.79
C VAL E 284 -7.70 60.33 34.01
N ILE E 285 -7.73 60.44 32.68
CA ILE E 285 -7.54 59.27 31.82
C ILE E 285 -6.25 58.54 32.16
N LYS E 286 -5.16 59.31 32.21
CA LYS E 286 -3.84 58.76 32.52
C LYS E 286 -3.82 57.94 33.80
N ASN E 287 -4.30 58.54 34.90
CA ASN E 287 -4.38 57.86 36.19
C ASN E 287 -5.24 56.60 36.13
N ALA E 288 -6.37 56.73 35.45
CA ALA E 288 -7.29 55.60 35.29
C ALA E 288 -6.58 54.39 34.71
N LYS E 289 -6.11 54.51 33.47
CA LYS E 289 -5.51 53.35 32.83
C LYS E 289 -4.14 53.00 33.42
N ALA E 290 -3.60 53.90 34.25
CA ALA E 290 -2.39 53.58 35.00
C ALA E 290 -2.70 52.57 36.09
N LEU E 291 -3.70 52.90 36.90
CA LEU E 291 -4.14 52.00 37.96
C LEU E 291 -4.59 50.68 37.35
N ALA E 292 -5.23 50.74 36.20
CA ALA E 292 -5.70 49.53 35.52
C ALA E 292 -4.53 48.66 35.00
N GLN E 293 -3.54 49.31 34.41
CA GLN E 293 -2.37 48.60 33.88
C GLN E 293 -1.60 47.91 34.99
N ALA E 294 -1.28 48.69 36.02
CA ALA E 294 -0.60 48.16 37.20
C ALA E 294 -1.46 47.09 37.88
N LEU E 295 -2.76 47.20 37.69
CA LEU E 295 -3.70 46.20 38.20
C LEU E 295 -3.51 44.88 37.47
N TYR E 296 -3.30 44.93 36.15
CA TYR E 296 -2.99 43.69 35.45
C TYR E 296 -1.65 43.13 35.90
N GLU E 297 -0.65 44.00 35.97
CA GLU E 297 0.70 43.54 36.30
C GLU E 297 0.79 42.93 37.70
N ARG E 298 -0.17 43.26 38.56
CA ARG E 298 -0.17 42.78 39.93
C ARG E 298 -1.02 41.53 40.15
N GLY E 299 -1.60 41.01 39.08
CA GLY E 299 -2.39 39.80 39.16
C GLY E 299 -3.90 39.96 39.04
N PHE E 300 -4.36 41.20 38.84
CA PHE E 300 -5.77 41.44 38.56
C PHE E 300 -5.95 41.58 37.06
N ASN E 301 -6.56 40.61 36.40
CA ASN E 301 -6.77 40.79 34.97
C ASN E 301 -7.96 41.74 34.77
N VAL E 302 -7.68 42.88 34.15
CA VAL E 302 -8.67 43.92 33.98
C VAL E 302 -9.29 43.78 32.61
N LEU E 303 -10.59 44.03 32.53
CA LEU E 303 -11.34 43.93 31.28
C LEU E 303 -10.69 44.77 30.19
N CYS E 304 -10.72 44.24 28.96
CA CYS E 304 -10.08 44.87 27.81
C CYS E 304 -8.59 45.07 28.02
N GLU E 305 -7.85 43.97 28.11
CA GLU E 305 -6.41 44.04 28.31
C GLU E 305 -5.70 44.65 27.11
N HIS E 306 -6.27 44.42 25.92
CA HIS E 306 -5.71 44.91 24.68
C HIS E 306 -5.88 46.42 24.50
N LYS E 307 -6.91 46.96 25.15
CA LYS E 307 -7.32 48.35 24.95
C LYS E 307 -6.62 49.33 25.90
N ASP E 308 -5.61 48.84 26.60
CA ASP E 308 -4.91 49.59 27.67
C ASP E 308 -5.87 49.75 28.84
N PHE E 309 -6.79 48.80 28.91
CA PHE E 309 -7.69 48.57 30.05
C PHE E 309 -8.55 49.75 30.46
N THR E 310 -8.46 50.86 29.73
CA THR E 310 -9.45 51.92 29.74
C THR E 310 -9.13 53.02 28.72
N GLU E 311 -10.16 53.80 28.42
CA GLU E 311 -10.02 55.10 27.79
C GLU E 311 -10.47 56.12 28.84
N SER E 312 -11.71 55.95 29.30
CA SER E 312 -12.34 56.84 30.27
C SER E 312 -11.73 56.79 31.67
N HIS E 313 -12.37 57.51 32.58
CA HIS E 313 -11.89 57.72 33.95
C HIS E 313 -11.87 56.47 34.83
N GLN E 314 -12.61 55.44 34.45
CA GLN E 314 -12.77 54.28 35.33
C GLN E 314 -11.67 53.23 35.20
N VAL E 315 -11.74 52.22 36.05
CA VAL E 315 -11.01 50.96 35.87
C VAL E 315 -11.89 49.83 36.39
N ILE E 316 -12.15 48.81 35.59
CA ILE E 316 -13.05 47.73 36.01
C ILE E 316 -12.43 46.35 35.87
N ILE E 317 -12.47 45.58 36.95
CA ILE E 317 -11.79 44.29 36.99
C ILE E 317 -12.74 43.10 36.97
N ASP E 318 -12.34 42.08 36.21
CA ASP E 318 -13.04 40.81 36.15
C ASP E 318 -12.61 39.92 37.31
N ILE E 319 -13.57 39.22 37.92
CA ILE E 319 -13.26 38.26 38.98
C ILE E 319 -13.49 36.83 38.48
N GLU E 320 -14.71 36.53 38.04
CA GLU E 320 -15.08 35.20 37.54
C GLU E 320 -14.06 34.63 36.55
N SER E 321 -13.52 35.48 35.68
CA SER E 321 -12.51 35.05 34.73
C SER E 321 -11.09 35.20 35.28
N SER E 322 -10.95 35.86 36.44
CA SER E 322 -9.65 36.14 37.02
C SER E 322 -8.98 34.88 37.57
N PRO E 323 -7.82 34.51 36.99
CA PRO E 323 -7.07 33.33 37.42
C PRO E 323 -6.33 33.56 38.74
N ASP E 324 -6.26 32.50 39.56
CA ASP E 324 -5.47 32.48 40.79
C ASP E 324 -5.93 33.47 41.86
N ILE E 325 -6.89 34.32 41.53
CA ILE E 325 -7.53 35.16 42.53
C ILE E 325 -8.68 34.35 43.15
N GLU E 326 -9.45 33.67 42.30
CA GLU E 326 -10.50 32.73 42.68
C GLU E 326 -11.28 33.15 43.92
N PHE E 327 -12.03 34.24 43.82
CA PHE E 327 -12.70 34.77 45.01
C PHE E 327 -14.02 35.47 44.70
N SER E 328 -14.87 35.54 45.72
CA SER E 328 -16.18 36.17 45.62
C SER E 328 -16.07 37.70 45.57
N ALA E 329 -17.14 38.34 45.10
CA ALA E 329 -17.12 39.78 44.88
C ALA E 329 -17.45 40.58 46.13
N SER E 330 -18.71 40.51 46.56
CA SER E 330 -19.23 41.33 47.66
C SER E 330 -18.43 41.18 48.95
N GLU E 331 -18.00 39.94 49.22
CA GLU E 331 -17.17 39.63 50.39
C GLU E 331 -15.94 40.53 50.40
N LEU E 332 -15.20 40.51 49.29
CA LEU E 332 -13.99 41.28 49.13
C LEU E 332 -14.29 42.79 49.05
N ALA E 333 -15.49 43.14 48.62
CA ALA E 333 -15.89 44.54 48.57
C ALA E 333 -15.99 45.11 49.98
N LYS E 334 -16.69 44.37 50.85
CA LYS E 334 -16.83 44.77 52.24
C LYS E 334 -15.47 44.76 52.94
N MET E 335 -14.70 43.70 52.70
CA MET E 335 -13.36 43.61 53.29
C MET E 335 -12.49 44.76 52.82
N TYR E 336 -12.76 45.26 51.62
CA TYR E 336 -12.04 46.40 51.08
C TYR E 336 -12.52 47.69 51.71
N GLU E 337 -13.78 47.70 52.15
CA GLU E 337 -14.28 48.85 52.90
C GLU E 337 -13.58 48.90 54.25
N GLU E 338 -13.31 47.73 54.82
CA GLU E 338 -12.54 47.66 56.06
C GLU E 338 -11.06 47.93 55.79
N ALA E 339 -10.68 47.84 54.51
CA ALA E 339 -9.36 48.25 54.07
C ALA E 339 -9.41 49.71 53.66
N ASN E 340 -10.56 50.33 53.91
CA ASN E 340 -10.81 51.74 53.60
C ASN E 340 -10.75 52.02 52.10
N ILE E 341 -11.14 51.04 51.31
CA ILE E 341 -11.26 51.21 49.87
C ILE E 341 -12.73 51.26 49.51
N ILE E 342 -13.13 52.31 48.79
CA ILE E 342 -14.52 52.49 48.43
C ILE E 342 -14.76 52.15 46.95
N LEU E 343 -15.58 51.14 46.71
CA LEU E 343 -15.78 50.64 45.35
C LEU E 343 -17.23 50.27 45.07
N ASN E 344 -17.47 49.76 43.87
CA ASN E 344 -18.75 49.16 43.51
C ASN E 344 -18.54 47.79 42.88
N LYS E 345 -19.50 46.91 43.12
CA LYS E 345 -19.43 45.54 42.64
C LYS E 345 -20.21 45.33 41.34
N ASN E 346 -20.86 46.37 40.85
CA ASN E 346 -22.03 46.23 39.97
C ASN E 346 -21.83 45.31 38.76
N LEU E 347 -22.92 44.64 38.38
CA LEU E 347 -22.89 43.50 37.45
C LEU E 347 -22.17 43.72 36.12
N LEU E 348 -21.44 42.71 35.70
CA LEU E 348 -20.74 42.71 34.41
C LEU E 348 -21.66 42.17 33.31
N PRO E 349 -21.48 42.64 32.07
CA PRO E 349 -22.41 42.45 30.94
C PRO E 349 -22.84 41.00 30.62
N TRP E 350 -22.04 40.00 30.97
CA TRP E 350 -22.38 38.63 30.60
C TRP E 350 -23.32 37.95 31.59
N ASP E 351 -23.74 38.68 32.63
CA ASP E 351 -24.72 38.12 33.56
C ASP E 351 -26.07 38.08 32.87
N ASP E 352 -26.65 36.90 32.73
CA ASP E 352 -27.86 36.75 31.93
C ASP E 352 -29.12 36.77 32.79
N VAL E 353 -29.35 35.68 33.53
CA VAL E 353 -30.47 35.61 34.45
C VAL E 353 -30.02 36.12 35.81
N ASN E 354 -30.72 37.10 36.37
CA ASN E 354 -30.24 37.70 37.59
C ASN E 354 -30.86 37.08 38.83
N ASN E 355 -30.08 36.25 39.51
CA ASN E 355 -30.31 35.93 40.92
C ASN E 355 -28.97 35.85 41.63
N SER E 356 -28.66 36.82 42.48
CA SER E 356 -27.39 36.79 43.20
C SER E 356 -27.29 37.71 44.41
N ASP E 357 -26.40 37.39 45.35
CA ASP E 357 -25.51 38.43 45.82
C ASP E 357 -24.17 37.90 45.33
N ASN E 358 -23.92 38.13 44.04
CA ASN E 358 -22.73 37.63 43.38
C ASN E 358 -22.47 38.32 42.04
N PRO E 359 -21.92 39.54 42.05
CA PRO E 359 -21.68 40.03 40.69
C PRO E 359 -20.44 39.39 40.04
N SER E 360 -20.19 39.70 38.78
CA SER E 360 -19.10 39.06 38.04
C SER E 360 -17.82 39.90 38.02
N GLY E 361 -17.82 41.03 38.69
CA GLY E 361 -16.64 41.88 38.74
C GLY E 361 -16.72 43.02 39.74
N ILE E 362 -15.68 43.85 39.75
CA ILE E 362 -15.59 44.97 40.69
C ILE E 362 -15.21 46.26 39.96
N ARG E 363 -15.87 47.36 40.32
CA ARG E 363 -15.75 48.63 39.59
C ARG E 363 -15.03 49.72 40.39
N LEU E 364 -14.18 50.47 39.69
CA LEU E 364 -13.33 51.51 40.28
C LEU E 364 -13.32 52.77 39.42
N GLY E 365 -12.95 53.91 40.01
CA GLY E 365 -12.66 55.11 39.24
C GLY E 365 -11.73 56.04 39.98
N THR E 366 -10.95 56.80 39.22
CA THR E 366 -9.90 57.64 39.81
C THR E 366 -10.26 59.11 39.93
N GLN E 367 -11.45 59.49 39.47
CA GLN E 367 -11.83 60.89 39.33
C GLN E 367 -11.72 61.68 40.65
N GLU E 368 -12.06 61.04 41.76
CA GLU E 368 -12.00 61.69 43.06
C GLU E 368 -10.56 61.75 43.55
N CYS E 369 -9.86 60.63 43.43
CA CYS E 369 -8.47 60.55 43.79
C CYS E 369 -7.63 61.55 43.00
N THR E 370 -7.86 61.60 41.69
CA THR E 370 -7.09 62.48 40.82
C THR E 370 -7.54 63.92 40.95
N ARG E 371 -8.78 64.14 41.36
CA ARG E 371 -9.24 65.48 41.65
C ARG E 371 -8.52 66.02 42.88
N LEU E 372 -8.38 65.17 43.90
CA LEU E 372 -7.87 65.68 45.16
C LEU E 372 -6.35 65.79 45.30
N GLY E 373 -5.67 64.67 45.53
CA GLY E 373 -4.22 64.67 45.55
C GLY E 373 -3.44 63.85 44.53
N MET E 374 -4.11 62.87 43.93
CA MET E 374 -3.39 61.78 43.27
C MET E 374 -2.91 62.05 41.84
N LYS E 375 -1.85 61.35 41.45
CA LYS E 375 -1.36 61.33 40.08
C LYS E 375 -1.01 59.89 39.68
N GLU E 376 -0.39 59.73 38.51
CA GLU E 376 -0.16 58.42 37.91
C GLU E 376 0.62 57.43 38.80
N LYS E 377 1.51 57.94 39.64
CA LYS E 377 2.31 57.08 40.51
C LYS E 377 1.48 56.47 41.63
N GLU E 378 0.57 57.28 42.17
CA GLU E 378 -0.32 56.83 43.22
C GLU E 378 -1.25 55.71 42.74
N MET E 379 -1.38 55.58 41.42
CA MET E 379 -2.20 54.54 40.82
C MET E 379 -1.51 53.18 40.92
N GLU E 380 -0.22 53.15 40.62
CA GLU E 380 0.60 51.97 40.83
C GLU E 380 0.58 51.65 42.32
N GLU E 381 0.64 52.70 43.13
CA GLU E 381 0.55 52.57 44.57
C GLU E 381 -0.75 51.89 45.01
N ILE E 382 -1.86 52.21 44.35
CA ILE E 382 -3.16 51.65 44.68
C ILE E 382 -3.29 50.20 44.22
N ALA E 383 -2.79 49.92 43.02
CA ALA E 383 -2.79 48.55 42.51
C ALA E 383 -1.99 47.64 43.45
N GLU E 384 -0.83 48.13 43.88
CA GLU E 384 0.00 47.38 44.83
C GLU E 384 -0.70 47.30 46.19
N PHE E 385 -1.45 48.33 46.52
CA PHE E 385 -2.21 48.37 47.77
C PHE E 385 -3.25 47.25 47.81
N MET E 386 -3.91 47.04 46.68
CA MET E 386 -5.00 46.07 46.58
C MET E 386 -4.48 44.67 46.25
N LYS E 387 -3.21 44.59 45.85
CA LYS E 387 -2.61 43.33 45.45
C LYS E 387 -2.67 42.24 46.53
N ARG E 388 -2.46 42.63 47.78
CA ARG E 388 -2.32 41.66 48.86
C ARG E 388 -3.64 41.04 49.33
N ILE E 389 -4.65 41.88 49.55
CA ILE E 389 -5.89 41.42 50.16
C ILE E 389 -6.66 40.48 49.25
N ALA E 390 -6.54 40.67 47.94
CA ALA E 390 -7.33 39.90 46.99
C ALA E 390 -6.75 38.52 46.69
N ILE E 391 -5.64 38.49 45.96
CA ILE E 391 -5.11 37.22 45.47
C ILE E 391 -4.35 36.46 46.54
N ASP E 392 -3.68 37.19 47.44
CA ASP E 392 -2.92 36.55 48.52
C ASP E 392 -3.81 36.21 49.71
N LYS E 393 -4.99 36.81 49.77
CA LYS E 393 -5.88 36.71 50.93
C LYS E 393 -5.16 37.22 52.17
N GLU E 394 -4.53 38.38 52.03
CA GLU E 394 -3.81 39.03 53.13
C GLU E 394 -4.79 39.75 54.05
N LYS E 395 -4.41 39.90 55.32
CA LYS E 395 -5.28 40.51 56.33
C LYS E 395 -5.69 41.94 55.95
N PRO E 396 -7.00 42.15 55.75
CA PRO E 396 -7.57 43.43 55.29
C PRO E 396 -7.35 44.61 56.23
N GLU E 397 -7.59 44.43 57.53
CA GLU E 397 -7.63 45.56 58.45
C GLU E 397 -6.26 46.11 58.81
N LYS E 398 -5.21 45.35 58.55
CA LYS E 398 -3.85 45.83 58.75
C LYS E 398 -3.52 46.88 57.70
N VAL E 399 -4.15 46.73 56.53
CA VAL E 399 -3.96 47.67 55.44
C VAL E 399 -4.61 49.01 55.77
N ARG E 400 -5.61 48.99 56.65
CA ARG E 400 -6.31 50.21 57.05
C ARG E 400 -5.33 51.27 57.55
N GLU E 401 -4.31 50.84 58.28
CA GLU E 401 -3.28 51.76 58.76
C GLU E 401 -2.54 52.39 57.59
N ASP E 402 -2.17 51.55 56.62
CA ASP E 402 -1.38 51.99 55.48
C ASP E 402 -2.14 52.98 54.61
N VAL E 403 -3.39 52.66 54.30
CA VAL E 403 -4.22 53.55 53.51
C VAL E 403 -4.63 54.78 54.32
N LYS E 404 -4.62 54.66 55.64
CA LYS E 404 -4.91 55.80 56.50
C LYS E 404 -3.78 56.81 56.38
N GLU E 405 -2.56 56.37 56.64
CA GLU E 405 -1.41 57.25 56.55
C GLU E 405 -1.21 57.77 55.14
N PHE E 406 -1.51 56.93 54.16
CA PHE E 406 -1.38 57.30 52.75
C PHE E 406 -2.37 58.38 52.32
N ALA E 407 -3.65 58.11 52.55
CA ALA E 407 -4.73 58.98 52.06
C ALA E 407 -4.93 60.23 52.90
N LYS E 408 -4.65 60.13 54.21
CA LYS E 408 -4.75 61.28 55.10
C LYS E 408 -3.85 62.41 54.64
N GLU E 409 -2.76 62.03 53.98
CA GLU E 409 -1.76 62.98 53.54
C GLU E 409 -2.19 63.79 52.34
N TYR E 410 -3.17 63.30 51.58
CA TYR E 410 -3.78 64.17 50.59
C TYR E 410 -5.19 64.52 51.04
N SER E 411 -5.33 65.68 51.66
CA SER E 411 -6.64 66.28 51.92
C SER E 411 -6.91 67.47 51.01
N THR E 412 -5.93 67.82 50.17
CA THR E 412 -6.01 69.08 49.44
C THR E 412 -6.53 68.89 48.03
N ILE E 413 -7.59 69.62 47.69
CA ILE E 413 -8.16 69.56 46.35
C ILE E 413 -7.23 70.26 45.36
N HIS E 414 -7.13 69.70 44.17
CA HIS E 414 -6.38 70.34 43.10
C HIS E 414 -7.31 70.66 41.95
N TYR E 415 -6.78 71.30 40.92
CA TYR E 415 -7.58 71.79 39.81
C TYR E 415 -8.70 72.68 40.32
N SER E 416 -8.37 73.50 41.31
CA SER E 416 -9.35 74.36 41.97
C SER E 416 -8.85 75.79 42.09
N PHE E 417 -9.69 76.66 42.63
CA PHE E 417 -9.30 78.04 42.91
C PHE E 417 -8.73 78.19 44.32
N ASP E 418 -8.88 77.13 45.12
CA ASP E 418 -8.42 77.13 46.51
C ASP E 418 -7.83 75.79 46.87
N GLU E 419 -6.72 75.79 47.60
CA GLU E 419 -6.29 74.55 48.24
C GLU E 419 -6.50 74.64 49.73
N GLY E 420 -7.57 74.00 50.20
CA GLY E 420 -7.83 73.83 51.61
C GLY E 420 -7.71 72.37 52.00
N ASP E 421 -8.24 72.04 53.16
CA ASP E 421 -8.57 70.66 53.47
C ASP E 421 -9.79 70.35 52.62
N GLY E 422 -9.78 69.20 51.95
CA GLY E 422 -10.91 68.83 51.12
C GLY E 422 -12.11 68.42 51.94
N PHE E 423 -11.89 67.53 52.90
CA PHE E 423 -12.97 67.02 53.74
C PHE E 423 -13.41 68.09 54.74
N LYS E 424 -12.46 68.62 55.51
CA LYS E 424 -12.59 69.92 56.17
C LYS E 424 -13.95 70.21 56.81
N TYR E 425 -14.23 69.59 57.96
CA TYR E 425 -15.48 69.94 58.63
C TYR E 425 -15.44 71.40 59.09
N LEU E 426 -16.46 72.16 58.70
CA LEU E 426 -16.59 73.56 59.09
C LEU E 426 -17.76 73.72 60.04
N ARG E 427 -17.60 74.56 61.05
CA ARG E 427 -18.62 74.71 62.08
C ARG E 427 -19.47 75.96 61.86
N PHE E 428 -20.79 75.78 61.89
CA PHE E 428 -21.72 76.90 61.69
C PHE E 428 -22.50 77.13 62.98
N TYR E 429 -23.34 76.17 63.32
CA TYR E 429 -24.16 76.25 64.52
C TYR E 429 -23.46 75.58 65.71
N GLU F 2 -11.61 86.63 32.15
CA GLU F 2 -12.80 86.77 32.97
C GLU F 2 -13.18 85.45 33.63
N TYR F 3 -12.38 84.42 33.40
CA TYR F 3 -12.61 83.13 34.04
C TYR F 3 -12.45 83.23 35.55
N SER F 4 -11.54 84.10 35.98
CA SER F 4 -11.25 84.28 37.41
C SER F 4 -12.29 85.16 38.08
N ASP F 5 -13.14 85.77 37.26
CA ASP F 5 -14.10 86.77 37.74
C ASP F 5 -15.29 86.18 38.49
N VAL F 6 -15.82 85.07 37.99
CA VAL F 6 -17.09 84.55 38.48
C VAL F 6 -17.16 84.14 39.97
N PRO F 7 -16.06 83.65 40.58
CA PRO F 7 -16.29 83.42 42.02
C PRO F 7 -16.48 84.73 42.81
N LYS F 8 -15.68 85.74 42.45
CA LYS F 8 -15.81 87.06 43.02
C LYS F 8 -17.21 87.61 42.76
N PHE F 9 -17.69 87.36 41.54
CA PHE F 9 -19.00 87.83 41.12
C PHE F 9 -20.14 87.16 41.89
N ILE F 10 -20.06 85.85 42.09
CA ILE F 10 -21.10 85.14 42.80
C ILE F 10 -21.07 85.57 44.26
N ARG F 11 -19.88 85.88 44.77
CA ARG F 11 -19.77 86.44 46.11
C ARG F 11 -20.55 87.76 46.17
N ASP F 12 -20.25 88.65 45.23
CA ASP F 12 -20.91 89.94 45.14
C ASP F 12 -22.42 89.82 45.14
N VAL F 13 -22.97 89.14 44.13
CA VAL F 13 -24.41 89.03 43.97
C VAL F 13 -25.06 88.31 45.16
N SER F 14 -24.35 87.36 45.76
CA SER F 14 -24.87 86.64 46.91
C SER F 14 -25.04 87.55 48.12
N ILE F 15 -23.97 88.24 48.50
CA ILE F 15 -24.06 89.17 49.64
C ILE F 15 -25.08 90.25 49.34
N LYS F 16 -25.10 90.70 48.09
CA LYS F 16 -26.08 91.67 47.62
C LYS F 16 -27.49 91.20 47.96
N GLN F 17 -27.82 89.97 47.57
CA GLN F 17 -29.16 89.47 47.80
C GLN F 17 -29.43 89.18 49.28
N HIS F 18 -28.39 88.86 50.05
CA HIS F 18 -28.57 88.61 51.48
C HIS F 18 -28.98 89.90 52.19
N GLU F 19 -28.15 90.93 52.03
CA GLU F 19 -28.42 92.22 52.65
C GLU F 19 -29.70 92.85 52.11
N TRP F 20 -30.01 92.57 50.85
CA TRP F 20 -31.23 93.05 50.24
C TRP F 20 -32.45 92.33 50.82
N MET F 21 -32.29 91.05 51.11
CA MET F 21 -33.35 90.26 51.72
C MET F 21 -33.60 90.74 53.14
N ARG F 22 -32.54 91.21 53.79
CA ARG F 22 -32.69 91.78 55.12
C ARG F 22 -33.62 93.00 55.12
N GLU F 23 -33.62 93.73 54.01
CA GLU F 23 -34.43 94.94 53.89
C GLU F 23 -35.83 94.64 53.35
N SER F 24 -36.11 93.35 53.11
CA SER F 24 -37.40 92.95 52.57
C SER F 24 -38.18 92.07 53.55
N ILE F 25 -39.48 92.32 53.64
CA ILE F 25 -40.39 91.41 54.31
C ILE F 25 -40.79 90.33 53.30
N LYS F 26 -40.70 89.07 53.68
CA LYS F 26 -40.98 88.02 52.71
C LYS F 26 -42.44 87.64 52.77
N LEU F 27 -43.20 88.11 51.78
CA LEU F 27 -44.61 87.79 51.66
C LEU F 27 -44.85 86.63 50.71
N ILE F 28 -43.80 86.25 49.98
CA ILE F 28 -43.92 85.20 48.99
C ILE F 28 -44.26 83.88 49.68
N ALA F 29 -45.36 83.27 49.25
CA ALA F 29 -45.93 82.14 49.95
C ALA F 29 -45.11 80.87 49.77
N SER F 30 -44.49 80.74 48.59
CA SER F 30 -43.67 79.57 48.30
C SER F 30 -42.28 79.67 48.89
N GLU F 31 -41.66 80.85 48.78
CA GLU F 31 -40.29 81.05 49.26
C GLU F 31 -40.22 80.92 50.78
N ASN F 32 -39.30 80.08 51.26
CA ASN F 32 -39.22 79.77 52.68
C ASN F 32 -37.80 79.73 53.25
N ILE F 33 -37.52 80.59 54.21
CA ILE F 33 -36.23 80.60 54.90
C ILE F 33 -36.20 79.52 56.00
N THR F 34 -35.03 78.95 56.28
CA THR F 34 -34.92 77.95 57.33
C THR F 34 -33.80 78.26 58.33
N SER F 35 -33.59 77.36 59.28
CA SER F 35 -32.59 77.57 60.33
C SER F 35 -31.18 77.53 59.77
N LEU F 36 -30.24 78.13 60.49
CA LEU F 36 -28.84 78.18 60.07
C LEU F 36 -28.18 76.82 60.22
N ALA F 37 -28.69 76.03 61.15
CA ALA F 37 -28.16 74.69 61.40
C ALA F 37 -28.31 73.81 60.16
N VAL F 38 -29.49 73.85 59.56
CA VAL F 38 -29.76 73.08 58.36
C VAL F 38 -28.92 73.62 57.20
N ARG F 39 -28.55 74.90 57.28
CA ARG F 39 -27.64 75.46 56.29
C ARG F 39 -26.27 74.80 56.43
N GLU F 40 -25.80 74.66 57.67
CA GLU F 40 -24.58 73.91 57.93
C GLU F 40 -24.67 72.51 57.34
N ALA F 41 -25.73 71.81 57.68
CA ALA F 41 -25.89 70.41 57.30
C ALA F 41 -25.94 70.25 55.78
N CYS F 42 -26.56 71.22 55.11
CA CYS F 42 -26.65 71.19 53.66
C CYS F 42 -25.33 71.64 53.04
N ALA F 43 -24.46 72.22 53.86
CA ALA F 43 -23.13 72.61 53.39
C ALA F 43 -22.05 71.55 53.71
N THR F 44 -22.46 70.43 54.33
CA THR F 44 -21.51 69.45 54.84
C THR F 44 -20.84 68.61 53.75
N ASP F 45 -20.03 67.64 54.16
CA ASP F 45 -19.32 66.76 53.25
C ASP F 45 -20.28 65.77 52.59
N PHE F 46 -21.52 65.79 53.07
CA PHE F 46 -22.61 65.12 52.37
C PHE F 46 -22.88 65.87 51.07
N MET F 47 -23.59 65.21 50.17
CA MET F 47 -23.82 65.62 48.76
C MET F 47 -22.63 65.20 47.89
N HIS F 48 -21.53 64.84 48.53
CA HIS F 48 -20.37 64.31 47.83
C HIS F 48 -20.53 62.82 47.57
N ARG F 49 -21.14 62.13 48.54
CA ARG F 49 -21.20 60.67 48.54
C ARG F 49 -22.44 60.12 47.84
N TYR F 50 -22.51 58.80 47.77
CA TYR F 50 -23.68 58.10 47.26
C TYR F 50 -24.25 57.21 48.35
N ALA F 51 -25.57 57.20 48.45
CA ALA F 51 -26.27 56.56 49.56
C ALA F 51 -27.03 55.31 49.10
N GLU F 52 -27.97 55.51 48.19
CA GLU F 52 -28.95 54.51 47.82
C GLU F 52 -29.84 54.07 49.00
N GLY F 53 -29.77 52.82 49.43
CA GLY F 53 -31.02 52.19 49.78
C GLY F 53 -31.97 52.77 50.80
N LEU F 54 -31.65 52.70 52.09
CA LEU F 54 -32.57 53.04 53.20
C LEU F 54 -31.86 52.62 54.51
N PRO F 55 -32.49 51.87 55.47
CA PRO F 55 -31.87 51.66 56.80
C PRO F 55 -30.53 50.93 56.83
N GLY F 56 -29.93 50.66 55.68
CA GLY F 56 -28.69 49.91 55.60
C GLY F 56 -28.64 48.65 54.76
N LYS F 57 -29.62 48.45 53.90
CA LYS F 57 -29.41 47.65 52.71
C LYS F 57 -28.97 48.63 51.61
N ARG F 58 -27.72 48.53 51.16
CA ARG F 58 -27.17 49.53 50.24
C ARG F 58 -26.59 48.93 48.95
N LEU F 59 -26.40 49.78 47.94
CA LEU F 59 -25.72 49.38 46.71
C LEU F 59 -24.28 49.89 46.73
N TYR F 60 -24.13 51.20 46.72
CA TYR F 60 -22.82 51.82 46.84
C TYR F 60 -22.25 51.63 48.23
N GLN F 61 -20.94 51.40 48.30
CA GLN F 61 -20.25 51.27 49.58
C GLN F 61 -20.00 52.65 50.18
N GLY F 62 -19.35 52.68 51.33
CA GLY F 62 -18.98 53.93 51.97
C GLY F 62 -20.16 54.75 52.46
N CYS F 63 -21.27 54.08 52.75
CA CYS F 63 -22.44 54.76 53.28
C CYS F 63 -22.30 54.96 54.79
N LYS F 64 -22.41 53.86 55.54
CA LYS F 64 -22.16 53.88 56.98
C LYS F 64 -23.01 54.93 57.70
N TYR F 65 -22.36 55.95 58.23
CA TYR F 65 -23.05 57.02 58.96
C TYR F 65 -24.23 57.62 58.19
N ILE F 66 -24.15 57.57 56.86
CA ILE F 66 -25.26 58.00 56.00
C ILE F 66 -26.57 57.33 56.42
N ASP F 67 -26.52 56.01 56.55
CA ASP F 67 -27.65 55.23 57.07
C ASP F 67 -28.19 55.85 58.35
N GLU F 68 -27.28 56.14 59.27
CA GLU F 68 -27.67 56.65 60.58
C GLU F 68 -28.27 58.05 60.48
N VAL F 69 -27.92 58.78 59.41
CA VAL F 69 -28.48 60.11 59.22
C VAL F 69 -29.89 60.01 58.65
N GLU F 70 -30.20 58.87 58.04
CA GLU F 70 -31.52 58.70 57.43
C GLU F 70 -32.57 58.34 58.47
N THR F 71 -32.23 57.43 59.39
CA THR F 71 -33.15 57.02 60.44
C THR F 71 -33.64 58.22 61.23
N LEU F 72 -32.69 59.04 61.69
CA LEU F 72 -32.99 60.24 62.46
C LEU F 72 -33.97 61.14 61.70
N CYS F 73 -33.97 61.04 60.38
CA CYS F 73 -35.02 61.66 59.59
C CYS F 73 -36.23 60.75 59.60
N ILE F 74 -36.08 59.58 58.97
CA ILE F 74 -37.19 58.68 58.64
C ILE F 74 -38.13 58.48 59.82
N GLU F 75 -37.65 57.80 60.86
CA GLU F 75 -38.50 57.46 61.98
C GLU F 75 -38.92 58.67 62.80
N LEU F 76 -38.19 59.78 62.66
CA LEU F 76 -38.58 61.01 63.34
C LEU F 76 -39.48 61.88 62.47
N SER F 77 -39.60 61.51 61.20
CA SER F 77 -40.52 62.19 60.30
C SER F 77 -41.93 61.66 60.55
N LYS F 78 -42.11 60.37 60.30
CA LYS F 78 -43.39 59.69 60.47
C LYS F 78 -43.97 59.89 61.86
N GLU F 79 -43.13 60.12 62.86
CA GLU F 79 -43.60 60.36 64.21
C GLU F 79 -44.34 61.69 64.33
N LEU F 80 -43.82 62.72 63.68
CA LEU F 80 -44.39 64.06 63.79
C LEU F 80 -45.77 64.12 63.17
N PHE F 81 -45.88 63.67 61.92
CA PHE F 81 -47.16 63.67 61.21
C PHE F 81 -48.02 62.51 61.68
N LYS F 82 -47.44 61.64 62.51
CA LYS F 82 -48.10 60.47 63.06
C LYS F 82 -48.60 59.54 61.96
N ALA F 83 -47.64 58.96 61.25
CA ALA F 83 -47.93 58.03 60.16
C ALA F 83 -47.17 56.73 60.35
N GLU F 84 -47.26 55.84 59.37
CA GLU F 84 -46.64 54.52 59.48
C GLU F 84 -45.26 54.46 58.83
N HIS F 85 -45.24 54.51 57.50
CA HIS F 85 -43.99 54.44 56.73
C HIS F 85 -43.53 55.82 56.27
N ALA F 86 -42.25 56.09 56.45
CA ALA F 86 -41.68 57.37 56.02
C ALA F 86 -40.62 57.18 54.96
N ASN F 87 -40.67 58.02 53.92
CA ASN F 87 -39.62 58.07 52.92
C ASN F 87 -39.15 59.50 52.74
N VAL F 88 -37.92 59.78 53.17
CA VAL F 88 -37.37 61.12 53.15
C VAL F 88 -36.54 61.36 51.90
N GLN F 89 -36.39 60.32 51.10
CA GLN F 89 -35.53 60.34 49.91
C GLN F 89 -35.82 61.39 48.82
N PRO F 90 -37.10 61.71 48.53
CA PRO F 90 -37.36 62.62 47.40
C PRO F 90 -36.57 63.93 47.42
N THR F 91 -35.96 64.25 46.28
CA THR F 91 -35.11 65.43 46.16
C THR F 91 -35.91 66.70 45.97
N SER F 92 -37.20 66.56 45.65
CA SER F 92 -38.08 67.70 45.50
C SER F 92 -39.54 67.29 45.67
N GLY F 93 -40.41 68.29 45.87
CA GLY F 93 -41.82 68.04 46.06
C GLY F 93 -42.53 67.46 44.85
N VAL F 94 -42.24 68.00 43.67
CA VAL F 94 -42.86 67.52 42.43
C VAL F 94 -42.41 66.09 42.17
N VAL F 95 -41.16 65.78 42.51
CA VAL F 95 -40.63 64.43 42.40
C VAL F 95 -41.28 63.57 43.50
N ALA F 96 -41.53 64.17 44.65
CA ALA F 96 -42.19 63.48 45.76
C ALA F 96 -43.61 63.07 45.36
N ASN F 97 -44.20 63.82 44.43
CA ASN F 97 -45.48 63.45 43.85
C ASN F 97 -45.31 62.39 42.76
N LEU F 98 -44.27 62.56 41.95
CA LEU F 98 -43.98 61.65 40.85
C LEU F 98 -43.72 60.23 41.29
N ALA F 99 -43.13 60.08 42.49
CA ALA F 99 -42.86 58.76 43.03
C ALA F 99 -44.16 58.03 43.36
N VAL F 100 -45.08 58.77 43.97
CA VAL F 100 -46.40 58.27 44.30
C VAL F 100 -47.14 57.88 43.02
N PHE F 101 -46.98 58.71 41.99
CA PHE F 101 -47.55 58.40 40.67
C PHE F 101 -46.98 57.07 40.16
N PHE F 102 -45.66 56.94 40.20
CA PHE F 102 -44.98 55.73 39.78
C PHE F 102 -45.55 54.52 40.52
N ALA F 103 -45.87 54.73 41.80
CA ALA F 103 -46.30 53.64 42.67
C ALA F 103 -47.73 53.19 42.38
N GLU F 104 -48.70 54.04 42.71
CA GLU F 104 -50.09 53.64 42.62
C GLU F 104 -50.57 53.62 41.17
N THR F 105 -50.22 54.66 40.43
CA THR F 105 -50.69 54.84 39.07
C THR F 105 -49.91 53.98 38.08
N LYS F 106 -50.64 53.40 37.12
CA LYS F 106 -50.02 52.82 35.95
C LYS F 106 -50.49 53.66 34.75
N PRO F 107 -49.69 53.68 33.67
CA PRO F 107 -50.10 54.49 32.53
C PRO F 107 -51.49 54.09 31.99
N GLY F 108 -52.36 55.08 31.82
CA GLY F 108 -53.72 54.81 31.37
C GLY F 108 -54.77 54.95 32.47
N ASP F 109 -54.33 55.35 33.66
CA ASP F 109 -55.26 55.53 34.77
C ASP F 109 -56.01 56.86 34.67
N LYS F 110 -56.88 57.11 35.65
CA LYS F 110 -57.52 58.40 35.77
C LYS F 110 -57.08 59.08 37.07
N LEU F 111 -56.60 60.31 36.96
CA LEU F 111 -56.19 61.08 38.12
C LEU F 111 -57.17 62.21 38.40
N MET F 112 -57.48 62.41 39.67
CA MET F 112 -58.39 63.47 40.04
C MET F 112 -57.66 64.56 40.81
N ALA F 113 -57.51 65.73 40.20
CA ALA F 113 -56.77 66.82 40.80
C ALA F 113 -57.39 68.17 40.46
N LEU F 114 -57.13 69.15 41.31
CA LEU F 114 -57.68 70.49 41.14
C LEU F 114 -57.05 71.20 39.95
N SER F 115 -57.86 71.95 39.21
CA SER F 115 -57.38 72.67 38.03
C SER F 115 -56.41 73.78 38.41
N VAL F 116 -55.55 74.14 37.47
CA VAL F 116 -54.54 75.17 37.72
C VAL F 116 -55.15 76.54 38.03
N PRO F 117 -56.10 77.02 37.20
CA PRO F 117 -56.74 78.27 37.64
C PRO F 117 -57.63 78.06 38.85
N ASP F 118 -58.06 76.82 39.07
CA ASP F 118 -58.97 76.50 40.17
C ASP F 118 -58.21 76.25 41.46
N GLY F 119 -56.88 76.44 41.42
CA GLY F 119 -56.08 76.35 42.63
C GLY F 119 -55.18 75.14 42.75
N GLY F 120 -55.18 74.28 41.73
CA GLY F 120 -54.25 73.17 41.69
C GLY F 120 -52.93 73.62 41.11
N HIS F 121 -51.84 72.98 41.52
CA HIS F 121 -50.53 73.30 40.94
C HIS F 121 -50.40 72.67 39.56
N ILE F 122 -49.51 73.22 38.75
CA ILE F 122 -49.25 72.71 37.41
C ILE F 122 -48.84 71.25 37.43
N SER F 123 -48.20 70.83 38.53
CA SER F 123 -47.68 69.47 38.68
C SER F 123 -48.77 68.39 38.63
N HIS F 124 -49.98 68.75 39.04
CA HIS F 124 -51.08 67.81 39.11
C HIS F 124 -51.84 67.78 37.78
N TRP F 125 -51.35 68.53 36.80
CA TRP F 125 -52.00 68.64 35.51
C TRP F 125 -51.06 68.15 34.41
N LYS F 126 -51.53 68.14 33.17
CA LYS F 126 -50.68 67.87 32.03
C LYS F 126 -49.79 69.07 31.79
N VAL F 127 -48.92 68.98 30.78
CA VAL F 127 -47.81 69.92 30.55
C VAL F 127 -46.75 69.75 31.65
N SER F 128 -47.07 68.89 32.62
CA SER F 128 -46.24 68.66 33.79
C SER F 128 -46.31 67.20 34.24
N ALA F 129 -45.84 66.95 35.45
CA ALA F 129 -45.64 65.60 36.01
C ALA F 129 -46.81 64.64 35.80
N ALA F 130 -48.04 65.13 35.95
CA ALA F 130 -49.21 64.29 35.73
C ALA F 130 -49.23 63.78 34.28
N GLY F 131 -48.65 64.55 33.37
CA GLY F 131 -48.48 64.12 32.00
C GLY F 131 -47.30 63.19 31.85
N ILE F 132 -46.25 63.45 32.63
CA ILE F 132 -45.04 62.64 32.60
C ILE F 132 -45.33 61.19 32.93
N ARG F 133 -45.99 60.96 34.06
CA ARG F 133 -46.47 59.62 34.34
C ARG F 133 -47.87 59.59 33.77
N GLY F 134 -48.01 58.90 32.65
CA GLY F 134 -49.16 59.10 31.80
C GLY F 134 -50.48 58.64 32.37
N LEU F 135 -51.42 59.57 32.50
CA LEU F 135 -52.78 59.19 32.86
C LEU F 135 -53.79 60.27 32.53
N LYS F 136 -55.05 59.88 32.46
CA LYS F 136 -56.16 60.80 32.28
C LYS F 136 -56.35 61.60 33.58
N VAL F 137 -56.43 62.92 33.47
CA VAL F 137 -56.63 63.74 34.66
C VAL F 137 -57.94 64.51 34.63
N ILE F 138 -58.83 64.16 35.54
CA ILE F 138 -60.14 64.80 35.65
C ILE F 138 -60.14 65.86 36.74
N ASN F 139 -60.63 67.05 36.39
CA ASN F 139 -60.69 68.16 37.34
C ASN F 139 -61.73 67.94 38.43
N HIS F 140 -61.33 68.19 39.67
CA HIS F 140 -62.22 68.10 40.82
C HIS F 140 -63.40 69.07 40.69
N PRO F 141 -64.52 68.73 41.32
CA PRO F 141 -65.63 69.69 41.41
C PRO F 141 -65.20 70.89 42.26
N PHE F 142 -65.41 72.10 41.74
CA PHE F 142 -64.94 73.29 42.43
C PHE F 142 -65.99 74.40 42.39
N ASP F 143 -66.40 74.85 43.57
CA ASP F 143 -67.36 75.95 43.69
C ASP F 143 -66.65 77.28 43.88
N PRO F 144 -67.09 78.31 43.14
CA PRO F 144 -66.49 79.64 43.20
C PRO F 144 -66.70 80.35 44.54
N GLU F 145 -67.84 80.11 45.19
CA GLU F 145 -68.21 80.85 46.40
C GLU F 145 -67.21 80.65 47.54
N GLU F 146 -67.03 79.40 47.95
CA GLU F 146 -65.96 79.06 48.89
C GLU F 146 -64.94 78.28 48.09
N MET F 147 -63.66 78.51 48.33
CA MET F 147 -62.66 77.84 47.51
C MET F 147 -62.28 76.52 48.17
N ASN F 148 -62.76 75.44 47.54
CA ASN F 148 -62.61 74.08 48.02
C ASN F 148 -63.41 73.12 47.15
N ILE F 149 -63.25 71.82 47.39
CA ILE F 149 -63.93 70.80 46.61
C ILE F 149 -65.40 70.66 46.96
N ASP F 150 -66.24 70.55 45.93
CA ASP F 150 -67.66 70.27 46.12
C ASP F 150 -67.87 68.77 46.39
N ALA F 151 -68.68 68.48 47.41
CA ALA F 151 -68.78 67.12 47.94
C ALA F 151 -69.59 66.15 47.07
N ASP F 152 -70.89 66.41 46.96
CA ASP F 152 -71.83 65.49 46.32
C ASP F 152 -71.42 65.05 44.92
N ALA F 153 -71.11 66.02 44.06
CA ALA F 153 -70.73 65.73 42.69
C ALA F 153 -69.45 64.90 42.65
N MET F 154 -68.65 64.99 43.70
CA MET F 154 -67.44 64.18 43.82
C MET F 154 -67.79 62.75 44.25
N VAL F 155 -68.76 62.65 45.16
CA VAL F 155 -69.26 61.36 45.62
C VAL F 155 -69.78 60.55 44.44
N LYS F 156 -70.60 61.18 43.61
CA LYS F 156 -71.12 60.48 42.44
C LYS F 156 -70.07 60.47 41.33
N LYS F 157 -69.06 61.33 41.47
CA LYS F 157 -67.94 61.35 40.55
C LYS F 157 -67.22 60.01 40.58
N ILE F 158 -66.78 59.62 41.77
CA ILE F 158 -65.90 58.47 41.96
C ILE F 158 -66.49 57.11 41.52
N LEU F 159 -67.80 56.94 41.66
CA LEU F 159 -68.45 55.65 41.40
C LEU F 159 -68.45 55.26 39.92
N GLU F 160 -68.67 53.97 39.62
CA GLU F 160 -68.68 53.46 38.24
C GLU F 160 -67.36 53.62 37.50
N GLU F 161 -66.40 52.78 37.86
CA GLU F 161 -64.96 52.85 37.53
C GLU F 161 -64.42 54.18 38.03
N LYS F 162 -63.91 55.05 37.15
CA LYS F 162 -63.53 56.39 37.58
C LYS F 162 -62.21 56.26 38.38
N PRO F 163 -61.61 57.37 38.86
CA PRO F 163 -60.15 57.38 39.03
C PRO F 163 -59.57 56.22 39.83
N LYS F 164 -58.38 55.76 39.43
CA LYS F 164 -57.64 54.77 40.22
C LYS F 164 -56.99 55.49 41.41
N LEU F 165 -56.68 56.76 41.20
CA LEU F 165 -56.05 57.60 42.23
C LEU F 165 -56.69 58.98 42.28
N ILE F 166 -57.00 59.44 43.50
CA ILE F 166 -57.59 60.76 43.69
C ILE F 166 -56.69 61.62 44.58
N LEU F 167 -56.37 62.81 44.10
CA LEU F 167 -55.41 63.67 44.78
C LEU F 167 -56.08 64.83 45.51
N PHE F 168 -55.56 65.14 46.70
CA PHE F 168 -56.06 66.27 47.48
C PHE F 168 -54.95 67.29 47.73
N GLY F 169 -55.33 68.52 48.01
CA GLY F 169 -54.38 69.60 48.20
C GLY F 169 -54.11 70.31 46.89
N GLY F 170 -53.59 71.53 46.95
CA GLY F 170 -53.36 72.30 45.75
C GLY F 170 -52.37 73.45 45.88
N SER F 171 -52.23 74.22 44.82
CA SER F 171 -51.32 75.37 44.83
C SER F 171 -51.94 76.50 45.62
N LEU F 172 -53.24 76.72 45.41
CA LEU F 172 -54.00 77.67 46.21
C LEU F 172 -54.88 76.89 47.18
N PHE F 173 -54.56 76.96 48.46
CA PHE F 173 -55.22 76.13 49.46
C PHE F 173 -55.64 76.96 50.68
N PRO F 174 -56.76 77.69 50.56
CA PRO F 174 -57.32 78.52 51.63
C PRO F 174 -57.96 77.72 52.78
N PHE F 175 -58.49 76.53 52.46
CA PHE F 175 -59.25 75.75 53.44
C PHE F 175 -59.03 74.25 53.27
N PRO F 176 -59.09 73.50 54.38
CA PRO F 176 -58.88 72.05 54.36
C PRO F 176 -59.92 71.31 53.52
N HIS F 177 -59.44 70.42 52.65
CA HIS F 177 -60.30 69.66 51.75
C HIS F 177 -61.02 68.52 52.48
N PRO F 178 -62.29 68.26 52.10
CA PRO F 178 -63.04 67.14 52.67
C PRO F 178 -62.51 65.79 52.21
N VAL F 179 -61.35 65.41 52.72
CA VAL F 179 -60.71 64.15 52.34
C VAL F 179 -61.50 62.95 52.84
N ALA F 180 -61.92 63.00 54.10
CA ALA F 180 -62.63 61.89 54.73
C ALA F 180 -63.94 61.55 54.01
N ASP F 181 -64.68 62.57 53.60
CA ASP F 181 -65.97 62.39 52.95
C ASP F 181 -65.87 61.52 51.71
N ALA F 182 -64.73 61.57 51.04
CA ALA F 182 -64.55 60.84 49.79
C ALA F 182 -64.00 59.44 50.02
N TYR F 183 -63.78 59.06 51.27
CA TYR F 183 -63.27 57.74 51.58
C TYR F 183 -64.29 56.68 51.16
N GLU F 184 -65.50 56.83 51.68
CA GLU F 184 -66.62 55.94 51.35
C GLU F 184 -66.74 55.70 49.85
N ALA F 185 -67.03 56.77 49.11
CA ALA F 185 -67.17 56.72 47.66
C ALA F 185 -65.93 56.13 47.00
N ALA F 186 -64.78 56.30 47.62
CA ALA F 186 -63.56 55.72 47.07
C ALA F 186 -63.50 54.24 47.36
N GLN F 187 -63.78 53.86 48.61
CA GLN F 187 -63.51 52.50 49.06
C GLN F 187 -64.54 51.49 48.55
N GLU F 188 -65.69 51.98 48.09
CA GLU F 188 -66.61 51.12 47.36
C GLU F 188 -65.97 50.72 46.04
N VAL F 189 -65.34 51.70 45.39
CA VAL F 189 -64.57 51.45 44.17
C VAL F 189 -63.21 50.86 44.50
N GLY F 190 -62.54 51.45 45.48
CA GLY F 190 -61.16 51.12 45.78
C GLY F 190 -60.21 52.19 45.27
N ALA F 191 -60.78 53.32 44.87
CA ALA F 191 -60.00 54.48 44.46
C ALA F 191 -59.15 54.97 45.63
N LYS F 192 -57.87 55.20 45.40
CA LYS F 192 -56.96 55.49 46.51
C LYS F 192 -56.94 56.98 46.87
N ILE F 193 -57.08 57.25 48.16
CA ILE F 193 -57.04 58.60 48.67
C ILE F 193 -55.61 59.06 48.92
N ALA F 194 -55.22 60.17 48.31
CA ALA F 194 -53.90 60.74 48.53
C ALA F 194 -54.02 62.23 48.83
N TYR F 195 -53.10 62.75 49.63
CA TYR F 195 -53.13 64.15 50.01
C TYR F 195 -51.78 64.82 49.78
N ASP F 196 -51.75 65.80 48.89
CA ASP F 196 -50.55 66.61 48.71
C ASP F 196 -50.67 67.82 49.63
N GLY F 197 -49.89 67.81 50.70
CA GLY F 197 -50.00 68.83 51.72
C GLY F 197 -48.86 69.82 51.73
N ALA F 198 -48.12 69.89 50.62
CA ALA F 198 -46.86 70.63 50.56
C ALA F 198 -46.96 72.03 51.18
N HIS F 199 -47.69 72.93 50.52
CA HIS F 199 -47.83 74.30 50.97
C HIS F 199 -48.35 74.40 52.41
N VAL F 200 -49.26 73.50 52.77
CA VAL F 200 -49.85 73.49 54.11
C VAL F 200 -49.19 72.53 55.09
N LEU F 201 -48.09 71.89 54.68
CA LEU F 201 -47.43 70.84 55.46
C LEU F 201 -47.13 71.23 56.90
N GLY F 202 -46.65 72.45 57.12
CA GLY F 202 -46.31 72.90 58.45
C GLY F 202 -47.51 72.92 59.39
N LEU F 203 -48.64 73.35 58.84
CA LEU F 203 -49.90 73.39 59.58
C LEU F 203 -50.24 72.00 60.08
N ILE F 204 -50.23 71.04 59.16
CA ILE F 204 -50.44 69.63 59.50
C ILE F 204 -49.45 69.16 60.56
N ALA F 205 -48.19 69.57 60.42
CA ALA F 205 -47.14 69.17 61.34
C ALA F 205 -47.36 69.76 62.73
N GLY F 206 -48.14 70.83 62.80
CA GLY F 206 -48.41 71.49 64.07
C GLY F 206 -49.73 71.07 64.68
N LYS F 207 -50.28 69.96 64.20
CA LYS F 207 -51.53 69.35 64.70
C LYS F 207 -52.76 70.21 64.34
N GLN F 208 -52.51 71.42 63.88
CA GLN F 208 -53.55 72.28 63.33
C GLN F 208 -53.87 71.85 61.90
N PHE F 209 -55.02 72.29 61.40
CA PHE F 209 -55.47 72.00 60.04
C PHE F 209 -55.61 70.50 59.77
N GLN F 210 -56.54 69.90 60.50
CA GLN F 210 -57.19 68.63 60.16
C GLN F 210 -56.33 67.35 60.14
N ASP F 211 -55.01 67.48 60.16
CA ASP F 211 -54.11 66.33 60.10
C ASP F 211 -54.65 65.21 59.20
N PRO F 212 -54.62 65.44 57.87
CA PRO F 212 -55.29 64.59 56.87
C PRO F 212 -54.94 63.11 56.94
N LEU F 213 -53.76 62.78 57.45
CA LEU F 213 -53.36 61.38 57.62
C LEU F 213 -54.32 60.63 58.52
N ARG F 214 -54.72 61.27 59.62
CA ARG F 214 -55.67 60.68 60.55
C ARG F 214 -57.10 60.92 60.08
N GLU F 215 -57.24 61.68 59.00
CA GLU F 215 -58.52 61.89 58.35
C GLU F 215 -58.70 60.88 57.22
N GLY F 216 -57.80 59.91 57.18
CA GLY F 216 -57.82 58.88 56.14
C GLY F 216 -57.15 59.26 54.82
N ALA F 217 -55.98 59.86 54.92
CA ALA F 217 -55.11 60.05 53.76
C ALA F 217 -54.00 59.00 53.78
N GLU F 218 -53.90 58.23 52.71
CA GLU F 218 -52.89 57.18 52.62
C GLU F 218 -51.54 57.73 52.18
N TYR F 219 -51.52 58.98 51.75
CA TYR F 219 -50.28 59.64 51.36
C TYR F 219 -50.23 61.09 51.79
N LEU F 220 -49.14 61.46 52.44
CA LEU F 220 -48.80 62.87 52.65
C LEU F 220 -47.51 63.14 51.89
N MET F 221 -47.61 63.87 50.78
CA MET F 221 -46.48 63.98 49.87
C MET F 221 -46.15 65.43 49.54
N GLY F 222 -44.87 65.77 49.51
CA GLY F 222 -44.49 67.10 49.09
C GLY F 222 -43.15 67.60 49.61
N SER F 223 -42.78 68.80 49.17
CA SER F 223 -41.48 69.37 49.50
C SER F 223 -41.34 69.64 50.99
N THR F 224 -40.10 69.58 51.48
CA THR F 224 -39.81 69.84 52.89
C THR F 224 -39.49 71.31 53.15
N HIS F 225 -39.57 72.12 52.08
CA HIS F 225 -39.43 73.56 52.24
C HIS F 225 -40.76 74.22 51.89
N LYS F 226 -41.48 74.67 52.92
CA LYS F 226 -42.83 75.15 52.77
C LYS F 226 -43.19 75.63 54.10
N THR F 227 -44.47 75.62 54.46
CA THR F 227 -44.85 76.07 55.80
C THR F 227 -43.97 75.37 56.82
N PHE F 228 -43.72 74.09 56.60
CA PHE F 228 -42.67 73.38 57.31
C PHE F 228 -41.33 73.91 56.80
N PHE F 229 -40.52 74.45 57.70
CA PHE F 229 -39.23 74.97 57.28
C PHE F 229 -38.21 73.83 57.25
N GLY F 230 -37.53 73.68 56.13
CA GLY F 230 -36.57 72.61 55.96
C GLY F 230 -35.77 72.72 54.69
N PRO F 231 -34.82 71.81 54.49
CA PRO F 231 -33.91 71.81 53.34
C PRO F 231 -34.66 71.63 52.04
N GLN F 232 -34.14 72.17 50.95
CA GLN F 232 -34.75 71.97 49.65
C GLN F 232 -34.75 70.47 49.36
N GLY F 233 -35.94 69.93 49.08
CA GLY F 233 -36.09 68.49 48.95
C GLY F 233 -37.54 68.09 49.09
N GLY F 234 -37.77 66.80 49.35
CA GLY F 234 -39.12 66.31 49.47
C GLY F 234 -39.27 65.15 50.43
N VAL F 235 -40.52 64.90 50.84
CA VAL F 235 -40.82 63.84 51.78
C VAL F 235 -42.19 63.22 51.46
N ILE F 236 -42.28 61.91 51.71
CA ILE F 236 -43.54 61.18 51.58
C ILE F 236 -43.81 60.40 52.85
N LEU F 237 -45.05 60.43 53.30
CA LEU F 237 -45.50 59.61 54.42
C LEU F 237 -46.67 58.76 53.96
N THR F 238 -46.76 57.54 54.46
CA THR F 238 -47.81 56.65 54.00
C THR F 238 -48.12 55.52 54.97
N THR F 239 -49.03 54.64 54.56
CA THR F 239 -49.35 53.45 55.32
C THR F 239 -48.25 52.42 55.17
N LYS F 240 -48.14 51.49 56.10
CA LYS F 240 -47.13 50.44 56.01
C LYS F 240 -47.43 49.53 54.82
N GLU F 241 -48.71 49.41 54.48
CA GLU F 241 -49.15 48.57 53.38
C GLU F 241 -48.51 49.00 52.06
N ASN F 242 -48.30 50.30 51.90
CA ASN F 242 -47.67 50.82 50.70
C ASN F 242 -46.17 51.07 50.87
N ALA F 243 -45.65 50.77 52.06
CA ALA F 243 -44.26 51.09 52.39
C ALA F 243 -43.30 50.65 51.30
N ASP F 244 -43.13 49.33 51.18
CA ASP F 244 -42.25 48.75 50.17
C ASP F 244 -42.59 49.32 48.79
N LYS F 245 -43.89 49.48 48.53
CA LYS F 245 -44.35 49.99 47.24
C LYS F 245 -43.69 51.33 46.98
N ILE F 246 -43.87 52.27 47.91
CA ILE F 246 -43.36 53.61 47.70
C ILE F 246 -41.84 53.59 47.65
N ASP F 247 -41.25 52.54 48.21
CA ASP F 247 -39.80 52.40 48.21
C ASP F 247 -39.29 51.94 46.85
N SER F 248 -40.05 51.06 46.20
CA SER F 248 -39.62 50.55 44.90
C SER F 248 -39.79 51.63 43.84
N HIS F 249 -40.72 52.52 44.09
CA HIS F 249 -41.00 53.61 43.17
C HIS F 249 -40.28 54.90 43.60
N VAL F 250 -39.45 54.79 44.63
CA VAL F 250 -38.56 55.88 44.99
C VAL F 250 -37.10 55.43 44.82
N PHE F 251 -36.68 54.33 45.47
CA PHE F 251 -35.28 53.91 45.40
C PHE F 251 -34.82 53.79 43.93
N PRO F 252 -35.37 52.84 43.13
CA PRO F 252 -35.11 53.23 41.76
C PRO F 252 -36.37 53.76 41.09
N GLY F 253 -37.15 54.62 41.74
CA GLY F 253 -38.27 55.25 41.06
C GLY F 253 -37.83 56.50 40.35
N VAL F 254 -37.14 57.30 41.14
CA VAL F 254 -36.61 58.60 40.80
C VAL F 254 -35.45 58.73 41.77
N VAL F 255 -34.83 59.89 41.86
CA VAL F 255 -33.85 60.14 42.92
C VAL F 255 -32.79 59.05 43.00
N SER F 256 -31.89 59.00 42.02
CA SER F 256 -30.76 58.08 42.08
C SER F 256 -29.85 58.47 43.24
N ASN F 257 -29.57 59.76 43.35
CA ASN F 257 -28.86 60.32 44.49
C ASN F 257 -29.82 61.14 45.34
N HIS F 258 -29.70 61.03 46.66
CA HIS F 258 -30.71 61.58 47.57
C HIS F 258 -30.47 63.04 47.97
N HIS F 259 -29.33 63.60 47.59
CA HIS F 259 -28.86 64.88 48.13
C HIS F 259 -28.72 64.75 49.65
N LEU F 260 -27.74 63.96 50.07
CA LEU F 260 -27.57 63.59 51.48
C LEU F 260 -27.36 64.78 52.41
N HIS F 261 -26.87 65.89 51.87
CA HIS F 261 -26.69 67.11 52.64
C HIS F 261 -28.06 67.65 53.05
N HIS F 262 -29.00 67.62 52.12
CA HIS F 262 -30.37 68.04 52.39
C HIS F 262 -31.01 67.09 53.39
N LYS F 263 -30.63 65.82 53.32
CA LYS F 263 -31.15 64.85 54.28
C LYS F 263 -30.52 65.07 55.64
N ALA F 264 -29.37 65.74 55.66
CA ALA F 264 -28.72 66.11 56.91
C ALA F 264 -29.42 67.32 57.51
N GLY F 265 -29.81 68.26 56.67
CA GLY F 265 -30.54 69.43 57.12
C GLY F 265 -31.95 69.07 57.55
N LEU F 266 -32.45 67.96 56.99
CA LEU F 266 -33.82 67.56 57.21
C LEU F 266 -34.09 67.12 58.64
N ALA F 267 -33.19 66.31 59.20
CA ALA F 267 -33.36 65.83 60.57
C ALA F 267 -33.40 67.00 61.56
N ILE F 268 -32.42 67.90 61.44
CA ILE F 268 -32.36 69.09 62.27
C ILE F 268 -33.64 69.92 62.12
N ALA F 269 -34.07 70.14 60.89
CA ALA F 269 -35.27 70.94 60.63
C ALA F 269 -36.52 70.32 61.25
N LEU F 270 -36.75 69.05 60.97
CA LEU F 270 -37.95 68.36 61.44
C LEU F 270 -37.97 68.23 62.96
N ALA F 271 -36.80 68.08 63.56
CA ALA F 271 -36.70 67.99 65.01
C ALA F 271 -36.98 69.34 65.64
N GLU F 272 -36.46 70.39 65.03
CA GLU F 272 -36.77 71.75 65.45
C GLU F 272 -38.27 71.99 65.33
N MET F 273 -38.90 71.30 64.37
CA MET F 273 -40.35 71.35 64.25
C MET F 273 -41.04 70.43 65.25
N LEU F 274 -40.29 69.49 65.82
CA LEU F 274 -40.82 68.64 66.88
C LEU F 274 -40.90 69.47 68.15
N GLU F 275 -39.93 70.35 68.34
CA GLU F 275 -39.96 71.26 69.49
C GLU F 275 -40.94 72.42 69.30
N PHE F 276 -40.85 73.12 68.17
CA PHE F 276 -41.60 74.36 67.95
C PHE F 276 -42.87 74.26 67.09
N GLY F 277 -43.22 73.05 66.66
CA GLY F 277 -44.28 72.85 65.67
C GLY F 277 -45.66 73.42 65.93
N GLU F 278 -46.25 73.10 67.08
CA GLU F 278 -47.60 73.57 67.43
C GLU F 278 -47.71 75.08 67.39
N ALA F 279 -46.84 75.74 68.14
CA ALA F 279 -46.79 77.19 68.19
C ALA F 279 -46.57 77.78 66.81
N TYR F 280 -45.66 77.19 66.05
CA TYR F 280 -45.34 77.65 64.70
C TYR F 280 -46.58 77.63 63.79
N ALA F 281 -47.28 76.50 63.76
CA ALA F 281 -48.45 76.36 62.90
C ALA F 281 -49.61 77.26 63.31
N LYS F 282 -49.93 77.27 64.61
CA LYS F 282 -50.99 78.14 65.07
C LYS F 282 -50.66 79.59 64.75
N GLN F 283 -49.38 79.95 64.87
CA GLN F 283 -48.98 81.33 64.67
C GLN F 283 -48.96 81.73 63.20
N VAL F 284 -48.59 80.83 62.31
CA VAL F 284 -48.63 81.17 60.89
C VAL F 284 -50.10 81.30 60.46
N ILE F 285 -50.98 80.45 60.96
CA ILE F 285 -52.40 80.58 60.64
C ILE F 285 -52.96 81.91 61.17
N LYS F 286 -52.72 82.15 62.45
CA LYS F 286 -53.15 83.37 63.13
C LYS F 286 -52.68 84.62 62.40
N ASN F 287 -51.41 84.61 62.00
CA ASN F 287 -50.81 85.73 61.28
C ASN F 287 -51.43 85.93 59.91
N ALA F 288 -51.69 84.83 59.21
CA ALA F 288 -52.34 84.90 57.91
C ALA F 288 -53.72 85.55 58.01
N LYS F 289 -54.54 85.07 58.94
CA LYS F 289 -55.88 85.61 59.09
C LYS F 289 -55.85 87.06 59.58
N ALA F 290 -54.87 87.36 60.44
CA ALA F 290 -54.68 88.73 60.94
C ALA F 290 -54.41 89.69 59.79
N LEU F 291 -53.39 89.35 59.00
CA LEU F 291 -53.01 90.16 57.85
C LEU F 291 -54.17 90.28 56.87
N ALA F 292 -54.90 89.19 56.68
CA ALA F 292 -56.07 89.19 55.79
C ALA F 292 -57.10 90.21 56.24
N GLN F 293 -57.44 90.17 57.54
CA GLN F 293 -58.42 91.11 58.10
C GLN F 293 -57.95 92.56 57.98
N ALA F 294 -56.71 92.81 58.41
CA ALA F 294 -56.14 94.16 58.32
C ALA F 294 -56.20 94.67 56.89
N LEU F 295 -55.84 93.81 55.95
CA LEU F 295 -55.85 94.11 54.51
C LEU F 295 -57.24 94.46 53.99
N TYR F 296 -58.23 93.67 54.39
CA TYR F 296 -59.61 93.92 53.99
C TYR F 296 -60.11 95.24 54.57
N GLU F 297 -59.67 95.54 55.79
CA GLU F 297 -60.01 96.79 56.46
C GLU F 297 -59.47 97.99 55.70
N ARG F 298 -58.32 97.80 55.05
CA ARG F 298 -57.70 98.86 54.25
C ARG F 298 -58.52 99.19 53.01
N GLY F 299 -59.48 98.33 52.68
CA GLY F 299 -60.33 98.52 51.53
C GLY F 299 -59.97 97.61 50.37
N PHE F 300 -59.07 96.65 50.62
CA PHE F 300 -58.68 95.69 49.61
C PHE F 300 -59.69 94.55 49.44
N ASN F 301 -59.70 93.95 48.26
CA ASN F 301 -60.54 92.80 47.98
C ASN F 301 -59.82 91.50 48.34
N VAL F 302 -60.39 90.75 49.27
CA VAL F 302 -59.79 89.49 49.71
C VAL F 302 -60.72 88.32 49.38
N LEU F 303 -60.13 87.19 49.01
CA LEU F 303 -60.90 86.00 48.67
C LEU F 303 -61.60 85.44 49.91
N CYS F 304 -62.69 84.69 49.68
CA CYS F 304 -63.43 84.02 50.76
C CYS F 304 -63.96 85.00 51.82
N GLU F 305 -64.69 86.01 51.37
CA GLU F 305 -65.18 87.10 52.22
C GLU F 305 -65.82 86.66 53.53
N HIS F 306 -66.93 85.93 53.45
CA HIS F 306 -67.69 85.55 54.64
C HIS F 306 -66.99 84.48 55.47
N LYS F 307 -65.88 83.96 54.96
CA LYS F 307 -65.14 82.88 55.61
C LYS F 307 -63.99 83.36 56.50
N ASP F 308 -63.92 84.68 56.69
CA ASP F 308 -62.78 85.36 57.34
C ASP F 308 -61.53 85.21 56.48
N PHE F 309 -61.78 85.09 55.18
CA PHE F 309 -60.81 85.26 54.09
C PHE F 309 -59.76 84.17 53.97
N THR F 310 -59.65 83.31 54.98
CA THR F 310 -59.00 81.99 54.93
C THR F 310 -58.96 81.41 56.33
N GLU F 311 -58.68 80.11 56.43
CA GLU F 311 -58.11 79.50 57.64
C GLU F 311 -56.66 79.10 57.40
N SER F 312 -56.16 79.31 56.18
CA SER F 312 -54.83 78.86 55.81
C SER F 312 -53.76 79.89 56.09
N HIS F 313 -52.56 79.64 55.59
CA HIS F 313 -51.43 80.55 55.77
C HIS F 313 -51.29 81.52 54.61
N GLN F 314 -52.22 81.43 53.65
CA GLN F 314 -52.16 82.25 52.45
C GLN F 314 -53.16 83.41 52.47
N VAL F 315 -52.68 84.60 52.13
CA VAL F 315 -53.56 85.75 51.99
C VAL F 315 -53.79 86.02 50.51
N ILE F 316 -55.04 85.97 50.07
CA ILE F 316 -55.34 86.04 48.64
C ILE F 316 -56.04 87.33 48.25
N ILE F 317 -55.38 88.13 47.42
CA ILE F 317 -55.89 89.42 46.99
C ILE F 317 -56.42 89.37 45.57
N ASP F 318 -57.61 89.94 45.36
CA ASP F 318 -58.29 89.89 44.08
C ASP F 318 -58.15 91.20 43.29
N ILE F 319 -57.69 91.10 42.05
CA ILE F 319 -57.66 92.26 41.16
C ILE F 319 -59.03 92.50 40.54
N GLU F 320 -59.69 91.42 40.15
CA GLU F 320 -61.07 91.49 39.68
C GLU F 320 -61.98 91.91 40.83
N SER F 321 -63.07 92.61 40.49
CA SER F 321 -63.99 93.16 41.48
C SER F 321 -63.29 94.09 42.46
N SER F 328 -53.73 95.75 36.97
CA SER F 328 -53.54 94.34 36.68
C SER F 328 -52.84 93.63 37.83
N ALA F 329 -52.62 92.33 37.69
CA ALA F 329 -51.88 91.57 38.68
C ALA F 329 -50.38 91.78 38.48
N SER F 330 -49.95 91.89 37.23
CA SER F 330 -48.55 92.12 36.91
C SER F 330 -48.12 93.52 37.28
N GLU F 331 -48.90 94.50 36.86
CA GLU F 331 -48.68 95.90 37.22
C GLU F 331 -48.54 96.07 38.73
N LEU F 332 -49.45 95.44 39.46
CA LEU F 332 -49.49 95.56 40.91
C LEU F 332 -48.31 94.84 41.55
N ALA F 333 -48.06 93.60 41.13
CA ALA F 333 -46.97 92.81 41.69
C ALA F 333 -45.63 93.48 41.46
N LYS F 334 -45.52 94.16 40.32
CA LYS F 334 -44.31 94.93 40.01
C LYS F 334 -44.25 96.17 40.89
N MET F 335 -45.40 96.79 41.11
CA MET F 335 -45.51 97.95 42.00
C MET F 335 -44.99 97.62 43.40
N TYR F 336 -45.43 96.48 43.92
CA TYR F 336 -45.01 96.02 45.23
C TYR F 336 -43.56 95.60 45.23
N GLU F 337 -43.14 94.90 44.18
CA GLU F 337 -41.76 94.45 44.04
C GLU F 337 -40.81 95.65 44.08
N GLU F 338 -41.28 96.77 43.55
CA GLU F 338 -40.46 97.97 43.53
C GLU F 338 -40.16 98.50 44.92
N ALA F 339 -41.03 98.22 45.90
CA ALA F 339 -40.60 98.38 47.29
C ALA F 339 -40.61 97.08 48.08
N ASN F 340 -39.52 96.34 48.12
CA ASN F 340 -39.18 95.59 49.31
C ASN F 340 -40.37 94.77 49.82
N ILE F 341 -41.19 94.27 48.91
CA ILE F 341 -42.29 93.38 49.28
C ILE F 341 -42.63 92.60 48.03
N ILE F 342 -42.79 91.29 48.18
CA ILE F 342 -42.87 90.41 47.02
C ILE F 342 -44.09 89.50 47.06
N LEU F 343 -44.90 89.60 46.01
CA LEU F 343 -46.16 88.86 45.90
C LEU F 343 -45.99 87.70 44.92
N ASN F 344 -47.04 86.90 44.75
CA ASN F 344 -47.04 85.96 43.61
C ASN F 344 -48.38 85.97 42.88
N LYS F 345 -48.39 86.46 41.64
CA LYS F 345 -49.64 86.50 40.90
C LYS F 345 -50.04 85.09 40.52
N ASN F 346 -51.25 84.71 40.92
CA ASN F 346 -51.72 83.35 40.71
C ASN F 346 -52.99 83.29 39.86
N LEU F 347 -53.22 82.14 39.24
CA LEU F 347 -54.38 81.96 38.38
C LEU F 347 -55.64 81.71 39.21
N LEU F 348 -56.60 82.63 39.10
CA LEU F 348 -57.88 82.52 39.77
C LEU F 348 -58.88 81.82 38.85
N PRO F 349 -59.94 81.21 39.43
CA PRO F 349 -60.84 80.31 38.70
C PRO F 349 -61.46 80.85 37.40
N TRP F 350 -61.54 82.16 37.24
CA TRP F 350 -62.21 82.73 36.06
C TRP F 350 -61.25 82.98 34.89
N ASP F 351 -60.00 82.58 35.05
CA ASP F 351 -58.98 82.81 34.02
C ASP F 351 -58.73 81.53 33.21
N ASP F 352 -57.87 81.62 32.20
CA ASP F 352 -57.53 80.45 31.38
C ASP F 352 -56.11 80.22 30.75
N ASP F 357 -52.78 83.65 30.36
CA ASP F 357 -51.42 84.01 30.76
C ASP F 357 -51.43 85.31 31.56
N ASN F 358 -52.63 85.82 31.81
CA ASN F 358 -52.79 87.03 32.61
C ASN F 358 -53.67 86.77 33.83
N PRO F 359 -53.03 86.38 34.94
CA PRO F 359 -53.72 86.02 36.19
C PRO F 359 -54.48 87.18 36.82
N SER F 360 -55.58 86.88 37.50
CA SER F 360 -56.47 87.91 38.05
C SER F 360 -56.25 88.25 39.52
N GLY F 361 -55.24 87.67 40.16
CA GLY F 361 -55.03 87.94 41.58
C GLY F 361 -53.61 87.74 42.08
N ILE F 362 -53.29 88.35 43.22
CA ILE F 362 -51.96 88.20 43.81
C ILE F 362 -52.01 87.49 45.16
N ARG F 363 -51.01 86.64 45.39
CA ARG F 363 -51.01 85.74 46.54
C ARG F 363 -49.86 86.03 47.49
N LEU F 364 -50.16 85.91 48.78
CA LEU F 364 -49.18 86.11 49.85
C LEU F 364 -49.20 84.92 50.80
N GLY F 365 -48.16 84.82 51.62
CA GLY F 365 -48.16 83.89 52.73
C GLY F 365 -47.28 84.38 53.85
N THR F 366 -47.64 84.01 55.07
CA THR F 366 -47.02 84.55 56.28
C THR F 366 -45.97 83.65 56.93
N GLN F 367 -45.67 82.51 56.32
CA GLN F 367 -44.87 81.47 56.96
C GLN F 367 -43.56 82.01 57.55
N GLU F 368 -42.78 82.72 56.74
CA GLU F 368 -41.46 83.14 57.18
C GLU F 368 -41.46 84.53 57.78
N CYS F 369 -42.57 85.26 57.63
CA CYS F 369 -42.79 86.43 58.46
C CYS F 369 -42.89 85.92 59.88
N THR F 370 -43.79 84.97 60.09
CA THR F 370 -43.96 84.30 61.37
C THR F 370 -42.64 83.72 61.87
N ARG F 371 -41.87 83.14 60.96
CA ARG F 371 -40.55 82.61 61.30
C ARG F 371 -39.61 83.71 61.76
N LEU F 372 -39.81 84.92 61.24
CA LEU F 372 -38.92 86.05 61.52
C LEU F 372 -39.34 86.81 62.77
N GLY F 373 -40.32 86.27 63.49
CA GLY F 373 -40.87 86.93 64.66
C GLY F 373 -41.88 88.01 64.32
N MET F 374 -42.82 87.67 63.43
CA MET F 374 -43.94 88.55 63.10
C MET F 374 -45.20 88.07 63.81
N LYS F 375 -45.86 88.97 64.54
CA LYS F 375 -47.06 88.61 65.27
C LYS F 375 -48.18 89.62 65.11
N GLU F 376 -49.30 89.19 64.54
CA GLU F 376 -50.55 89.95 64.56
C GLU F 376 -50.37 91.38 64.10
N LYS F 377 -50.59 92.32 65.00
CA LYS F 377 -50.66 93.75 64.69
C LYS F 377 -49.49 94.34 63.90
N GLU F 378 -48.34 93.66 63.89
CA GLU F 378 -47.22 94.13 63.06
C GLU F 378 -47.64 94.11 61.60
N MET F 379 -48.44 93.10 61.24
CA MET F 379 -49.01 92.99 59.91
C MET F 379 -50.04 94.07 59.65
N GLU F 380 -50.67 94.56 60.72
CA GLU F 380 -51.55 95.72 60.62
C GLU F 380 -50.75 96.89 60.08
N GLU F 381 -49.46 96.91 60.41
CA GLU F 381 -48.54 97.89 59.82
C GLU F 381 -48.14 97.45 58.42
N ILE F 382 -47.87 96.16 58.23
CA ILE F 382 -47.52 95.63 56.92
C ILE F 382 -48.59 95.95 55.90
N ALA F 383 -49.83 95.55 56.21
CA ALA F 383 -50.98 95.85 55.38
C ALA F 383 -51.05 97.35 55.11
N GLU F 384 -50.71 98.15 56.11
CA GLU F 384 -50.78 99.60 55.97
C GLU F 384 -49.86 100.06 54.85
N PHE F 385 -48.67 99.46 54.76
CA PHE F 385 -47.76 99.76 53.67
C PHE F 385 -48.44 99.46 52.34
N MET F 386 -49.08 98.29 52.27
CA MET F 386 -49.80 97.88 51.07
C MET F 386 -50.91 98.86 50.73
N LYS F 387 -51.42 99.53 51.75
CA LYS F 387 -52.44 100.56 51.54
C LYS F 387 -51.83 101.82 50.92
N ARG F 388 -50.65 102.19 51.38
CA ARG F 388 -50.03 103.44 50.95
C ARG F 388 -49.77 103.47 49.44
N ILE F 389 -49.19 102.39 48.91
CA ILE F 389 -48.83 102.35 47.50
C ILE F 389 -49.98 102.02 46.56
N ALA F 390 -50.88 101.12 46.98
CA ALA F 390 -51.94 100.64 46.09
C ALA F 390 -53.26 101.38 46.26
N ILE F 391 -53.34 102.28 47.23
CA ILE F 391 -54.56 103.04 47.47
C ILE F 391 -54.27 104.54 47.39
N ASP F 392 -53.38 104.99 48.28
CA ASP F 392 -52.96 106.38 48.31
C ASP F 392 -52.09 106.72 47.10
N LYS F 393 -51.76 105.71 46.31
CA LYS F 393 -50.92 105.86 45.12
C LYS F 393 -49.55 106.45 45.47
N GLU F 394 -49.09 106.19 46.69
CA GLU F 394 -47.79 106.67 47.13
C GLU F 394 -46.68 105.94 46.37
N LYS F 395 -45.59 106.64 46.09
CA LYS F 395 -44.51 106.12 45.25
C LYS F 395 -43.88 104.86 45.84
N PRO F 396 -43.78 103.80 45.02
CA PRO F 396 -43.12 102.56 45.42
C PRO F 396 -41.65 102.78 45.80
N GLU F 397 -40.92 103.52 44.98
CA GLU F 397 -39.51 103.75 45.26
C GLU F 397 -39.31 104.57 46.53
N LYS F 398 -40.29 105.39 46.89
CA LYS F 398 -40.21 106.23 48.08
C LYS F 398 -40.50 105.44 49.36
N VAL F 399 -41.58 104.66 49.36
CA VAL F 399 -41.96 103.86 50.53
C VAL F 399 -41.02 102.65 50.63
N ARG F 400 -40.23 102.45 49.58
CA ARG F 400 -39.18 101.44 49.57
C ARG F 400 -38.26 101.61 50.77
N GLU F 401 -38.03 102.88 51.15
CA GLU F 401 -37.21 103.19 52.32
C GLU F 401 -37.94 102.80 53.61
N ASP F 402 -39.25 103.07 53.65
CA ASP F 402 -40.06 102.69 54.79
C ASP F 402 -39.96 101.19 55.05
N VAL F 403 -40.27 100.39 54.03
CA VAL F 403 -40.21 98.94 54.18
C VAL F 403 -38.78 98.45 54.35
N LYS F 404 -37.82 99.22 53.87
CA LYS F 404 -36.41 98.92 54.13
C LYS F 404 -36.15 98.92 55.63
N GLU F 405 -36.50 100.02 56.28
CA GLU F 405 -36.24 100.17 57.71
C GLU F 405 -37.11 99.25 58.56
N PHE F 406 -38.35 99.04 58.12
CA PHE F 406 -39.27 98.17 58.83
C PHE F 406 -38.80 96.73 58.79
N ALA F 407 -38.31 96.30 57.63
CA ALA F 407 -37.80 94.93 57.49
C ALA F 407 -36.41 94.80 58.10
N LYS F 408 -35.72 95.93 58.26
CA LYS F 408 -34.42 95.91 58.91
C LYS F 408 -34.57 95.83 60.42
N GLU F 409 -35.68 96.35 60.94
CA GLU F 409 -35.95 96.28 62.37
C GLU F 409 -36.27 94.85 62.80
N TYR F 410 -37.21 94.21 62.11
CA TYR F 410 -37.54 92.83 62.40
C TYR F 410 -36.70 91.92 61.52
N SER F 411 -35.75 91.23 62.15
CA SER F 411 -34.69 90.55 61.43
C SER F 411 -34.51 89.09 61.85
N THR F 412 -34.11 88.91 63.11
CA THR F 412 -33.75 87.60 63.65
C THR F 412 -34.86 86.56 63.52
N ILE F 413 -34.46 85.33 63.23
CA ILE F 413 -35.40 84.23 63.07
C ILE F 413 -35.85 83.69 64.42
N HIS F 414 -37.03 83.08 64.44
CA HIS F 414 -37.58 82.51 65.67
C HIS F 414 -37.89 81.03 65.50
N TYR F 415 -38.44 80.43 66.55
CA TYR F 415 -38.83 79.02 66.55
C TYR F 415 -37.69 78.08 66.20
N SER F 416 -36.54 78.25 66.86
CA SER F 416 -35.38 77.41 66.59
C SER F 416 -34.37 77.40 67.73
N PHE F 417 -33.30 76.64 67.55
CA PHE F 417 -32.20 76.59 68.50
C PHE F 417 -31.43 77.91 68.48
N ASP F 418 -31.04 78.33 67.27
CA ASP F 418 -30.31 79.57 67.09
C ASP F 418 -31.25 80.72 66.72
N GLU F 419 -31.03 81.88 67.33
CA GLU F 419 -31.84 83.05 67.03
C GLU F 419 -31.17 83.92 65.96
N GLY F 420 -30.07 83.42 65.42
CA GLY F 420 -29.26 84.17 64.46
C GLY F 420 -30.00 84.72 63.27
N ASP F 421 -29.56 85.89 62.81
CA ASP F 421 -30.18 86.57 61.68
C ASP F 421 -30.14 85.71 60.42
N GLY F 422 -31.30 85.54 59.80
CA GLY F 422 -31.44 84.65 58.66
C GLY F 422 -30.91 85.20 57.36
N PHE F 423 -30.53 86.47 57.36
CA PHE F 423 -29.98 87.11 56.17
C PHE F 423 -28.46 87.08 56.18
N LYS F 424 -27.89 86.46 57.21
CA LYS F 424 -26.44 86.40 57.39
C LYS F 424 -25.73 85.72 56.23
N TYR F 425 -24.74 86.43 55.66
CA TYR F 425 -23.87 85.84 54.64
C TYR F 425 -22.66 85.18 55.29
N LEU F 426 -22.20 84.08 54.71
CA LEU F 426 -21.05 83.37 55.27
C LEU F 426 -19.85 83.28 54.33
N ARG F 427 -18.66 83.19 54.91
CA ARG F 427 -17.42 83.06 54.17
C ARG F 427 -16.76 81.72 54.42
N PHE F 428 -16.71 80.88 53.40
CA PHE F 428 -16.01 79.61 53.50
C PHE F 428 -14.52 79.80 53.27
N TYR F 429 -14.17 80.75 52.42
CA TYR F 429 -12.78 81.12 52.20
C TYR F 429 -12.59 82.63 52.34
N MET G 1 71.38 -53.70 -25.84
CA MET G 1 72.51 -53.09 -26.53
C MET G 1 73.29 -52.17 -25.61
N GLU G 2 73.88 -51.15 -26.21
CA GLU G 2 74.58 -50.10 -25.49
C GLU G 2 74.61 -48.84 -26.35
N TYR G 3 74.89 -47.70 -25.74
CA TYR G 3 74.85 -46.41 -26.41
C TYR G 3 75.75 -46.37 -27.64
N SER G 4 76.93 -46.97 -27.52
CA SER G 4 77.89 -46.99 -28.61
C SER G 4 77.42 -47.87 -29.77
N ASP G 5 76.51 -48.80 -29.46
CA ASP G 5 75.99 -49.73 -30.47
C ASP G 5 74.94 -49.08 -31.36
N VAL G 6 74.31 -48.03 -30.86
CA VAL G 6 73.17 -47.41 -31.53
C VAL G 6 73.50 -46.82 -32.91
N PRO G 7 74.54 -45.96 -33.02
CA PRO G 7 74.81 -45.47 -34.38
C PRO G 7 75.17 -46.59 -35.35
N LYS G 8 75.87 -47.60 -34.85
CA LYS G 8 76.14 -48.80 -35.63
C LYS G 8 74.83 -49.45 -36.04
N PHE G 9 73.90 -49.50 -35.08
CA PHE G 9 72.62 -50.18 -35.28
C PHE G 9 71.78 -49.54 -36.37
N ILE G 10 71.63 -48.23 -36.35
CA ILE G 10 70.80 -47.60 -37.37
C ILE G 10 71.57 -47.26 -38.65
N ARG G 11 72.89 -47.33 -38.59
CA ARG G 11 73.65 -47.30 -39.84
C ARG G 11 73.34 -48.60 -40.57
N ASP G 12 73.38 -49.69 -39.82
CA ASP G 12 73.05 -51.01 -40.35
C ASP G 12 71.60 -51.08 -40.82
N VAL G 13 70.71 -50.48 -40.03
CA VAL G 13 69.28 -50.46 -40.32
C VAL G 13 68.99 -49.68 -41.58
N SER G 14 69.63 -48.51 -41.70
CA SER G 14 69.45 -47.64 -42.85
C SER G 14 69.98 -48.32 -44.11
N ILE G 15 71.18 -48.90 -44.01
CA ILE G 15 71.75 -49.65 -45.12
C ILE G 15 70.81 -50.78 -45.54
N LYS G 16 70.28 -51.51 -44.58
CA LYS G 16 69.38 -52.61 -44.88
C LYS G 16 68.08 -52.09 -45.50
N GLN G 17 67.72 -50.85 -45.19
CA GLN G 17 66.54 -50.23 -45.76
C GLN G 17 66.79 -49.92 -47.24
N HIS G 18 67.95 -49.37 -47.53
CA HIS G 18 68.33 -49.11 -48.91
C HIS G 18 68.36 -50.41 -49.71
N GLU G 19 68.91 -51.46 -49.11
CA GLU G 19 69.01 -52.76 -49.77
C GLU G 19 67.63 -53.38 -50.03
N TRP G 20 66.75 -53.30 -49.03
CA TRP G 20 65.40 -53.82 -49.16
C TRP G 20 64.61 -53.06 -50.22
N MET G 21 64.75 -51.74 -50.21
CA MET G 21 64.04 -50.88 -51.15
C MET G 21 64.59 -51.03 -52.57
N ARG G 22 65.85 -51.44 -52.67
CA ARG G 22 66.43 -51.71 -53.98
C ARG G 22 65.95 -53.07 -54.49
N GLU G 23 65.69 -53.99 -53.56
CA GLU G 23 65.27 -55.34 -53.91
C GLU G 23 63.77 -55.43 -54.17
N SER G 24 63.09 -54.30 -54.02
CA SER G 24 61.63 -54.31 -54.10
C SER G 24 61.08 -53.22 -55.02
N ILE G 25 59.80 -53.34 -55.35
CA ILE G 25 59.10 -52.32 -56.12
C ILE G 25 58.15 -51.55 -55.21
N LYS G 26 58.20 -50.23 -55.27
CA LYS G 26 57.38 -49.43 -54.35
C LYS G 26 56.19 -48.84 -55.08
N LEU G 27 55.02 -49.43 -54.84
CA LEU G 27 53.79 -49.05 -55.52
C LEU G 27 52.85 -48.16 -54.70
N ILE G 28 53.23 -47.83 -53.48
CA ILE G 28 52.38 -47.03 -52.61
C ILE G 28 52.21 -45.62 -53.17
N ALA G 29 50.96 -45.17 -53.26
CA ALA G 29 50.61 -43.92 -53.95
C ALA G 29 51.29 -42.69 -53.37
N SER G 30 51.89 -42.83 -52.18
CA SER G 30 52.58 -41.72 -51.54
C SER G 30 54.07 -41.73 -51.85
N GLU G 31 54.77 -42.79 -51.45
CA GLU G 31 56.23 -42.83 -51.53
C GLU G 31 56.77 -42.50 -52.92
N ASN G 32 57.68 -41.53 -52.98
CA ASN G 32 58.34 -41.16 -54.23
C ASN G 32 59.81 -40.83 -53.99
N ILE G 33 60.69 -41.48 -54.75
CA ILE G 33 62.13 -41.33 -54.55
C ILE G 33 62.66 -40.02 -55.14
N THR G 34 63.69 -39.47 -54.50
CA THR G 34 64.27 -38.21 -54.91
C THR G 34 65.66 -38.43 -55.51
N SER G 35 66.06 -37.55 -56.42
CA SER G 35 67.34 -37.65 -57.11
C SER G 35 68.50 -37.41 -56.17
N LEU G 36 69.69 -37.83 -56.59
CA LEU G 36 70.92 -37.65 -55.82
C LEU G 36 71.10 -36.23 -55.33
N ALA G 37 70.80 -35.27 -56.20
CA ALA G 37 70.98 -33.86 -55.88
C ALA G 37 70.12 -33.43 -54.71
N VAL G 38 68.84 -33.84 -54.73
CA VAL G 38 67.92 -33.51 -53.67
C VAL G 38 68.38 -34.07 -52.32
N ARG G 39 68.69 -35.37 -52.30
CA ARG G 39 69.18 -36.05 -51.10
C ARG G 39 70.43 -35.37 -50.56
N GLU G 40 71.37 -35.10 -51.46
CA GLU G 40 72.61 -34.39 -51.14
C GLU G 40 72.32 -33.03 -50.51
N ALA G 41 71.23 -32.40 -50.97
CA ALA G 41 70.83 -31.11 -50.45
C ALA G 41 70.07 -31.23 -49.13
N CYS G 42 69.60 -32.43 -48.81
CA CYS G 42 68.89 -32.66 -47.56
C CYS G 42 69.85 -32.89 -46.39
N ALA G 43 71.09 -33.25 -46.71
CA ALA G 43 72.08 -33.57 -45.68
C ALA G 43 73.00 -32.39 -45.33
N THR G 44 72.72 -31.23 -45.93
CA THR G 44 73.62 -30.08 -45.81
C THR G 44 73.58 -29.40 -44.44
N ASP G 45 74.35 -28.32 -44.31
CA ASP G 45 74.49 -27.60 -43.05
C ASP G 45 73.26 -26.76 -42.71
N PHE G 46 72.32 -26.69 -43.65
CA PHE G 46 71.12 -25.88 -43.49
C PHE G 46 70.19 -26.40 -42.38
N MET G 47 70.51 -27.58 -41.84
CA MET G 47 69.77 -28.18 -40.73
C MET G 47 69.70 -27.27 -39.51
N HIS G 48 70.86 -27.09 -38.88
CA HIS G 48 70.97 -26.36 -37.62
C HIS G 48 70.58 -24.90 -37.78
N ARG G 49 70.73 -24.38 -38.99
CA ARG G 49 70.53 -22.96 -39.25
C ARG G 49 69.09 -22.50 -39.06
N TYR G 50 68.94 -21.21 -38.76
CA TYR G 50 67.64 -20.61 -38.48
C TYR G 50 67.42 -19.40 -39.38
N ALA G 51 66.19 -19.21 -39.85
CA ALA G 51 65.94 -18.21 -40.88
C ALA G 51 64.53 -17.62 -40.87
N GLU G 52 64.43 -16.35 -41.25
CA GLU G 52 63.16 -15.72 -41.54
C GLU G 52 62.71 -16.13 -42.95
N GLY G 53 61.42 -16.13 -43.20
CA GLY G 53 60.86 -16.70 -44.41
C GLY G 53 60.49 -15.78 -45.56
N LEU G 54 61.10 -14.60 -45.61
CA LEU G 54 60.86 -13.69 -46.72
C LEU G 54 62.19 -13.16 -47.28
N PRO G 55 62.30 -13.06 -48.62
CA PRO G 55 63.47 -12.41 -49.23
C PRO G 55 63.43 -10.89 -49.08
N GLY G 56 64.59 -10.28 -48.87
CA GLY G 56 64.70 -8.84 -48.78
C GLY G 56 64.52 -8.29 -47.37
N LYS G 57 63.84 -9.08 -46.52
CA LYS G 57 63.67 -8.72 -45.12
C LYS G 57 64.07 -9.89 -44.25
N ARG G 58 64.67 -9.60 -43.10
CA ARG G 58 65.29 -10.65 -42.31
C ARG G 58 65.15 -10.46 -40.81
N LEU G 59 64.92 -11.56 -40.10
CA LEU G 59 64.85 -11.56 -38.65
C LEU G 59 66.09 -12.23 -38.05
N TYR G 60 66.24 -13.53 -38.32
CA TYR G 60 67.37 -14.29 -37.82
C TYR G 60 68.66 -13.95 -38.56
N GLN G 61 69.70 -13.61 -37.80
CA GLN G 61 70.97 -13.18 -38.36
C GLN G 61 71.71 -14.29 -39.10
N GLY G 62 72.65 -13.89 -39.95
CA GLY G 62 73.50 -14.85 -40.63
C GLY G 62 72.83 -15.61 -41.76
N CYS G 63 71.77 -15.02 -42.31
CA CYS G 63 71.10 -15.62 -43.47
C CYS G 63 71.51 -14.90 -44.74
N LYS G 64 72.30 -15.57 -45.56
CA LYS G 64 72.75 -15.01 -46.83
C LYS G 64 72.49 -15.96 -47.99
N TYR G 65 73.13 -17.13 -47.94
CA TYR G 65 72.95 -18.14 -48.96
C TYR G 65 71.57 -18.80 -48.85
N ILE G 66 71.06 -18.88 -47.63
CA ILE G 66 69.79 -19.54 -47.36
C ILE G 66 68.59 -18.84 -48.02
N ASP G 67 68.58 -17.51 -47.97
CA ASP G 67 67.49 -16.77 -48.62
C ASP G 67 67.71 -16.76 -50.13
N GLU G 68 68.92 -17.06 -50.58
CA GLU G 68 69.16 -17.30 -52.00
C GLU G 68 68.40 -18.56 -52.38
N VAL G 69 68.63 -19.62 -51.61
CA VAL G 69 67.93 -20.89 -51.79
C VAL G 69 66.43 -20.67 -51.83
N GLU G 70 65.94 -19.95 -50.83
CA GLU G 70 64.52 -19.72 -50.66
C GLU G 70 63.91 -18.91 -51.79
N THR G 71 64.63 -17.88 -52.23
CA THR G 71 64.19 -17.05 -53.35
C THR G 71 64.07 -17.90 -54.60
N LEU G 72 65.08 -18.74 -54.83
CA LEU G 72 65.06 -19.63 -55.99
C LEU G 72 63.86 -20.56 -55.94
N CYS G 73 63.60 -21.15 -54.78
CA CYS G 73 62.42 -22.00 -54.60
C CYS G 73 61.13 -21.22 -54.90
N ILE G 74 61.08 -19.97 -54.45
CA ILE G 74 59.92 -19.10 -54.68
C ILE G 74 59.65 -18.89 -56.17
N GLU G 75 60.68 -18.43 -56.89
CA GLU G 75 60.53 -18.11 -58.30
C GLU G 75 60.27 -19.35 -59.15
N LEU G 76 60.89 -20.46 -58.77
CA LEU G 76 60.67 -21.70 -59.50
C LEU G 76 59.26 -22.19 -59.29
N SER G 77 58.77 -22.08 -58.05
CA SER G 77 57.38 -22.39 -57.74
C SER G 77 56.45 -21.54 -58.62
N LYS G 78 56.73 -20.24 -58.65
CA LYS G 78 55.98 -19.31 -59.48
C LYS G 78 55.92 -19.76 -60.93
N GLU G 79 57.07 -19.70 -61.61
CA GLU G 79 57.13 -19.99 -63.04
C GLU G 79 56.57 -21.36 -63.39
N LEU G 80 56.91 -22.36 -62.58
CA LEU G 80 56.43 -23.72 -62.82
C LEU G 80 54.91 -23.80 -62.73
N PHE G 81 54.35 -23.18 -61.70
CA PHE G 81 52.91 -23.23 -61.49
C PHE G 81 52.19 -22.00 -62.06
N LYS G 82 52.94 -21.08 -62.64
CA LYS G 82 52.38 -19.84 -63.21
C LYS G 82 51.49 -19.13 -62.21
N ALA G 83 52.02 -18.93 -61.01
CA ALA G 83 51.27 -18.32 -59.92
C ALA G 83 51.88 -16.98 -59.54
N GLU G 84 51.05 -16.11 -58.98
CA GLU G 84 51.50 -14.78 -58.59
C GLU G 84 52.37 -14.81 -57.33
N HIS G 85 51.90 -15.54 -56.31
CA HIS G 85 52.61 -15.58 -55.03
C HIS G 85 52.98 -17.00 -54.62
N ALA G 86 54.22 -17.17 -54.17
CA ALA G 86 54.75 -18.47 -53.79
C ALA G 86 55.41 -18.44 -52.41
N ASN G 87 55.04 -19.42 -51.58
CA ASN G 87 55.59 -19.57 -50.24
C ASN G 87 56.06 -21.01 -50.05
N VAL G 88 57.36 -21.19 -49.89
CA VAL G 88 57.94 -22.53 -49.79
C VAL G 88 58.20 -22.99 -48.35
N GLN G 89 57.82 -22.15 -47.39
CA GLN G 89 58.15 -22.36 -45.97
C GLN G 89 57.60 -23.62 -45.27
N PRO G 90 56.31 -23.97 -45.47
CA PRO G 90 55.70 -24.98 -44.59
C PRO G 90 56.51 -26.26 -44.42
N THR G 91 56.66 -26.70 -43.17
CA THR G 91 57.46 -27.87 -42.85
C THR G 91 56.75 -29.14 -43.26
N SER G 92 55.68 -29.47 -42.56
CA SER G 92 54.81 -30.56 -42.98
C SER G 92 53.95 -30.11 -44.14
N GLY G 93 53.42 -31.05 -44.90
CA GLY G 93 52.48 -30.73 -45.95
C GLY G 93 51.10 -30.52 -45.36
N VAL G 94 50.90 -31.00 -44.15
CA VAL G 94 49.67 -30.75 -43.39
C VAL G 94 49.74 -29.36 -42.77
N VAL G 95 50.95 -29.00 -42.33
CA VAL G 95 51.24 -27.65 -41.85
C VAL G 95 50.85 -26.62 -42.93
N ALA G 96 51.04 -27.01 -44.18
CA ALA G 96 50.64 -26.18 -45.31
C ALA G 96 49.13 -25.97 -45.33
N ASN G 97 48.38 -27.02 -45.00
CA ASN G 97 46.93 -26.91 -44.87
C ASN G 97 46.57 -25.94 -43.75
N LEU G 98 47.23 -26.13 -42.60
CA LEU G 98 46.99 -25.29 -41.44
C LEU G 98 47.30 -23.82 -41.70
N ALA G 99 48.21 -23.56 -42.64
CA ALA G 99 48.53 -22.19 -43.03
C ALA G 99 47.30 -21.48 -43.61
N VAL G 100 46.73 -22.09 -44.65
CA VAL G 100 45.52 -21.55 -45.28
C VAL G 100 44.37 -21.51 -44.28
N PHE G 101 44.18 -22.61 -43.56
CA PHE G 101 43.10 -22.72 -42.57
C PHE G 101 43.17 -21.60 -41.55
N PHE G 102 44.38 -21.25 -41.14
CA PHE G 102 44.59 -20.12 -40.26
C PHE G 102 44.22 -18.82 -40.98
N ALA G 103 44.72 -18.70 -42.21
CA ALA G 103 44.55 -17.49 -43.01
C ALA G 103 43.10 -17.09 -43.21
N GLU G 104 42.37 -17.86 -44.01
CA GLU G 104 41.06 -17.44 -44.49
C GLU G 104 39.90 -17.67 -43.52
N THR G 105 39.95 -18.76 -42.76
CA THR G 105 38.83 -19.11 -41.90
C THR G 105 39.02 -18.66 -40.45
N LYS G 106 37.94 -18.17 -39.85
CA LYS G 106 37.91 -17.94 -38.41
C LYS G 106 37.40 -19.20 -37.71
N PRO G 107 37.71 -19.35 -36.41
CA PRO G 107 37.15 -20.49 -35.68
C PRO G 107 35.61 -20.47 -35.70
N GLY G 108 35.01 -21.61 -36.06
CA GLY G 108 33.57 -21.72 -36.12
C GLY G 108 33.00 -21.71 -37.53
N ASP G 109 33.89 -21.58 -38.53
CA ASP G 109 33.47 -21.58 -39.92
C ASP G 109 33.08 -22.98 -40.41
N LYS G 110 32.32 -23.03 -41.50
CA LYS G 110 31.95 -24.30 -42.12
C LYS G 110 32.88 -24.63 -43.29
N LEU G 111 33.50 -25.80 -43.22
CA LEU G 111 34.51 -26.19 -44.22
C LEU G 111 34.13 -27.46 -44.97
N MET G 112 33.85 -27.32 -46.26
CA MET G 112 33.50 -28.46 -47.09
C MET G 112 34.76 -29.19 -47.55
N ALA G 113 34.62 -30.48 -47.83
CA ALA G 113 35.76 -31.33 -48.20
C ALA G 113 35.29 -32.74 -48.57
N LEU G 114 36.18 -33.50 -49.23
CA LEU G 114 35.85 -34.84 -49.69
C LEU G 114 35.74 -35.83 -48.53
N SER G 115 34.86 -36.81 -48.68
CA SER G 115 34.64 -37.81 -47.63
C SER G 115 35.87 -38.68 -47.40
N VAL G 116 36.20 -38.90 -46.14
CA VAL G 116 37.41 -39.65 -45.77
C VAL G 116 37.36 -41.12 -46.22
N PRO G 117 36.31 -41.87 -45.84
CA PRO G 117 36.33 -43.26 -46.31
C PRO G 117 36.10 -43.37 -47.81
N ASP G 118 35.55 -42.31 -48.41
CA ASP G 118 35.19 -42.31 -49.81
C ASP G 118 36.36 -41.87 -50.68
N GLY G 119 37.52 -41.72 -50.06
CA GLY G 119 38.74 -41.41 -50.81
C GLY G 119 39.32 -40.01 -50.63
N GLY G 120 38.72 -39.22 -49.75
CA GLY G 120 39.28 -37.91 -49.41
C GLY G 120 40.49 -38.06 -48.51
N HIS G 121 40.96 -36.94 -47.98
CA HIS G 121 42.09 -36.97 -47.04
C HIS G 121 41.68 -36.37 -45.70
N ILE G 122 42.40 -36.75 -44.65
CA ILE G 122 42.19 -36.15 -43.35
C ILE G 122 42.83 -34.77 -43.34
N SER G 123 42.85 -34.15 -42.16
CA SER G 123 43.36 -32.80 -41.92
C SER G 123 42.42 -31.73 -42.49
N HIS G 124 41.49 -32.16 -43.33
CA HIS G 124 40.30 -31.39 -43.65
C HIS G 124 39.23 -31.70 -42.61
N TRP G 125 39.37 -32.89 -42.03
CA TRP G 125 38.28 -33.55 -41.32
C TRP G 125 38.39 -33.53 -39.80
N LYS G 126 37.48 -34.29 -39.19
CA LYS G 126 37.37 -34.47 -37.75
C LYS G 126 38.67 -34.94 -37.11
N VAL G 127 38.87 -34.55 -35.85
CA VAL G 127 40.03 -34.91 -35.03
C VAL G 127 41.34 -34.70 -35.79
N SER G 128 41.34 -33.68 -36.64
CA SER G 128 42.47 -33.43 -37.52
C SER G 128 42.75 -31.93 -37.64
N ALA G 129 43.63 -31.57 -38.57
CA ALA G 129 44.14 -30.20 -38.71
C ALA G 129 43.04 -29.14 -38.73
N ALA G 130 41.98 -29.40 -39.48
CA ALA G 130 40.84 -28.49 -39.52
C ALA G 130 39.99 -28.67 -38.26
N GLY G 131 39.94 -29.89 -37.77
CA GLY G 131 39.20 -30.20 -36.55
C GLY G 131 39.77 -29.48 -35.34
N ILE G 132 40.95 -28.91 -35.50
CA ILE G 132 41.57 -28.12 -34.44
C ILE G 132 40.83 -26.81 -34.24
N ARG G 133 40.29 -26.27 -35.33
CA ARG G 133 39.59 -24.98 -35.31
C ARG G 133 38.19 -25.06 -35.94
N GLY G 134 38.15 -25.52 -37.19
CA GLY G 134 37.00 -25.42 -38.07
C GLY G 134 35.96 -26.51 -37.89
N LEU G 135 35.77 -26.95 -36.66
CA LEU G 135 35.17 -28.25 -36.31
C LEU G 135 33.87 -28.66 -37.01
N LYS G 136 33.16 -27.72 -37.64
CA LYS G 136 32.02 -28.14 -38.46
C LYS G 136 32.44 -28.35 -39.91
N VAL G 137 32.36 -29.61 -40.34
CA VAL G 137 32.77 -30.00 -41.69
C VAL G 137 31.63 -30.72 -42.40
N ILE G 138 31.45 -30.46 -43.69
CA ILE G 138 30.45 -31.17 -44.47
C ILE G 138 31.12 -31.87 -45.65
N ASN G 139 30.56 -32.99 -46.08
CA ASN G 139 31.22 -33.85 -47.07
C ASN G 139 30.73 -33.67 -48.51
N HIS G 140 31.66 -33.76 -49.45
CA HIS G 140 31.36 -33.71 -50.86
C HIS G 140 30.46 -34.85 -51.31
N PRO G 141 29.36 -34.52 -52.00
CA PRO G 141 28.56 -35.55 -52.68
C PRO G 141 29.41 -36.32 -53.69
N PHE G 142 29.34 -37.65 -53.65
CA PHE G 142 30.24 -38.48 -54.42
C PHE G 142 29.50 -39.47 -55.30
N ASP G 143 30.07 -39.77 -56.47
CA ASP G 143 29.57 -40.83 -57.32
C ASP G 143 30.44 -42.06 -57.13
N PRO G 144 29.89 -43.09 -56.45
CA PRO G 144 30.68 -44.22 -55.94
C PRO G 144 31.29 -45.17 -57.00
N GLU G 145 30.51 -45.56 -57.99
CA GLU G 145 30.94 -46.62 -58.91
C GLU G 145 31.99 -46.14 -59.91
N GLU G 146 31.70 -45.05 -60.60
CA GLU G 146 32.70 -44.35 -61.38
C GLU G 146 33.29 -43.30 -60.46
N MET G 147 34.58 -43.39 -60.14
CA MET G 147 35.03 -42.68 -58.95
C MET G 147 35.44 -41.26 -59.26
N ASN G 148 34.56 -40.35 -58.87
CA ASN G 148 34.81 -38.92 -58.82
C ASN G 148 33.73 -38.33 -57.94
N ILE G 149 33.96 -37.13 -57.42
CA ILE G 149 32.93 -36.44 -56.66
C ILE G 149 31.86 -35.92 -57.61
N ASP G 150 30.59 -36.16 -57.28
CA ASP G 150 29.49 -35.69 -58.11
C ASP G 150 29.33 -34.19 -57.93
N ALA G 151 29.44 -33.46 -59.03
CA ALA G 151 29.42 -32.00 -59.00
C ALA G 151 28.01 -31.43 -58.88
N ASP G 152 27.04 -32.12 -59.47
CA ASP G 152 25.68 -31.58 -59.56
C ASP G 152 24.94 -31.59 -58.23
N ALA G 153 25.21 -32.58 -57.38
CA ALA G 153 24.67 -32.58 -56.03
C ALA G 153 25.50 -31.65 -55.16
N MET G 154 26.79 -31.55 -55.50
CA MET G 154 27.74 -30.74 -54.77
C MET G 154 27.45 -29.24 -54.87
N VAL G 155 26.93 -28.82 -56.01
CA VAL G 155 26.59 -27.42 -56.22
C VAL G 155 25.41 -27.02 -55.35
N LYS G 156 24.40 -27.89 -55.31
CA LYS G 156 23.28 -27.70 -54.40
C LYS G 156 23.77 -27.64 -52.96
N LYS G 157 24.63 -28.59 -52.60
CA LYS G 157 25.10 -28.68 -51.23
C LYS G 157 25.92 -27.46 -50.83
N ILE G 158 26.80 -26.98 -51.69
CA ILE G 158 27.61 -25.81 -51.36
C ILE G 158 26.76 -24.56 -51.38
N LEU G 159 25.70 -24.57 -52.17
CA LEU G 159 24.81 -23.43 -52.27
C LEU G 159 24.01 -23.25 -50.99
N GLU G 160 23.43 -24.34 -50.48
CA GLU G 160 22.63 -24.25 -49.27
C GLU G 160 23.43 -24.30 -47.96
N GLU G 161 24.44 -25.17 -47.89
CA GLU G 161 25.25 -25.33 -46.68
C GLU G 161 26.07 -24.09 -46.37
N LYS G 162 26.43 -23.35 -47.42
CA LYS G 162 27.20 -22.11 -47.30
C LYS G 162 28.53 -22.27 -46.55
N PRO G 163 29.44 -23.10 -47.08
CA PRO G 163 30.73 -23.23 -46.39
C PRO G 163 31.57 -21.97 -46.51
N LYS G 164 32.54 -21.80 -45.63
CA LYS G 164 33.45 -20.66 -45.70
C LYS G 164 34.53 -20.92 -46.76
N LEU G 165 35.02 -22.16 -46.76
CA LEU G 165 36.06 -22.55 -47.71
C LEU G 165 35.73 -23.90 -48.31
N ILE G 166 35.77 -23.99 -49.64
CA ILE G 166 35.56 -25.28 -50.30
C ILE G 166 36.90 -25.89 -50.66
N LEU G 167 37.04 -27.18 -50.37
CA LEU G 167 38.30 -27.89 -50.59
C LEU G 167 38.22 -28.82 -51.78
N PHE G 168 39.35 -28.98 -52.46
CA PHE G 168 39.49 -30.05 -53.43
C PHE G 168 40.82 -30.77 -53.20
N GLY G 169 41.07 -31.83 -53.97
CA GLY G 169 42.22 -32.68 -53.73
C GLY G 169 41.82 -33.87 -52.88
N GLY G 170 42.52 -34.99 -53.05
CA GLY G 170 42.20 -36.20 -52.32
C GLY G 170 43.33 -37.19 -52.22
N SER G 171 43.23 -38.10 -51.25
CA SER G 171 44.24 -39.14 -51.06
C SER G 171 44.05 -40.25 -52.09
N LEU G 172 42.82 -40.43 -52.54
CA LEU G 172 42.53 -41.28 -53.69
C LEU G 172 42.03 -40.37 -54.81
N PHE G 173 42.85 -40.21 -55.84
CA PHE G 173 42.59 -39.17 -56.83
C PHE G 173 42.81 -39.62 -58.27
N PRO G 174 42.05 -40.63 -58.73
CA PRO G 174 42.23 -41.04 -60.13
C PRO G 174 41.75 -39.98 -61.11
N PHE G 175 40.63 -39.33 -60.82
CA PHE G 175 39.99 -38.42 -61.76
C PHE G 175 39.78 -37.03 -61.17
N PRO G 176 39.93 -35.99 -62.00
CA PRO G 176 39.93 -34.59 -61.55
C PRO G 176 38.64 -34.15 -60.84
N HIS G 177 38.82 -33.23 -59.89
CA HIS G 177 37.72 -32.66 -59.11
C HIS G 177 37.07 -31.51 -59.86
N PRO G 178 35.77 -31.28 -59.60
CA PRO G 178 35.04 -30.17 -60.25
C PRO G 178 35.25 -28.84 -59.54
N VAL G 179 36.45 -28.29 -59.68
CA VAL G 179 36.78 -27.01 -59.06
C VAL G 179 35.90 -25.87 -59.59
N ALA G 180 35.91 -25.69 -60.91
CA ALA G 180 35.19 -24.61 -61.56
C ALA G 180 33.69 -24.70 -61.36
N ASP G 181 33.18 -25.93 -61.30
CA ASP G 181 31.75 -26.15 -61.09
C ASP G 181 31.32 -25.65 -59.73
N ALA G 182 32.23 -25.73 -58.75
CA ALA G 182 31.95 -25.25 -57.41
C ALA G 182 32.33 -23.77 -57.25
N TYR G 183 33.08 -23.22 -58.19
CA TYR G 183 33.48 -21.81 -58.10
C TYR G 183 32.29 -20.88 -58.12
N GLU G 184 31.42 -21.08 -59.10
CA GLU G 184 30.26 -20.22 -59.31
C GLU G 184 29.48 -20.08 -58.02
N ALA G 185 29.09 -21.22 -57.47
CA ALA G 185 28.34 -21.26 -56.23
C ALA G 185 29.19 -20.74 -55.06
N ALA G 186 30.51 -20.85 -55.16
CA ALA G 186 31.39 -20.39 -54.09
C ALA G 186 31.33 -18.88 -53.96
N GLN G 187 31.55 -18.19 -55.07
CA GLN G 187 31.45 -16.74 -55.09
C GLN G 187 30.01 -16.28 -54.85
N GLU G 188 29.05 -17.08 -55.28
CA GLU G 188 27.65 -16.75 -55.06
C GLU G 188 27.31 -16.81 -53.57
N VAL G 189 27.94 -17.75 -52.88
CA VAL G 189 27.67 -17.97 -51.46
C VAL G 189 28.71 -17.24 -50.61
N GLY G 190 29.67 -16.59 -51.26
CA GLY G 190 30.70 -15.85 -50.57
C GLY G 190 31.73 -16.74 -49.91
N ALA G 191 32.21 -17.73 -50.66
CA ALA G 191 33.18 -18.68 -50.14
C ALA G 191 34.41 -18.77 -51.05
N LYS G 192 35.54 -19.13 -50.47
CA LYS G 192 36.77 -19.24 -51.25
C LYS G 192 37.04 -20.69 -51.60
N ILE G 193 38.09 -20.92 -52.38
CA ILE G 193 38.40 -22.28 -52.82
C ILE G 193 39.88 -22.61 -52.63
N ALA G 194 40.12 -23.66 -51.85
CA ALA G 194 41.46 -24.17 -51.67
C ALA G 194 41.59 -25.52 -52.37
N TYR G 195 42.66 -25.65 -53.14
CA TYR G 195 42.99 -26.92 -53.77
C TYR G 195 44.17 -27.52 -53.04
N ASP G 196 43.98 -28.70 -52.48
CA ASP G 196 45.07 -29.42 -51.85
C ASP G 196 45.71 -30.27 -52.92
N GLY G 197 46.91 -29.88 -53.32
CA GLY G 197 47.56 -30.49 -54.46
C GLY G 197 47.92 -31.95 -54.18
N ALA G 198 48.72 -32.13 -53.14
CA ALA G 198 49.12 -33.47 -52.69
C ALA G 198 49.58 -34.36 -53.83
N HIS G 199 48.96 -35.52 -53.93
CA HIS G 199 49.43 -36.61 -54.78
C HIS G 199 49.36 -36.33 -56.28
N VAL G 200 48.56 -35.36 -56.69
CA VAL G 200 48.52 -34.99 -58.11
C VAL G 200 49.36 -33.74 -58.43
N LEU G 201 49.96 -33.14 -57.40
CA LEU G 201 50.68 -31.87 -57.54
C LEU G 201 51.77 -31.92 -58.61
N GLY G 202 52.57 -32.98 -58.60
CA GLY G 202 53.59 -33.18 -59.61
C GLY G 202 52.97 -33.14 -60.99
N LEU G 203 51.89 -33.90 -61.16
CA LEU G 203 51.18 -33.95 -62.42
C LEU G 203 50.62 -32.58 -62.78
N ILE G 204 50.29 -31.80 -61.74
CA ILE G 204 49.83 -30.43 -61.96
C ILE G 204 50.95 -29.60 -62.56
N ALA G 205 52.16 -29.74 -62.02
CA ALA G 205 53.30 -28.96 -62.47
C ALA G 205 53.73 -29.37 -63.87
N GLY G 206 53.27 -30.54 -64.30
CA GLY G 206 53.49 -31.01 -65.65
C GLY G 206 52.40 -30.48 -66.57
N LYS G 207 51.61 -29.55 -66.03
CA LYS G 207 50.51 -28.91 -66.73
C LYS G 207 49.53 -29.95 -67.29
N GLN G 208 49.36 -31.03 -66.54
CA GLN G 208 48.50 -32.14 -66.99
C GLN G 208 47.50 -32.56 -65.91
N PHE G 209 46.45 -33.26 -66.34
CA PHE G 209 45.38 -33.73 -65.47
C PHE G 209 44.47 -32.60 -65.01
N GLN G 210 45.05 -31.55 -64.44
CA GLN G 210 44.29 -30.36 -64.08
C GLN G 210 45.21 -29.15 -63.98
N ASP G 211 44.62 -27.96 -64.09
CA ASP G 211 45.36 -26.73 -63.82
C ASP G 211 44.50 -25.87 -62.92
N PRO G 212 44.25 -26.35 -61.69
CA PRO G 212 43.22 -25.82 -60.79
C PRO G 212 43.31 -24.32 -60.51
N LEU G 213 44.50 -23.74 -60.63
CA LEU G 213 44.69 -22.32 -60.37
C LEU G 213 43.88 -21.44 -61.31
N ARG G 214 43.83 -21.80 -62.59
CA ARG G 214 43.03 -21.06 -63.57
C ARG G 214 41.65 -21.71 -63.72
N GLU G 215 41.47 -22.82 -63.02
CA GLU G 215 40.20 -23.55 -63.02
C GLU G 215 39.32 -23.09 -61.86
N GLY G 216 39.75 -22.03 -61.18
CA GLY G 216 38.94 -21.40 -60.15
C GLY G 216 39.44 -21.57 -58.72
N ALA G 217 40.44 -22.42 -58.51
CA ALA G 217 41.01 -22.57 -57.18
C ALA G 217 41.77 -21.30 -56.81
N GLU G 218 41.37 -20.67 -55.71
CA GLU G 218 41.99 -19.44 -55.27
C GLU G 218 43.29 -19.72 -54.54
N TYR G 219 43.38 -20.91 -53.95
CA TYR G 219 44.63 -21.38 -53.36
C TYR G 219 45.05 -22.70 -53.97
N LEU G 220 46.36 -22.88 -54.15
CA LEU G 220 46.91 -24.18 -54.54
C LEU G 220 48.04 -24.53 -53.59
N MET G 221 47.86 -25.56 -52.77
CA MET G 221 48.87 -25.87 -51.78
C MET G 221 49.08 -27.37 -51.60
N GLY G 222 50.22 -27.75 -51.03
CA GLY G 222 50.43 -29.16 -50.74
C GLY G 222 51.85 -29.61 -50.46
N SER G 223 52.03 -30.93 -50.38
CA SER G 223 53.31 -31.52 -50.05
C SER G 223 54.24 -31.62 -51.27
N THR G 224 55.54 -31.48 -51.00
CA THR G 224 56.55 -31.55 -52.05
C THR G 224 57.27 -32.90 -52.20
N HIS G 225 56.88 -33.92 -51.43
CA HIS G 225 57.62 -35.19 -51.51
C HIS G 225 56.99 -36.20 -52.48
N LYS G 226 55.74 -36.61 -52.24
CA LYS G 226 55.06 -37.53 -53.15
C LYS G 226 54.87 -36.91 -54.48
N THR G 227 54.55 -37.71 -55.50
CA THR G 227 54.34 -37.22 -56.89
C THR G 227 55.55 -36.30 -57.05
N PHE G 228 55.32 -35.01 -57.30
CA PHE G 228 56.42 -34.07 -57.45
C PHE G 228 57.52 -34.56 -56.54
N PHE G 229 58.69 -34.77 -57.13
CA PHE G 229 59.64 -35.73 -56.58
C PHE G 229 60.60 -35.16 -55.55
N GLY G 230 60.37 -33.92 -55.14
CA GLY G 230 61.26 -33.26 -54.21
C GLY G 230 61.20 -33.80 -52.79
N PRO G 231 61.77 -33.04 -51.85
CA PRO G 231 61.94 -33.43 -50.44
C PRO G 231 60.67 -33.26 -49.61
N GLN G 232 60.79 -33.55 -48.32
CA GLN G 232 59.69 -33.35 -47.39
C GLN G 232 59.46 -31.86 -47.17
N GLY G 233 58.24 -31.42 -47.38
CA GLY G 233 57.92 -30.01 -47.20
C GLY G 233 56.54 -29.66 -47.70
N GLY G 234 56.31 -28.37 -47.89
CA GLY G 234 55.04 -27.88 -48.35
C GLY G 234 55.21 -26.62 -49.18
N VAL G 235 54.22 -26.34 -50.01
CA VAL G 235 54.29 -25.23 -50.95
C VAL G 235 52.91 -24.59 -51.08
N ILE G 236 52.91 -23.26 -51.16
CA ILE G 236 51.69 -22.49 -51.28
C ILE G 236 51.76 -21.53 -52.46
N LEU G 237 50.85 -21.69 -53.40
CA LEU G 237 50.80 -20.86 -54.60
C LEU G 237 49.42 -20.23 -54.73
N THR G 238 49.38 -18.90 -54.67
CA THR G 238 48.10 -18.19 -54.70
C THR G 238 48.28 -16.90 -55.48
N THR G 239 47.25 -16.05 -55.47
CA THR G 239 47.38 -14.75 -56.12
C THR G 239 48.21 -13.84 -55.24
N LYS G 240 48.71 -12.74 -55.81
CA LYS G 240 49.52 -11.80 -55.07
C LYS G 240 48.79 -11.09 -53.95
N GLU G 241 47.52 -10.79 -54.19
CA GLU G 241 46.65 -10.13 -53.23
C GLU G 241 46.65 -10.80 -51.86
N ASN G 242 46.78 -12.13 -51.85
CA ASN G 242 46.70 -12.91 -50.63
C ASN G 242 48.01 -13.07 -49.89
N ALA G 243 49.07 -12.49 -50.45
CA ALA G 243 50.44 -12.68 -49.96
C ALA G 243 50.53 -12.53 -48.45
N ASP G 244 50.33 -11.30 -47.97
CA ASP G 244 50.42 -11.04 -46.54
C ASP G 244 49.44 -11.87 -45.73
N LYS G 245 48.30 -12.20 -46.32
CA LYS G 245 47.28 -12.95 -45.58
C LYS G 245 47.66 -14.41 -45.45
N ILE G 246 48.58 -14.88 -46.28
CA ILE G 246 49.01 -16.28 -46.21
C ILE G 246 50.38 -16.40 -45.54
N ASP G 247 51.41 -15.77 -46.09
CA ASP G 247 52.76 -15.83 -45.54
C ASP G 247 52.86 -15.52 -44.04
N SER G 248 52.24 -14.43 -43.60
CA SER G 248 52.30 -14.04 -42.20
C SER G 248 51.61 -15.08 -41.31
N HIS G 249 50.73 -15.87 -41.92
CA HIS G 249 50.05 -16.98 -41.26
C HIS G 249 50.77 -18.30 -41.50
N VAL G 250 51.86 -18.25 -42.27
CA VAL G 250 52.75 -19.41 -42.43
C VAL G 250 53.92 -19.27 -41.47
N PHE G 251 54.71 -18.23 -41.70
CA PHE G 251 55.70 -17.73 -40.76
C PHE G 251 55.16 -16.43 -40.20
N PRO G 252 54.77 -16.42 -38.91
CA PRO G 252 54.70 -17.47 -37.89
C PRO G 252 53.61 -18.53 -38.10
N GLY G 253 53.69 -19.59 -37.32
CA GLY G 253 52.91 -20.81 -37.49
C GLY G 253 53.81 -21.95 -37.91
N VAL G 254 54.96 -21.62 -38.49
CA VAL G 254 56.17 -22.43 -38.34
C VAL G 254 57.28 -21.43 -38.16
N VAL G 255 57.89 -21.40 -36.98
CA VAL G 255 58.71 -20.24 -36.68
C VAL G 255 60.18 -20.58 -36.89
N SER G 256 60.66 -19.96 -37.95
CA SER G 256 61.96 -20.20 -38.58
C SER G 256 62.17 -21.69 -38.80
N ASN G 257 63.44 -22.10 -38.88
CA ASN G 257 63.85 -23.47 -39.22
C ASN G 257 62.94 -24.28 -40.17
N HIS G 258 62.61 -23.69 -41.31
CA HIS G 258 61.53 -24.17 -42.16
C HIS G 258 61.99 -25.40 -42.95
N HIS G 259 63.06 -26.02 -42.46
CA HIS G 259 63.76 -27.11 -43.15
C HIS G 259 64.41 -26.56 -44.40
N LEU G 260 65.41 -25.71 -44.15
CA LEU G 260 66.19 -25.07 -45.19
C LEU G 260 66.99 -26.08 -46.00
N HIS G 261 67.25 -27.25 -45.43
CA HIS G 261 67.87 -28.33 -46.16
C HIS G 261 66.86 -28.92 -47.14
N HIS G 262 65.63 -29.06 -46.68
CA HIS G 262 64.52 -29.44 -47.55
C HIS G 262 64.28 -28.37 -48.60
N LYS G 263 64.66 -27.13 -48.28
CA LYS G 263 64.55 -26.04 -49.26
C LYS G 263 65.63 -26.20 -50.31
N ALA G 264 66.82 -26.56 -49.86
CA ALA G 264 67.94 -26.82 -50.76
C ALA G 264 67.57 -27.92 -51.74
N GLY G 265 66.96 -28.98 -51.23
CA GLY G 265 66.48 -30.05 -52.10
C GLY G 265 65.34 -29.59 -52.99
N LEU G 266 64.53 -28.67 -52.45
CA LEU G 266 63.35 -28.18 -53.16
C LEU G 266 63.70 -27.39 -54.40
N ALA G 267 64.76 -26.57 -54.31
CA ALA G 267 65.19 -25.78 -55.46
C ALA G 267 65.57 -26.69 -56.64
N ILE G 268 66.36 -27.71 -56.36
CA ILE G 268 66.77 -28.65 -57.40
C ILE G 268 65.57 -29.42 -57.93
N ALA G 269 64.71 -29.88 -57.01
CA ALA G 269 63.49 -30.58 -57.39
C ALA G 269 62.67 -29.77 -58.38
N LEU G 270 62.47 -28.49 -58.07
CA LEU G 270 61.73 -27.59 -58.93
C LEU G 270 62.46 -27.38 -60.26
N ALA G 271 63.79 -27.41 -60.22
CA ALA G 271 64.58 -27.28 -61.44
C ALA G 271 64.33 -28.46 -62.39
N GLU G 272 64.51 -29.67 -61.88
CA GLU G 272 64.31 -30.87 -62.69
C GLU G 272 62.83 -31.08 -63.03
N MET G 273 61.95 -30.39 -62.29
CA MET G 273 60.52 -30.39 -62.61
C MET G 273 60.24 -29.49 -63.79
N LEU G 274 60.89 -28.33 -63.81
CA LEU G 274 60.75 -27.43 -64.92
C LEU G 274 61.31 -28.06 -66.18
N GLU G 275 62.52 -28.61 -66.08
CA GLU G 275 63.18 -29.19 -67.24
C GLU G 275 62.54 -30.50 -67.71
N PHE G 276 62.49 -31.50 -66.83
CA PHE G 276 62.01 -32.84 -67.20
C PHE G 276 60.57 -33.18 -66.81
N GLY G 277 59.90 -32.27 -66.09
CA GLY G 277 58.63 -32.60 -65.47
C GLY G 277 57.43 -32.66 -66.40
N GLU G 278 57.41 -31.77 -67.39
CA GLU G 278 56.28 -31.72 -68.31
C GLU G 278 56.25 -32.99 -69.17
N ALA G 279 57.41 -33.62 -69.34
CA ALA G 279 57.49 -34.90 -70.04
C ALA G 279 57.44 -36.07 -69.05
N TYR G 280 57.45 -35.74 -67.77
CA TYR G 280 57.40 -36.74 -66.70
C TYR G 280 55.96 -37.20 -66.41
N ALA G 281 55.06 -36.23 -66.38
CA ALA G 281 53.65 -36.47 -66.08
C ALA G 281 53.02 -37.46 -67.05
N LYS G 282 53.24 -37.22 -68.34
CA LYS G 282 52.74 -38.11 -69.40
C LYS G 282 53.21 -39.55 -69.18
N GLN G 283 54.48 -39.70 -68.85
CA GLN G 283 55.05 -41.02 -68.61
C GLN G 283 54.38 -41.69 -67.41
N VAL G 284 54.24 -40.92 -66.33
CA VAL G 284 53.63 -41.43 -65.11
C VAL G 284 52.19 -41.90 -65.32
N ILE G 285 51.39 -41.09 -66.02
CA ILE G 285 49.99 -41.44 -66.27
C ILE G 285 49.84 -42.59 -67.26
N LYS G 286 50.61 -42.54 -68.34
CA LYS G 286 50.68 -43.64 -69.31
C LYS G 286 50.95 -44.96 -68.60
N ASN G 287 51.93 -44.93 -67.69
CA ASN G 287 52.31 -46.10 -66.94
C ASN G 287 51.23 -46.53 -65.94
N ALA G 288 50.54 -45.55 -65.36
CA ALA G 288 49.44 -45.86 -64.45
C ALA G 288 48.36 -46.65 -65.18
N LYS G 289 47.92 -46.13 -66.30
CA LYS G 289 46.95 -46.82 -67.14
C LYS G 289 47.48 -48.19 -67.55
N ALA G 290 48.77 -48.23 -67.87
CA ALA G 290 49.43 -49.45 -68.29
C ALA G 290 49.32 -50.57 -67.25
N LEU G 291 49.70 -50.26 -66.01
CA LEU G 291 49.66 -51.26 -64.94
C LEU G 291 48.23 -51.60 -64.57
N ALA G 292 47.34 -50.61 -64.63
CA ALA G 292 45.93 -50.84 -64.32
C ALA G 292 45.33 -51.87 -65.27
N GLN G 293 45.44 -51.58 -66.56
CA GLN G 293 44.95 -52.48 -67.59
C GLN G 293 45.71 -53.82 -67.57
N ALA G 294 46.97 -53.77 -67.15
CA ALA G 294 47.78 -54.97 -67.02
C ALA G 294 47.16 -55.92 -66.00
N LEU G 295 46.99 -55.43 -64.78
CA LEU G 295 46.39 -56.22 -63.69
C LEU G 295 44.93 -56.53 -63.95
N TYR G 296 44.31 -55.78 -64.85
CA TYR G 296 42.91 -56.00 -65.17
C TYR G 296 42.65 -57.40 -65.74
N GLU G 297 43.52 -57.84 -66.65
CA GLU G 297 43.34 -59.15 -67.29
C GLU G 297 43.94 -60.29 -66.46
N ARG G 298 44.76 -59.96 -65.47
CA ARG G 298 45.40 -60.98 -64.64
C ARG G 298 44.43 -61.59 -63.66
N GLY G 299 43.22 -61.06 -63.60
CA GLY G 299 42.21 -61.52 -62.67
C GLY G 299 41.98 -60.54 -61.54
N PHE G 300 42.69 -59.42 -61.59
CA PHE G 300 42.54 -58.37 -60.59
C PHE G 300 41.58 -57.30 -61.09
N ASN G 301 40.43 -57.17 -60.42
CA ASN G 301 39.48 -56.12 -60.74
C ASN G 301 40.08 -54.76 -60.40
N VAL G 302 39.86 -53.79 -61.28
CA VAL G 302 40.32 -52.43 -61.02
C VAL G 302 39.14 -51.47 -61.14
N LEU G 303 39.12 -50.44 -60.30
CA LEU G 303 38.01 -49.49 -60.31
C LEU G 303 37.94 -48.71 -61.62
N CYS G 304 36.71 -48.37 -62.02
CA CYS G 304 36.45 -47.61 -63.24
C CYS G 304 36.98 -48.31 -64.48
N GLU G 305 36.36 -49.44 -64.83
CA GLU G 305 36.75 -50.20 -66.01
C GLU G 305 36.56 -49.39 -67.30
N HIS G 306 35.44 -48.69 -67.36
CA HIS G 306 35.04 -47.88 -68.51
C HIS G 306 36.03 -46.79 -68.87
N LYS G 307 36.61 -46.16 -67.86
CA LYS G 307 37.43 -44.96 -68.03
C LYS G 307 38.93 -45.26 -68.16
N ASP G 308 39.26 -46.54 -68.29
CA ASP G 308 40.64 -47.04 -68.32
C ASP G 308 41.31 -46.81 -66.98
N PHE G 309 40.48 -46.81 -65.94
CA PHE G 309 40.85 -46.96 -64.53
C PHE G 309 41.58 -45.79 -63.89
N THR G 310 42.05 -44.83 -64.68
CA THR G 310 42.57 -43.59 -64.11
C THR G 310 42.80 -42.49 -65.16
N GLU G 311 42.75 -41.23 -64.73
CA GLU G 311 43.41 -40.15 -65.47
C GLU G 311 44.71 -39.74 -64.78
N SER G 312 44.99 -40.36 -63.64
CA SER G 312 46.11 -39.96 -62.79
C SER G 312 47.10 -41.09 -62.57
N HIS G 313 48.09 -40.83 -61.71
CA HIS G 313 49.11 -41.82 -61.38
C HIS G 313 48.54 -43.01 -60.62
N GLN G 314 47.41 -42.80 -59.95
CA GLN G 314 46.86 -43.79 -59.04
C GLN G 314 46.07 -44.88 -59.73
N VAL G 315 46.17 -46.09 -59.20
CA VAL G 315 45.35 -47.21 -59.62
C VAL G 315 44.59 -47.76 -58.42
N ILE G 316 43.27 -47.66 -58.44
CA ILE G 316 42.48 -48.12 -57.30
C ILE G 316 41.84 -49.46 -57.60
N ILE G 317 41.93 -50.37 -56.64
CA ILE G 317 41.52 -51.76 -56.82
C ILE G 317 40.52 -52.17 -55.75
N ASP G 318 39.55 -53.02 -56.10
CA ASP G 318 38.67 -53.62 -55.12
C ASP G 318 38.95 -55.12 -55.02
N ILE G 319 39.26 -55.57 -53.80
CA ILE G 319 39.76 -56.93 -53.57
C ILE G 319 38.64 -57.99 -53.56
N GLU G 320 37.49 -57.65 -52.98
CA GLU G 320 36.36 -58.56 -52.93
C GLU G 320 35.93 -58.95 -54.34
N SER G 321 35.99 -57.98 -55.25
CA SER G 321 35.59 -58.18 -56.63
C SER G 321 36.52 -59.12 -57.40
N SER G 322 37.63 -59.51 -56.79
CA SER G 322 38.52 -60.49 -57.39
C SER G 322 38.08 -61.90 -57.01
N PRO G 323 37.47 -62.62 -57.97
CA PRO G 323 36.84 -63.92 -57.74
C PRO G 323 37.81 -65.08 -57.51
N ASP G 324 38.98 -65.03 -58.13
CA ASP G 324 39.85 -66.19 -58.19
C ASP G 324 40.67 -66.42 -56.92
N ILE G 325 40.64 -65.44 -56.02
CA ILE G 325 41.49 -65.49 -54.84
C ILE G 325 40.71 -65.36 -53.54
N GLU G 326 40.11 -64.19 -53.35
CA GLU G 326 39.31 -63.88 -52.17
C GLU G 326 40.13 -63.93 -50.88
N PHE G 327 41.38 -63.49 -50.94
CA PHE G 327 42.17 -63.22 -49.74
C PHE G 327 41.66 -61.95 -49.08
N SER G 328 41.97 -61.78 -47.79
CA SER G 328 41.75 -60.49 -47.14
C SER G 328 42.75 -59.50 -47.72
N ALA G 329 42.40 -58.22 -47.76
CA ALA G 329 43.29 -57.21 -48.32
C ALA G 329 44.50 -56.99 -47.42
N SER G 330 44.30 -57.09 -46.11
CA SER G 330 45.39 -56.93 -45.15
C SER G 330 46.44 -58.02 -45.35
N GLU G 331 45.99 -59.26 -45.34
CA GLU G 331 46.89 -60.39 -45.54
C GLU G 331 47.46 -60.38 -46.95
N LEU G 332 46.72 -59.79 -47.89
CA LEU G 332 47.19 -59.69 -49.27
C LEU G 332 48.40 -58.76 -49.37
N ALA G 333 48.28 -57.58 -48.76
CA ALA G 333 49.36 -56.61 -48.76
C ALA G 333 50.54 -57.10 -47.91
N LYS G 334 50.22 -57.85 -46.86
CA LYS G 334 51.24 -58.42 -45.99
C LYS G 334 52.06 -59.48 -46.74
N MET G 335 51.35 -60.35 -47.45
CA MET G 335 51.99 -61.40 -48.25
C MET G 335 52.78 -60.80 -49.41
N TYR G 336 52.22 -59.76 -50.02
CA TYR G 336 52.91 -59.01 -51.06
C TYR G 336 54.20 -58.42 -50.51
N GLU G 337 54.14 -57.94 -49.27
CA GLU G 337 55.32 -57.38 -48.60
C GLU G 337 56.35 -58.47 -48.33
N GLU G 338 55.87 -59.67 -48.04
CA GLU G 338 56.77 -60.82 -47.89
C GLU G 338 57.35 -61.23 -49.24
N ALA G 339 56.69 -60.79 -50.31
CA ALA G 339 57.14 -61.05 -51.68
C ALA G 339 57.98 -59.91 -52.23
N ASN G 340 58.28 -58.93 -51.39
CA ASN G 340 59.02 -57.72 -51.77
C ASN G 340 58.26 -56.91 -52.83
N ILE G 341 56.95 -57.05 -52.85
CA ILE G 341 56.09 -56.24 -53.70
C ILE G 341 55.20 -55.40 -52.80
N ILE G 342 55.44 -54.09 -52.77
CA ILE G 342 54.88 -53.26 -51.73
C ILE G 342 53.59 -52.53 -52.14
N LEU G 343 52.53 -52.78 -51.39
CA LEU G 343 51.25 -52.12 -51.59
C LEU G 343 50.68 -51.65 -50.25
N ASN G 344 49.50 -51.03 -50.28
CA ASN G 344 48.83 -50.66 -49.03
C ASN G 344 47.31 -50.82 -49.15
N LYS G 345 46.71 -51.40 -48.12
CA LYS G 345 45.25 -51.54 -48.09
C LYS G 345 44.59 -50.18 -47.94
N ASN G 346 43.43 -50.00 -48.53
CA ASN G 346 42.80 -48.69 -48.54
C ASN G 346 41.27 -48.71 -48.50
N LEU G 347 40.70 -47.72 -47.83
CA LEU G 347 39.26 -47.58 -47.71
C LEU G 347 38.62 -47.09 -49.01
N LEU G 348 37.58 -47.79 -49.46
CA LEU G 348 36.79 -47.32 -50.59
C LEU G 348 35.48 -46.70 -50.09
N PRO G 349 34.69 -46.09 -51.01
CA PRO G 349 33.40 -45.56 -50.56
C PRO G 349 32.42 -46.60 -50.02
N TRP G 350 32.27 -47.72 -50.72
CA TRP G 350 31.37 -48.79 -50.29
C TRP G 350 32.01 -49.61 -49.20
N ASP G 351 33.31 -49.40 -48.98
CA ASP G 351 33.99 -49.98 -47.84
C ASP G 351 33.39 -49.34 -46.61
N ASP G 352 33.59 -49.97 -45.45
CA ASP G 352 32.93 -49.53 -44.24
C ASP G 352 33.44 -48.18 -43.79
N VAL G 353 32.98 -47.75 -42.63
CA VAL G 353 33.44 -46.51 -42.06
C VAL G 353 34.89 -46.69 -41.66
N ASN G 354 35.48 -45.67 -41.04
CA ASN G 354 36.92 -45.65 -40.80
C ASN G 354 37.41 -46.79 -39.90
N ASN G 355 36.45 -47.55 -39.37
CA ASN G 355 36.71 -48.71 -38.52
C ASN G 355 37.74 -49.72 -39.04
N SER G 356 37.73 -49.97 -40.35
CA SER G 356 38.45 -51.12 -40.89
C SER G 356 39.97 -51.01 -40.82
N ASP G 357 40.57 -51.96 -40.11
CA ASP G 357 42.01 -52.19 -40.14
C ASP G 357 42.32 -53.03 -41.36
N ASN G 358 41.34 -53.86 -41.72
CA ASN G 358 41.41 -54.71 -42.91
C ASN G 358 40.28 -54.38 -43.87
N PRO G 359 40.42 -53.27 -44.62
CA PRO G 359 39.37 -52.86 -45.55
C PRO G 359 39.39 -53.72 -46.79
N SER G 360 38.55 -53.40 -47.77
CA SER G 360 38.63 -54.11 -49.04
C SER G 360 39.07 -53.17 -50.15
N GLY G 361 40.33 -53.30 -50.55
CA GLY G 361 40.86 -52.56 -51.68
C GLY G 361 42.34 -52.32 -51.58
N ILE G 362 42.95 -51.85 -52.66
CA ILE G 362 44.35 -51.47 -52.69
C ILE G 362 44.55 -50.24 -53.54
N ARG G 363 45.21 -49.22 -53.01
CA ARG G 363 45.57 -48.06 -53.80
C ARG G 363 47.02 -48.15 -54.25
N LEU G 364 47.29 -47.68 -55.46
CA LEU G 364 48.65 -47.71 -56.00
C LEU G 364 49.04 -46.35 -56.56
N GLY G 365 50.28 -46.26 -57.03
CA GLY G 365 50.74 -45.10 -57.76
C GLY G 365 52.08 -45.38 -58.40
N THR G 366 52.36 -44.72 -59.52
CA THR G 366 53.54 -45.03 -60.31
C THR G 366 54.72 -44.08 -60.14
N GLN G 367 54.60 -43.10 -59.25
CA GLN G 367 55.59 -42.02 -59.11
C GLN G 367 57.03 -42.52 -59.01
N GLU G 368 57.37 -43.18 -57.91
CA GLU G 368 58.73 -43.68 -57.71
C GLU G 368 59.09 -44.71 -58.78
N CYS G 369 58.14 -45.58 -59.08
CA CYS G 369 58.32 -46.58 -60.13
C CYS G 369 58.77 -45.92 -61.42
N THR G 370 58.03 -44.90 -61.85
CA THR G 370 58.34 -44.20 -63.08
C THR G 370 59.67 -43.45 -63.00
N ARG G 371 59.95 -42.84 -61.85
CA ARG G 371 61.17 -42.05 -61.73
C ARG G 371 62.41 -42.93 -61.55
N LEU G 372 62.19 -44.23 -61.38
CA LEU G 372 63.29 -45.19 -61.37
C LEU G 372 63.60 -45.65 -62.79
N GLY G 373 62.79 -45.19 -63.75
CA GLY G 373 63.01 -45.50 -65.14
C GLY G 373 62.04 -46.51 -65.75
N MET G 374 61.05 -46.95 -64.98
CA MET G 374 60.08 -47.92 -65.46
C MET G 374 59.22 -47.36 -66.59
N LYS G 375 58.96 -48.21 -67.58
CA LYS G 375 58.10 -47.85 -68.70
C LYS G 375 56.86 -48.73 -68.71
N GLU G 376 56.00 -48.54 -69.71
CA GLU G 376 54.70 -49.21 -69.74
C GLU G 376 54.79 -50.72 -69.87
N LYS G 377 55.94 -51.22 -70.36
CA LYS G 377 56.08 -52.64 -70.65
C LYS G 377 56.30 -53.47 -69.38
N GLU G 378 57.11 -52.94 -68.47
CA GLU G 378 57.55 -53.67 -67.30
C GLU G 378 56.43 -53.88 -66.28
N MET G 379 55.34 -53.14 -66.47
CA MET G 379 54.23 -53.22 -65.55
C MET G 379 53.35 -54.43 -65.87
N GLU G 380 53.59 -55.02 -67.04
CA GLU G 380 53.02 -56.33 -67.34
C GLU G 380 53.82 -57.39 -66.60
N GLU G 381 55.10 -57.10 -66.34
CA GLU G 381 55.92 -57.97 -65.52
C GLU G 381 55.51 -57.84 -64.05
N ILE G 382 55.15 -56.63 -63.66
CA ILE G 382 54.60 -56.39 -62.33
C ILE G 382 53.28 -57.13 -62.17
N ALA G 383 52.40 -56.97 -63.16
CA ALA G 383 51.09 -57.60 -63.13
C ALA G 383 51.18 -59.12 -63.18
N GLU G 384 52.21 -59.63 -63.86
CA GLU G 384 52.42 -61.07 -63.95
C GLU G 384 52.98 -61.61 -62.64
N PHE G 385 53.87 -60.84 -62.03
CA PHE G 385 54.35 -61.15 -60.68
C PHE G 385 53.17 -61.28 -59.73
N MET G 386 52.37 -60.23 -59.66
CA MET G 386 51.23 -60.19 -58.78
C MET G 386 50.22 -61.30 -59.11
N LYS G 387 50.14 -61.65 -60.39
CA LYS G 387 49.19 -62.66 -60.83
C LYS G 387 49.65 -64.06 -60.43
N ARG G 388 50.96 -64.31 -60.43
CA ARG G 388 51.45 -65.61 -60.01
C ARG G 388 51.38 -65.65 -58.49
N ILE G 389 51.49 -64.49 -57.85
CA ILE G 389 51.38 -64.37 -56.41
C ILE G 389 49.98 -64.73 -55.92
N ALA G 390 48.97 -64.10 -56.50
CA ALA G 390 47.61 -64.24 -56.01
C ALA G 390 46.82 -65.35 -56.71
N ILE G 391 46.42 -65.10 -57.94
CA ILE G 391 45.47 -65.97 -58.61
C ILE G 391 46.09 -67.27 -59.13
N ASP G 392 47.40 -67.26 -59.33
CA ASP G 392 48.11 -68.49 -59.69
C ASP G 392 48.75 -69.15 -58.46
N LYS G 393 48.60 -68.50 -57.31
CA LYS G 393 48.97 -69.06 -56.00
C LYS G 393 50.44 -69.46 -55.82
N GLU G 394 51.36 -68.79 -56.52
CA GLU G 394 52.77 -68.97 -56.23
C GLU G 394 53.08 -68.27 -54.91
N LYS G 395 53.74 -68.97 -54.00
CA LYS G 395 54.03 -68.43 -52.68
C LYS G 395 55.00 -67.25 -52.75
N PRO G 396 54.70 -66.18 -52.00
CA PRO G 396 55.43 -64.90 -51.99
C PRO G 396 56.94 -65.00 -51.76
N GLU G 397 57.34 -65.78 -50.77
CA GLU G 397 58.74 -65.86 -50.36
C GLU G 397 59.63 -66.51 -51.42
N LYS G 398 59.04 -67.37 -52.25
CA LYS G 398 59.77 -67.95 -53.37
C LYS G 398 59.83 -66.98 -54.57
N VAL G 399 58.76 -66.21 -54.74
CA VAL G 399 58.63 -65.31 -55.88
C VAL G 399 59.49 -64.05 -55.76
N ARG G 400 59.69 -63.57 -54.53
CA ARG G 400 60.48 -62.35 -54.30
C ARG G 400 61.85 -62.37 -54.98
N GLU G 401 62.41 -63.57 -55.09
CA GLU G 401 63.70 -63.76 -55.76
C GLU G 401 63.70 -63.25 -57.20
N ASP G 402 62.55 -63.34 -57.85
CA ASP G 402 62.39 -62.79 -59.19
C ASP G 402 62.39 -61.26 -59.15
N VAL G 403 61.68 -60.71 -58.16
CA VAL G 403 61.58 -59.26 -57.97
C VAL G 403 62.97 -58.66 -57.74
N LYS G 404 63.84 -59.46 -57.14
CA LYS G 404 65.21 -59.03 -56.82
C LYS G 404 65.91 -58.33 -57.97
N GLU G 405 66.22 -59.07 -59.04
CA GLU G 405 66.98 -58.51 -60.15
C GLU G 405 66.19 -57.46 -60.93
N PHE G 406 64.87 -57.65 -61.01
CA PHE G 406 63.97 -56.66 -61.61
C PHE G 406 64.24 -55.28 -61.02
N ALA G 407 64.00 -55.17 -59.72
CA ALA G 407 64.17 -53.90 -59.03
C ALA G 407 65.64 -53.54 -58.85
N LYS G 408 66.51 -54.53 -59.01
CA LYS G 408 67.95 -54.31 -58.96
C LYS G 408 68.40 -53.56 -60.21
N GLU G 409 67.65 -53.74 -61.28
CA GLU G 409 68.00 -53.10 -62.54
C GLU G 409 67.60 -51.63 -62.53
N TYR G 410 66.70 -51.23 -61.63
CA TYR G 410 66.49 -49.80 -61.48
C TYR G 410 66.94 -49.31 -60.11
N SER G 411 68.16 -48.80 -60.06
CA SER G 411 68.63 -47.96 -58.97
C SER G 411 68.68 -46.52 -59.42
N THR G 412 68.40 -46.32 -60.71
CA THR G 412 68.71 -45.06 -61.39
C THR G 412 67.57 -44.07 -61.35
N ILE G 413 67.85 -42.88 -60.86
CA ILE G 413 66.83 -41.86 -60.78
C ILE G 413 66.87 -41.06 -62.06
N HIS G 414 65.83 -41.23 -62.87
CA HIS G 414 65.72 -40.49 -64.11
C HIS G 414 64.99 -39.20 -63.82
N TYR G 415 64.78 -38.39 -64.86
CA TYR G 415 64.06 -37.13 -64.75
C TYR G 415 64.74 -36.19 -63.75
N SER G 416 66.04 -36.40 -63.59
CA SER G 416 66.91 -35.46 -62.91
C SER G 416 67.94 -35.02 -63.94
N PHE G 417 68.88 -34.18 -63.53
CA PHE G 417 69.88 -33.67 -64.46
C PHE G 417 70.95 -34.72 -64.76
N ASP G 418 70.89 -35.83 -64.03
CA ASP G 418 71.66 -37.02 -64.36
C ASP G 418 70.89 -38.26 -63.88
N GLU G 419 71.43 -39.45 -64.15
CA GLU G 419 70.82 -40.67 -63.64
C GLU G 419 71.79 -41.40 -62.72
N GLY G 420 71.52 -41.37 -61.43
CA GLY G 420 72.40 -41.92 -60.41
C GLY G 420 71.98 -43.24 -59.82
N ASP G 421 72.31 -43.42 -58.54
CA ASP G 421 71.80 -44.54 -57.75
C ASP G 421 70.93 -43.98 -56.64
N GLY G 422 69.66 -44.36 -56.62
CA GLY G 422 68.71 -43.85 -55.65
C GLY G 422 68.85 -44.46 -54.27
N PHE G 423 69.26 -45.72 -54.22
CA PHE G 423 69.42 -46.44 -52.97
C PHE G 423 70.85 -46.41 -52.46
N LYS G 424 71.73 -45.70 -53.15
CA LYS G 424 73.14 -45.64 -52.78
C LYS G 424 73.31 -44.97 -51.42
N TYR G 425 74.06 -45.63 -50.55
CA TYR G 425 74.27 -45.15 -49.19
C TYR G 425 75.62 -44.47 -49.03
N LEU G 426 75.61 -43.22 -48.58
CA LEU G 426 76.84 -42.47 -48.41
C LEU G 426 77.18 -42.30 -46.93
N ARG G 427 78.27 -42.92 -46.50
CA ARG G 427 78.71 -42.79 -45.12
C ARG G 427 79.38 -41.44 -44.93
N PHE G 428 79.12 -40.82 -43.78
CA PHE G 428 79.68 -39.50 -43.50
C PHE G 428 80.97 -39.61 -42.70
N TYR G 429 81.33 -40.84 -42.35
CA TYR G 429 82.58 -41.11 -41.63
C TYR G 429 82.96 -42.58 -41.76
N MET H 1 70.31 -17.83 -66.46
CA MET H 1 70.57 -19.17 -65.97
C MET H 1 69.55 -20.16 -66.53
N GLU H 2 70.00 -21.39 -66.84
CA GLU H 2 69.08 -22.44 -67.20
C GLU H 2 68.74 -23.29 -65.98
N TYR H 3 67.86 -24.26 -66.16
CA TYR H 3 67.50 -25.17 -65.06
C TYR H 3 68.69 -26.06 -64.75
N SER H 4 69.54 -26.26 -65.75
CA SER H 4 70.68 -27.14 -65.64
C SER H 4 71.76 -26.61 -64.69
N ASP H 5 71.86 -25.28 -64.59
CA ASP H 5 72.86 -24.66 -63.73
C ASP H 5 72.43 -24.66 -62.26
N VAL H 6 71.12 -24.77 -62.03
CA VAL H 6 70.55 -24.65 -60.70
C VAL H 6 71.07 -25.69 -59.68
N PRO H 7 71.12 -27.00 -60.04
CA PRO H 7 71.68 -27.92 -59.05
C PRO H 7 73.15 -27.59 -58.72
N LYS H 8 73.91 -27.29 -59.76
CA LYS H 8 75.29 -26.84 -59.60
C LYS H 8 75.33 -25.58 -58.74
N PHE H 9 74.38 -24.69 -58.97
CA PHE H 9 74.30 -23.42 -58.27
C PHE H 9 74.12 -23.59 -56.76
N ILE H 10 73.05 -24.30 -56.37
CA ILE H 10 72.77 -24.47 -54.96
C ILE H 10 73.78 -25.41 -54.31
N ARG H 11 74.43 -26.24 -55.12
CA ARG H 11 75.52 -27.06 -54.60
C ARG H 11 76.69 -26.18 -54.19
N ASP H 12 77.13 -25.33 -55.11
CA ASP H 12 78.19 -24.37 -54.84
C ASP H 12 77.84 -23.53 -53.62
N VAL H 13 76.60 -23.04 -53.61
CA VAL H 13 76.07 -22.25 -52.50
C VAL H 13 76.15 -23.02 -51.18
N SER H 14 75.88 -24.32 -51.25
CA SER H 14 75.93 -25.18 -50.07
C SER H 14 77.35 -25.32 -49.54
N ILE H 15 78.30 -25.50 -50.46
CA ILE H 15 79.72 -25.54 -50.09
C ILE H 15 80.09 -24.26 -49.37
N LYS H 16 79.76 -23.14 -50.01
CA LYS H 16 80.01 -21.82 -49.44
C LYS H 16 79.43 -21.72 -48.03
N GLN H 17 78.23 -22.24 -47.83
CA GLN H 17 77.59 -22.29 -46.52
C GLN H 17 78.42 -23.07 -45.51
N HIS H 18 78.82 -24.27 -45.90
CA HIS H 18 79.61 -25.15 -45.04
C HIS H 18 80.90 -24.49 -44.56
N GLU H 19 81.72 -24.02 -45.49
CA GLU H 19 83.00 -23.45 -45.09
C GLU H 19 82.84 -22.10 -44.43
N TRP H 20 81.75 -21.39 -44.76
CA TRP H 20 81.44 -20.14 -44.08
C TRP H 20 81.20 -20.40 -42.61
N MET H 21 80.39 -21.40 -42.31
CA MET H 21 80.07 -21.75 -40.93
C MET H 21 81.25 -22.41 -40.23
N ARG H 22 82.18 -22.94 -41.03
CA ARG H 22 83.40 -23.50 -40.48
C ARG H 22 84.35 -22.42 -39.96
N GLU H 23 84.53 -21.36 -40.74
CA GLU H 23 85.51 -20.33 -40.43
C GLU H 23 84.93 -19.21 -39.57
N SER H 24 83.68 -19.37 -39.15
CA SER H 24 82.99 -18.35 -38.36
C SER H 24 82.67 -18.84 -36.95
N ILE H 25 82.70 -17.92 -35.98
CA ILE H 25 82.27 -18.24 -34.63
C ILE H 25 80.75 -18.32 -34.59
N LYS H 26 80.24 -19.37 -33.96
CA LYS H 26 78.82 -19.69 -33.97
C LYS H 26 78.21 -19.43 -32.59
N LEU H 27 77.10 -18.71 -32.56
CA LEU H 27 76.56 -18.21 -31.30
C LEU H 27 75.12 -18.65 -31.03
N ILE H 28 74.21 -18.32 -31.95
CA ILE H 28 72.77 -18.36 -31.70
C ILE H 28 72.31 -19.65 -31.01
N ALA H 29 71.57 -19.48 -29.92
CA ALA H 29 71.14 -20.58 -29.07
C ALA H 29 70.13 -21.47 -29.77
N SER H 30 69.59 -20.96 -30.88
CA SER H 30 68.60 -21.70 -31.64
C SER H 30 69.29 -22.75 -32.51
N GLU H 31 70.54 -22.49 -32.88
CA GLU H 31 71.29 -23.38 -33.77
C GLU H 31 72.34 -24.19 -33.02
N ASN H 32 72.23 -25.51 -33.12
CA ASN H 32 73.22 -26.42 -32.54
C ASN H 32 73.61 -27.49 -33.57
N ILE H 33 74.90 -27.82 -33.62
CA ILE H 33 75.44 -28.74 -34.62
C ILE H 33 75.18 -30.21 -34.30
N THR H 34 75.00 -31.02 -35.34
CA THR H 34 74.76 -32.45 -35.14
C THR H 34 76.03 -33.23 -35.48
N SER H 35 75.95 -34.56 -35.36
CA SER H 35 77.13 -35.38 -35.63
C SER H 35 77.19 -35.77 -37.10
N LEU H 36 78.15 -36.63 -37.43
CA LEU H 36 78.25 -37.17 -38.78
C LEU H 36 77.26 -38.32 -38.98
N ALA H 37 77.02 -39.07 -37.92
CA ALA H 37 76.10 -40.20 -37.98
C ALA H 37 74.68 -39.71 -38.20
N VAL H 38 74.32 -38.62 -37.51
CA VAL H 38 72.99 -38.03 -37.63
C VAL H 38 72.76 -37.50 -39.04
N ARG H 39 73.71 -36.73 -39.56
CA ARG H 39 73.60 -36.22 -40.92
C ARG H 39 73.61 -37.36 -41.93
N GLU H 40 74.26 -38.45 -41.55
CA GLU H 40 74.30 -39.64 -42.39
C GLU H 40 72.91 -40.24 -42.50
N ALA H 41 72.21 -40.29 -41.36
CA ALA H 41 70.89 -40.91 -41.32
C ALA H 41 69.79 -40.03 -41.93
N CYS H 42 70.10 -38.76 -42.18
CA CYS H 42 69.16 -37.84 -42.81
C CYS H 42 69.28 -37.82 -44.34
N ALA H 43 70.37 -38.41 -44.85
CA ALA H 43 70.63 -38.40 -46.29
C ALA H 43 70.13 -39.68 -46.93
N THR H 44 69.49 -40.51 -46.11
CA THR H 44 69.10 -41.86 -46.49
C THR H 44 67.77 -42.02 -47.21
N ASP H 45 67.33 -43.26 -47.26
CA ASP H 45 65.96 -43.62 -47.50
C ASP H 45 65.21 -43.29 -46.20
N PHE H 46 63.97 -43.75 -46.06
CA PHE H 46 63.05 -43.33 -44.98
C PHE H 46 62.57 -41.92 -45.28
N MET H 47 63.25 -41.27 -46.20
CA MET H 47 62.93 -39.92 -46.61
C MET H 47 61.79 -39.93 -47.60
N HIS H 48 61.87 -40.87 -48.54
CA HIS H 48 60.85 -41.03 -49.56
C HIS H 48 59.76 -41.97 -49.06
N ARG H 49 60.06 -42.66 -47.97
CA ARG H 49 59.12 -43.61 -47.39
C ARG H 49 57.96 -42.92 -46.70
N TYR H 50 56.77 -43.48 -46.85
CA TYR H 50 55.61 -43.01 -46.10
C TYR H 50 55.15 -44.14 -45.20
N ALA H 51 55.08 -43.89 -43.90
CA ALA H 51 54.70 -44.92 -42.96
C ALA H 51 53.76 -44.40 -41.89
N GLU H 52 52.93 -45.30 -41.36
CA GLU H 52 52.06 -44.98 -40.26
C GLU H 52 52.90 -45.20 -39.02
N GLY H 53 53.21 -44.13 -38.31
CA GLY H 53 54.12 -44.28 -37.20
C GLY H 53 53.48 -44.96 -36.00
N LEU H 54 53.96 -46.18 -35.73
CA LEU H 54 53.99 -46.85 -34.44
C LEU H 54 54.57 -48.21 -34.83
N PRO H 55 54.98 -49.01 -33.84
CA PRO H 55 54.97 -50.47 -33.94
C PRO H 55 53.66 -51.01 -33.37
N GLY H 56 53.14 -52.10 -33.93
CA GLY H 56 51.92 -52.69 -33.42
C GLY H 56 50.68 -52.24 -34.17
N LYS H 57 50.81 -51.17 -34.93
CA LYS H 57 49.72 -50.70 -35.79
C LYS H 57 50.30 -50.44 -37.19
N ARG H 58 49.84 -51.21 -38.17
CA ARG H 58 50.47 -51.17 -39.48
C ARG H 58 49.86 -50.10 -40.38
N LEU H 59 48.67 -50.37 -40.92
CA LEU H 59 47.93 -49.43 -41.76
C LEU H 59 48.80 -48.91 -42.92
N TYR H 60 49.79 -49.71 -43.29
CA TYR H 60 50.85 -49.31 -44.23
C TYR H 60 51.79 -50.49 -44.42
N GLN H 61 52.65 -50.41 -45.43
CA GLN H 61 53.63 -51.47 -45.66
C GLN H 61 55.02 -50.90 -45.87
N GLY H 62 56.04 -51.70 -45.53
CA GLY H 62 57.42 -51.30 -45.71
C GLY H 62 57.97 -50.57 -44.49
N CYS H 63 57.27 -50.71 -43.37
CA CYS H 63 57.55 -49.94 -42.17
C CYS H 63 58.41 -50.69 -41.13
N LYS H 64 58.85 -51.89 -41.48
CA LYS H 64 59.59 -52.75 -40.55
C LYS H 64 60.71 -52.02 -39.81
N TYR H 65 61.75 -51.64 -40.54
CA TYR H 65 62.89 -50.94 -39.95
C TYR H 65 62.50 -49.53 -39.55
N ILE H 66 61.44 -49.02 -40.17
CA ILE H 66 60.90 -47.72 -39.81
C ILE H 66 60.32 -47.79 -38.42
N ASP H 67 59.51 -48.82 -38.18
CA ASP H 67 58.93 -49.04 -36.86
C ASP H 67 60.01 -49.37 -35.85
N GLU H 68 61.09 -50.00 -36.32
CA GLU H 68 62.23 -50.26 -35.46
C GLU H 68 62.89 -48.96 -35.00
N VAL H 69 63.17 -48.08 -35.95
CA VAL H 69 63.80 -46.80 -35.65
C VAL H 69 62.91 -45.96 -34.72
N GLU H 70 61.63 -45.88 -35.07
CA GLU H 70 60.68 -45.14 -34.24
C GLU H 70 60.64 -45.72 -32.83
N THR H 71 60.66 -47.05 -32.75
CA THR H 71 60.68 -47.74 -31.46
C THR H 71 61.91 -47.33 -30.65
N LEU H 72 63.05 -47.26 -31.32
CA LEU H 72 64.30 -46.87 -30.70
C LEU H 72 64.22 -45.44 -30.15
N CYS H 73 63.68 -44.54 -30.97
CA CYS H 73 63.50 -43.15 -30.57
C CYS H 73 62.59 -43.03 -29.35
N ILE H 74 61.49 -43.76 -29.36
CA ILE H 74 60.58 -43.80 -28.22
C ILE H 74 61.27 -44.26 -26.96
N GLU H 75 61.69 -45.53 -26.97
CA GLU H 75 62.20 -46.18 -25.77
C GLU H 75 63.45 -45.51 -25.24
N LEU H 76 64.24 -44.91 -26.12
CA LEU H 76 65.42 -44.16 -25.69
C LEU H 76 65.06 -42.76 -25.21
N SER H 77 63.97 -42.20 -25.72
CA SER H 77 63.50 -40.92 -25.23
C SER H 77 63.04 -41.09 -23.78
N LYS H 78 62.27 -42.14 -23.55
CA LYS H 78 61.79 -42.46 -22.22
C LYS H 78 62.96 -42.82 -21.31
N GLU H 79 63.86 -43.68 -21.80
CA GLU H 79 65.05 -44.07 -21.05
C GLU H 79 65.88 -42.86 -20.64
N LEU H 80 65.94 -41.87 -21.51
CA LEU H 80 66.72 -40.66 -21.26
C LEU H 80 66.03 -39.72 -20.28
N PHE H 81 64.92 -39.13 -20.73
CA PHE H 81 64.23 -38.11 -19.95
C PHE H 81 63.51 -38.68 -18.73
N LYS H 82 63.50 -40.01 -18.61
CA LYS H 82 62.81 -40.70 -17.52
C LYS H 82 61.32 -40.32 -17.46
N ALA H 83 60.63 -40.48 -18.59
CA ALA H 83 59.20 -40.17 -18.67
C ALA H 83 58.41 -41.43 -19.00
N GLU H 84 57.12 -41.42 -18.67
CA GLU H 84 56.27 -42.57 -18.89
C GLU H 84 56.02 -42.86 -20.37
N HIS H 85 55.74 -41.82 -21.14
CA HIS H 85 55.37 -41.99 -22.54
C HIS H 85 56.06 -40.95 -23.43
N ALA H 86 56.49 -41.39 -24.61
CA ALA H 86 57.21 -40.52 -25.53
C ALA H 86 56.65 -40.59 -26.95
N ASN H 87 56.28 -39.44 -27.49
CA ASN H 87 55.83 -39.32 -28.86
C ASN H 87 56.82 -38.50 -29.68
N VAL H 88 57.57 -39.17 -30.56
CA VAL H 88 58.63 -38.51 -31.32
C VAL H 88 58.19 -38.09 -32.72
N GLN H 89 56.91 -38.32 -33.01
CA GLN H 89 56.31 -38.00 -34.30
C GLN H 89 56.43 -36.55 -34.84
N PRO H 90 56.33 -35.51 -33.96
CA PRO H 90 56.28 -34.14 -34.48
C PRO H 90 57.35 -33.76 -35.51
N THR H 91 56.95 -32.93 -36.47
CA THR H 91 57.85 -32.47 -37.52
C THR H 91 58.57 -31.18 -37.16
N SER H 92 58.15 -30.56 -36.06
CA SER H 92 58.86 -29.41 -35.52
C SER H 92 58.44 -29.19 -34.08
N GLY H 93 59.03 -28.19 -33.44
CA GLY H 93 58.72 -27.88 -32.06
C GLY H 93 57.32 -27.30 -31.92
N VAL H 94 56.95 -26.43 -32.86
CA VAL H 94 55.64 -25.79 -32.85
C VAL H 94 54.57 -26.79 -33.26
N VAL H 95 55.00 -27.83 -33.96
CA VAL H 95 54.12 -28.93 -34.32
C VAL H 95 53.75 -29.70 -33.06
N ALA H 96 54.74 -29.92 -32.19
CA ALA H 96 54.51 -30.58 -30.92
C ALA H 96 53.64 -29.71 -30.01
N ASN H 97 53.97 -28.42 -29.94
CA ASN H 97 53.18 -27.47 -29.17
C ASN H 97 51.72 -27.49 -29.61
N LEU H 98 51.51 -27.43 -30.93
CA LEU H 98 50.17 -27.49 -31.50
C LEU H 98 49.51 -28.83 -31.19
N ALA H 99 50.31 -29.88 -31.05
CA ALA H 99 49.76 -31.18 -30.70
C ALA H 99 49.19 -31.17 -29.29
N VAL H 100 49.92 -30.55 -28.36
CA VAL H 100 49.42 -30.46 -26.99
C VAL H 100 48.20 -29.54 -26.91
N PHE H 101 48.28 -28.40 -27.59
CA PHE H 101 47.17 -27.45 -27.65
C PHE H 101 45.90 -28.11 -28.17
N PHE H 102 46.05 -28.87 -29.25
CA PHE H 102 44.95 -29.59 -29.85
C PHE H 102 44.39 -30.62 -28.88
N ALA H 103 45.28 -31.46 -28.35
CA ALA H 103 44.88 -32.54 -27.46
C ALA H 103 44.14 -32.05 -26.22
N GLU H 104 44.83 -31.38 -25.32
CA GLU H 104 44.25 -31.08 -24.01
C GLU H 104 43.30 -29.89 -24.01
N THR H 105 43.66 -28.82 -24.71
CA THR H 105 42.83 -27.62 -24.67
C THR H 105 41.65 -27.71 -25.61
N LYS H 106 40.93 -26.60 -25.75
CA LYS H 106 39.74 -26.53 -26.59
C LYS H 106 39.77 -25.22 -27.37
N PRO H 107 38.95 -25.11 -28.42
CA PRO H 107 38.82 -23.78 -29.06
C PRO H 107 38.15 -22.78 -28.13
N GLY H 108 38.62 -21.54 -28.12
CA GLY H 108 38.07 -20.53 -27.23
C GLY H 108 38.49 -20.75 -25.79
N ASP H 109 39.79 -20.92 -25.57
CA ASP H 109 40.32 -21.13 -24.23
C ASP H 109 41.20 -19.98 -23.75
N LYS H 110 41.70 -20.13 -22.53
CA LYS H 110 42.66 -19.21 -21.94
C LYS H 110 44.02 -19.90 -21.80
N LEU H 111 45.06 -19.30 -22.38
CA LEU H 111 46.40 -19.86 -22.29
C LEU H 111 47.24 -19.04 -21.30
N MET H 112 48.15 -19.69 -20.59
CA MET H 112 49.04 -19.00 -19.67
C MET H 112 50.48 -19.08 -20.17
N ALA H 113 51.05 -17.97 -20.62
CA ALA H 113 52.37 -18.06 -21.25
C ALA H 113 53.23 -16.80 -21.16
N LEU H 114 54.53 -16.97 -21.40
CA LEU H 114 55.46 -15.85 -21.50
C LEU H 114 55.17 -15.00 -22.73
N SER H 115 55.14 -13.69 -22.56
CA SER H 115 54.92 -12.78 -23.67
C SER H 115 56.17 -12.70 -24.53
N VAL H 116 56.01 -12.45 -25.82
CA VAL H 116 57.15 -12.36 -26.73
C VAL H 116 58.14 -11.24 -26.34
N PRO H 117 57.64 -10.02 -26.04
CA PRO H 117 58.60 -9.02 -25.58
C PRO H 117 59.28 -9.40 -24.27
N ASP H 118 58.63 -10.23 -23.47
CA ASP H 118 59.21 -10.72 -22.23
C ASP H 118 60.41 -11.63 -22.49
N GLY H 119 60.64 -11.96 -23.75
CA GLY H 119 61.66 -12.92 -24.11
C GLY H 119 61.03 -14.29 -24.29
N GLY H 120 59.72 -14.28 -24.48
CA GLY H 120 58.98 -15.52 -24.70
C GLY H 120 58.89 -15.85 -26.17
N HIS H 121 57.99 -16.76 -26.50
CA HIS H 121 57.90 -17.29 -27.85
C HIS H 121 56.50 -17.14 -28.43
N ILE H 122 56.42 -16.85 -29.73
CA ILE H 122 55.16 -16.92 -30.46
C ILE H 122 54.73 -18.38 -30.55
N SER H 123 53.45 -18.60 -30.84
CA SER H 123 52.77 -19.90 -30.81
C SER H 123 52.40 -20.24 -29.37
N HIS H 124 52.91 -19.47 -28.44
CA HIS H 124 52.40 -19.44 -27.08
C HIS H 124 51.41 -18.28 -27.02
N TRP H 125 51.25 -17.61 -28.16
CA TRP H 125 50.45 -16.40 -28.25
C TRP H 125 49.81 -16.24 -29.63
N LYS H 126 49.27 -15.05 -29.86
CA LYS H 126 48.52 -14.74 -31.07
C LYS H 126 49.39 -14.73 -32.33
N VAL H 127 48.72 -14.77 -33.50
CA VAL H 127 49.29 -14.72 -34.86
C VAL H 127 50.02 -16.01 -35.23
N SER H 128 50.07 -16.95 -34.30
CA SER H 128 50.77 -18.22 -34.49
C SER H 128 49.98 -19.33 -33.84
N ALA H 129 50.61 -20.50 -33.68
CA ALA H 129 49.94 -21.68 -33.13
C ALA H 129 49.30 -21.39 -31.78
N ALA H 130 48.20 -22.08 -31.50
CA ALA H 130 47.29 -21.81 -30.37
C ALA H 130 46.46 -20.57 -30.64
N GLY H 131 46.83 -19.81 -31.67
CA GLY H 131 45.98 -18.77 -32.20
C GLY H 131 45.18 -19.45 -33.29
N ILE H 132 45.70 -20.59 -33.72
CA ILE H 132 45.00 -21.47 -34.66
C ILE H 132 43.69 -21.95 -34.04
N ARG H 133 43.73 -22.21 -32.74
CA ARG H 133 42.60 -22.78 -32.04
C ARG H 133 42.21 -22.02 -30.77
N GLY H 134 43.13 -22.03 -29.80
CA GLY H 134 42.83 -21.72 -28.42
C GLY H 134 42.33 -20.32 -28.09
N LEU H 135 42.29 -19.43 -29.07
CA LEU H 135 41.80 -18.07 -28.85
C LEU H 135 42.57 -17.35 -27.74
N LYS H 136 41.87 -17.05 -26.64
CA LYS H 136 42.35 -16.12 -25.63
C LYS H 136 43.66 -16.53 -24.95
N VAL H 137 44.63 -15.62 -24.93
CA VAL H 137 45.92 -15.87 -24.30
C VAL H 137 46.27 -14.77 -23.30
N ILE H 138 46.79 -15.17 -22.14
CA ILE H 138 47.24 -14.23 -21.12
C ILE H 138 48.65 -14.57 -20.61
N ASN H 139 49.32 -13.55 -20.09
CA ASN H 139 50.74 -13.64 -19.79
C ASN H 139 51.10 -13.87 -18.33
N HIS H 140 52.19 -14.60 -18.12
CA HIS H 140 52.79 -14.72 -16.80
C HIS H 140 53.31 -13.35 -16.34
N PRO H 141 53.23 -13.08 -15.03
CA PRO H 141 53.85 -11.88 -14.45
C PRO H 141 55.36 -11.92 -14.61
N PHE H 142 55.99 -10.75 -14.78
CA PHE H 142 57.41 -10.72 -15.09
C PHE H 142 58.16 -9.59 -14.38
N ASP H 143 59.28 -9.91 -13.75
CA ASP H 143 60.18 -8.89 -13.24
C ASP H 143 61.51 -8.93 -14.00
N PRO H 144 61.86 -7.83 -14.67
CA PRO H 144 63.05 -7.72 -15.52
C PRO H 144 64.38 -7.74 -14.76
N GLU H 145 64.44 -7.11 -13.60
CA GLU H 145 65.71 -6.99 -12.88
C GLU H 145 66.21 -8.34 -12.39
N GLU H 146 65.33 -9.10 -11.75
CA GLU H 146 65.59 -10.50 -11.45
C GLU H 146 64.83 -11.31 -12.47
N MET H 147 65.52 -11.97 -13.40
CA MET H 147 64.83 -12.42 -14.60
C MET H 147 64.20 -13.80 -14.43
N ASN H 148 62.88 -13.77 -14.34
CA ASN H 148 62.01 -14.94 -14.25
C ASN H 148 60.58 -14.46 -14.02
N ILE H 149 59.64 -15.40 -14.01
CA ILE H 149 58.25 -15.09 -13.68
C ILE H 149 58.07 -14.85 -12.19
N ASP H 150 57.26 -13.87 -11.81
CA ASP H 150 56.91 -13.72 -10.40
C ASP H 150 56.06 -14.92 -10.04
N ALA H 151 56.48 -15.69 -9.06
CA ALA H 151 55.83 -16.96 -8.72
C ALA H 151 54.56 -16.75 -7.91
N ASP H 152 54.60 -15.81 -6.99
CA ASP H 152 53.44 -15.50 -6.17
C ASP H 152 52.38 -14.79 -7.01
N ALA H 153 52.82 -13.88 -7.86
CA ALA H 153 51.90 -13.21 -8.78
C ALA H 153 51.41 -14.23 -9.81
N MET H 154 52.18 -15.29 -9.98
CA MET H 154 51.80 -16.38 -10.86
C MET H 154 50.65 -17.21 -10.29
N VAL H 155 50.81 -17.71 -9.07
CA VAL H 155 49.76 -18.49 -8.43
C VAL H 155 48.53 -17.60 -8.25
N LYS H 156 48.78 -16.34 -7.94
CA LYS H 156 47.71 -15.34 -7.84
C LYS H 156 46.92 -15.26 -9.14
N LYS H 157 47.62 -15.00 -10.25
CA LYS H 157 46.96 -14.81 -11.53
C LYS H 157 46.34 -16.10 -12.06
N ILE H 158 46.85 -17.24 -11.61
CA ILE H 158 46.31 -18.53 -11.99
C ILE H 158 44.98 -18.77 -11.26
N LEU H 159 44.92 -18.42 -9.98
CA LEU H 159 43.69 -18.57 -9.23
C LEU H 159 42.64 -17.54 -9.66
N GLU H 160 43.10 -16.35 -10.01
CA GLU H 160 42.19 -15.28 -10.41
C GLU H 160 41.65 -15.44 -11.83
N GLU H 161 42.54 -15.66 -12.79
CA GLU H 161 42.14 -15.77 -14.19
C GLU H 161 41.68 -17.18 -14.62
N LYS H 162 42.10 -18.20 -13.88
CA LYS H 162 41.85 -19.60 -14.24
C LYS H 162 42.27 -19.96 -15.68
N PRO H 163 43.59 -20.08 -15.91
CA PRO H 163 44.26 -20.39 -17.17
C PRO H 163 44.23 -21.89 -17.53
N LYS H 164 43.19 -22.32 -18.23
CA LYS H 164 42.92 -23.75 -18.47
C LYS H 164 44.15 -24.55 -18.89
N LEU H 165 45.06 -23.92 -19.61
CA LEU H 165 46.37 -24.53 -19.87
C LEU H 165 47.47 -23.58 -19.42
N ILE H 166 48.51 -24.14 -18.82
CA ILE H 166 49.67 -23.34 -18.40
C ILE H 166 50.95 -23.83 -19.04
N LEU H 167 51.56 -23.01 -19.89
CA LEU H 167 52.84 -23.39 -20.49
C LEU H 167 54.01 -22.80 -19.71
N PHE H 168 55.22 -23.22 -20.07
CA PHE H 168 56.43 -22.53 -19.64
C PHE H 168 57.51 -22.60 -20.72
N GLY H 169 58.10 -21.46 -21.05
CA GLY H 169 59.17 -21.43 -22.04
C GLY H 169 59.29 -20.13 -22.80
N GLY H 170 60.29 -20.05 -23.67
CA GLY H 170 60.50 -18.87 -24.48
C GLY H 170 61.83 -18.81 -25.20
N SER H 171 62.03 -17.72 -25.94
CA SER H 171 63.27 -17.50 -26.67
C SER H 171 64.38 -17.08 -25.71
N LEU H 172 64.21 -15.93 -25.07
CA LEU H 172 65.15 -15.51 -24.04
C LEU H 172 64.86 -16.32 -22.78
N PHE H 173 65.86 -17.06 -22.31
CA PHE H 173 65.64 -18.05 -21.26
C PHE H 173 66.80 -18.12 -20.26
N PRO H 174 66.91 -17.11 -19.39
CA PRO H 174 68.01 -17.05 -18.41
C PRO H 174 67.90 -18.08 -17.28
N PHE H 175 66.69 -18.34 -16.79
CA PHE H 175 66.53 -19.15 -15.58
C PHE H 175 65.27 -20.02 -15.61
N PRO H 176 65.34 -21.19 -14.94
CA PRO H 176 64.22 -22.14 -14.88
C PRO H 176 62.94 -21.54 -14.31
N HIS H 177 61.81 -22.06 -14.76
CA HIS H 177 60.50 -21.49 -14.44
C HIS H 177 59.89 -22.07 -13.17
N PRO H 178 59.05 -21.28 -12.48
CA PRO H 178 58.34 -21.71 -11.27
C PRO H 178 57.22 -22.69 -11.59
N VAL H 179 57.58 -23.95 -11.78
CA VAL H 179 56.64 -24.97 -12.23
C VAL H 179 55.67 -25.43 -11.13
N ALA H 180 56.18 -26.07 -10.08
CA ALA H 180 55.35 -26.67 -9.05
C ALA H 180 54.51 -25.65 -8.30
N ASP H 181 54.94 -24.39 -8.32
CA ASP H 181 54.12 -23.33 -7.77
C ASP H 181 52.86 -23.20 -8.61
N ALA H 182 53.04 -23.16 -9.93
CA ALA H 182 51.93 -23.10 -10.87
C ALA H 182 51.07 -24.35 -10.82
N TYR H 183 51.69 -25.46 -10.42
CA TYR H 183 50.97 -26.72 -10.26
C TYR H 183 50.05 -26.67 -9.06
N GLU H 184 50.61 -26.24 -7.93
CA GLU H 184 49.83 -26.08 -6.72
C GLU H 184 48.77 -25.00 -6.91
N ALA H 185 49.00 -24.13 -7.88
CA ALA H 185 48.00 -23.14 -8.28
C ALA H 185 46.95 -23.74 -9.21
N ALA H 186 47.33 -24.80 -9.94
CA ALA H 186 46.49 -25.35 -11.00
C ALA H 186 45.55 -26.47 -10.52
N GLN H 187 45.53 -26.72 -9.22
CA GLN H 187 44.71 -27.80 -8.67
C GLN H 187 43.22 -27.47 -8.68
N GLU H 188 42.83 -26.45 -7.90
CA GLU H 188 41.44 -26.03 -7.86
C GLU H 188 40.97 -25.43 -9.18
N VAL H 189 41.92 -25.05 -10.02
CA VAL H 189 41.60 -24.47 -11.32
C VAL H 189 41.18 -25.55 -12.31
N GLY H 190 41.92 -26.65 -12.34
CA GLY H 190 41.68 -27.72 -13.29
C GLY H 190 42.55 -27.55 -14.52
N ALA H 191 43.63 -26.79 -14.38
CA ALA H 191 44.55 -26.54 -15.47
C ALA H 191 45.55 -27.68 -15.62
N LYS H 192 46.42 -27.58 -16.61
CA LYS H 192 47.47 -28.57 -16.83
C LYS H 192 48.77 -27.89 -17.23
N ILE H 193 49.89 -28.35 -16.68
CA ILE H 193 51.17 -27.73 -16.94
C ILE H 193 51.97 -28.41 -18.04
N ALA H 194 52.31 -27.64 -19.07
CA ALA H 194 53.14 -28.10 -20.15
C ALA H 194 54.42 -27.28 -20.19
N TYR H 195 55.55 -27.98 -20.22
CA TYR H 195 56.84 -27.33 -20.33
C TYR H 195 57.32 -27.43 -21.77
N ASP H 196 57.53 -26.29 -22.41
CA ASP H 196 58.11 -26.29 -23.73
C ASP H 196 59.61 -26.18 -23.53
N GLY H 197 60.31 -27.28 -23.77
CA GLY H 197 61.73 -27.32 -23.49
C GLY H 197 62.49 -26.43 -24.43
N ALA H 198 62.39 -26.73 -25.73
CA ALA H 198 63.00 -25.92 -26.78
C ALA H 198 64.44 -25.62 -26.39
N HIS H 199 64.72 -24.33 -26.26
CA HIS H 199 66.02 -23.81 -25.86
C HIS H 199 66.64 -24.59 -24.71
N VAL H 200 65.82 -25.01 -23.74
CA VAL H 200 66.35 -25.71 -22.57
C VAL H 200 66.23 -27.24 -22.66
N LEU H 201 65.62 -27.75 -23.73
CA LEU H 201 65.25 -29.17 -23.79
C LEU H 201 66.41 -30.13 -23.52
N GLY H 202 67.49 -29.98 -24.28
CA GLY H 202 68.67 -30.82 -24.10
C GLY H 202 69.25 -30.73 -22.71
N LEU H 203 69.13 -29.56 -22.08
CA LEU H 203 69.63 -29.38 -20.73
C LEU H 203 68.93 -30.35 -19.79
N ILE H 204 67.64 -30.58 -20.04
CA ILE H 204 66.87 -31.52 -19.23
C ILE H 204 67.33 -32.95 -19.53
N ALA H 205 67.71 -33.19 -20.78
CA ALA H 205 68.16 -34.51 -21.21
C ALA H 205 69.46 -34.90 -20.51
N GLY H 206 70.33 -33.92 -20.28
CA GLY H 206 71.56 -34.14 -19.56
C GLY H 206 71.36 -34.05 -18.05
N LYS H 207 70.11 -34.18 -17.63
CA LYS H 207 69.69 -34.15 -16.23
C LYS H 207 69.79 -32.76 -15.61
N GLN H 208 70.28 -31.79 -16.36
CA GLN H 208 70.44 -30.43 -15.85
C GLN H 208 69.16 -29.63 -16.02
N ASP H 211 64.03 -30.61 -15.10
CA ASP H 211 63.25 -31.83 -14.88
C ASP H 211 61.80 -31.50 -14.54
N PRO H 212 61.06 -30.96 -15.53
CA PRO H 212 59.70 -30.47 -15.31
C PRO H 212 58.70 -31.59 -14.98
N LEU H 213 58.93 -32.77 -15.55
CA LEU H 213 58.03 -33.91 -15.37
C LEU H 213 57.81 -34.26 -13.90
N ARG H 214 58.90 -34.35 -13.15
CA ARG H 214 58.82 -34.62 -11.72
C ARG H 214 58.58 -33.34 -10.94
N GLU H 215 58.70 -32.21 -11.62
CA GLU H 215 58.54 -30.90 -10.99
C GLU H 215 57.11 -30.38 -11.09
N GLY H 216 56.21 -31.21 -11.60
CA GLY H 216 54.80 -30.85 -11.67
C GLY H 216 54.30 -30.45 -13.04
N ALA H 217 55.09 -30.69 -14.07
CA ALA H 217 54.64 -30.46 -15.44
C ALA H 217 54.02 -31.74 -15.99
N GLU H 218 52.81 -31.62 -16.52
CA GLU H 218 52.12 -32.77 -17.07
C GLU H 218 52.70 -33.12 -18.43
N TYR H 219 53.27 -32.13 -19.11
CA TYR H 219 53.89 -32.34 -20.41
C TYR H 219 55.30 -31.76 -20.48
N LEU H 220 56.14 -32.36 -21.31
CA LEU H 220 57.40 -31.74 -21.70
C LEU H 220 57.63 -31.96 -23.19
N MET H 221 57.71 -30.87 -23.96
CA MET H 221 57.85 -30.97 -25.40
C MET H 221 58.84 -29.93 -25.90
N GLY H 222 59.42 -30.18 -27.07
CA GLY H 222 60.37 -29.22 -27.60
C GLY H 222 61.05 -29.60 -28.90
N SER H 223 62.13 -28.89 -29.22
CA SER H 223 62.84 -29.08 -30.47
C SER H 223 64.20 -29.72 -30.24
N THR H 224 64.62 -30.55 -31.18
CA THR H 224 65.86 -31.30 -31.05
C THR H 224 67.06 -30.64 -31.76
N HIS H 225 66.84 -29.51 -32.41
CA HIS H 225 67.93 -28.84 -33.11
C HIS H 225 68.57 -27.69 -32.33
N LYS H 226 68.04 -27.40 -31.15
CA LYS H 226 68.64 -26.44 -30.27
C LYS H 226 68.92 -27.18 -29.03
N THR H 227 69.81 -26.68 -28.17
CA THR H 227 70.16 -27.41 -26.95
C THR H 227 70.52 -28.77 -27.51
N PHE H 228 69.75 -29.77 -27.10
CA PHE H 228 69.93 -31.13 -27.59
C PHE H 228 70.39 -31.03 -29.04
N PHE H 229 71.45 -31.74 -29.37
CA PHE H 229 72.20 -31.48 -30.60
C PHE H 229 71.66 -32.24 -31.81
N GLY H 230 70.51 -32.89 -31.64
CA GLY H 230 69.95 -33.71 -32.69
C GLY H 230 69.39 -32.96 -33.88
N PRO H 231 68.65 -33.67 -34.74
CA PRO H 231 68.11 -33.20 -36.02
C PRO H 231 66.87 -32.32 -35.90
N GLN H 232 66.25 -32.04 -37.04
CA GLN H 232 65.03 -31.25 -37.09
C GLN H 232 63.82 -32.03 -36.60
N GLY H 233 62.73 -31.32 -36.31
CA GLY H 233 61.55 -31.94 -35.77
C GLY H 233 61.37 -31.60 -34.31
N GLY H 234 60.44 -32.30 -33.65
CA GLY H 234 60.14 -32.03 -32.26
C GLY H 234 59.77 -33.29 -31.50
N VAL H 235 59.71 -33.18 -30.18
CA VAL H 235 59.45 -34.33 -29.33
C VAL H 235 58.41 -33.98 -28.26
N ILE H 236 57.55 -34.95 -27.96
CA ILE H 236 56.55 -34.83 -26.90
C ILE H 236 56.81 -35.91 -25.85
N LEU H 237 56.65 -35.55 -24.57
CA LEU H 237 56.82 -36.50 -23.48
C LEU H 237 55.75 -36.24 -22.42
N THR H 238 55.09 -37.30 -21.95
CA THR H 238 53.99 -37.14 -21.01
C THR H 238 53.65 -38.43 -20.24
N THR H 239 52.53 -38.39 -19.53
CA THR H 239 52.02 -39.52 -18.78
C THR H 239 51.54 -40.64 -19.70
N LYS H 240 51.57 -41.87 -19.21
CA LYS H 240 50.98 -43.01 -19.92
C LYS H 240 49.46 -42.96 -19.83
N GLU H 241 48.97 -42.16 -18.89
CA GLU H 241 47.55 -41.92 -18.76
C GLU H 241 47.10 -41.01 -19.89
N ASN H 242 47.95 -40.03 -20.20
CA ASN H 242 47.71 -39.08 -21.27
C ASN H 242 48.16 -39.61 -22.61
N ALA H 243 48.67 -40.84 -22.62
CA ALA H 243 49.26 -41.47 -23.79
C ALA H 243 48.39 -41.33 -25.03
N ASP H 244 47.22 -41.97 -25.02
CA ASP H 244 46.38 -42.03 -26.20
C ASP H 244 45.83 -40.68 -26.63
N LYS H 245 45.55 -39.80 -25.68
CA LYS H 245 44.98 -38.50 -26.00
C LYS H 245 46.00 -37.62 -26.71
N ILE H 246 47.25 -37.70 -26.27
CA ILE H 246 48.32 -36.91 -26.87
C ILE H 246 48.89 -37.61 -28.09
N ASP H 247 48.58 -38.89 -28.25
CA ASP H 247 49.06 -39.69 -29.38
C ASP H 247 48.16 -39.51 -30.60
N SER H 248 46.90 -39.92 -30.46
CA SER H 248 45.93 -39.83 -31.55
C SER H 248 45.68 -38.39 -31.97
N HIS H 249 46.21 -37.44 -31.20
CA HIS H 249 46.16 -36.04 -31.59
C HIS H 249 47.42 -35.65 -32.35
N VAL H 250 48.29 -36.60 -32.63
CA VAL H 250 49.49 -36.29 -33.41
C VAL H 250 49.40 -36.77 -34.86
N PHE H 251 49.31 -38.08 -35.08
CA PHE H 251 49.26 -38.57 -36.45
C PHE H 251 48.01 -38.03 -37.13
N PRO H 252 46.82 -38.25 -36.54
CA PRO H 252 45.79 -37.42 -37.17
C PRO H 252 46.02 -35.92 -36.90
N GLY H 253 46.11 -35.14 -37.97
CA GLY H 253 45.88 -33.72 -37.93
C GLY H 253 46.97 -32.75 -37.52
N VAL H 254 47.90 -33.19 -36.68
CA VAL H 254 49.08 -32.37 -36.40
C VAL H 254 50.17 -32.60 -37.44
N VAL H 255 50.37 -33.86 -37.80
CA VAL H 255 51.32 -34.28 -38.83
C VAL H 255 51.24 -35.79 -39.00
N SER H 256 51.72 -36.32 -40.11
CA SER H 256 51.56 -37.74 -40.39
C SER H 256 52.86 -38.55 -40.34
N ASN H 257 53.73 -38.35 -41.33
CA ASN H 257 54.83 -39.28 -41.59
C ASN H 257 56.13 -39.06 -40.80
N HIS H 258 56.15 -38.06 -39.92
CA HIS H 258 57.24 -37.83 -38.96
C HIS H 258 58.58 -37.33 -39.51
N HIS H 259 58.76 -37.32 -40.84
CA HIS H 259 60.10 -37.14 -41.42
C HIS H 259 61.04 -38.22 -40.88
N LEU H 260 60.83 -39.46 -41.34
CA LEU H 260 61.49 -40.64 -40.80
C LEU H 260 63.02 -40.57 -40.77
N HIS H 261 63.61 -39.87 -41.72
CA HIS H 261 65.06 -39.68 -41.72
C HIS H 261 65.50 -38.96 -40.45
N HIS H 262 64.78 -37.89 -40.10
CA HIS H 262 65.03 -37.16 -38.87
C HIS H 262 64.93 -38.05 -37.63
N LYS H 263 64.15 -39.13 -37.73
CA LYS H 263 64.04 -40.09 -36.64
C LYS H 263 65.24 -41.03 -36.62
N ALA H 264 65.65 -41.47 -37.81
CA ALA H 264 66.82 -42.30 -37.99
C ALA H 264 68.05 -41.61 -37.39
N GLY H 265 68.08 -40.29 -37.51
CA GLY H 265 69.10 -39.50 -36.85
C GLY H 265 68.81 -39.29 -35.38
N LEU H 266 67.53 -39.16 -35.05
CA LEU H 266 67.08 -38.87 -33.68
C LEU H 266 67.53 -39.95 -32.71
N ALA H 267 67.49 -41.20 -33.15
CA ALA H 267 67.96 -42.29 -32.30
C ALA H 267 69.44 -42.14 -31.96
N ILE H 268 70.25 -41.84 -32.98
CA ILE H 268 71.68 -41.61 -32.78
C ILE H 268 71.90 -40.46 -31.81
N ALA H 269 71.27 -39.33 -32.07
CA ALA H 269 71.42 -38.15 -31.24
C ALA H 269 71.00 -38.42 -29.79
N LEU H 270 69.98 -39.26 -29.62
CA LEU H 270 69.52 -39.65 -28.29
C LEU H 270 70.59 -40.48 -27.59
N ALA H 271 71.21 -41.40 -28.32
CA ALA H 271 72.28 -42.23 -27.76
C ALA H 271 73.48 -41.38 -27.37
N GLU H 272 73.76 -40.35 -28.17
CA GLU H 272 74.86 -39.45 -27.90
C GLU H 272 74.57 -38.61 -26.67
N MET H 273 73.32 -38.17 -26.53
CA MET H 273 72.89 -37.41 -25.37
C MET H 273 72.71 -38.32 -24.15
N LEU H 274 72.82 -39.63 -24.40
CA LEU H 274 72.83 -40.60 -23.31
C LEU H 274 74.24 -40.74 -22.78
N GLU H 275 75.16 -41.19 -23.63
CA GLU H 275 76.54 -41.40 -23.20
C GLU H 275 77.25 -40.12 -22.77
N PHE H 276 77.20 -39.09 -23.63
CA PHE H 276 77.92 -37.85 -23.38
C PHE H 276 77.06 -36.76 -22.74
N GLY H 277 75.81 -37.09 -22.45
CA GLY H 277 74.82 -36.11 -22.04
C GLY H 277 75.11 -35.23 -20.85
N GLU H 278 75.41 -35.84 -19.69
CA GLU H 278 75.62 -35.09 -18.46
C GLU H 278 76.78 -34.09 -18.57
N ALA H 279 77.92 -34.58 -19.07
CA ALA H 279 79.11 -33.75 -19.21
C ALA H 279 78.84 -32.52 -20.08
N TYR H 280 78.35 -32.76 -21.29
CA TYR H 280 78.04 -31.70 -22.24
C TYR H 280 77.02 -30.72 -21.67
N ALA H 281 75.94 -31.25 -21.11
CA ALA H 281 74.85 -30.42 -20.60
C ALA H 281 75.26 -29.61 -19.38
N LYS H 282 76.28 -30.06 -18.67
CA LYS H 282 76.82 -29.28 -17.56
C LYS H 282 77.77 -28.20 -18.10
N GLN H 283 78.61 -28.58 -19.05
CA GLN H 283 79.65 -27.68 -19.51
C GLN H 283 79.12 -26.62 -20.47
N VAL H 284 77.89 -26.77 -20.96
CA VAL H 284 77.30 -25.72 -21.78
C VAL H 284 76.81 -24.56 -20.90
N ILE H 285 76.18 -24.89 -19.78
CA ILE H 285 75.70 -23.87 -18.87
C ILE H 285 76.86 -23.35 -18.01
N LYS H 286 77.94 -24.13 -17.97
CA LYS H 286 79.19 -23.63 -17.40
C LYS H 286 79.82 -22.62 -18.36
N ASN H 287 79.90 -23.02 -19.63
CA ASN H 287 80.41 -22.16 -20.70
C ASN H 287 79.65 -20.85 -20.77
N ALA H 288 78.36 -20.91 -20.46
CA ALA H 288 77.53 -19.72 -20.44
C ALA H 288 78.03 -18.75 -19.37
N LYS H 289 78.30 -19.28 -18.18
CA LYS H 289 78.81 -18.49 -17.08
C LYS H 289 80.17 -17.90 -17.39
N ALA H 290 81.06 -18.72 -17.95
CA ALA H 290 82.39 -18.28 -18.31
C ALA H 290 82.36 -17.17 -19.37
N LEU H 291 81.51 -17.35 -20.37
CA LEU H 291 81.36 -16.40 -21.46
C LEU H 291 80.78 -15.07 -20.99
N ALA H 292 79.73 -15.15 -20.18
CA ALA H 292 79.06 -13.96 -19.67
C ALA H 292 79.97 -13.18 -18.72
N GLN H 293 80.66 -13.89 -17.84
CA GLN H 293 81.60 -13.28 -16.92
C GLN H 293 82.75 -12.63 -17.68
N ALA H 294 83.30 -13.36 -18.65
CA ALA H 294 84.36 -12.84 -19.50
C ALA H 294 83.95 -11.56 -20.19
N LEU H 295 82.74 -11.56 -20.77
CA LEU H 295 82.23 -10.38 -21.44
C LEU H 295 82.03 -9.22 -20.48
N TYR H 296 81.56 -9.50 -19.27
CA TYR H 296 81.29 -8.45 -18.30
C TYR H 296 82.57 -7.81 -17.78
N GLU H 297 83.59 -8.61 -17.53
CA GLU H 297 84.86 -8.08 -17.04
C GLU H 297 85.60 -7.32 -18.14
N ARG H 298 85.07 -7.39 -19.36
CA ARG H 298 85.56 -6.57 -20.46
C ARG H 298 84.79 -5.26 -20.54
N GLY H 299 83.88 -5.07 -19.60
CA GLY H 299 83.14 -3.82 -19.52
C GLY H 299 81.73 -3.87 -20.07
N PHE H 300 81.45 -4.88 -20.89
CA PHE H 300 80.12 -5.08 -21.46
C PHE H 300 79.05 -5.20 -20.38
N ASN H 301 77.93 -4.52 -20.57
CA ASN H 301 76.84 -4.65 -19.62
C ASN H 301 76.12 -5.95 -19.90
N VAL H 302 76.13 -6.86 -18.92
CA VAL H 302 75.56 -8.18 -19.10
C VAL H 302 74.44 -8.40 -18.08
N LEU H 303 73.28 -8.79 -18.58
CA LEU H 303 72.09 -8.90 -17.74
C LEU H 303 72.30 -9.82 -16.54
N CYS H 304 71.66 -9.47 -15.42
CA CYS H 304 71.78 -10.20 -14.16
C CYS H 304 73.25 -10.29 -13.72
N GLU H 305 73.79 -9.15 -13.34
CA GLU H 305 75.19 -9.03 -12.95
C GLU H 305 75.54 -9.87 -11.71
N HIS H 306 74.57 -10.01 -10.81
CA HIS H 306 74.78 -10.72 -9.55
C HIS H 306 74.38 -12.19 -9.58
N LYS H 307 73.77 -12.62 -10.67
CA LYS H 307 73.17 -13.95 -10.78
C LYS H 307 74.06 -15.00 -11.46
N ASP H 308 75.30 -14.63 -11.76
CA ASP H 308 76.19 -15.39 -12.64
C ASP H 308 75.58 -15.40 -14.05
N PHE H 309 74.73 -14.41 -14.27
CA PHE H 309 74.19 -13.99 -15.57
C PHE H 309 73.33 -15.00 -16.33
N THR H 310 73.24 -16.24 -15.83
CA THR H 310 72.27 -17.25 -16.29
C THR H 310 72.53 -18.60 -15.64
N GLU H 311 71.54 -19.48 -15.72
CA GLU H 311 71.70 -20.91 -15.44
C GLU H 311 71.65 -21.77 -16.71
N SER H 312 71.50 -21.13 -17.87
CA SER H 312 71.20 -21.84 -19.10
C SER H 312 72.23 -21.60 -20.19
N HIS H 313 72.20 -22.44 -21.22
CA HIS H 313 73.10 -22.36 -22.37
C HIS H 313 73.14 -20.98 -23.00
N GLN H 314 72.03 -20.25 -22.90
CA GLN H 314 71.90 -18.95 -23.51
C GLN H 314 72.59 -17.87 -22.68
N VAL H 315 73.05 -16.82 -23.36
CA VAL H 315 73.65 -15.66 -22.70
C VAL H 315 73.09 -14.37 -23.30
N ILE H 316 72.61 -13.48 -22.44
CA ILE H 316 71.99 -12.23 -22.88
C ILE H 316 72.73 -11.01 -22.35
N ILE H 317 72.87 -9.99 -23.20
CA ILE H 317 73.49 -8.73 -22.80
C ILE H 317 72.61 -7.54 -23.16
N ASP H 318 72.91 -6.38 -22.59
CA ASP H 318 72.17 -5.16 -22.87
C ASP H 318 73.10 -4.05 -23.35
N ILE H 319 72.92 -3.63 -24.59
CA ILE H 319 73.84 -2.71 -25.25
C ILE H 319 73.64 -1.25 -24.86
N GLU H 320 72.39 -0.81 -24.77
CA GLU H 320 72.10 0.60 -24.51
C GLU H 320 72.55 1.05 -23.13
N SER H 321 72.72 0.09 -22.22
CA SER H 321 73.31 0.39 -20.92
C SER H 321 74.83 0.16 -20.93
N SER H 322 75.34 -0.46 -22.00
CA SER H 322 76.76 -0.77 -22.10
C SER H 322 77.56 0.49 -22.39
N PRO H 323 78.40 0.90 -21.44
CA PRO H 323 79.00 2.23 -21.36
C PRO H 323 79.85 2.66 -22.56
N ASP H 324 80.77 1.82 -22.99
CA ASP H 324 81.77 2.25 -23.97
C ASP H 324 81.36 1.98 -25.42
N ILE H 325 80.28 1.23 -25.61
CA ILE H 325 79.87 0.87 -26.95
C ILE H 325 78.85 1.87 -27.48
N GLU H 326 77.63 1.76 -26.97
CA GLU H 326 76.53 2.66 -27.30
C GLU H 326 76.35 2.88 -28.80
N PHE H 327 76.27 1.79 -29.54
CA PHE H 327 75.85 1.79 -30.92
C PHE H 327 74.56 0.98 -30.99
N SER H 328 73.68 1.26 -31.95
CA SER H 328 72.40 0.55 -32.01
C SER H 328 72.64 -0.92 -32.34
N ALA H 329 71.69 -1.77 -31.95
CA ALA H 329 71.90 -3.22 -31.94
C ALA H 329 71.89 -3.87 -33.33
N SER H 330 71.09 -3.35 -34.26
CA SER H 330 71.06 -3.89 -35.61
C SER H 330 72.42 -3.72 -36.27
N GLU H 331 72.99 -2.53 -36.07
CA GLU H 331 74.35 -2.22 -36.50
C GLU H 331 75.33 -3.25 -35.97
N LEU H 332 75.21 -3.58 -34.69
CA LEU H 332 76.14 -4.50 -34.03
C LEU H 332 75.98 -5.94 -34.52
N ALA H 333 74.74 -6.33 -34.79
CA ALA H 333 74.48 -7.65 -35.33
C ALA H 333 75.12 -7.78 -36.72
N LYS H 334 74.96 -6.73 -37.53
CA LYS H 334 75.57 -6.73 -38.87
C LYS H 334 77.10 -6.69 -38.81
N MET H 335 77.63 -5.90 -37.87
CA MET H 335 79.08 -5.76 -37.70
C MET H 335 79.73 -7.06 -37.24
N TYR H 336 79.09 -7.73 -36.28
CA TYR H 336 79.56 -9.04 -35.85
C TYR H 336 79.41 -10.03 -37.00
N GLU H 337 78.33 -9.89 -37.76
CA GLU H 337 78.04 -10.72 -38.91
C GLU H 337 79.19 -10.68 -39.90
N GLU H 338 79.66 -9.47 -40.22
CA GLU H 338 80.78 -9.30 -41.14
C GLU H 338 82.09 -9.84 -40.55
N ALA H 339 82.13 -9.93 -39.21
CA ALA H 339 83.33 -10.33 -38.51
C ALA H 339 83.38 -11.85 -38.29
N ASN H 340 82.42 -12.54 -38.90
CA ASN H 340 82.24 -13.98 -38.73
C ASN H 340 81.85 -14.34 -37.29
N ILE H 341 81.25 -13.38 -36.61
CA ILE H 341 80.62 -13.64 -35.32
C ILE H 341 79.12 -13.58 -35.56
N ILE H 342 78.46 -14.74 -35.54
CA ILE H 342 77.08 -14.80 -35.98
C ILE H 342 76.12 -14.92 -34.81
N LEU H 343 75.36 -13.86 -34.58
CA LEU H 343 74.37 -13.84 -33.51
C LEU H 343 73.27 -12.85 -33.85
N ASN H 344 72.06 -13.10 -33.34
CA ASN H 344 70.91 -12.28 -33.72
C ASN H 344 70.40 -11.40 -32.58
N LYS H 345 69.81 -10.28 -32.97
CA LYS H 345 69.25 -9.33 -32.01
C LYS H 345 68.01 -9.88 -31.31
N ASN H 346 67.72 -9.33 -30.14
CA ASN H 346 66.58 -9.81 -29.35
C ASN H 346 65.74 -8.69 -28.74
N LEU H 347 64.52 -9.07 -28.33
CA LEU H 347 63.54 -8.13 -27.79
C LEU H 347 63.45 -8.31 -26.28
N LEU H 348 63.84 -7.29 -25.52
CA LEU H 348 63.98 -7.41 -24.07
C LEU H 348 62.76 -6.92 -23.31
N PRO H 349 62.74 -7.10 -21.97
CA PRO H 349 61.74 -6.44 -21.13
C PRO H 349 61.88 -4.92 -21.16
N TRP H 350 63.09 -4.45 -21.43
CA TRP H 350 63.37 -3.03 -21.54
C TRP H 350 62.82 -2.47 -22.86
N ASP H 351 62.32 -3.35 -23.73
CA ASP H 351 61.74 -2.93 -25.00
C ASP H 351 60.22 -2.96 -24.96
N ASP H 352 59.60 -1.77 -24.97
CA ASP H 352 58.16 -1.65 -24.83
C ASP H 352 57.44 -1.48 -26.17
N VAL H 353 58.19 -1.51 -27.26
CA VAL H 353 57.60 -1.27 -28.58
C VAL H 353 57.52 -2.53 -29.42
N ASN H 354 58.67 -2.96 -29.93
CA ASN H 354 58.80 -4.12 -30.81
C ASN H 354 57.95 -4.00 -32.08
N ASN H 355 57.60 -2.77 -32.45
CA ASN H 355 57.09 -2.50 -33.78
C ASN H 355 58.25 -1.93 -34.60
N SER H 356 59.39 -1.80 -33.93
CA SER H 356 60.59 -1.24 -34.55
C SER H 356 61.61 -2.34 -34.85
N ASP H 357 62.36 -2.15 -35.93
CA ASP H 357 63.33 -3.14 -36.38
C ASP H 357 64.66 -2.98 -35.64
N ASN H 358 64.68 -2.08 -34.68
CA ASN H 358 65.87 -1.79 -33.90
C ASN H 358 65.65 -2.07 -32.41
N PRO H 359 65.91 -3.32 -31.99
CA PRO H 359 65.79 -3.71 -30.57
C PRO H 359 67.05 -3.37 -29.77
N SER H 360 67.03 -3.62 -28.46
CA SER H 360 68.12 -3.20 -27.58
C SER H 360 69.14 -4.28 -27.21
N GLY H 361 68.98 -5.49 -27.73
CA GLY H 361 69.84 -6.58 -27.31
C GLY H 361 70.11 -7.67 -28.32
N ILE H 362 70.84 -8.70 -27.89
CA ILE H 362 71.35 -9.74 -28.79
C ILE H 362 71.33 -11.13 -28.13
N ARG H 363 71.48 -12.17 -28.94
CA ARG H 363 71.47 -13.54 -28.44
C ARG H 363 72.85 -14.19 -28.43
N LEU H 364 73.15 -14.94 -27.37
CA LEU H 364 74.31 -15.81 -27.36
C LEU H 364 73.91 -17.22 -26.92
N GLY H 365 74.64 -18.23 -27.38
CA GLY H 365 74.47 -19.57 -26.84
C GLY H 365 75.72 -20.40 -26.99
N THR H 366 75.90 -21.32 -26.04
CA THR H 366 77.15 -22.05 -25.90
C THR H 366 77.13 -23.48 -26.45
N GLN H 367 75.98 -23.93 -26.94
CA GLN H 367 75.83 -25.31 -27.34
C GLN H 367 76.69 -25.67 -28.55
N GLU H 368 76.73 -24.76 -29.53
CA GLU H 368 77.41 -25.05 -30.79
C GLU H 368 78.92 -25.00 -30.60
N CYS H 369 79.39 -24.02 -29.85
CA CYS H 369 80.81 -23.92 -29.55
C CYS H 369 81.28 -25.12 -28.72
N THR H 370 80.45 -25.51 -27.76
CA THR H 370 80.78 -26.64 -26.89
C THR H 370 80.85 -27.94 -27.65
N ARG H 371 79.86 -28.17 -28.51
CA ARG H 371 79.80 -29.38 -29.31
C ARG H 371 80.95 -29.43 -30.30
N LEU H 372 81.39 -28.26 -30.77
CA LEU H 372 82.49 -28.17 -31.70
C LEU H 372 83.84 -28.11 -30.97
N GLY H 373 83.80 -28.20 -29.64
CA GLY H 373 85.02 -28.36 -28.86
C GLY H 373 85.50 -27.21 -27.99
N MET H 374 84.86 -26.06 -28.10
CA MET H 374 85.32 -24.87 -27.36
C MET H 374 85.15 -25.04 -25.86
N LYS H 375 86.16 -24.61 -25.10
CA LYS H 375 86.16 -24.71 -23.64
C LYS H 375 85.73 -23.39 -23.00
N GLU H 376 85.69 -23.35 -21.68
CA GLU H 376 85.21 -22.19 -20.94
C GLU H 376 86.16 -20.99 -21.00
N LYS H 377 87.44 -21.26 -21.24
CA LYS H 377 88.42 -20.20 -21.37
C LYS H 377 88.58 -19.76 -22.83
N GLU H 378 87.97 -20.53 -23.74
CA GLU H 378 87.92 -20.15 -25.15
C GLU H 378 86.81 -19.14 -25.34
N MET H 379 85.89 -19.11 -24.38
CA MET H 379 84.82 -18.14 -24.37
C MET H 379 85.39 -16.75 -24.10
N GLU H 380 86.62 -16.71 -23.60
CA GLU H 380 87.37 -15.46 -23.49
C GLU H 380 87.99 -15.08 -24.84
N GLU H 381 88.35 -16.09 -25.62
CA GLU H 381 88.84 -15.86 -26.97
C GLU H 381 87.72 -15.27 -27.80
N ILE H 382 86.48 -15.67 -27.50
CA ILE H 382 85.32 -15.05 -28.11
C ILE H 382 85.06 -13.66 -27.53
N ALA H 383 85.02 -13.58 -26.20
CA ALA H 383 84.63 -12.37 -25.49
C ALA H 383 85.54 -11.19 -25.81
N GLU H 384 86.83 -11.45 -25.94
CA GLU H 384 87.79 -10.40 -26.21
C GLU H 384 87.56 -9.81 -27.59
N PHE H 385 87.24 -10.67 -28.55
CA PHE H 385 86.89 -10.21 -29.89
C PHE H 385 85.63 -9.36 -29.83
N MET H 386 84.64 -9.85 -29.08
CA MET H 386 83.38 -9.12 -28.93
C MET H 386 83.60 -7.74 -28.31
N LYS H 387 84.60 -7.63 -27.44
CA LYS H 387 84.98 -6.35 -26.86
C LYS H 387 85.65 -5.48 -27.91
N ARG H 388 86.60 -6.07 -28.62
CA ARG H 388 87.42 -5.38 -29.60
C ARG H 388 86.57 -4.72 -30.69
N ILE H 389 85.63 -5.48 -31.24
CA ILE H 389 84.75 -4.97 -32.29
C ILE H 389 83.99 -3.73 -31.85
N ALA H 390 83.45 -3.76 -30.64
CA ALA H 390 82.59 -2.69 -30.14
C ALA H 390 83.35 -1.64 -29.34
N ILE H 391 83.89 -2.05 -28.20
CA ILE H 391 84.54 -1.12 -27.27
C ILE H 391 85.83 -0.49 -27.80
N ASP H 392 86.66 -1.31 -28.43
CA ASP H 392 87.97 -0.85 -28.89
C ASP H 392 87.89 -0.17 -30.26
N LYS H 393 86.67 -0.01 -30.76
CA LYS H 393 86.40 0.72 -32.00
C LYS H 393 87.06 0.04 -33.19
N GLU H 394 87.21 -1.28 -33.10
CA GLU H 394 87.97 -2.02 -34.10
C GLU H 394 87.07 -2.54 -35.23
N LYS H 395 87.57 -2.36 -36.46
CA LYS H 395 86.84 -2.72 -37.66
C LYS H 395 86.95 -4.21 -37.95
N PRO H 396 85.81 -4.85 -38.29
CA PRO H 396 85.80 -6.24 -38.75
C PRO H 396 86.60 -6.46 -40.04
N GLU H 397 86.59 -7.69 -40.55
CA GLU H 397 87.42 -8.09 -41.69
C GLU H 397 88.89 -7.85 -41.37
N LYS H 398 89.18 -7.77 -40.08
CA LYS H 398 90.53 -7.73 -39.55
C LYS H 398 90.57 -8.73 -38.41
N VAL H 399 89.78 -8.43 -37.39
CA VAL H 399 89.50 -9.36 -36.31
C VAL H 399 88.92 -10.65 -36.89
N ARG H 400 88.13 -10.49 -37.95
CA ARG H 400 87.54 -11.62 -38.67
C ARG H 400 88.61 -12.58 -39.19
N GLU H 401 89.77 -12.05 -39.56
CA GLU H 401 90.84 -12.86 -40.11
C GLU H 401 91.53 -13.70 -39.03
N ASP H 402 91.40 -13.26 -37.78
CA ASP H 402 91.81 -14.06 -36.64
C ASP H 402 90.74 -15.10 -36.34
N VAL H 403 89.49 -14.67 -36.45
CA VAL H 403 88.33 -15.53 -36.26
C VAL H 403 88.35 -16.71 -37.23
N LYS H 404 88.88 -16.50 -38.42
CA LYS H 404 89.03 -17.57 -39.40
C LYS H 404 89.83 -18.72 -38.81
N GLU H 405 91.11 -18.47 -38.55
CA GLU H 405 92.00 -19.46 -37.94
C GLU H 405 91.43 -20.06 -36.66
N PHE H 406 90.93 -19.19 -35.78
CA PHE H 406 90.38 -19.61 -34.49
C PHE H 406 89.24 -20.61 -34.63
N ALA H 407 88.29 -20.30 -35.51
CA ALA H 407 87.15 -21.18 -35.73
C ALA H 407 87.57 -22.43 -36.48
N LYS H 408 88.53 -22.28 -37.39
CA LYS H 408 88.98 -23.40 -38.20
C LYS H 408 89.82 -24.38 -37.41
N GLU H 409 90.26 -23.97 -36.23
CA GLU H 409 91.02 -24.89 -35.38
C GLU H 409 90.22 -26.14 -35.07
N TYR H 410 88.99 -25.96 -34.59
CA TYR H 410 88.14 -27.13 -34.34
C TYR H 410 86.93 -27.19 -35.28
N SER H 411 87.01 -28.08 -36.26
CA SER H 411 85.86 -28.44 -37.08
C SER H 411 85.26 -29.75 -36.60
N THR H 412 85.90 -30.34 -35.59
CA THR H 412 85.59 -31.69 -35.15
C THR H 412 84.57 -31.70 -34.02
N ILE H 413 83.70 -32.71 -34.03
CA ILE H 413 82.59 -32.77 -33.09
C ILE H 413 82.91 -33.58 -31.84
N HIS H 414 83.01 -32.89 -30.72
CA HIS H 414 83.14 -33.53 -29.42
C HIS H 414 81.79 -34.06 -28.98
N TYR H 415 81.79 -35.00 -28.03
CA TYR H 415 80.56 -35.60 -27.51
C TYR H 415 79.76 -36.27 -28.62
N SER H 416 80.47 -36.96 -29.50
CA SER H 416 79.85 -37.73 -30.57
C SER H 416 80.55 -39.07 -30.69
N PHE H 417 79.86 -40.08 -31.22
CA PHE H 417 80.46 -41.39 -31.34
C PHE H 417 81.41 -41.48 -32.53
N ASP H 418 81.09 -40.79 -33.61
CA ASP H 418 81.91 -40.83 -34.82
C ASP H 418 83.20 -40.04 -34.64
N GLU H 419 83.10 -38.90 -33.97
CA GLU H 419 84.25 -38.03 -33.69
C GLU H 419 84.96 -37.55 -34.96
N GLY H 420 84.23 -37.50 -36.06
CA GLY H 420 84.81 -37.11 -37.34
C GLY H 420 84.77 -35.62 -37.58
N ASP H 421 84.82 -35.24 -38.86
CA ASP H 421 84.79 -33.84 -39.27
C ASP H 421 83.36 -33.33 -39.38
N GLY H 422 83.04 -32.30 -38.60
CA GLY H 422 81.68 -31.79 -38.51
C GLY H 422 81.21 -31.01 -39.72
N PHE H 423 82.07 -30.14 -40.23
CA PHE H 423 81.70 -29.27 -41.35
C PHE H 423 82.00 -29.94 -42.69
N LYS H 424 82.39 -31.20 -42.64
CA LYS H 424 82.66 -32.00 -43.83
C LYS H 424 81.50 -31.97 -44.81
N TYR H 425 81.82 -31.69 -46.07
CA TYR H 425 80.82 -31.65 -47.13
C TYR H 425 80.87 -32.92 -47.98
N LEU H 426 79.70 -33.39 -48.39
CA LEU H 426 79.62 -34.62 -49.16
C LEU H 426 79.11 -34.41 -50.57
N ARG H 427 79.90 -34.86 -51.55
CA ARG H 427 79.47 -34.87 -52.94
C ARG H 427 78.85 -36.24 -53.20
N PHE H 428 77.54 -36.25 -53.44
CA PHE H 428 76.81 -37.51 -53.52
C PHE H 428 76.85 -38.14 -54.91
N TYR H 429 77.44 -37.44 -55.88
CA TYR H 429 77.65 -38.01 -57.21
C TYR H 429 78.72 -37.26 -57.99
N TYR I 3 -11.77 -68.88 -38.41
CA TYR I 3 -10.69 -68.43 -39.27
C TYR I 3 -11.20 -67.58 -40.43
N SER I 4 -12.23 -68.07 -41.12
CA SER I 4 -12.80 -67.32 -42.23
C SER I 4 -13.74 -66.23 -41.74
N ASP I 5 -14.11 -66.29 -40.47
CA ASP I 5 -15.00 -65.30 -39.86
C ASP I 5 -14.24 -64.20 -39.13
N VAL I 6 -12.91 -64.23 -39.22
CA VAL I 6 -12.03 -63.27 -38.54
C VAL I 6 -12.36 -61.77 -38.75
N PRO I 7 -12.69 -61.35 -39.99
CA PRO I 7 -13.00 -59.92 -40.16
C PRO I 7 -14.06 -59.38 -39.20
N LYS I 8 -15.14 -60.14 -39.01
CA LYS I 8 -16.16 -59.77 -38.03
C LYS I 8 -15.57 -59.71 -36.62
N PHE I 9 -14.71 -60.69 -36.32
CA PHE I 9 -14.08 -60.79 -35.01
C PHE I 9 -13.31 -59.52 -34.68
N ILE I 10 -12.37 -59.15 -35.55
CA ILE I 10 -11.56 -57.95 -35.30
C ILE I 10 -12.38 -56.68 -35.48
N ARG I 11 -13.51 -56.78 -36.16
CA ARG I 11 -14.41 -55.65 -36.28
C ARG I 11 -15.04 -55.33 -34.92
N ASP I 12 -15.61 -56.36 -34.29
CA ASP I 12 -16.18 -56.23 -32.96
C ASP I 12 -15.10 -55.90 -31.94
N VAL I 13 -13.89 -56.38 -32.21
CA VAL I 13 -12.71 -56.08 -31.40
C VAL I 13 -12.43 -54.58 -31.41
N SER I 14 -12.40 -54.03 -32.63
CA SER I 14 -12.17 -52.61 -32.83
C SER I 14 -13.25 -51.79 -32.13
N ILE I 15 -14.51 -52.15 -32.39
CA ILE I 15 -15.65 -51.48 -31.79
C ILE I 15 -15.60 -51.49 -30.26
N LYS I 16 -15.23 -52.63 -29.69
CA LYS I 16 -15.11 -52.77 -28.24
C LYS I 16 -13.99 -51.87 -27.71
N GLN I 17 -12.91 -51.74 -28.48
CA GLN I 17 -11.83 -50.83 -28.10
C GLN I 17 -12.31 -49.38 -28.09
N HIS I 18 -12.98 -48.98 -29.16
CA HIS I 18 -13.59 -47.65 -29.27
C HIS I 18 -14.47 -47.33 -28.07
N GLU I 19 -15.42 -48.22 -27.81
CA GLU I 19 -16.42 -48.03 -26.77
C GLU I 19 -15.80 -48.01 -25.38
N TRP I 20 -14.87 -48.92 -25.14
CA TRP I 20 -14.17 -48.97 -23.85
C TRP I 20 -13.35 -47.71 -23.62
N MET I 21 -12.74 -47.20 -24.69
CA MET I 21 -11.94 -45.98 -24.55
C MET I 21 -12.82 -44.76 -24.31
N ARG I 22 -13.95 -44.69 -25.01
CA ARG I 22 -14.91 -43.60 -24.80
C ARG I 22 -15.44 -43.62 -23.37
N GLU I 23 -15.81 -44.81 -22.90
CA GLU I 23 -16.37 -44.96 -21.56
C GLU I 23 -15.32 -44.76 -20.48
N SER I 24 -14.05 -44.80 -20.87
CA SER I 24 -12.97 -44.59 -19.93
C SER I 24 -12.33 -43.23 -20.11
N ILE I 25 -11.32 -42.94 -19.28
CA ILE I 25 -10.54 -41.72 -19.40
C ILE I 25 -9.12 -42.08 -19.81
N LYS I 26 -8.63 -41.46 -20.87
CA LYS I 26 -7.32 -41.82 -21.39
C LYS I 26 -6.25 -40.91 -20.81
N LEU I 27 -5.45 -41.45 -19.90
CA LEU I 27 -4.39 -40.69 -19.24
C LEU I 27 -3.01 -40.94 -19.83
N ILE I 28 -2.91 -41.87 -20.78
CA ILE I 28 -1.61 -42.22 -21.34
C ILE I 28 -1.08 -41.08 -22.20
N ALA I 29 0.13 -40.62 -21.88
CA ALA I 29 0.71 -39.46 -22.54
C ALA I 29 1.26 -39.79 -23.92
N SER I 30 1.58 -41.06 -24.15
CA SER I 30 2.11 -41.51 -25.42
C SER I 30 0.99 -41.75 -26.42
N GLU I 31 -0.24 -41.78 -25.94
CA GLU I 31 -1.40 -42.02 -26.78
C GLU I 31 -2.24 -40.76 -26.94
N ASN I 32 -2.77 -40.56 -28.14
CA ASN I 32 -3.63 -39.42 -28.42
C ASN I 32 -4.66 -39.76 -29.48
N ILE I 33 -5.79 -39.05 -29.46
CA ILE I 33 -6.89 -39.35 -30.37
C ILE I 33 -6.66 -38.77 -31.77
N THR I 34 -6.80 -39.63 -32.78
CA THR I 34 -6.68 -39.22 -34.17
C THR I 34 -7.74 -38.19 -34.53
N SER I 35 -7.34 -37.19 -35.31
CA SER I 35 -8.29 -36.21 -35.82
C SER I 35 -9.34 -36.93 -36.66
N LEU I 36 -10.59 -36.50 -36.54
CA LEU I 36 -11.71 -37.17 -37.19
C LEU I 36 -11.56 -37.22 -38.71
N ALA I 37 -11.04 -36.13 -39.29
CA ALA I 37 -10.90 -36.02 -40.74
C ALA I 37 -9.68 -36.78 -41.28
N VAL I 38 -8.74 -37.09 -40.40
CA VAL I 38 -7.49 -37.73 -40.79
C VAL I 38 -7.66 -39.22 -41.12
N ARG I 39 -8.49 -39.89 -40.33
CA ARG I 39 -8.66 -41.35 -40.45
C ARG I 39 -9.04 -41.82 -41.84
N GLU I 40 -9.83 -41.00 -42.55
CA GLU I 40 -10.18 -41.32 -43.93
C GLU I 40 -8.95 -41.29 -44.81
N ALA I 41 -8.11 -40.28 -44.60
CA ALA I 41 -6.85 -40.16 -45.33
C ALA I 41 -5.95 -41.33 -45.00
N CYS I 42 -6.10 -41.86 -43.79
CA CYS I 42 -5.36 -43.04 -43.38
C CYS I 42 -5.95 -44.31 -44.00
N ALA I 43 -7.19 -44.22 -44.45
CA ALA I 43 -7.87 -45.35 -45.07
C ALA I 43 -7.79 -45.35 -46.60
N THR I 44 -7.05 -44.41 -47.17
CA THR I 44 -7.05 -44.24 -48.64
C THR I 44 -6.22 -45.28 -49.38
N ASP I 45 -6.08 -45.08 -50.70
CA ASP I 45 -5.34 -45.97 -51.57
C ASP I 45 -3.84 -45.65 -51.52
N PHE I 46 -3.53 -44.52 -50.90
CA PHE I 46 -2.15 -44.05 -50.78
C PHE I 46 -1.24 -45.08 -50.10
N MET I 47 -1.84 -45.94 -49.28
CA MET I 47 -1.10 -46.97 -48.57
C MET I 47 -0.47 -47.98 -49.52
N HIS I 48 -0.99 -48.03 -50.74
CA HIS I 48 -0.57 -49.03 -51.72
C HIS I 48 0.58 -48.53 -52.58
N ARG I 49 1.05 -47.32 -52.31
CA ARG I 49 1.95 -46.65 -53.22
C ARG I 49 3.35 -46.42 -52.67
N TYR I 50 4.29 -46.25 -53.61
CA TYR I 50 5.66 -45.86 -53.31
C TYR I 50 5.96 -44.48 -53.88
N ALA I 51 6.06 -43.50 -53.00
CA ALA I 51 6.54 -42.18 -53.36
C ALA I 51 8.06 -42.14 -53.34
N GLU I 52 8.64 -42.75 -52.31
CA GLU I 52 10.04 -43.14 -52.29
C GLU I 52 10.99 -41.99 -52.56
N GLY I 53 10.65 -40.80 -52.08
CA GLY I 53 11.49 -39.65 -52.35
C GLY I 53 10.81 -38.31 -52.16
N LEU I 54 11.48 -37.29 -52.67
CA LEU I 54 10.99 -35.92 -52.61
C LEU I 54 10.41 -35.52 -53.96
N PRO I 55 9.41 -34.62 -53.95
CA PRO I 55 8.61 -34.33 -55.15
C PRO I 55 9.40 -33.91 -56.38
N GLY I 56 9.13 -34.57 -57.49
CA GLY I 56 9.78 -34.28 -58.75
C GLY I 56 11.07 -35.06 -58.91
N LYS I 57 11.63 -35.49 -57.79
CA LYS I 57 12.89 -36.24 -57.80
C LYS I 57 12.64 -37.75 -57.69
N ARG I 58 11.38 -38.14 -57.69
CA ARG I 58 10.98 -39.54 -57.56
C ARG I 58 11.52 -40.43 -58.67
N LEU I 59 11.94 -41.64 -58.29
CA LEU I 59 12.31 -42.67 -59.25
C LEU I 59 11.11 -43.59 -59.48
N TYR I 60 9.99 -43.26 -58.85
CA TYR I 60 8.72 -43.97 -59.08
C TYR I 60 7.69 -43.03 -59.73
N GLN I 61 6.50 -43.56 -60.04
CA GLN I 61 5.47 -42.79 -60.72
C GLN I 61 4.11 -42.86 -60.03
N GLY I 62 3.13 -42.18 -60.61
CA GLY I 62 1.81 -42.08 -60.02
C GLY I 62 1.87 -41.05 -58.90
N CYS I 63 2.96 -40.30 -58.90
CA CYS I 63 3.35 -39.47 -57.76
C CYS I 63 2.88 -38.03 -57.84
N LYS I 64 2.07 -37.67 -58.83
CA LYS I 64 1.65 -36.28 -58.98
C LYS I 64 0.91 -35.76 -57.74
N TYR I 65 -0.20 -36.42 -57.43
CA TYR I 65 -1.04 -36.04 -56.29
C TYR I 65 -0.27 -36.25 -54.99
N ILE I 66 0.52 -37.31 -54.96
CA ILE I 66 1.39 -37.61 -53.83
C ILE I 66 2.35 -36.46 -53.53
N ASP I 67 2.91 -35.88 -54.58
CA ASP I 67 3.83 -34.75 -54.47
C ASP I 67 3.08 -33.53 -53.99
N GLU I 68 1.89 -33.33 -54.55
CA GLU I 68 1.04 -32.22 -54.13
C GLU I 68 0.55 -32.40 -52.70
N VAL I 69 0.75 -33.59 -52.15
CA VAL I 69 0.53 -33.83 -50.73
C VAL I 69 1.79 -33.55 -49.92
N GLU I 70 2.85 -34.30 -50.20
CA GLU I 70 4.11 -34.22 -49.47
C GLU I 70 4.67 -32.80 -49.39
N THR I 71 4.54 -32.04 -50.47
CA THR I 71 4.95 -30.63 -50.44
C THR I 71 4.13 -29.87 -49.41
N LEU I 72 2.82 -30.10 -49.41
CA LEU I 72 1.91 -29.46 -48.47
C LEU I 72 2.28 -29.82 -47.03
N CYS I 73 2.63 -31.08 -46.80
CA CYS I 73 3.03 -31.53 -45.47
C CYS I 73 4.31 -30.81 -45.03
N ILE I 74 5.29 -30.78 -45.92
CA ILE I 74 6.58 -30.16 -45.65
C ILE I 74 6.42 -28.68 -45.29
N GLU I 75 5.70 -27.95 -46.15
CA GLU I 75 5.52 -26.52 -45.95
C GLU I 75 4.64 -26.21 -44.74
N LEU I 76 3.65 -27.06 -44.48
CA LEU I 76 2.82 -26.90 -43.30
C LEU I 76 3.65 -27.09 -42.03
N SER I 77 4.58 -28.04 -42.08
CA SER I 77 5.48 -28.27 -40.97
C SER I 77 6.39 -27.06 -40.74
N LYS I 78 7.06 -26.64 -41.80
CA LYS I 78 7.95 -25.48 -41.74
C LYS I 78 7.22 -24.25 -41.21
N GLU I 79 5.99 -24.06 -41.65
CA GLU I 79 5.17 -22.92 -41.25
C GLU I 79 4.74 -22.98 -39.80
N LEU I 80 4.35 -24.18 -39.37
CA LEU I 80 3.89 -24.37 -38.00
C LEU I 80 5.02 -24.21 -36.99
N PHE I 81 6.19 -24.78 -37.30
CA PHE I 81 7.29 -24.78 -36.34
C PHE I 81 8.29 -23.64 -36.57
N LYS I 82 8.04 -22.84 -37.61
CA LYS I 82 8.93 -21.74 -38.00
C LYS I 82 10.35 -22.22 -38.26
N ALA I 83 10.48 -23.48 -38.68
CA ALA I 83 11.75 -24.04 -39.09
C ALA I 83 11.94 -23.82 -40.59
N GLU I 84 13.17 -23.56 -41.01
CA GLU I 84 13.42 -23.25 -42.41
C GLU I 84 13.51 -24.50 -43.29
N HIS I 85 13.46 -25.68 -42.66
CA HIS I 85 13.42 -26.93 -43.41
C HIS I 85 12.71 -28.05 -42.66
N ALA I 86 12.07 -28.96 -43.40
CA ALA I 86 11.34 -30.07 -42.80
C ALA I 86 11.41 -31.35 -43.64
N ASN I 87 11.49 -32.48 -42.96
CA ASN I 87 11.35 -33.80 -43.58
C ASN I 87 10.29 -34.61 -42.86
N VAL I 88 9.19 -34.91 -43.56
CA VAL I 88 8.06 -35.61 -42.97
C VAL I 88 8.06 -37.11 -43.24
N GLN I 89 9.01 -37.57 -44.05
CA GLN I 89 9.04 -38.96 -44.51
C GLN I 89 9.16 -40.10 -43.47
N PRO I 90 9.91 -39.89 -42.36
CA PRO I 90 10.06 -40.98 -41.39
C PRO I 90 8.78 -41.69 -40.96
N THR I 91 8.85 -43.02 -40.92
CA THR I 91 7.71 -43.87 -40.64
C THR I 91 7.48 -44.08 -39.14
N SER I 92 8.43 -43.65 -38.32
CA SER I 92 8.26 -43.68 -36.87
C SER I 92 9.17 -42.65 -36.20
N GLY I 93 8.86 -42.33 -34.95
CA GLY I 93 9.67 -41.41 -34.18
C GLY I 93 11.04 -41.98 -33.93
N VAL I 94 11.11 -43.31 -33.76
CA VAL I 94 12.37 -44.01 -33.60
C VAL I 94 13.19 -43.90 -34.88
N VAL I 95 12.48 -44.03 -36.00
CA VAL I 95 13.06 -43.86 -37.33
C VAL I 95 13.52 -42.42 -37.52
N ALA I 96 12.67 -41.48 -37.07
CA ALA I 96 12.97 -40.06 -37.14
C ALA I 96 14.28 -39.75 -36.41
N ASN I 97 14.44 -40.33 -35.23
CA ASN I 97 15.68 -40.20 -34.46
C ASN I 97 16.86 -40.82 -35.20
N LEU I 98 16.65 -42.05 -35.68
CA LEU I 98 17.69 -42.83 -36.30
C LEU I 98 18.29 -42.16 -37.53
N ALA I 99 17.45 -41.49 -38.32
CA ALA I 99 17.92 -40.78 -39.50
C ALA I 99 18.86 -39.63 -39.14
N VAL I 100 18.52 -38.93 -38.06
CA VAL I 100 19.36 -37.85 -37.57
C VAL I 100 20.69 -38.40 -37.04
N PHE I 101 20.61 -39.48 -36.27
CA PHE I 101 21.80 -40.12 -35.72
C PHE I 101 22.73 -40.52 -36.85
N PHE I 102 22.15 -41.08 -37.89
CA PHE I 102 22.88 -41.44 -39.10
C PHE I 102 23.57 -40.21 -39.67
N ALA I 103 22.79 -39.15 -39.86
CA ALA I 103 23.30 -37.94 -40.51
C ALA I 103 24.48 -37.32 -39.77
N GLU I 104 24.29 -37.00 -38.50
CA GLU I 104 25.24 -36.15 -37.78
C GLU I 104 26.27 -36.89 -36.92
N THR I 105 26.26 -38.22 -36.93
CA THR I 105 27.24 -38.96 -36.15
C THR I 105 27.93 -40.08 -36.94
N LYS I 106 29.25 -40.19 -36.76
CA LYS I 106 29.98 -41.37 -37.22
C LYS I 106 30.01 -42.37 -36.07
N PRO I 107 30.13 -43.67 -36.39
CA PRO I 107 30.16 -44.69 -35.33
C PRO I 107 31.32 -44.49 -34.36
N GLY I 108 31.06 -44.71 -33.07
CA GLY I 108 32.07 -44.55 -32.05
C GLY I 108 32.04 -43.17 -31.44
N ASP I 109 30.95 -42.45 -31.65
CA ASP I 109 30.81 -41.11 -31.09
C ASP I 109 30.00 -41.12 -29.80
N LYS I 110 30.40 -40.28 -28.85
CA LYS I 110 29.73 -40.18 -27.58
C LYS I 110 28.47 -39.33 -27.71
N LEU I 111 27.32 -39.92 -27.43
CA LEU I 111 26.04 -39.22 -27.57
C LEU I 111 25.56 -38.67 -26.24
N MET I 112 25.31 -37.38 -26.18
CA MET I 112 24.90 -36.76 -24.92
C MET I 112 23.38 -36.79 -24.83
N ALA I 113 22.85 -37.62 -23.93
CA ALA I 113 21.41 -37.88 -23.91
C ALA I 113 20.87 -38.15 -22.51
N LEU I 114 19.57 -38.40 -22.43
CA LEU I 114 18.89 -38.56 -21.15
C LEU I 114 18.62 -40.02 -20.83
N SER I 115 18.98 -40.43 -19.61
CA SER I 115 18.84 -41.83 -19.19
C SER I 115 17.39 -42.23 -19.02
N VAL I 116 17.07 -43.44 -19.46
CA VAL I 116 15.75 -44.02 -19.24
C VAL I 116 15.39 -44.06 -17.76
N PRO I 117 16.28 -44.61 -16.90
CA PRO I 117 15.88 -44.59 -15.49
C PRO I 117 15.76 -43.18 -14.94
N ASP I 118 16.63 -42.28 -15.39
CA ASP I 118 16.65 -40.90 -14.94
C ASP I 118 15.46 -40.11 -15.47
N GLY I 119 14.64 -40.77 -16.30
CA GLY I 119 13.43 -40.16 -16.81
C GLY I 119 13.46 -39.77 -18.27
N GLY I 120 14.51 -40.19 -18.96
CA GLY I 120 14.62 -39.95 -20.39
C GLY I 120 13.89 -41.01 -21.20
N HIS I 121 14.33 -41.18 -22.44
CA HIS I 121 13.72 -42.16 -23.32
C HIS I 121 14.76 -43.13 -23.84
N ILE I 122 14.31 -44.28 -24.31
CA ILE I 122 15.17 -45.18 -25.07
C ILE I 122 15.37 -44.54 -26.44
N SER I 123 16.03 -45.27 -27.34
CA SER I 123 16.42 -44.76 -28.66
C SER I 123 17.47 -43.67 -28.53
N HIS I 124 17.71 -43.24 -27.30
CA HIS I 124 18.85 -42.40 -26.96
C HIS I 124 19.96 -43.27 -26.36
N TRP I 125 19.70 -44.57 -26.30
CA TRP I 125 20.59 -45.48 -25.61
C TRP I 125 20.91 -46.73 -26.39
N LYS I 126 21.94 -47.45 -25.93
CA LYS I 126 22.31 -48.71 -26.52
C LYS I 126 21.12 -49.65 -26.35
N VAL I 127 21.07 -50.69 -27.17
CA VAL I 127 19.88 -51.23 -27.86
C VAL I 127 19.42 -50.15 -28.88
N SER I 128 18.14 -49.82 -28.99
CA SER I 128 17.62 -49.14 -30.17
C SER I 128 18.29 -47.81 -30.54
N ALA I 129 18.83 -47.77 -31.74
CA ALA I 129 19.06 -46.56 -32.53
C ALA I 129 20.05 -45.53 -31.99
N ALA I 130 20.58 -45.73 -30.77
CA ALA I 130 21.86 -45.19 -30.34
C ALA I 130 22.95 -46.24 -30.49
N GLY I 131 22.61 -47.47 -30.14
CA GLY I 131 23.52 -48.58 -30.24
C GLY I 131 23.84 -48.92 -31.67
N ILE I 132 22.78 -48.98 -32.48
CA ILE I 132 22.90 -49.36 -33.89
C ILE I 132 23.79 -48.41 -34.68
N ARG I 133 23.95 -47.19 -34.16
CA ARG I 133 24.73 -46.16 -34.82
C ARG I 133 26.20 -46.21 -34.39
N GLY I 134 26.54 -47.25 -33.62
CA GLY I 134 27.89 -47.34 -33.10
C GLY I 134 27.99 -47.00 -31.62
N LEU I 135 26.83 -46.97 -30.96
CA LEU I 135 26.74 -46.89 -29.50
C LEU I 135 27.44 -45.68 -28.89
N LYS I 136 28.12 -45.92 -27.77
CA LYS I 136 28.83 -44.88 -27.01
C LYS I 136 27.90 -43.74 -26.58
N VAL I 137 27.06 -44.00 -25.59
CA VAL I 137 26.14 -42.99 -25.07
C VAL I 137 26.51 -42.55 -23.64
N ILE I 138 26.55 -41.23 -23.42
CA ILE I 138 26.73 -40.67 -22.09
C ILE I 138 25.50 -39.89 -21.64
N ASN I 139 25.20 -39.97 -20.36
CA ASN I 139 23.99 -39.40 -19.78
C ASN I 139 24.04 -37.91 -19.47
N HIS I 140 22.88 -37.27 -19.46
CA HIS I 140 22.75 -35.91 -18.96
C HIS I 140 22.83 -35.89 -17.44
N PRO I 141 23.62 -34.96 -16.88
CA PRO I 141 23.54 -34.74 -15.43
C PRO I 141 22.14 -34.26 -15.07
N PHE I 142 21.50 -34.90 -14.10
CA PHE I 142 20.07 -34.69 -13.88
C PHE I 142 19.75 -34.38 -12.42
N ASP I 143 18.85 -33.41 -12.22
CA ASP I 143 18.31 -33.13 -10.90
C ASP I 143 17.04 -33.96 -10.68
N PRO I 144 17.10 -34.93 -9.75
CA PRO I 144 15.93 -35.74 -9.41
C PRO I 144 14.82 -34.96 -8.70
N GLU I 145 15.21 -34.07 -7.78
CA GLU I 145 14.26 -33.42 -6.87
C GLU I 145 13.14 -32.67 -7.61
N GLU I 146 13.52 -31.69 -8.42
CA GLU I 146 12.60 -31.16 -9.41
C GLU I 146 13.01 -31.84 -10.70
N MET I 147 12.07 -32.24 -11.54
CA MET I 147 12.52 -33.07 -12.65
C MET I 147 12.90 -32.21 -13.84
N ASN I 148 14.20 -32.02 -13.99
CA ASN I 148 14.77 -31.36 -15.15
C ASN I 148 16.27 -31.66 -15.18
N ILE I 149 16.89 -31.47 -16.33
CA ILE I 149 18.32 -31.68 -16.48
C ILE I 149 19.09 -30.69 -15.59
N ASP I 150 20.20 -31.15 -15.02
CA ASP I 150 21.07 -30.29 -14.23
C ASP I 150 22.13 -29.69 -15.15
N ALA I 151 22.02 -28.40 -15.39
CA ALA I 151 22.76 -27.73 -16.46
C ALA I 151 24.20 -27.40 -16.10
N ASP I 152 24.39 -26.90 -14.88
CA ASP I 152 25.71 -26.46 -14.45
C ASP I 152 26.69 -27.62 -14.45
N ALA I 153 26.18 -28.82 -14.16
CA ALA I 153 26.96 -30.04 -14.26
C ALA I 153 27.04 -30.50 -15.71
N MET I 154 25.98 -30.22 -16.47
CA MET I 154 25.89 -30.61 -17.87
C MET I 154 27.02 -30.00 -18.71
N VAL I 155 27.32 -28.74 -18.45
CA VAL I 155 28.39 -28.05 -19.17
C VAL I 155 29.73 -28.76 -18.99
N LYS I 156 30.12 -28.95 -17.73
CA LYS I 156 31.33 -29.70 -17.39
C LYS I 156 31.31 -31.06 -18.07
N LYS I 157 30.14 -31.71 -18.06
CA LYS I 157 29.98 -33.03 -18.66
C LYS I 157 30.24 -32.99 -20.17
N ILE I 158 29.89 -31.88 -20.81
CA ILE I 158 30.14 -31.71 -22.23
C ILE I 158 31.62 -31.51 -22.51
N LEU I 159 32.24 -30.59 -21.77
CA LEU I 159 33.65 -30.30 -21.98
C LEU I 159 34.55 -31.49 -21.68
N GLU I 160 34.15 -32.32 -20.72
CA GLU I 160 34.93 -33.49 -20.32
C GLU I 160 35.19 -34.48 -21.46
N GLU I 161 34.13 -35.15 -21.91
CA GLU I 161 34.29 -36.27 -22.84
C GLU I 161 34.11 -35.91 -24.32
N LYS I 162 33.79 -34.65 -24.60
CA LYS I 162 33.68 -34.15 -25.97
C LYS I 162 32.75 -35.00 -26.86
N PRO I 163 31.43 -34.89 -26.65
CA PRO I 163 30.45 -35.64 -27.46
C PRO I 163 30.31 -35.10 -28.88
N LYS I 164 29.85 -35.95 -29.81
CA LYS I 164 29.55 -35.50 -31.17
C LYS I 164 28.18 -34.84 -31.28
N LEU I 165 27.19 -35.43 -30.61
CA LEU I 165 25.81 -34.97 -30.69
C LEU I 165 25.16 -34.91 -29.32
N ILE I 166 24.53 -33.77 -29.00
CA ILE I 166 23.84 -33.62 -27.73
C ILE I 166 22.32 -33.78 -27.90
N LEU I 167 21.77 -34.76 -27.19
CA LEU I 167 20.35 -35.10 -27.34
C LEU I 167 19.51 -34.60 -26.18
N PHE I 168 18.42 -33.91 -26.51
CA PHE I 168 17.47 -33.47 -25.49
C PHE I 168 16.12 -34.14 -25.70
N GLY I 169 15.18 -33.82 -24.82
CA GLY I 169 13.86 -34.44 -24.85
C GLY I 169 13.83 -35.71 -24.04
N GLY I 170 12.66 -36.04 -23.51
CA GLY I 170 12.51 -37.23 -22.68
C GLY I 170 11.11 -37.79 -22.60
N SER I 171 10.99 -38.99 -22.06
CA SER I 171 9.68 -39.60 -21.83
C SER I 171 8.99 -38.94 -20.65
N LEU I 172 9.77 -38.55 -19.65
CA LEU I 172 9.27 -37.79 -18.52
C LEU I 172 9.68 -36.34 -18.69
N PHE I 173 8.70 -35.47 -18.94
CA PHE I 173 9.01 -34.10 -19.34
C PHE I 173 8.07 -33.05 -18.72
N PRO I 174 8.13 -32.88 -17.39
CA PRO I 174 7.29 -31.85 -16.75
C PRO I 174 7.67 -30.42 -17.10
N PHE I 175 8.97 -30.11 -17.11
CA PHE I 175 9.43 -28.75 -17.39
C PHE I 175 10.41 -28.80 -18.56
N PRO I 176 10.51 -27.71 -19.34
CA PRO I 176 11.35 -27.69 -20.55
C PRO I 176 12.84 -27.86 -20.25
N HIS I 177 13.51 -28.61 -21.11
CA HIS I 177 14.94 -28.84 -20.96
C HIS I 177 15.74 -27.55 -21.11
N PRO I 178 16.83 -27.42 -20.35
CA PRO I 178 17.74 -26.27 -20.43
C PRO I 178 18.62 -26.34 -21.67
N VAL I 179 18.03 -26.05 -22.83
CA VAL I 179 18.74 -26.16 -24.10
C VAL I 179 19.90 -25.17 -24.20
N ALA I 180 19.62 -23.90 -23.96
CA ALA I 180 20.59 -22.83 -24.12
C ALA I 180 21.80 -22.98 -23.20
N ASP I 181 21.59 -23.63 -22.07
CA ASP I 181 22.66 -23.85 -21.10
C ASP I 181 23.81 -24.64 -21.71
N ALA I 182 23.48 -25.47 -22.69
CA ALA I 182 24.46 -26.30 -23.39
C ALA I 182 24.94 -25.67 -24.70
N TYR I 183 24.36 -24.51 -25.04
CA TYR I 183 24.63 -23.87 -26.32
C TYR I 183 26.11 -23.61 -26.53
N GLU I 184 26.64 -22.62 -25.80
CA GLU I 184 28.02 -22.18 -25.97
C GLU I 184 28.96 -23.36 -25.90
N ALA I 185 28.79 -24.17 -24.86
CA ALA I 185 29.62 -25.34 -24.62
C ALA I 185 29.71 -26.19 -25.88
N ALA I 186 28.56 -26.52 -26.45
CA ALA I 186 28.50 -27.32 -27.66
C ALA I 186 29.35 -26.69 -28.75
N GLN I 187 29.11 -25.41 -29.02
CA GLN I 187 29.81 -24.67 -30.06
C GLN I 187 31.32 -24.66 -29.80
N GLU I 188 31.70 -24.72 -28.52
CA GLU I 188 33.10 -24.77 -28.14
C GLU I 188 33.69 -26.16 -28.35
N VAL I 189 32.89 -27.18 -28.07
CA VAL I 189 33.36 -28.57 -28.13
C VAL I 189 33.06 -29.18 -29.50
N GLY I 190 32.42 -28.41 -30.36
CA GLY I 190 32.14 -28.85 -31.72
C GLY I 190 31.18 -30.01 -31.81
N ALA I 191 29.99 -29.82 -31.24
CA ALA I 191 28.96 -30.84 -31.26
C ALA I 191 27.62 -30.26 -31.66
N LYS I 192 26.96 -30.93 -32.61
CA LYS I 192 25.63 -30.52 -33.04
C LYS I 192 24.59 -30.92 -31.99
N ILE I 193 23.45 -30.23 -32.00
CA ILE I 193 22.42 -30.46 -30.99
C ILE I 193 21.08 -30.87 -31.59
N ALA I 194 20.56 -31.98 -31.09
CA ALA I 194 19.26 -32.49 -31.53
C ALA I 194 18.27 -32.56 -30.36
N TYR I 195 17.10 -31.98 -30.58
CA TYR I 195 16.02 -32.04 -29.61
C TYR I 195 15.01 -33.10 -30.02
N ASP I 196 14.79 -34.07 -29.14
CA ASP I 196 13.79 -35.10 -29.39
C ASP I 196 12.49 -34.64 -28.76
N GLY I 197 11.54 -34.24 -29.60
CA GLY I 197 10.31 -33.66 -29.12
C GLY I 197 9.11 -34.55 -29.25
N ALA I 198 9.35 -35.84 -29.43
CA ALA I 198 8.30 -36.80 -29.78
C ALA I 198 7.07 -36.70 -28.89
N HIS I 199 7.28 -36.58 -27.59
CA HIS I 199 6.18 -36.42 -26.65
C HIS I 199 5.58 -35.02 -26.70
N VAL I 200 6.43 -34.01 -26.59
CA VAL I 200 6.00 -32.64 -26.33
C VAL I 200 5.84 -31.76 -27.57
N LEU I 201 6.01 -32.35 -28.75
CA LEU I 201 6.00 -31.60 -30.01
C LEU I 201 4.76 -30.71 -30.18
N GLY I 202 3.62 -31.20 -29.71
CA GLY I 202 2.37 -30.46 -29.82
C GLY I 202 2.36 -29.15 -29.04
N LEU I 203 2.91 -29.18 -27.83
CA LEU I 203 2.96 -27.99 -26.98
C LEU I 203 3.93 -26.95 -27.56
N ILE I 204 4.94 -27.44 -28.26
CA ILE I 204 5.89 -26.57 -28.92
C ILE I 204 5.26 -25.90 -30.13
N ALA I 205 4.58 -26.70 -30.95
CA ALA I 205 3.86 -26.19 -32.11
C ALA I 205 2.72 -25.27 -31.66
N GLY I 206 2.12 -25.59 -30.53
CA GLY I 206 1.00 -24.84 -30.00
C GLY I 206 1.43 -23.60 -29.23
N LYS I 207 2.69 -23.21 -29.44
CA LYS I 207 3.27 -22.03 -28.83
C LYS I 207 3.14 -22.02 -27.32
N GLN I 208 3.87 -22.94 -26.68
CA GLN I 208 4.06 -22.93 -25.23
C GLN I 208 5.28 -23.79 -24.97
N PHE I 209 5.57 -24.07 -23.70
CA PHE I 209 6.78 -24.79 -23.30
C PHE I 209 8.01 -24.02 -23.79
N GLN I 210 8.78 -24.63 -24.69
CA GLN I 210 10.03 -24.03 -25.16
C GLN I 210 10.06 -23.85 -26.66
N ASP I 211 11.03 -23.05 -27.11
CA ASP I 211 11.26 -22.81 -28.53
C ASP I 211 12.66 -23.35 -28.88
N PRO I 212 12.75 -24.67 -29.10
CA PRO I 212 14.00 -25.42 -29.18
C PRO I 212 14.98 -24.87 -30.21
N LEU I 213 14.50 -24.55 -31.41
CA LEU I 213 15.36 -24.11 -32.49
C LEU I 213 16.04 -22.78 -32.16
N ARG I 214 15.27 -21.85 -31.60
CA ARG I 214 15.80 -20.52 -31.27
C ARG I 214 16.63 -20.54 -29.99
N GLU I 215 16.64 -21.68 -29.31
CA GLU I 215 17.46 -21.85 -28.12
C GLU I 215 18.81 -22.47 -28.48
N GLY I 216 19.04 -22.65 -29.78
CA GLY I 216 20.31 -23.15 -30.27
C GLY I 216 20.30 -24.57 -30.83
N ALA I 217 19.19 -25.28 -30.66
CA ALA I 217 19.08 -26.63 -31.20
C ALA I 217 18.99 -26.57 -32.72
N GLU I 218 19.93 -27.24 -33.37
CA GLU I 218 20.01 -27.24 -34.83
C GLU I 218 19.15 -28.34 -35.43
N TYR I 219 18.72 -29.27 -34.57
CA TYR I 219 17.82 -30.32 -34.99
C TYR I 219 16.61 -30.44 -34.07
N LEU I 220 15.47 -30.73 -34.65
CA LEU I 220 14.29 -31.10 -33.87
C LEU I 220 13.64 -32.29 -34.56
N MET I 221 13.56 -33.43 -33.89
CA MET I 221 12.85 -34.55 -34.51
C MET I 221 11.90 -35.19 -33.50
N GLY I 222 10.71 -35.55 -33.96
CA GLY I 222 9.73 -36.09 -33.05
C GLY I 222 8.54 -36.80 -33.67
N SER I 223 7.88 -37.61 -32.86
CA SER I 223 6.68 -38.32 -33.26
C SER I 223 5.57 -37.34 -33.61
N THR I 224 4.74 -37.72 -34.56
CA THR I 224 3.61 -36.88 -34.94
C THR I 224 2.31 -37.25 -34.20
N HIS I 225 2.32 -38.37 -33.48
CA HIS I 225 1.09 -38.87 -32.84
C HIS I 225 0.92 -38.59 -31.34
N LYS I 226 1.88 -37.92 -30.70
CA LYS I 226 1.77 -37.70 -29.28
C LYS I 226 1.10 -36.66 -28.46
N THR I 227 1.62 -35.44 -28.48
CA THR I 227 0.91 -34.19 -28.21
C THR I 227 0.44 -33.58 -29.54
N PHE I 228 1.29 -33.69 -30.55
CA PHE I 228 0.82 -33.48 -31.92
C PHE I 228 -0.20 -34.59 -32.16
N PHE I 229 -1.41 -34.23 -32.53
CA PHE I 229 -2.49 -35.21 -32.59
C PHE I 229 -2.56 -35.94 -33.93
N GLY I 230 -1.63 -35.63 -34.82
CA GLY I 230 -1.60 -36.25 -36.13
C GLY I 230 -1.40 -37.75 -36.05
N PRO I 231 -1.55 -38.44 -37.19
CA PRO I 231 -1.38 -39.89 -37.21
C PRO I 231 0.06 -40.32 -36.89
N GLN I 232 0.30 -41.62 -36.95
CA GLN I 232 1.58 -42.21 -36.55
C GLN I 232 2.71 -41.79 -37.48
N GLY I 233 3.94 -41.98 -37.03
CA GLY I 233 5.10 -41.54 -37.76
C GLY I 233 5.78 -40.34 -37.11
N GLY I 234 6.78 -39.79 -37.78
CA GLY I 234 7.53 -38.68 -37.21
C GLY I 234 8.03 -37.68 -38.24
N VAL I 235 8.55 -36.57 -37.74
CA VAL I 235 8.97 -35.47 -38.60
C VAL I 235 10.24 -34.81 -38.05
N ILE I 236 11.03 -34.21 -38.93
CA ILE I 236 12.24 -33.51 -38.55
C ILE I 236 12.26 -32.07 -39.06
N LEU I 237 12.24 -31.12 -38.13
CA LEU I 237 12.45 -29.71 -38.43
C LEU I 237 13.93 -29.38 -38.24
N THR I 238 14.54 -28.76 -39.25
CA THR I 238 15.95 -28.38 -39.16
C THR I 238 16.30 -27.23 -40.09
N THR I 239 17.59 -26.88 -40.14
CA THR I 239 18.06 -25.74 -40.91
C THR I 239 18.24 -26.01 -42.40
N LYS I 240 18.18 -24.94 -43.19
CA LYS I 240 18.37 -25.00 -44.64
C LYS I 240 19.73 -25.60 -45.00
N GLU I 241 20.73 -25.29 -44.19
CA GLU I 241 22.07 -25.86 -44.39
C GLU I 241 22.04 -27.37 -44.34
N ASN I 242 21.27 -27.91 -43.40
CA ASN I 242 21.26 -29.34 -43.13
C ASN I 242 20.26 -30.10 -43.99
N ALA I 243 19.61 -29.39 -44.90
CA ALA I 243 18.56 -29.97 -45.74
C ALA I 243 19.00 -31.23 -46.49
N ASP I 244 20.10 -31.12 -47.24
CA ASP I 244 20.55 -32.21 -48.10
C ASP I 244 20.94 -33.45 -47.30
N LYS I 245 21.71 -33.26 -46.23
CA LYS I 245 22.17 -34.38 -45.42
C LYS I 245 21.03 -35.16 -44.78
N ILE I 246 20.07 -34.45 -44.20
CA ILE I 246 18.99 -35.11 -43.49
C ILE I 246 17.93 -35.66 -44.44
N ASP I 247 17.74 -35.02 -45.58
CA ASP I 247 16.77 -35.51 -46.56
C ASP I 247 17.33 -36.69 -47.34
N SER I 248 18.65 -36.78 -47.41
CA SER I 248 19.30 -37.95 -47.99
C SER I 248 19.38 -39.12 -47.00
N HIS I 249 19.71 -38.82 -45.75
CA HIS I 249 19.84 -39.88 -44.73
C HIS I 249 18.48 -40.50 -44.40
N VAL I 250 17.42 -39.87 -44.89
CA VAL I 250 16.11 -40.51 -44.98
C VAL I 250 15.91 -40.88 -46.45
N PHE I 251 15.92 -42.18 -46.77
CA PHE I 251 15.93 -42.59 -48.18
C PHE I 251 17.04 -42.12 -49.11
N PRO I 252 18.24 -42.70 -48.99
CA PRO I 252 18.44 -44.12 -48.68
C PRO I 252 18.44 -44.59 -47.21
N GLY I 253 18.87 -43.75 -46.26
CA GLY I 253 19.19 -44.24 -44.93
C GLY I 253 18.07 -44.98 -44.23
N VAL I 254 16.94 -44.31 -44.03
CA VAL I 254 15.72 -44.99 -43.64
C VAL I 254 14.77 -44.77 -44.81
N VAL I 255 14.23 -45.85 -45.34
CA VAL I 255 14.06 -45.92 -46.78
C VAL I 255 12.64 -46.21 -47.27
N SER I 256 12.49 -46.24 -48.59
CA SER I 256 11.28 -46.65 -49.30
C SER I 256 10.05 -45.78 -49.03
N ASN I 257 8.90 -46.41 -48.79
CA ASN I 257 7.64 -45.67 -48.66
C ASN I 257 7.43 -45.06 -47.28
N HIS I 258 6.85 -43.87 -47.28
CA HIS I 258 6.70 -43.08 -46.07
C HIS I 258 5.35 -43.31 -45.40
N HIS I 259 4.61 -44.31 -45.90
CA HIS I 259 3.22 -44.54 -45.51
C HIS I 259 2.40 -43.31 -45.88
N LEU I 260 2.17 -43.14 -47.18
CA LEU I 260 1.56 -41.94 -47.75
C LEU I 260 0.16 -41.60 -47.23
N HIS I 261 -0.50 -42.57 -46.61
CA HIS I 261 -1.78 -42.30 -45.97
C HIS I 261 -1.56 -41.50 -44.68
N HIS I 262 -0.56 -41.92 -43.91
CA HIS I 262 -0.16 -41.21 -42.71
C HIS I 262 0.22 -39.77 -43.06
N LYS I 263 0.83 -39.59 -44.22
CA LYS I 263 1.24 -38.27 -44.70
C LYS I 263 0.03 -37.43 -45.10
N ALA I 264 -0.85 -38.04 -45.89
CA ALA I 264 -2.07 -37.41 -46.34
C ALA I 264 -2.88 -36.90 -45.16
N GLY I 265 -2.92 -37.67 -44.08
CA GLY I 265 -3.59 -37.24 -42.87
C GLY I 265 -2.77 -36.22 -42.09
N LEU I 266 -1.45 -36.36 -42.20
CA LEU I 266 -0.52 -35.48 -41.50
C LEU I 266 -0.72 -34.05 -41.93
N ALA I 267 -0.94 -33.84 -43.23
CA ALA I 267 -1.25 -32.51 -43.74
C ALA I 267 -2.46 -31.92 -43.00
N ILE I 268 -3.52 -32.73 -42.91
CA ILE I 268 -4.76 -32.34 -42.23
C ILE I 268 -4.50 -31.91 -40.81
N ALA I 269 -3.81 -32.75 -40.05
CA ALA I 269 -3.52 -32.46 -38.64
C ALA I 269 -2.67 -31.19 -38.49
N LEU I 270 -1.70 -31.04 -39.39
CA LEU I 270 -0.86 -29.85 -39.44
C LEU I 270 -1.71 -28.60 -39.56
N ALA I 271 -2.60 -28.57 -40.54
CA ALA I 271 -3.52 -27.45 -40.72
C ALA I 271 -4.34 -27.22 -39.45
N GLU I 272 -4.89 -28.31 -38.92
CA GLU I 272 -5.74 -28.26 -37.73
C GLU I 272 -5.08 -27.55 -36.56
N MET I 273 -3.89 -27.99 -36.17
CA MET I 273 -3.22 -27.36 -35.02
C MET I 273 -2.59 -26.04 -35.40
N LEU I 274 -2.45 -25.79 -36.71
CA LEU I 274 -2.03 -24.48 -37.15
C LEU I 274 -3.14 -23.50 -36.81
N GLU I 275 -4.38 -23.97 -36.89
CA GLU I 275 -5.54 -23.17 -36.48
C GLU I 275 -5.78 -23.11 -34.96
N PHE I 276 -5.83 -24.28 -34.31
CA PHE I 276 -6.27 -24.39 -32.92
C PHE I 276 -5.14 -24.51 -31.87
N GLY I 277 -3.90 -24.43 -32.32
CA GLY I 277 -2.74 -24.79 -31.51
C GLY I 277 -2.55 -24.23 -30.11
N GLU I 278 -2.61 -22.92 -29.95
CA GLU I 278 -2.36 -22.30 -28.65
C GLU I 278 -3.49 -22.57 -27.68
N ALA I 279 -4.71 -22.42 -28.17
CA ALA I 279 -5.91 -22.70 -27.40
C ALA I 279 -5.92 -24.14 -26.92
N TYR I 280 -5.33 -25.03 -27.72
CA TYR I 280 -5.19 -26.42 -27.32
C TYR I 280 -4.10 -26.57 -26.25
N ALA I 281 -2.85 -26.34 -26.66
CA ALA I 281 -1.66 -26.58 -25.83
C ALA I 281 -1.70 -25.92 -24.46
N LYS I 282 -2.00 -24.61 -24.43
CA LYS I 282 -1.97 -23.88 -23.17
C LYS I 282 -2.98 -24.50 -22.20
N GLN I 283 -4.13 -24.88 -22.73
CA GLN I 283 -5.18 -25.50 -21.92
C GLN I 283 -4.79 -26.91 -21.46
N VAL I 284 -4.03 -27.61 -22.29
CA VAL I 284 -3.54 -28.93 -21.91
C VAL I 284 -2.62 -28.81 -20.70
N ILE I 285 -1.73 -27.82 -20.75
CA ILE I 285 -0.84 -27.55 -19.62
C ILE I 285 -1.62 -27.10 -18.38
N LYS I 286 -2.64 -26.27 -18.60
CA LYS I 286 -3.55 -25.88 -17.52
C LYS I 286 -4.15 -27.10 -16.86
N ASN I 287 -4.55 -28.08 -17.68
CA ASN I 287 -5.16 -29.30 -17.20
C ASN I 287 -4.19 -30.22 -16.48
N ALA I 288 -2.92 -30.16 -16.86
CA ALA I 288 -1.90 -30.93 -16.16
C ALA I 288 -1.67 -30.34 -14.78
N LYS I 289 -1.52 -29.02 -14.74
CA LYS I 289 -1.36 -28.29 -13.48
C LYS I 289 -2.56 -28.52 -12.56
N ALA I 290 -3.75 -28.55 -13.15
CA ALA I 290 -4.99 -28.72 -12.40
C ALA I 290 -5.12 -30.14 -11.86
N LEU I 291 -4.92 -31.12 -12.73
CA LEU I 291 -4.99 -32.53 -12.35
C LEU I 291 -4.01 -32.84 -11.24
N ALA I 292 -2.77 -32.37 -11.39
CA ALA I 292 -1.74 -32.59 -10.39
C ALA I 292 -2.06 -31.90 -9.07
N GLN I 293 -2.39 -30.61 -9.14
CA GLN I 293 -2.68 -29.83 -7.94
C GLN I 293 -3.88 -30.40 -7.18
N ALA I 294 -4.81 -30.99 -7.92
CA ALA I 294 -5.98 -31.63 -7.32
C ALA I 294 -5.64 -33.00 -6.77
N LEU I 295 -4.59 -33.62 -7.31
CA LEU I 295 -4.13 -34.91 -6.80
C LEU I 295 -3.37 -34.77 -5.48
N TYR I 296 -2.58 -33.70 -5.37
CA TYR I 296 -1.74 -33.47 -4.19
C TYR I 296 -2.57 -33.33 -2.91
N GLU I 297 -3.47 -32.34 -2.91
CA GLU I 297 -4.26 -32.01 -1.73
C GLU I 297 -5.21 -33.14 -1.34
N ARG I 298 -5.51 -34.00 -2.30
CA ARG I 298 -6.48 -35.07 -2.11
C ARG I 298 -5.85 -36.37 -1.61
N GLY I 299 -4.57 -36.30 -1.24
CA GLY I 299 -3.90 -37.45 -0.62
C GLY I 299 -2.87 -38.23 -1.41
N PHE I 300 -2.39 -37.65 -2.52
CA PHE I 300 -1.28 -38.24 -3.26
C PHE I 300 -0.06 -37.35 -3.13
N ASN I 301 1.13 -37.92 -3.30
CA ASN I 301 2.31 -37.09 -3.40
C ASN I 301 2.60 -36.78 -4.85
N VAL I 302 2.40 -35.51 -5.22
CA VAL I 302 2.62 -35.07 -6.58
C VAL I 302 3.82 -34.13 -6.60
N LEU I 303 4.87 -34.57 -7.28
CA LEU I 303 6.18 -33.95 -7.16
C LEU I 303 6.23 -32.50 -7.64
N CYS I 304 7.22 -31.77 -7.15
CA CYS I 304 7.56 -30.45 -7.66
C CYS I 304 6.41 -29.45 -7.60
N GLU I 305 5.79 -29.34 -6.44
CA GLU I 305 4.71 -28.39 -6.24
C GLU I 305 5.22 -26.95 -6.33
N HIS I 306 6.53 -26.78 -6.14
CA HIS I 306 7.15 -25.47 -6.27
C HIS I 306 7.19 -25.03 -7.73
N LYS I 307 7.03 -26.01 -8.62
CA LYS I 307 7.03 -25.78 -10.06
C LYS I 307 5.63 -25.63 -10.65
N ASP I 308 4.62 -25.64 -9.79
CA ASP I 308 3.21 -25.74 -10.20
C ASP I 308 3.01 -27.09 -10.86
N PHE I 309 3.85 -28.04 -10.43
CA PHE I 309 3.78 -29.47 -10.73
C PHE I 309 4.12 -29.88 -12.16
N THR I 310 4.23 -28.90 -13.07
CA THR I 310 4.76 -29.10 -14.42
C THR I 310 4.89 -27.75 -15.11
N GLU I 311 5.34 -27.76 -16.35
CA GLU I 311 5.09 -26.79 -17.40
C GLU I 311 4.46 -27.44 -18.63
N SER I 312 4.27 -28.75 -18.57
CA SER I 312 3.85 -29.51 -19.76
C SER I 312 2.55 -30.28 -19.55
N HIS I 313 2.20 -31.08 -20.56
CA HIS I 313 1.00 -31.92 -20.52
C HIS I 313 1.11 -33.06 -19.51
N GLN I 314 2.33 -33.55 -19.31
CA GLN I 314 2.56 -34.75 -18.51
C GLN I 314 2.41 -34.50 -17.02
N VAL I 315 1.83 -35.46 -16.31
CA VAL I 315 1.67 -35.39 -14.87
C VAL I 315 2.38 -36.56 -14.20
N ILE I 316 3.43 -36.27 -13.44
CA ILE I 316 4.20 -37.32 -12.80
C ILE I 316 3.80 -37.49 -11.33
N ILE I 317 3.46 -38.71 -10.94
CA ILE I 317 3.09 -38.96 -9.55
C ILE I 317 3.95 -40.08 -8.97
N ASP I 318 4.34 -39.94 -7.72
CA ASP I 318 5.06 -41.01 -7.03
C ASP I 318 4.10 -41.74 -6.10
N ILE I 319 3.72 -42.95 -6.49
CA ILE I 319 2.67 -43.70 -5.79
C ILE I 319 3.12 -44.42 -4.52
N GLU I 320 4.21 -45.17 -4.62
CA GLU I 320 4.58 -46.05 -3.52
C GLU I 320 5.03 -45.24 -2.32
N SER I 321 5.66 -44.11 -2.59
CA SER I 321 6.13 -43.23 -1.52
C SER I 321 5.04 -42.26 -1.11
N SER I 322 3.89 -42.34 -1.76
CA SER I 322 2.70 -41.69 -1.25
C SER I 322 2.22 -42.52 -0.07
N PRO I 323 2.31 -41.96 1.15
CA PRO I 323 2.10 -42.73 2.38
C PRO I 323 0.67 -43.21 2.54
N ASP I 324 -0.28 -42.45 2.01
CA ASP I 324 -1.70 -42.74 2.16
C ASP I 324 -2.11 -44.04 1.49
N ILE I 325 -1.30 -44.49 0.53
CA ILE I 325 -1.65 -45.64 -0.28
C ILE I 325 -0.95 -46.91 0.17
N GLU I 326 0.37 -46.90 0.02
CA GLU I 326 1.23 -48.05 0.31
C GLU I 326 1.00 -49.21 -0.67
N PHE I 327 0.04 -49.05 -1.56
CA PHE I 327 -0.10 -49.94 -2.71
C PHE I 327 1.09 -49.72 -3.64
N SER I 328 1.40 -50.71 -4.47
CA SER I 328 2.41 -50.52 -5.49
C SER I 328 1.82 -49.64 -6.59
N ALA I 329 2.69 -48.97 -7.35
CA ALA I 329 2.24 -48.17 -8.48
C ALA I 329 1.79 -49.10 -9.60
N SER I 330 2.59 -50.13 -9.83
CA SER I 330 2.35 -51.11 -10.88
C SER I 330 0.98 -51.77 -10.74
N GLU I 331 0.64 -52.23 -9.55
CA GLU I 331 -0.66 -52.86 -9.32
C GLU I 331 -1.78 -51.85 -9.46
N LEU I 332 -1.51 -50.61 -9.03
CA LEU I 332 -2.49 -49.55 -9.03
C LEU I 332 -2.80 -49.11 -10.46
N ALA I 333 -1.90 -49.38 -11.39
CA ALA I 333 -2.17 -49.14 -12.80
C ALA I 333 -3.36 -49.99 -13.23
N LYS I 334 -3.36 -51.25 -12.83
CA LYS I 334 -4.47 -52.14 -13.13
C LYS I 334 -5.69 -51.79 -12.29
N MET I 335 -5.47 -51.39 -11.05
CA MET I 335 -6.60 -51.00 -10.19
C MET I 335 -7.35 -49.82 -10.78
N TYR I 336 -6.62 -48.94 -11.47
CA TYR I 336 -7.19 -47.82 -12.19
C TYR I 336 -7.86 -48.26 -13.48
N GLU I 337 -7.17 -49.14 -14.22
CA GLU I 337 -7.69 -49.63 -15.49
C GLU I 337 -8.99 -50.41 -15.34
N GLU I 338 -9.14 -51.10 -14.21
CA GLU I 338 -10.36 -51.85 -13.92
C GLU I 338 -11.49 -50.88 -13.64
N ALA I 339 -11.12 -49.68 -13.19
CA ALA I 339 -12.07 -48.62 -12.92
C ALA I 339 -12.29 -47.77 -14.16
N ASN I 340 -11.70 -48.20 -15.27
CA ASN I 340 -11.74 -47.49 -16.55
C ASN I 340 -11.01 -46.15 -16.49
N ILE I 341 -9.91 -46.13 -15.74
CA ILE I 341 -8.96 -45.03 -15.80
C ILE I 341 -7.65 -45.59 -16.32
N ILE I 342 -7.30 -45.21 -17.55
CA ILE I 342 -6.18 -45.88 -18.22
C ILE I 342 -4.94 -45.00 -18.24
N LEU I 343 -3.88 -45.52 -17.63
CA LEU I 343 -2.62 -44.79 -17.50
C LEU I 343 -1.47 -45.78 -17.34
N ASN I 344 -0.25 -45.35 -17.67
CA ASN I 344 0.89 -46.25 -17.55
C ASN I 344 1.88 -45.81 -16.46
N LYS I 345 2.49 -46.81 -15.84
CA LYS I 345 3.47 -46.59 -14.79
C LYS I 345 4.78 -46.09 -15.39
N ASN I 346 5.59 -45.43 -14.57
CA ASN I 346 6.88 -44.93 -15.05
C ASN I 346 7.99 -45.03 -14.02
N LEU I 347 9.13 -45.56 -14.43
CA LEU I 347 10.31 -45.58 -13.57
C LEU I 347 10.75 -44.16 -13.26
N LEU I 348 10.85 -43.87 -11.96
CA LEU I 348 11.30 -42.55 -11.53
C LEU I 348 12.82 -42.55 -11.40
N PRO I 349 13.45 -41.38 -11.59
CA PRO I 349 14.91 -41.22 -11.58
C PRO I 349 15.63 -41.85 -10.40
N TRP I 350 15.07 -41.75 -9.20
CA TRP I 350 15.80 -42.19 -8.00
C TRP I 350 15.67 -43.68 -7.75
N ASP I 351 14.94 -44.38 -8.61
CA ASP I 351 14.94 -45.82 -8.57
C ASP I 351 16.37 -46.31 -8.78
N ASP I 352 16.76 -47.33 -8.03
CA ASP I 352 18.14 -47.80 -8.03
C ASP I 352 18.41 -48.58 -9.32
N VAL I 353 19.54 -49.30 -9.36
CA VAL I 353 19.92 -50.00 -10.59
C VAL I 353 18.73 -50.85 -11.03
N ASN I 354 18.27 -50.60 -12.25
CA ASN I 354 16.90 -50.93 -12.58
C ASN I 354 16.73 -52.09 -13.54
N ASN I 355 16.30 -53.21 -12.98
CA ASN I 355 15.67 -54.28 -13.71
C ASN I 355 14.16 -54.14 -13.51
N SER I 356 13.78 -53.10 -12.78
CA SER I 356 12.46 -52.98 -12.15
C SER I 356 11.26 -53.11 -13.09
N ASP I 357 10.38 -54.05 -12.75
CA ASP I 357 9.05 -54.10 -13.33
C ASP I 357 8.09 -53.45 -12.34
N ASN I 358 8.65 -53.02 -11.22
CA ASN I 358 7.87 -52.43 -10.15
C ASN I 358 8.41 -51.05 -9.74
N PRO I 359 8.18 -50.04 -10.58
CA PRO I 359 8.68 -48.68 -10.36
C PRO I 359 7.95 -47.94 -9.25
N SER I 360 8.55 -46.85 -8.79
CA SER I 360 7.96 -46.02 -7.74
C SER I 360 6.69 -45.31 -8.22
N GLY I 361 6.79 -44.59 -9.33
CA GLY I 361 5.70 -43.75 -9.79
C GLY I 361 4.92 -44.16 -11.03
N ILE I 362 3.90 -43.37 -11.35
CA ILE I 362 3.11 -43.51 -12.58
C ILE I 362 2.97 -42.16 -13.29
N ARG I 363 2.63 -42.20 -14.57
CA ARG I 363 2.51 -40.97 -15.35
C ARG I 363 1.14 -40.79 -16.01
N LEU I 364 0.78 -39.53 -16.23
CA LEU I 364 -0.49 -39.15 -16.84
C LEU I 364 -0.27 -38.11 -17.92
N GLY I 365 -1.31 -37.86 -18.71
CA GLY I 365 -1.31 -36.70 -19.59
C GLY I 365 -2.72 -36.22 -19.86
N THR I 366 -2.86 -34.93 -20.11
CA THR I 366 -4.17 -34.32 -20.26
C THR I 366 -4.57 -34.08 -21.72
N GLN I 367 -3.69 -34.44 -22.64
CA GLN I 367 -3.87 -34.16 -24.07
C GLN I 367 -5.14 -34.80 -24.66
N GLU I 368 -5.39 -36.05 -24.31
CA GLU I 368 -6.54 -36.76 -24.84
C GLU I 368 -7.79 -36.42 -24.04
N CYS I 369 -7.58 -35.89 -22.86
CA CYS I 369 -8.68 -35.37 -22.06
C CYS I 369 -9.08 -33.99 -22.54
N THR I 370 -8.08 -33.13 -22.76
CA THR I 370 -8.31 -31.76 -23.19
C THR I 370 -9.04 -31.69 -24.52
N ARG I 371 -8.61 -32.54 -25.46
CA ARG I 371 -9.16 -32.57 -26.81
C ARG I 371 -10.67 -32.78 -26.81
N LEU I 372 -11.15 -33.61 -25.91
CA LEU I 372 -12.58 -33.93 -25.84
C LEU I 372 -13.35 -32.91 -25.03
N GLY I 373 -12.65 -31.90 -24.54
CA GLY I 373 -13.28 -30.80 -23.84
C GLY I 373 -13.24 -30.91 -22.33
N MET I 374 -12.44 -31.85 -21.83
CA MET I 374 -12.26 -31.99 -20.39
C MET I 374 -11.33 -30.90 -19.89
N LYS I 375 -11.83 -30.11 -18.94
CA LYS I 375 -11.10 -28.95 -18.44
C LYS I 375 -10.89 -29.11 -16.94
N GLU I 376 -10.39 -28.06 -16.28
CA GLU I 376 -10.03 -28.10 -14.87
C GLU I 376 -11.07 -28.78 -13.99
N LYS I 377 -12.35 -28.52 -14.27
CA LYS I 377 -13.43 -29.19 -13.56
C LYS I 377 -13.35 -30.72 -13.74
N GLU I 378 -13.35 -31.16 -14.99
CA GLU I 378 -13.21 -32.57 -15.33
C GLU I 378 -11.94 -33.16 -14.73
N MET I 379 -10.86 -32.38 -14.79
CA MET I 379 -9.58 -32.79 -14.23
C MET I 379 -9.72 -33.12 -12.75
N GLU I 380 -10.28 -32.20 -11.98
CA GLU I 380 -10.46 -32.40 -10.56
C GLU I 380 -11.42 -33.57 -10.27
N GLU I 381 -12.40 -33.77 -11.15
CA GLU I 381 -13.30 -34.91 -11.01
C GLU I 381 -12.53 -36.22 -11.15
N ILE I 382 -11.64 -36.28 -12.15
CA ILE I 382 -10.80 -37.45 -12.36
C ILE I 382 -9.83 -37.63 -11.19
N ALA I 383 -9.41 -36.52 -10.59
CA ALA I 383 -8.55 -36.57 -9.41
C ALA I 383 -9.31 -37.20 -8.23
N GLU I 384 -10.58 -36.86 -8.11
CA GLU I 384 -11.46 -37.47 -7.12
C GLU I 384 -11.59 -38.98 -7.35
N PHE I 385 -11.97 -39.33 -8.57
CA PHE I 385 -12.14 -40.72 -8.97
C PHE I 385 -10.90 -41.56 -8.69
N MET I 386 -9.74 -41.00 -9.03
CA MET I 386 -8.46 -41.65 -8.78
C MET I 386 -8.20 -41.77 -7.28
N LYS I 387 -8.50 -40.71 -6.55
CA LYS I 387 -8.33 -40.69 -5.10
C LYS I 387 -9.10 -41.81 -4.42
N ARG I 388 -10.30 -42.10 -4.92
CA ARG I 388 -11.19 -43.08 -4.31
C ARG I 388 -10.52 -44.43 -4.06
N ILE I 389 -9.90 -44.99 -5.08
CA ILE I 389 -9.39 -46.36 -5.05
C ILE I 389 -8.14 -46.57 -4.21
N ALA I 390 -7.16 -45.68 -4.40
CA ALA I 390 -5.81 -45.90 -3.88
C ALA I 390 -5.68 -45.68 -2.37
N ILE I 391 -5.88 -44.43 -1.96
CA ILE I 391 -5.67 -44.01 -0.57
C ILE I 391 -6.48 -44.80 0.45
N ASP I 392 -7.78 -44.90 0.21
CA ASP I 392 -8.70 -45.49 1.17
C ASP I 392 -8.75 -47.01 1.07
N LYS I 393 -8.03 -47.57 0.10
CA LYS I 393 -8.11 -48.99 -0.23
C LYS I 393 -9.55 -49.35 -0.58
N GLU I 394 -10.03 -48.81 -1.70
CA GLU I 394 -11.43 -48.97 -2.10
C GLU I 394 -11.56 -49.77 -3.39
N LYS I 395 -12.71 -50.39 -3.58
CA LYS I 395 -13.01 -51.21 -4.76
C LYS I 395 -13.27 -50.36 -6.00
N PRO I 396 -12.59 -50.68 -7.11
CA PRO I 396 -12.75 -50.05 -8.42
C PRO I 396 -14.08 -50.39 -9.10
N GLU I 397 -14.79 -51.39 -8.58
CA GLU I 397 -16.00 -51.92 -9.21
C GLU I 397 -17.05 -50.87 -9.59
N LYS I 398 -17.40 -49.98 -8.66
CA LYS I 398 -18.43 -48.97 -8.91
C LYS I 398 -17.88 -47.77 -9.68
N VAL I 399 -16.67 -47.36 -9.31
CA VAL I 399 -15.99 -46.26 -9.98
C VAL I 399 -15.85 -46.53 -11.47
N ARG I 400 -15.69 -47.81 -11.80
CA ARG I 400 -15.59 -48.27 -13.19
C ARG I 400 -16.70 -47.69 -14.06
N GLU I 401 -17.94 -48.01 -13.72
CA GLU I 401 -19.06 -47.57 -14.54
C GLU I 401 -19.61 -46.22 -14.09
N ASP I 402 -19.05 -45.66 -13.02
CA ASP I 402 -19.38 -44.28 -12.67
C ASP I 402 -18.63 -43.31 -13.59
N VAL I 403 -17.34 -43.55 -13.76
CA VAL I 403 -16.55 -42.73 -14.68
C VAL I 403 -16.97 -43.01 -16.11
N LYS I 404 -17.75 -44.06 -16.32
CA LYS I 404 -18.39 -44.27 -17.61
C LYS I 404 -19.39 -43.15 -17.80
N GLU I 405 -20.22 -42.93 -16.78
CA GLU I 405 -21.16 -41.81 -16.79
C GLU I 405 -20.43 -40.49 -16.94
N PHE I 406 -19.19 -40.45 -16.45
CA PHE I 406 -18.38 -39.23 -16.56
C PHE I 406 -17.90 -38.97 -17.98
N ALA I 407 -17.04 -39.85 -18.49
CA ALA I 407 -16.42 -39.66 -19.79
C ALA I 407 -17.40 -39.85 -20.96
N LYS I 408 -18.58 -40.38 -20.67
CA LYS I 408 -19.62 -40.47 -21.68
C LYS I 408 -20.01 -39.09 -22.16
N GLU I 409 -20.15 -38.17 -21.21
CA GLU I 409 -20.65 -36.84 -21.49
C GLU I 409 -19.77 -36.10 -22.49
N TYR I 410 -18.46 -36.23 -22.37
CA TYR I 410 -17.60 -35.60 -23.36
C TYR I 410 -16.84 -36.63 -24.16
N SER I 411 -17.38 -36.95 -25.34
CA SER I 411 -16.69 -37.72 -26.35
C SER I 411 -16.24 -36.84 -27.51
N THR I 412 -16.59 -35.56 -27.45
CA THR I 412 -16.57 -34.70 -28.62
C THR I 412 -15.21 -34.06 -28.89
N ILE I 413 -14.63 -34.38 -30.05
CA ILE I 413 -13.32 -33.85 -30.39
C ILE I 413 -13.40 -32.35 -30.67
N HIS I 414 -12.57 -31.61 -29.95
CA HIS I 414 -12.51 -30.16 -30.12
C HIS I 414 -11.13 -29.78 -30.61
N TYR I 415 -10.91 -28.50 -30.81
CA TYR I 415 -9.66 -28.00 -31.39
C TYR I 415 -9.41 -28.70 -32.71
N SER I 416 -10.47 -28.79 -33.50
CA SER I 416 -10.47 -29.48 -34.77
C SER I 416 -11.51 -28.86 -35.70
N PHE I 417 -11.42 -29.17 -36.99
CA PHE I 417 -12.38 -28.68 -37.97
C PHE I 417 -13.82 -28.98 -37.56
N ASP I 418 -14.09 -30.24 -37.26
CA ASP I 418 -15.40 -30.67 -36.81
C ASP I 418 -15.55 -30.54 -35.29
N GLU I 419 -16.73 -30.15 -34.85
CA GLU I 419 -17.06 -30.23 -33.43
C GLU I 419 -18.07 -31.36 -33.26
N GLY I 420 -17.62 -32.47 -32.68
CA GLY I 420 -18.44 -33.66 -32.56
C GLY I 420 -17.64 -34.86 -32.13
N ASP I 421 -18.24 -36.04 -32.25
CA ASP I 421 -17.66 -37.26 -31.71
C ASP I 421 -16.56 -37.86 -32.60
N GLY I 422 -15.43 -38.22 -31.99
CA GLY I 422 -14.31 -38.80 -32.71
C GLY I 422 -14.09 -40.28 -32.46
N PHE I 423 -15.03 -40.91 -31.74
CA PHE I 423 -14.95 -42.34 -31.47
C PHE I 423 -15.78 -43.15 -32.47
N LYS I 424 -16.34 -42.48 -33.46
CA LYS I 424 -17.20 -43.11 -34.45
C LYS I 424 -16.50 -44.20 -35.27
N TYR I 425 -17.23 -45.28 -35.53
CA TYR I 425 -16.74 -46.35 -36.40
C TYR I 425 -17.43 -46.23 -37.76
N LEU I 426 -17.09 -47.11 -38.69
CA LEU I 426 -17.71 -47.08 -40.02
C LEU I 426 -18.06 -48.48 -40.52
N ARG I 427 -19.29 -48.64 -40.98
CA ARG I 427 -19.75 -49.93 -41.47
C ARG I 427 -20.03 -49.89 -42.97
N PHE I 428 -19.15 -50.52 -43.75
CA PHE I 428 -19.30 -50.57 -45.20
C PHE I 428 -19.88 -51.89 -45.69
N TYR I 429 -20.11 -52.83 -44.79
CA TYR I 429 -20.65 -54.13 -45.17
C TYR I 429 -21.49 -54.76 -44.06
N MET J 1 -11.87 -22.20 -42.18
CA MET J 1 -11.16 -21.12 -42.85
C MET J 1 -10.42 -21.60 -44.09
N GLU J 2 -9.47 -20.80 -44.56
CA GLU J 2 -8.66 -21.19 -45.72
C GLU J 2 -7.45 -21.98 -45.20
N TYR J 3 -7.46 -22.26 -43.90
CA TYR J 3 -6.73 -23.39 -43.34
C TYR J 3 -7.43 -24.68 -43.73
N SER J 4 -8.76 -24.67 -43.59
CA SER J 4 -9.56 -25.88 -43.49
C SER J 4 -9.87 -26.56 -44.82
N ASP J 5 -9.44 -25.97 -45.93
CA ASP J 5 -9.65 -26.56 -47.24
C ASP J 5 -8.57 -27.59 -47.58
N VAL J 6 -7.64 -27.79 -46.65
CA VAL J 6 -6.61 -28.81 -46.80
C VAL J 6 -7.20 -30.23 -46.85
N PRO J 7 -8.08 -30.58 -45.89
CA PRO J 7 -8.66 -31.93 -46.03
C PRO J 7 -9.53 -32.05 -47.28
N LYS J 8 -10.16 -30.96 -47.68
CA LYS J 8 -10.93 -30.92 -48.92
C LYS J 8 -10.02 -31.29 -50.10
N PHE J 9 -8.89 -30.61 -50.20
CA PHE J 9 -7.96 -30.82 -51.29
C PHE J 9 -7.36 -32.22 -51.29
N ILE J 10 -6.89 -32.68 -50.13
CA ILE J 10 -6.24 -33.99 -50.06
C ILE J 10 -7.25 -35.11 -50.30
N ARG J 11 -8.50 -34.88 -49.91
CA ARG J 11 -9.55 -35.87 -50.15
C ARG J 11 -9.85 -35.96 -51.64
N ASP J 12 -10.07 -34.79 -52.26
CA ASP J 12 -10.34 -34.74 -53.69
C ASP J 12 -9.20 -35.38 -54.48
N VAL J 13 -7.98 -35.06 -54.07
CA VAL J 13 -6.77 -35.53 -54.73
C VAL J 13 -6.59 -37.04 -54.52
N SER J 14 -7.08 -37.54 -53.40
CA SER J 14 -6.98 -38.97 -53.12
C SER J 14 -8.02 -39.74 -53.92
N ILE J 15 -9.21 -39.15 -54.06
CA ILE J 15 -10.24 -39.73 -54.92
C ILE J 15 -9.71 -39.82 -56.33
N LYS J 16 -9.09 -38.74 -56.79
CA LYS J 16 -8.47 -38.72 -58.10
C LYS J 16 -7.34 -39.74 -58.21
N GLN J 17 -6.68 -40.02 -57.10
CA GLN J 17 -5.67 -41.07 -57.05
C GLN J 17 -6.31 -42.45 -57.32
N HIS J 18 -7.35 -42.76 -56.56
CA HIS J 18 -8.12 -43.98 -56.74
C HIS J 18 -8.56 -44.15 -58.18
N GLU J 19 -9.16 -43.10 -58.73
CA GLU J 19 -9.69 -43.11 -60.09
C GLU J 19 -8.60 -43.33 -61.14
N TRP J 20 -7.51 -42.57 -61.01
CA TRP J 20 -6.39 -42.69 -61.93
C TRP J 20 -5.80 -44.10 -61.92
N MET J 21 -5.56 -44.65 -60.74
CA MET J 21 -5.03 -46.00 -60.65
C MET J 21 -6.05 -47.01 -61.14
N ARG J 22 -7.32 -46.64 -61.10
CA ARG J 22 -8.37 -47.45 -61.70
C ARG J 22 -8.22 -47.41 -63.22
N GLU J 23 -7.68 -46.31 -63.72
CA GLU J 23 -7.53 -46.12 -65.16
C GLU J 23 -6.24 -46.69 -65.75
N SER J 24 -5.40 -47.31 -64.91
CA SER J 24 -4.05 -47.66 -65.35
C SER J 24 -3.67 -49.14 -65.22
N ILE J 25 -2.70 -49.54 -66.04
CA ILE J 25 -2.06 -50.85 -65.96
C ILE J 25 -0.80 -50.76 -65.12
N LYS J 26 -0.75 -51.49 -64.00
CA LYS J 26 0.35 -51.35 -63.07
C LYS J 26 1.25 -52.59 -63.03
N LEU J 27 2.45 -52.44 -63.57
CA LEU J 27 3.44 -53.52 -63.58
C LEU J 27 4.53 -53.39 -62.51
N ILE J 28 4.46 -52.35 -61.68
CA ILE J 28 5.51 -52.12 -60.68
C ILE J 28 5.58 -53.26 -59.67
N ALA J 29 6.77 -53.83 -59.52
CA ALA J 29 6.99 -54.99 -58.66
C ALA J 29 6.96 -54.59 -57.19
N SER J 30 7.20 -53.33 -56.90
CA SER J 30 7.23 -52.85 -55.52
C SER J 30 5.83 -52.46 -55.06
N GLU J 31 4.84 -52.57 -55.94
CA GLU J 31 3.48 -52.18 -55.59
C GLU J 31 2.50 -53.35 -55.69
N ASN J 32 1.50 -53.33 -54.82
CA ASN J 32 0.40 -54.29 -54.84
C ASN J 32 -0.81 -53.68 -54.15
N ILE J 33 -1.98 -54.27 -54.36
CA ILE J 33 -3.21 -53.73 -53.79
C ILE J 33 -3.76 -54.62 -52.67
N THR J 34 -4.01 -54.01 -51.52
CA THR J 34 -4.50 -54.70 -50.34
C THR J 34 -6.00 -55.00 -50.44
N SER J 35 -6.44 -56.00 -49.69
CA SER J 35 -7.85 -56.38 -49.68
C SER J 35 -8.71 -55.32 -49.00
N LEU J 36 -10.02 -55.36 -49.29
CA LEU J 36 -10.96 -54.39 -48.74
C LEU J 36 -11.08 -54.49 -47.22
N ALA J 37 -11.16 -55.72 -46.72
CA ALA J 37 -11.29 -55.95 -45.28
C ALA J 37 -10.08 -55.38 -44.54
N VAL J 38 -8.92 -55.47 -45.18
CA VAL J 38 -7.68 -54.90 -44.64
C VAL J 38 -7.81 -53.40 -44.45
N ARG J 39 -8.25 -52.73 -45.52
CA ARG J 39 -8.46 -51.29 -45.50
C ARG J 39 -9.47 -50.90 -44.42
N GLU J 40 -10.49 -51.74 -44.24
CA GLU J 40 -11.46 -51.58 -43.16
C GLU J 40 -10.77 -51.66 -41.81
N ALA J 41 -9.79 -52.57 -41.70
CA ALA J 41 -9.08 -52.79 -40.45
C ALA J 41 -8.06 -51.69 -40.18
N CYS J 42 -7.71 -50.94 -41.21
CA CYS J 42 -6.70 -49.88 -41.06
C CYS J 42 -7.25 -48.62 -40.41
N ALA J 43 -8.57 -48.46 -40.46
CA ALA J 43 -9.20 -47.23 -39.98
C ALA J 43 -9.61 -47.34 -38.51
N THR J 44 -9.24 -48.44 -37.87
CA THR J 44 -9.72 -48.77 -36.53
C THR J 44 -9.06 -47.94 -35.42
N ASP J 45 -9.51 -48.16 -34.19
CA ASP J 45 -9.05 -47.39 -33.02
C ASP J 45 -7.58 -47.63 -32.73
N PHE J 46 -7.11 -48.83 -33.06
CA PHE J 46 -5.76 -49.26 -32.73
C PHE J 46 -4.69 -48.38 -33.35
N MET J 47 -5.11 -47.54 -34.29
CA MET J 47 -4.25 -46.49 -34.80
C MET J 47 -3.82 -45.56 -33.68
N HIS J 48 -4.75 -45.28 -32.77
CA HIS J 48 -4.49 -44.43 -31.62
C HIS J 48 -3.53 -45.09 -30.64
N ARG J 49 -3.74 -46.37 -30.41
CA ARG J 49 -3.17 -47.07 -29.27
C ARG J 49 -1.69 -47.47 -29.37
N TYR J 50 -1.09 -47.65 -28.21
CA TYR J 50 0.30 -48.05 -28.07
C TYR J 50 0.38 -49.48 -27.55
N ALA J 51 1.24 -50.29 -28.15
CA ALA J 51 1.31 -51.71 -27.84
C ALA J 51 2.62 -52.10 -27.17
N GLU J 52 2.57 -53.21 -26.43
CA GLU J 52 3.68 -53.72 -25.64
C GLU J 52 4.67 -54.52 -26.48
N GLY J 53 5.60 -55.18 -25.80
CA GLY J 53 6.54 -56.07 -26.45
C GLY J 53 5.87 -57.26 -27.10
N LEU J 54 5.09 -58.02 -26.31
CA LEU J 54 4.46 -59.24 -26.81
C LEU J 54 2.96 -59.25 -26.50
N PRO J 55 2.23 -60.27 -26.99
CA PRO J 55 0.84 -60.42 -26.54
C PRO J 55 0.74 -61.01 -25.14
N GLY J 56 -0.40 -60.83 -24.48
CA GLY J 56 -0.61 -61.32 -23.13
C GLY J 56 0.47 -60.78 -22.22
N LYS J 57 0.62 -59.45 -22.23
CA LYS J 57 1.76 -58.80 -21.62
C LYS J 57 1.40 -57.46 -20.98
N ARG J 58 2.43 -56.69 -20.66
CA ARG J 58 2.25 -55.41 -19.97
C ARG J 58 3.30 -54.42 -20.47
N LEU J 59 3.48 -53.33 -19.71
CA LEU J 59 4.22 -52.11 -20.04
C LEU J 59 3.36 -51.11 -20.80
N TYR J 60 2.10 -51.49 -21.06
CA TYR J 60 1.06 -50.58 -21.54
C TYR J 60 -0.31 -51.19 -21.29
N GLN J 61 -1.34 -50.34 -21.24
CA GLN J 61 -2.70 -50.83 -20.98
C GLN J 61 -3.56 -50.86 -22.24
N GLY J 62 -4.80 -51.31 -22.09
CA GLY J 62 -5.75 -51.34 -23.18
C GLY J 62 -5.42 -52.37 -24.26
N CYS J 63 -4.59 -53.33 -23.90
CA CYS J 63 -4.04 -54.29 -24.86
C CYS J 63 -4.81 -55.61 -24.96
N LYS J 64 -5.96 -55.68 -24.30
CA LYS J 64 -6.78 -56.90 -24.28
C LYS J 64 -7.01 -57.49 -25.67
N TYR J 65 -7.53 -56.66 -26.58
CA TYR J 65 -7.83 -57.10 -27.94
C TYR J 65 -6.59 -57.06 -28.84
N ILE J 66 -5.73 -56.08 -28.61
CA ILE J 66 -4.45 -55.94 -29.31
C ILE J 66 -3.64 -57.23 -29.24
N ASP J 67 -3.72 -57.91 -28.10
CA ASP J 67 -3.04 -59.18 -27.90
C ASP J 67 -3.70 -60.29 -28.71
N GLU J 68 -5.02 -60.21 -28.85
CA GLU J 68 -5.74 -61.17 -29.68
C GLU J 68 -5.26 -61.08 -31.12
N VAL J 69 -5.36 -59.88 -31.71
CA VAL J 69 -4.96 -59.72 -33.10
C VAL J 69 -3.48 -60.04 -33.29
N GLU J 70 -2.64 -59.54 -32.39
CA GLU J 70 -1.20 -59.76 -32.49
C GLU J 70 -0.85 -61.26 -32.44
N THR J 71 -1.38 -61.96 -31.46
CA THR J 71 -1.19 -63.41 -31.35
C THR J 71 -1.63 -64.08 -32.64
N LEU J 72 -2.80 -63.68 -33.13
CA LEU J 72 -3.35 -64.24 -34.35
C LEU J 72 -2.36 -64.09 -35.50
N CYS J 73 -1.82 -62.89 -35.67
CA CYS J 73 -0.83 -62.64 -36.72
C CYS J 73 0.38 -63.54 -36.57
N ILE J 74 0.92 -63.59 -35.36
CA ILE J 74 2.09 -64.41 -35.07
C ILE J 74 1.88 -65.87 -35.48
N GLU J 75 0.75 -66.43 -35.07
CA GLU J 75 0.47 -67.83 -35.37
C GLU J 75 0.13 -68.06 -36.85
N LEU J 76 -0.44 -67.05 -37.48
CA LEU J 76 -0.81 -67.16 -38.89
C LEU J 76 0.44 -67.15 -39.76
N SER J 77 1.42 -66.33 -39.39
CA SER J 77 2.69 -66.31 -40.10
C SER J 77 3.50 -67.56 -39.79
N LYS J 78 3.47 -67.99 -38.52
CA LYS J 78 4.15 -69.22 -38.11
C LYS J 78 3.60 -70.43 -38.84
N GLU J 79 2.31 -70.37 -39.20
CA GLU J 79 1.66 -71.44 -39.93
C GLU J 79 1.97 -71.36 -41.43
N LEU J 80 1.53 -70.28 -42.06
CA LEU J 80 1.72 -70.07 -43.50
C LEU J 80 3.16 -70.30 -43.95
N PHE J 81 4.07 -69.48 -43.45
CA PHE J 81 5.47 -69.55 -43.84
C PHE J 81 6.17 -70.77 -43.23
N LYS J 82 5.46 -71.49 -42.38
CA LYS J 82 5.96 -72.72 -41.77
C LYS J 82 7.26 -72.48 -41.00
N ALA J 83 7.26 -71.47 -40.15
CA ALA J 83 8.45 -71.11 -39.39
C ALA J 83 8.29 -71.46 -37.92
N GLU J 84 9.41 -71.79 -37.28
CA GLU J 84 9.43 -72.10 -35.86
C GLU J 84 8.83 -70.97 -35.05
N HIS J 85 9.23 -69.75 -35.37
CA HIS J 85 8.78 -68.57 -34.64
C HIS J 85 8.57 -67.40 -35.61
N ALA J 86 7.69 -66.48 -35.24
CA ALA J 86 7.38 -65.35 -36.10
C ALA J 86 7.24 -64.04 -35.32
N ASN J 87 7.58 -62.93 -35.97
CA ASN J 87 7.45 -61.61 -35.40
C ASN J 87 6.81 -60.68 -36.43
N VAL J 88 5.59 -60.20 -36.13
CA VAL J 88 4.85 -59.36 -37.08
C VAL J 88 4.98 -57.88 -36.79
N GLN J 89 5.65 -57.53 -35.70
CA GLN J 89 5.79 -56.15 -35.24
C GLN J 89 6.52 -55.17 -36.18
N PRO J 90 7.55 -55.62 -36.93
CA PRO J 90 8.22 -54.68 -37.84
C PRO J 90 7.31 -53.86 -38.75
N THR J 91 7.69 -52.61 -38.97
CA THR J 91 6.94 -51.71 -39.85
C THR J 91 7.69 -51.53 -41.16
N SER J 92 7.09 -52.01 -42.25
CA SER J 92 7.72 -52.01 -43.56
C SER J 92 9.06 -52.76 -43.53
N GLY J 93 10.08 -52.15 -44.10
CA GLY J 93 11.40 -52.76 -44.14
C GLY J 93 12.38 -52.11 -43.20
N VAL J 94 11.90 -51.36 -42.21
CA VAL J 94 12.82 -50.64 -41.36
C VAL J 94 13.52 -51.60 -40.38
N VAL J 95 12.80 -52.19 -39.43
CA VAL J 95 13.40 -53.10 -38.47
C VAL J 95 13.24 -54.53 -38.98
N ALA J 96 12.54 -54.68 -40.11
CA ALA J 96 12.51 -55.97 -40.77
C ALA J 96 13.94 -56.40 -41.02
N ASN J 97 14.69 -55.53 -41.70
CA ASN J 97 16.11 -55.72 -41.91
C ASN J 97 16.94 -55.42 -40.67
N LEU J 98 16.67 -54.27 -40.07
CA LEU J 98 17.54 -53.72 -39.02
C LEU J 98 17.56 -54.56 -37.76
N ALA J 99 16.51 -55.35 -37.51
CA ALA J 99 16.53 -56.25 -36.37
C ALA J 99 17.59 -57.30 -36.60
N VAL J 100 17.61 -57.84 -37.80
CA VAL J 100 18.58 -58.85 -38.18
C VAL J 100 19.99 -58.28 -38.19
N PHE J 101 20.13 -57.07 -38.73
CA PHE J 101 21.43 -56.40 -38.75
C PHE J 101 21.96 -56.12 -37.35
N PHE J 102 21.07 -55.65 -36.47
CA PHE J 102 21.42 -55.31 -35.10
C PHE J 102 21.76 -56.56 -34.30
N ALA J 103 21.02 -57.64 -34.55
CA ALA J 103 21.16 -58.87 -33.78
C ALA J 103 22.37 -59.71 -34.20
N GLU J 104 22.52 -59.94 -35.51
CA GLU J 104 23.53 -60.89 -35.97
C GLU J 104 24.84 -60.27 -36.45
N THR J 105 24.93 -58.95 -36.48
CA THR J 105 26.16 -58.30 -36.95
C THR J 105 26.59 -57.13 -36.08
N LYS J 106 27.85 -57.19 -35.63
CA LYS J 106 28.44 -56.12 -34.85
C LYS J 106 29.08 -55.10 -35.79
N PRO J 107 29.22 -53.85 -35.35
CA PRO J 107 30.01 -52.90 -36.13
C PRO J 107 31.48 -53.32 -36.14
N GLY J 108 32.09 -53.33 -37.32
CA GLY J 108 33.46 -53.79 -37.44
C GLY J 108 33.53 -55.18 -38.04
N ASP J 109 32.37 -55.83 -38.14
CA ASP J 109 32.27 -57.12 -38.81
C ASP J 109 31.50 -56.94 -40.11
N LYS J 110 31.29 -58.01 -40.85
CA LYS J 110 30.91 -57.88 -42.25
C LYS J 110 29.55 -58.43 -42.63
N LEU J 111 29.04 -57.91 -43.75
CA LEU J 111 27.74 -58.30 -44.30
C LEU J 111 27.93 -58.67 -45.77
N MET J 112 27.19 -59.67 -46.23
CA MET J 112 27.22 -60.03 -47.64
C MET J 112 25.91 -59.65 -48.31
N ALA J 113 26.01 -59.04 -49.49
CA ALA J 113 24.82 -58.60 -50.21
C ALA J 113 25.12 -58.47 -51.70
N LEU J 114 24.06 -58.44 -52.50
CA LEU J 114 24.19 -58.19 -53.92
C LEU J 114 24.14 -56.69 -54.19
N SER J 115 25.07 -56.20 -55.02
CA SER J 115 25.21 -54.77 -55.24
C SER J 115 24.01 -54.21 -56.02
N VAL J 116 23.65 -52.97 -55.69
CA VAL J 116 22.53 -52.29 -56.35
C VAL J 116 22.74 -52.14 -57.86
N PRO J 117 23.96 -51.76 -58.32
CA PRO J 117 24.13 -51.76 -59.77
C PRO J 117 24.12 -53.16 -60.38
N ASP J 118 24.34 -54.20 -59.56
CA ASP J 118 24.25 -55.58 -60.03
C ASP J 118 22.85 -56.13 -59.80
N GLY J 119 21.94 -55.26 -59.37
CA GLY J 119 20.55 -55.64 -59.15
C GLY J 119 20.25 -56.32 -57.84
N GLY J 120 20.82 -55.80 -56.75
CA GLY J 120 20.41 -56.16 -55.42
C GLY J 120 19.42 -55.12 -54.94
N HIS J 121 19.41 -54.84 -53.65
CA HIS J 121 18.63 -53.72 -53.14
C HIS J 121 19.51 -52.81 -52.29
N ILE J 122 19.09 -51.57 -52.13
CA ILE J 122 19.68 -50.71 -51.11
C ILE J 122 19.19 -51.22 -49.76
N SER J 123 19.58 -50.54 -48.68
CA SER J 123 19.37 -51.00 -47.31
C SER J 123 20.21 -52.25 -47.02
N HIS J 124 20.81 -52.83 -48.06
CA HIS J 124 21.90 -53.79 -47.89
C HIS J 124 23.27 -53.12 -48.03
N TRP J 125 23.30 -51.88 -48.50
CA TRP J 125 24.56 -51.21 -48.85
C TRP J 125 24.67 -49.79 -48.31
N LYS J 126 25.91 -49.29 -48.21
CA LYS J 126 26.24 -48.14 -47.37
C LYS J 126 25.37 -46.90 -47.60
N VAL J 127 25.19 -46.16 -46.51
CA VAL J 127 24.35 -44.96 -46.36
C VAL J 127 22.85 -45.20 -46.61
N SER J 128 22.50 -46.43 -46.96
CA SER J 128 21.11 -46.89 -46.95
C SER J 128 20.81 -47.91 -45.85
N ALA J 129 21.84 -48.30 -45.10
CA ALA J 129 21.93 -49.69 -44.66
C ALA J 129 22.72 -49.96 -43.39
N ALA J 130 23.13 -51.22 -43.29
CA ALA J 130 24.04 -51.72 -42.28
C ALA J 130 25.31 -50.88 -42.18
N GLY J 131 25.54 -50.02 -43.17
CA GLY J 131 26.50 -48.93 -43.04
C GLY J 131 26.20 -48.15 -41.77
N ILE J 132 24.97 -48.24 -41.28
CA ILE J 132 24.65 -47.81 -39.92
C ILE J 132 25.26 -48.75 -38.89
N ARG J 133 24.99 -50.05 -39.02
CA ARG J 133 25.38 -51.04 -38.02
C ARG J 133 26.42 -52.02 -38.54
N GLY J 134 26.02 -52.85 -39.50
CA GLY J 134 26.88 -53.87 -40.05
C GLY J 134 28.13 -53.33 -40.70
N LEU J 135 28.15 -52.03 -40.99
CA LEU J 135 29.30 -51.40 -41.61
C LEU J 135 29.67 -52.09 -42.92
N LYS J 136 30.83 -52.73 -42.94
CA LYS J 136 31.39 -53.31 -44.16
C LYS J 136 30.48 -54.34 -44.80
N VAL J 137 30.14 -54.09 -46.06
CA VAL J 137 29.25 -54.96 -46.82
C VAL J 137 30.00 -55.52 -48.02
N ILE J 138 30.18 -56.83 -48.02
CA ILE J 138 30.91 -57.52 -49.06
C ILE J 138 29.97 -57.92 -50.19
N ASN J 139 30.39 -57.66 -51.43
CA ASN J 139 29.58 -58.01 -52.59
C ASN J 139 29.51 -59.52 -52.78
N HIS J 140 28.33 -59.98 -53.15
CA HIS J 140 28.17 -61.35 -53.64
C HIS J 140 28.50 -61.36 -55.12
N PRO J 141 29.50 -62.16 -55.51
CA PRO J 141 29.90 -62.25 -56.92
C PRO J 141 28.70 -62.55 -57.81
N PHE J 142 28.53 -61.77 -58.87
CA PHE J 142 27.32 -61.87 -59.67
C PHE J 142 27.59 -62.26 -61.12
N ASP J 143 26.57 -62.83 -61.75
CA ASP J 143 26.66 -63.27 -63.13
C ASP J 143 25.72 -62.42 -64.00
N PRO J 144 26.30 -61.54 -64.84
CA PRO J 144 25.53 -60.61 -65.67
C PRO J 144 24.63 -61.28 -66.71
N GLU J 145 25.16 -62.28 -67.41
CA GLU J 145 24.41 -62.94 -68.48
C GLU J 145 23.27 -63.77 -67.89
N GLU J 146 23.63 -64.65 -66.97
CA GLU J 146 22.66 -65.45 -66.23
C GLU J 146 22.49 -64.83 -64.85
N MET J 147 21.36 -64.19 -64.60
CA MET J 147 21.31 -63.31 -63.44
C MET J 147 20.95 -64.06 -62.17
N ASN J 148 21.95 -64.14 -61.31
CA ASN J 148 21.93 -64.84 -60.03
C ASN J 148 23.33 -64.74 -59.44
N ILE J 149 23.45 -64.99 -58.14
CA ILE J 149 24.76 -64.89 -57.48
C ILE J 149 25.67 -66.04 -57.89
N ASP J 150 26.95 -65.74 -58.07
CA ASP J 150 27.96 -66.76 -58.38
C ASP J 150 28.12 -67.71 -57.20
N ALA J 151 28.00 -69.01 -57.46
CA ALA J 151 28.05 -70.02 -56.41
C ALA J 151 29.48 -70.47 -56.11
N ASP J 152 30.42 -70.02 -56.92
CA ASP J 152 31.82 -70.43 -56.78
C ASP J 152 32.57 -69.51 -55.82
N ALA J 153 32.77 -68.27 -56.25
CA ALA J 153 33.61 -67.32 -55.51
C ALA J 153 33.01 -66.93 -54.16
N MET J 154 31.72 -67.18 -53.97
CA MET J 154 31.07 -66.86 -52.70
C MET J 154 31.71 -67.64 -51.56
N VAL J 155 31.82 -68.96 -51.74
CA VAL J 155 32.39 -69.84 -50.74
C VAL J 155 33.81 -69.44 -50.36
N LYS J 156 34.60 -69.10 -51.38
CA LYS J 156 35.97 -68.64 -51.17
C LYS J 156 35.99 -67.33 -50.39
N LYS J 157 35.09 -66.42 -50.73
CA LYS J 157 35.06 -65.12 -50.08
C LYS J 157 34.43 -65.20 -48.70
N ILE J 158 33.87 -66.36 -48.37
CA ILE J 158 33.21 -66.56 -47.08
C ILE J 158 34.18 -66.82 -45.93
N LEU J 159 35.18 -67.67 -46.15
CA LEU J 159 36.01 -68.15 -45.04
C LEU J 159 37.11 -67.19 -44.59
N GLU J 160 37.73 -66.48 -45.53
CA GLU J 160 38.92 -65.69 -45.20
C GLU J 160 38.64 -64.50 -44.28
N GLU J 161 37.77 -63.61 -44.71
CA GLU J 161 37.42 -62.43 -43.91
C GLU J 161 36.19 -62.66 -43.04
N LYS J 162 35.50 -63.77 -43.30
CA LYS J 162 34.40 -64.25 -42.44
C LYS J 162 33.24 -63.28 -42.21
N PRO J 163 32.43 -63.02 -43.26
CA PRO J 163 31.20 -62.24 -43.05
C PRO J 163 30.21 -63.02 -42.19
N LYS J 164 29.67 -62.38 -41.15
CA LYS J 164 28.82 -63.09 -40.19
C LYS J 164 27.37 -63.25 -40.63
N LEU J 165 26.96 -62.49 -41.63
CA LEU J 165 25.60 -62.59 -42.13
C LEU J 165 25.55 -62.60 -43.65
N ILE J 166 25.01 -63.67 -44.22
CA ILE J 166 24.87 -63.78 -45.66
C ILE J 166 23.43 -63.49 -46.08
N LEU J 167 23.23 -62.32 -46.67
CA LEU J 167 21.89 -61.89 -47.08
C LEU J 167 21.48 -62.50 -48.41
N PHE J 168 20.17 -62.59 -48.61
CA PHE J 168 19.60 -63.02 -49.88
C PHE J 168 18.35 -62.19 -50.20
N GLY J 169 17.68 -62.55 -51.29
CA GLY J 169 16.52 -61.80 -51.75
C GLY J 169 16.92 -60.43 -52.26
N GLY J 170 15.93 -59.63 -52.64
CA GLY J 170 16.21 -58.28 -53.11
C GLY J 170 15.09 -57.65 -53.91
N SER J 171 15.26 -56.37 -54.24
CA SER J 171 14.29 -55.64 -55.04
C SER J 171 14.25 -56.21 -56.45
N LEU J 172 15.43 -56.39 -57.03
CA LEU J 172 15.56 -57.05 -58.31
C LEU J 172 16.03 -58.48 -58.04
N PHE J 173 15.14 -59.44 -58.27
CA PHE J 173 15.40 -60.82 -57.89
C PHE J 173 14.87 -61.78 -58.95
N PRO J 174 15.63 -61.95 -60.04
CA PRO J 174 15.22 -62.78 -61.18
C PRO J 174 15.11 -64.26 -60.85
N PHE J 175 16.00 -64.75 -60.00
CA PHE J 175 16.04 -66.18 -59.69
C PHE J 175 16.36 -66.45 -58.22
N PRO J 176 15.95 -67.63 -57.71
CA PRO J 176 16.27 -67.97 -56.33
C PRO J 176 17.77 -68.13 -56.15
N HIS J 177 18.32 -67.48 -55.13
CA HIS J 177 19.75 -67.51 -54.91
C HIS J 177 20.17 -68.81 -54.23
N PRO J 178 21.38 -69.29 -54.55
CA PRO J 178 21.88 -70.57 -54.01
C PRO J 178 22.18 -70.50 -52.51
N VAL J 179 21.12 -70.48 -51.70
CA VAL J 179 21.26 -70.48 -50.26
C VAL J 179 21.68 -71.86 -49.78
N ALA J 180 21.08 -72.89 -50.38
CA ALA J 180 21.39 -74.28 -50.04
C ALA J 180 22.84 -74.61 -50.39
N ASP J 181 23.40 -73.86 -51.34
CA ASP J 181 24.78 -74.05 -51.74
C ASP J 181 25.74 -73.41 -50.74
N ALA J 182 25.27 -72.35 -50.09
CA ALA J 182 26.07 -71.67 -49.07
C ALA J 182 25.86 -72.31 -47.70
N TYR J 183 24.89 -73.21 -47.64
CA TYR J 183 24.51 -73.90 -46.40
C TYR J 183 25.72 -74.44 -45.63
N GLU J 184 26.39 -75.44 -46.17
CA GLU J 184 27.53 -76.03 -45.48
C GLU J 184 28.77 -75.13 -45.58
N ALA J 185 28.78 -74.27 -46.59
CA ALA J 185 29.94 -73.45 -46.90
C ALA J 185 30.08 -72.25 -45.96
N ALA J 186 28.96 -71.77 -45.44
CA ALA J 186 28.98 -70.59 -44.57
C ALA J 186 29.05 -70.98 -43.09
N GLN J 187 29.08 -72.29 -42.82
CA GLN J 187 29.13 -72.77 -41.45
C GLN J 187 30.57 -72.93 -40.96
N GLU J 188 31.52 -72.56 -41.81
CA GLU J 188 32.92 -72.53 -41.41
C GLU J 188 33.18 -71.27 -40.58
N VAL J 189 32.42 -70.22 -40.89
CA VAL J 189 32.51 -68.98 -40.15
C VAL J 189 31.73 -69.05 -38.84
N GLY J 190 30.63 -69.80 -38.85
CA GLY J 190 29.67 -69.77 -37.77
C GLY J 190 28.70 -68.65 -38.10
N ALA J 191 28.68 -68.28 -39.37
CA ALA J 191 27.91 -67.14 -39.84
C ALA J 191 26.44 -67.48 -40.01
N LYS J 192 25.58 -66.49 -39.76
CA LYS J 192 24.16 -66.66 -40.00
C LYS J 192 23.86 -66.60 -41.49
N ILE J 193 22.59 -66.82 -41.85
CA ILE J 193 22.15 -66.69 -43.22
C ILE J 193 20.77 -66.04 -43.23
N ALA J 194 20.64 -64.96 -44.00
CA ALA J 194 19.40 -64.21 -44.03
C ALA J 194 18.76 -64.23 -45.40
N TYR J 195 17.43 -64.25 -45.42
CA TYR J 195 16.68 -64.12 -46.66
C TYR J 195 15.78 -62.90 -46.58
N ASP J 196 16.06 -61.89 -47.41
CA ASP J 196 15.22 -60.70 -47.41
C ASP J 196 14.12 -60.94 -48.42
N GLY J 197 12.92 -61.17 -47.91
CA GLY J 197 11.84 -61.71 -48.71
C GLY J 197 10.77 -60.71 -49.05
N ALA J 198 11.10 -59.42 -48.96
CA ALA J 198 10.13 -58.35 -49.16
C ALA J 198 9.33 -58.54 -50.45
N HIS J 199 10.04 -58.75 -51.55
CA HIS J 199 9.42 -58.93 -52.86
C HIS J 199 8.79 -60.30 -53.03
N VAL J 200 9.47 -61.35 -52.56
CA VAL J 200 9.05 -62.72 -52.83
C VAL J 200 8.09 -63.28 -51.79
N LEU J 201 7.64 -62.42 -50.88
CA LEU J 201 6.81 -62.85 -49.76
C LEU J 201 5.52 -63.55 -50.18
N GLY J 202 5.12 -63.38 -51.44
CA GLY J 202 3.99 -64.11 -51.97
C GLY J 202 4.41 -65.43 -52.59
N LEU J 203 5.67 -65.49 -53.00
CA LEU J 203 6.22 -66.71 -53.58
C LEU J 203 6.50 -67.75 -52.49
N ILE J 204 7.18 -67.31 -51.44
CA ILE J 204 7.54 -68.18 -50.33
C ILE J 204 6.28 -68.65 -49.60
N ALA J 205 5.34 -67.73 -49.40
CA ALA J 205 4.08 -68.06 -48.77
C ALA J 205 3.18 -68.83 -49.72
N GLY J 206 3.56 -68.87 -50.99
CA GLY J 206 2.80 -69.59 -52.00
C GLY J 206 3.42 -70.92 -52.34
N LYS J 207 4.42 -71.31 -51.57
CA LYS J 207 5.16 -72.56 -51.78
C LYS J 207 5.75 -72.66 -53.17
N GLN J 208 6.16 -71.52 -53.73
CA GLN J 208 6.80 -71.48 -55.03
C GLN J 208 8.16 -70.81 -54.92
N PHE J 209 8.86 -70.69 -56.04
CA PHE J 209 10.19 -70.10 -56.06
C PHE J 209 11.13 -70.83 -55.11
N GLN J 210 11.57 -70.13 -54.06
CA GLN J 210 12.53 -70.70 -53.12
C GLN J 210 11.94 -70.90 -51.74
N ASP J 211 12.51 -71.83 -50.98
CA ASP J 211 12.20 -71.97 -49.56
C ASP J 211 13.50 -71.87 -48.76
N PRO J 212 13.84 -70.64 -48.35
CA PRO J 212 15.13 -70.34 -47.71
C PRO J 212 15.35 -71.05 -46.37
N LEU J 213 14.33 -71.07 -45.50
CA LEU J 213 14.47 -71.68 -44.18
C LEU J 213 14.86 -73.15 -44.30
N ARG J 214 14.46 -73.76 -45.40
CA ARG J 214 14.74 -75.17 -45.64
C ARG J 214 16.03 -75.37 -46.42
N GLU J 215 16.73 -74.27 -46.70
CA GLU J 215 18.04 -74.41 -47.31
C GLU J 215 19.16 -73.99 -46.36
N GLY J 216 19.45 -72.70 -46.30
CA GLY J 216 20.39 -72.18 -45.32
C GLY J 216 19.88 -71.21 -44.26
N ALA J 217 18.63 -70.77 -44.39
CA ALA J 217 18.24 -69.53 -43.72
C ALA J 217 17.91 -69.68 -42.24
N GLU J 218 18.52 -68.81 -41.44
CA GLU J 218 18.19 -68.69 -40.03
C GLU J 218 17.13 -67.61 -39.86
N TYR J 219 16.90 -66.86 -40.93
CA TYR J 219 15.90 -65.79 -40.92
C TYR J 219 15.24 -65.59 -42.29
N LEU J 220 13.94 -65.39 -42.29
CA LEU J 220 13.23 -64.87 -43.46
C LEU J 220 12.53 -63.58 -43.05
N MET J 221 13.01 -62.45 -43.54
CA MET J 221 12.42 -61.19 -43.09
C MET J 221 12.16 -60.28 -44.27
N GLY J 222 11.22 -59.35 -44.10
CA GLY J 222 10.93 -58.42 -45.17
C GLY J 222 9.63 -57.68 -44.98
N SER J 223 9.25 -56.88 -45.97
CA SER J 223 8.04 -56.09 -45.87
C SER J 223 6.80 -56.95 -46.03
N THR J 224 5.64 -56.37 -45.81
CA THR J 224 4.39 -57.11 -45.95
C THR J 224 3.60 -56.79 -47.24
N HIS J 225 4.04 -55.77 -48.00
CA HIS J 225 3.18 -55.23 -49.06
C HIS J 225 3.38 -55.69 -50.52
N LYS J 226 4.43 -56.46 -50.82
CA LYS J 226 4.73 -56.80 -52.19
C LYS J 226 4.20 -57.72 -53.23
N THR J 227 4.45 -59.02 -53.08
CA THR J 227 3.68 -60.16 -53.61
C THR J 227 2.69 -60.67 -52.56
N PHE J 228 3.01 -60.45 -51.29
CA PHE J 228 2.08 -60.63 -50.20
C PHE J 228 1.08 -59.49 -50.21
N PHE J 229 -0.23 -59.78 -50.09
CA PHE J 229 -1.23 -58.72 -50.28
C PHE J 229 -1.39 -57.86 -49.03
N GLY J 230 -0.61 -58.16 -47.99
CA GLY J 230 -0.66 -57.40 -46.76
C GLY J 230 -0.31 -55.93 -46.93
N PRO J 231 -0.65 -55.13 -45.92
CA PRO J 231 -0.48 -53.67 -45.89
C PRO J 231 0.96 -53.27 -45.59
N GLN J 232 1.18 -51.98 -45.38
CA GLN J 232 2.47 -51.50 -44.92
C GLN J 232 2.77 -52.13 -43.57
N GLY J 233 3.94 -52.73 -43.45
CA GLY J 233 4.30 -53.51 -42.28
C GLY J 233 5.40 -54.47 -42.65
N GLY J 234 5.90 -55.21 -41.68
CA GLY J 234 6.98 -56.14 -41.93
C GLY J 234 6.91 -57.37 -41.06
N VAL J 235 7.62 -58.41 -41.46
CA VAL J 235 7.60 -59.68 -40.75
C VAL J 235 8.98 -60.30 -40.72
N ILE J 236 9.31 -60.90 -39.57
CA ILE J 236 10.54 -61.65 -39.41
C ILE J 236 10.25 -63.05 -38.88
N LEU J 237 10.50 -64.05 -39.70
CA LEU J 237 10.29 -65.43 -39.31
C LEU J 237 11.64 -66.08 -39.06
N THR J 238 11.72 -66.95 -38.07
CA THR J 238 13.00 -67.54 -37.72
C THR J 238 12.90 -68.82 -36.92
N THR J 239 14.07 -69.40 -36.62
CA THR J 239 14.15 -70.58 -35.79
C THR J 239 13.73 -70.25 -34.36
N LYS J 240 13.25 -71.24 -33.63
CA LYS J 240 12.75 -71.02 -32.27
C LYS J 240 13.88 -70.61 -31.35
N GLU J 241 15.11 -70.81 -31.80
CA GLU J 241 16.29 -70.40 -31.05
C GLU J 241 16.37 -68.89 -30.95
N ASN J 242 16.11 -68.22 -32.07
CA ASN J 242 16.33 -66.78 -32.21
C ASN J 242 15.19 -65.92 -31.67
N ALA J 243 14.15 -66.57 -31.15
CA ALA J 243 12.93 -65.90 -30.72
C ALA J 243 13.18 -64.67 -29.84
N ASP J 244 13.69 -64.89 -28.64
CA ASP J 244 13.94 -63.80 -27.69
C ASP J 244 14.90 -62.77 -28.27
N LYS J 245 15.93 -63.25 -28.96
CA LYS J 245 16.97 -62.41 -29.54
C LYS J 245 16.40 -61.46 -30.60
N ILE J 246 15.66 -62.02 -31.55
CA ILE J 246 15.07 -61.21 -32.62
C ILE J 246 13.94 -60.35 -32.06
N ASP J 247 13.41 -60.74 -30.91
CA ASP J 247 12.36 -59.97 -30.25
C ASP J 247 12.89 -58.85 -29.37
N SER J 248 14.18 -58.87 -29.06
CA SER J 248 14.78 -57.80 -28.29
C SER J 248 15.45 -56.72 -29.14
N HIS J 249 15.62 -56.99 -30.43
CA HIS J 249 16.18 -56.00 -31.35
C HIS J 249 15.04 -55.31 -32.09
N VAL J 250 13.82 -55.73 -31.74
CA VAL J 250 12.61 -54.98 -32.01
C VAL J 250 12.00 -54.72 -30.63
N PHE J 251 11.38 -53.56 -30.43
CA PHE J 251 10.76 -53.20 -29.14
C PHE J 251 11.56 -53.55 -27.86
N PRO J 252 12.65 -52.81 -27.58
CA PRO J 252 13.02 -51.43 -27.93
C PRO J 252 13.42 -51.20 -29.38
N GLY J 253 14.11 -52.18 -29.99
CA GLY J 253 14.84 -51.92 -31.22
C GLY J 253 14.03 -51.45 -32.42
N VAL J 254 14.39 -50.24 -32.88
CA VAL J 254 13.97 -49.64 -34.14
C VAL J 254 12.47 -49.85 -34.39
N VAL J 255 11.74 -50.07 -33.31
CA VAL J 255 10.30 -49.96 -33.24
C VAL J 255 9.91 -50.02 -31.78
N SER J 256 8.93 -49.20 -31.42
CA SER J 256 8.32 -49.29 -30.10
C SER J 256 6.83 -49.35 -30.36
N ASN J 257 6.34 -48.30 -30.99
CA ASN J 257 4.99 -48.33 -31.53
C ASN J 257 5.02 -48.81 -32.96
N HIS J 258 4.30 -49.92 -33.18
CA HIS J 258 4.25 -50.69 -34.44
C HIS J 258 3.02 -50.72 -35.34
N HIS J 259 2.07 -49.79 -35.24
CA HIS J 259 0.92 -49.75 -36.18
C HIS J 259 -0.06 -50.92 -36.23
N LEU J 260 -0.94 -50.98 -35.23
CA LEU J 260 -1.80 -52.11 -34.90
C LEU J 260 -2.93 -52.27 -35.91
N HIS J 261 -3.27 -51.18 -36.60
CA HIS J 261 -4.23 -51.26 -37.68
C HIS J 261 -3.61 -52.00 -38.86
N HIS J 262 -2.37 -51.65 -39.17
CA HIS J 262 -1.60 -52.38 -40.17
C HIS J 262 -1.49 -53.85 -39.80
N LYS J 263 -1.39 -54.12 -38.50
CA LYS J 263 -1.22 -55.48 -38.02
C LYS J 263 -2.53 -56.27 -38.09
N ALA J 264 -3.66 -55.60 -37.86
CA ALA J 264 -4.95 -56.26 -38.01
C ALA J 264 -5.16 -56.61 -39.47
N GLY J 265 -4.85 -55.64 -40.33
CA GLY J 265 -4.88 -55.86 -41.76
C GLY J 265 -3.92 -56.98 -42.16
N LEU J 266 -2.88 -57.18 -41.35
CA LEU J 266 -1.93 -58.25 -41.57
C LEU J 266 -2.51 -59.60 -41.14
N ALA J 267 -3.32 -59.58 -40.09
CA ALA J 267 -4.02 -60.78 -39.65
C ALA J 267 -4.92 -61.25 -40.79
N ILE J 268 -5.70 -60.32 -41.33
CA ILE J 268 -6.53 -60.61 -42.49
C ILE J 268 -5.67 -61.09 -43.66
N ALA J 269 -4.54 -60.43 -43.85
CA ALA J 269 -3.63 -60.72 -44.97
C ALA J 269 -3.12 -62.16 -44.95
N LEU J 270 -2.54 -62.56 -43.82
CA LEU J 270 -2.05 -63.93 -43.66
C LEU J 270 -3.20 -64.92 -43.77
N ALA J 271 -4.34 -64.57 -43.16
CA ALA J 271 -5.55 -65.38 -43.26
C ALA J 271 -5.89 -65.66 -44.72
N GLU J 272 -5.65 -64.67 -45.58
CA GLU J 272 -5.89 -64.82 -47.01
C GLU J 272 -4.83 -65.68 -47.67
N MET J 273 -3.57 -65.22 -47.63
CA MET J 273 -2.45 -65.88 -48.29
C MET J 273 -2.31 -67.35 -47.92
N LEU J 274 -2.85 -67.72 -46.76
CA LEU J 274 -2.88 -69.12 -46.33
C LEU J 274 -3.49 -70.04 -47.38
N GLU J 275 -4.76 -69.82 -47.68
CA GLU J 275 -5.48 -70.68 -48.63
C GLU J 275 -5.11 -70.38 -50.09
N PHE J 276 -4.93 -69.10 -50.41
CA PHE J 276 -4.75 -68.67 -51.79
C PHE J 276 -3.30 -68.68 -52.26
N GLY J 277 -2.39 -69.17 -51.42
CA GLY J 277 -0.97 -69.07 -51.69
C GLY J 277 -0.48 -69.73 -52.97
N GLU J 278 -0.71 -71.03 -53.11
CA GLU J 278 -0.20 -71.78 -54.27
C GLU J 278 -0.81 -71.28 -55.58
N ALA J 279 -2.13 -71.14 -55.60
CA ALA J 279 -2.84 -70.70 -56.79
C ALA J 279 -2.34 -69.35 -57.28
N TYR J 280 -2.31 -68.39 -56.36
CA TYR J 280 -1.88 -67.04 -56.71
C TYR J 280 -0.43 -66.98 -57.14
N ALA J 281 0.46 -67.62 -56.39
CA ALA J 281 1.89 -67.60 -56.72
C ALA J 281 2.15 -68.26 -58.08
N LYS J 282 1.60 -69.45 -58.26
CA LYS J 282 1.70 -70.16 -59.53
C LYS J 282 1.20 -69.31 -60.68
N GLN J 283 0.08 -68.62 -60.47
CA GLN J 283 -0.51 -67.80 -61.52
C GLN J 283 0.28 -66.54 -61.85
N VAL J 284 0.85 -65.88 -60.85
CA VAL J 284 1.64 -64.68 -61.12
C VAL J 284 2.95 -65.07 -61.79
N ILE J 285 3.47 -66.24 -61.42
CA ILE J 285 4.69 -66.75 -62.04
C ILE J 285 4.45 -67.10 -63.51
N LYS J 286 3.35 -67.81 -63.77
CA LYS J 286 3.00 -68.18 -65.13
C LYS J 286 2.70 -66.95 -65.98
N ASN J 287 2.08 -65.95 -65.35
CA ASN J 287 1.74 -64.70 -66.02
C ASN J 287 2.98 -63.89 -66.38
N ALA J 288 3.94 -63.86 -65.47
CA ALA J 288 5.21 -63.19 -65.74
C ALA J 288 5.97 -63.91 -66.84
N LYS J 289 5.91 -65.24 -66.82
CA LYS J 289 6.46 -66.05 -67.90
C LYS J 289 5.84 -65.65 -69.24
N ALA J 290 4.51 -65.56 -69.26
CA ALA J 290 3.77 -65.28 -70.49
C ALA J 290 4.05 -63.88 -71.04
N LEU J 291 4.08 -62.90 -70.14
CA LEU J 291 4.36 -61.53 -70.53
C LEU J 291 5.80 -61.40 -70.99
N ALA J 292 6.68 -62.21 -70.41
CA ALA J 292 8.08 -62.25 -70.84
C ALA J 292 8.19 -62.81 -72.25
N GLN J 293 7.47 -63.90 -72.53
CA GLN J 293 7.49 -64.52 -73.85
C GLN J 293 6.90 -63.59 -74.91
N ALA J 294 5.78 -62.97 -74.58
CA ALA J 294 5.11 -62.04 -75.49
C ALA J 294 5.97 -60.79 -75.71
N LEU J 295 6.73 -60.42 -74.69
CA LEU J 295 7.70 -59.33 -74.80
C LEU J 295 8.79 -59.69 -75.80
N TYR J 296 9.37 -60.87 -75.61
CA TYR J 296 10.47 -61.35 -76.45
C TYR J 296 10.05 -61.53 -77.91
N GLU J 297 8.85 -62.05 -78.12
CA GLU J 297 8.32 -62.25 -79.47
C GLU J 297 8.05 -60.92 -80.17
N ARG J 298 7.77 -59.89 -79.38
CA ARG J 298 7.37 -58.60 -79.93
C ARG J 298 8.58 -57.71 -80.24
N GLY J 299 9.78 -58.23 -80.01
CA GLY J 299 11.00 -57.50 -80.29
C GLY J 299 11.79 -57.02 -79.07
N PHE J 300 11.19 -57.11 -77.89
CA PHE J 300 11.89 -56.74 -76.66
C PHE J 300 13.02 -57.71 -76.36
N ASN J 301 14.14 -57.20 -75.87
CA ASN J 301 15.21 -58.06 -75.40
C ASN J 301 15.05 -58.30 -73.90
N VAL J 302 14.68 -59.52 -73.55
CA VAL J 302 14.41 -59.86 -72.16
C VAL J 302 15.54 -60.74 -71.62
N LEU J 303 15.97 -60.44 -70.41
CA LEU J 303 17.15 -61.09 -69.84
C LEU J 303 16.87 -62.53 -69.44
N CYS J 304 17.91 -63.23 -68.97
CA CYS J 304 17.81 -64.64 -68.58
C CYS J 304 17.10 -65.48 -69.62
N GLU J 305 17.39 -65.20 -70.89
CA GLU J 305 16.75 -65.85 -72.04
C GLU J 305 16.79 -67.37 -71.94
N HIS J 306 17.94 -67.89 -71.55
CA HIS J 306 18.15 -69.33 -71.40
C HIS J 306 17.32 -69.90 -70.27
N LYS J 307 16.96 -69.05 -69.32
CA LYS J 307 16.31 -69.46 -68.10
C LYS J 307 14.78 -69.36 -68.19
N ASP J 308 14.30 -69.09 -69.39
CA ASP J 308 12.90 -68.75 -69.67
C ASP J 308 12.59 -67.39 -69.06
N PHE J 309 13.60 -66.54 -69.07
CA PHE J 309 13.51 -65.11 -68.75
C PHE J 309 13.12 -64.78 -67.31
N THR J 310 12.74 -65.80 -66.55
CA THR J 310 12.53 -65.72 -65.11
C THR J 310 12.02 -67.06 -64.59
N GLU J 311 12.10 -67.25 -63.29
CA GLU J 311 11.34 -68.27 -62.59
C GLU J 311 10.22 -67.61 -61.78
N SER J 312 10.17 -66.29 -61.84
CA SER J 312 9.34 -65.51 -60.91
C SER J 312 8.50 -64.43 -61.58
N HIS J 313 7.87 -63.62 -60.74
CA HIS J 313 6.98 -62.54 -61.16
C HIS J 313 7.69 -61.44 -61.96
N GLN J 314 9.00 -61.32 -61.80
CA GLN J 314 9.75 -60.21 -62.38
C GLN J 314 10.13 -60.40 -63.85
N VAL J 315 10.13 -59.31 -64.59
CA VAL J 315 10.67 -59.27 -65.94
C VAL J 315 11.45 -57.97 -66.14
N ILE J 316 12.70 -58.09 -66.60
CA ILE J 316 13.54 -56.92 -66.86
C ILE J 316 13.89 -56.79 -68.34
N ILE J 317 13.88 -55.55 -68.82
CA ILE J 317 14.19 -55.27 -70.22
C ILE J 317 15.43 -54.39 -70.35
N ASP J 318 16.30 -54.74 -71.30
CA ASP J 318 17.47 -53.92 -71.57
C ASP J 318 17.25 -53.10 -72.84
N ILE J 319 17.09 -51.80 -72.66
CA ILE J 319 16.82 -50.90 -73.78
C ILE J 319 18.12 -50.55 -74.51
N GLU J 320 19.23 -50.56 -73.78
CA GLU J 320 20.54 -50.30 -74.37
C GLU J 320 20.81 -51.29 -75.49
N SER J 321 20.55 -52.56 -75.23
CA SER J 321 20.74 -53.57 -76.27
C SER J 321 19.39 -53.94 -76.87
N SER J 322 19.16 -53.41 -78.07
CA SER J 322 18.07 -53.75 -78.96
C SER J 322 18.40 -52.88 -80.15
N PRO J 323 18.12 -53.37 -81.37
CA PRO J 323 18.14 -52.50 -82.55
C PRO J 323 16.82 -51.76 -82.73
N ASP J 324 15.74 -52.36 -82.24
CA ASP J 324 14.39 -51.93 -82.57
C ASP J 324 13.91 -50.71 -81.79
N ILE J 325 14.09 -50.72 -80.47
CA ILE J 325 13.54 -49.66 -79.64
C ILE J 325 14.48 -48.45 -79.56
N GLU J 326 15.55 -48.60 -78.79
CA GLU J 326 16.53 -47.53 -78.57
C GLU J 326 15.90 -46.16 -78.38
N PHE J 327 15.14 -46.01 -77.31
CA PHE J 327 14.63 -44.71 -76.88
C PHE J 327 15.40 -44.31 -75.64
N SER J 328 15.03 -44.94 -74.53
CA SER J 328 15.76 -44.95 -73.26
C SER J 328 14.90 -45.73 -72.28
N ALA J 329 15.49 -46.16 -71.17
CA ALA J 329 14.69 -46.76 -70.11
C ALA J 329 13.92 -45.65 -69.42
N SER J 330 14.59 -44.53 -69.21
CA SER J 330 14.00 -43.36 -68.58
C SER J 330 12.89 -42.77 -69.44
N GLU J 331 13.21 -42.50 -70.69
CA GLU J 331 12.25 -41.93 -71.62
C GLU J 331 11.03 -42.85 -71.76
N LEU J 332 11.26 -44.13 -71.97
CA LEU J 332 10.16 -45.09 -72.08
C LEU J 332 9.33 -45.15 -70.81
N ALA J 333 9.99 -45.02 -69.67
CA ALA J 333 9.28 -44.99 -68.39
C ALA J 333 8.33 -43.81 -68.35
N LYS J 334 8.79 -42.66 -68.85
CA LYS J 334 7.96 -41.46 -68.87
C LYS J 334 6.80 -41.58 -69.86
N MET J 335 7.10 -42.10 -71.06
CA MET J 335 6.10 -42.31 -72.09
C MET J 335 4.99 -43.24 -71.62
N TYR J 336 5.39 -44.40 -71.09
CA TYR J 336 4.45 -45.38 -70.56
C TYR J 336 3.68 -44.81 -69.37
N GLU J 337 4.35 -43.96 -68.60
CA GLU J 337 3.70 -43.24 -67.52
C GLU J 337 2.56 -42.38 -68.06
N GLU J 338 2.79 -41.78 -69.23
CA GLU J 338 1.76 -40.99 -69.89
C GLU J 338 0.75 -41.87 -70.60
N ALA J 339 1.12 -43.12 -70.85
CA ALA J 339 0.23 -44.08 -71.50
C ALA J 339 -0.55 -44.88 -70.47
N ASN J 340 -0.39 -44.51 -69.20
CA ASN J 340 -1.02 -45.20 -68.08
C ASN J 340 -0.50 -46.63 -67.91
N ILE J 341 0.73 -46.84 -68.35
CA ILE J 341 1.43 -48.10 -68.13
C ILE J 341 2.54 -47.87 -67.11
N ILE J 342 2.34 -48.42 -65.92
CA ILE J 342 3.17 -48.11 -64.77
C ILE J 342 4.27 -49.17 -64.59
N LEU J 343 5.51 -48.71 -64.49
CA LEU J 343 6.68 -49.59 -64.45
C LEU J 343 7.88 -48.92 -63.81
N ASN J 344 9.03 -49.59 -63.75
CA ASN J 344 10.18 -48.98 -63.07
C ASN J 344 11.43 -48.81 -63.93
N LYS J 345 12.11 -47.69 -63.76
CA LYS J 345 13.47 -47.55 -64.28
C LYS J 345 14.40 -48.37 -63.40
N ASN J 346 15.26 -49.18 -64.00
CA ASN J 346 16.15 -50.01 -63.18
C ASN J 346 17.58 -50.10 -63.70
N LEU J 347 18.50 -50.24 -62.75
CA LEU J 347 19.93 -50.25 -63.05
C LEU J 347 20.41 -51.66 -63.28
N LEU J 348 20.79 -51.96 -64.51
CA LEU J 348 21.19 -53.30 -64.93
C LEU J 348 22.67 -53.58 -64.62
N PRO J 349 23.00 -54.85 -64.35
CA PRO J 349 24.35 -55.28 -63.95
C PRO J 349 25.47 -54.75 -64.84
N TRP J 350 25.21 -54.61 -66.13
CA TRP J 350 26.24 -54.20 -67.07
C TRP J 350 26.25 -52.71 -67.37
N ASP J 351 25.32 -51.95 -66.79
CA ASP J 351 25.29 -50.53 -67.05
C ASP J 351 26.49 -49.87 -66.38
N ASP J 352 27.36 -49.27 -67.18
CA ASP J 352 28.58 -48.64 -66.67
C ASP J 352 28.37 -47.22 -66.18
N VAL J 353 27.61 -46.44 -66.94
CA VAL J 353 27.46 -45.01 -66.71
C VAL J 353 26.96 -44.67 -65.31
N ASN J 354 25.67 -44.92 -65.08
CA ASN J 354 25.08 -44.83 -63.74
C ASN J 354 25.29 -43.47 -63.07
N ASN J 355 25.55 -42.44 -63.87
CA ASN J 355 25.75 -41.09 -63.35
C ASN J 355 24.44 -40.33 -63.44
N SER J 356 23.41 -41.04 -63.91
CA SER J 356 22.13 -40.43 -64.20
C SER J 356 20.96 -41.25 -63.65
N ASP J 357 19.77 -40.66 -63.68
CA ASP J 357 18.54 -41.38 -63.37
C ASP J 357 18.24 -42.37 -64.48
N ASN J 358 19.02 -42.30 -65.56
CA ASN J 358 18.85 -43.20 -66.69
C ASN J 358 19.87 -44.33 -66.72
N PRO J 359 19.43 -45.55 -66.36
CA PRO J 359 20.07 -46.82 -66.71
C PRO J 359 19.40 -47.38 -67.94
N SER J 360 19.77 -48.59 -68.35
CA SER J 360 19.12 -49.19 -69.50
C SER J 360 17.98 -50.16 -69.13
N GLY J 361 17.79 -50.39 -67.84
CA GLY J 361 16.81 -51.39 -67.43
C GLY J 361 15.40 -50.87 -67.25
N ILE J 362 14.42 -51.73 -67.54
CA ILE J 362 13.03 -51.45 -67.22
C ILE J 362 12.41 -52.67 -66.55
N ARG J 363 11.97 -52.50 -65.31
CA ARG J 363 11.42 -53.61 -64.54
C ARG J 363 9.89 -53.59 -64.52
N LEU J 364 9.34 -54.79 -64.70
CA LEU J 364 7.91 -55.04 -64.66
C LEU J 364 7.64 -56.22 -63.75
N GLY J 365 6.44 -56.28 -63.19
CA GLY J 365 6.02 -57.44 -62.41
C GLY J 365 4.52 -57.60 -62.46
N THR J 366 4.06 -58.83 -62.32
CA THR J 366 2.66 -59.17 -62.62
C THR J 366 1.76 -59.27 -61.39
N GLN J 367 2.35 -59.08 -60.20
CA GLN J 367 1.67 -59.29 -58.93
C GLN J 367 0.27 -58.68 -58.85
N GLU J 368 0.23 -57.35 -58.82
CA GLU J 368 -1.03 -56.64 -58.69
C GLU J 368 -1.97 -56.90 -59.86
N CYS J 369 -1.40 -57.01 -61.07
CA CYS J 369 -2.21 -57.27 -62.26
C CYS J 369 -2.95 -58.60 -62.16
N THR J 370 -2.26 -59.62 -61.65
CA THR J 370 -2.89 -60.92 -61.47
C THR J 370 -3.87 -60.85 -60.29
N ARG J 371 -3.58 -59.99 -59.32
CA ARG J 371 -4.53 -59.76 -58.22
C ARG J 371 -5.87 -59.26 -58.76
N LEU J 372 -5.83 -58.50 -59.85
CA LEU J 372 -7.04 -57.94 -60.45
C LEU J 372 -7.75 -58.96 -61.36
N GLY J 373 -7.16 -60.13 -61.51
CA GLY J 373 -7.77 -61.19 -62.29
C GLY J 373 -7.25 -61.30 -63.71
N MET J 374 -6.21 -60.55 -64.02
CA MET J 374 -5.62 -60.59 -65.35
C MET J 374 -4.83 -61.88 -65.57
N LYS J 375 -5.09 -62.54 -66.70
CA LYS J 375 -4.42 -63.78 -67.05
C LYS J 375 -3.37 -63.56 -68.14
N GLU J 376 -2.77 -64.64 -68.61
CA GLU J 376 -1.70 -64.58 -69.62
C GLU J 376 -2.13 -63.91 -70.92
N LYS J 377 -3.42 -64.02 -71.23
CA LYS J 377 -4.00 -63.35 -72.39
C LYS J 377 -3.80 -61.84 -72.29
N GLU J 378 -4.17 -61.29 -71.12
CA GLU J 378 -4.00 -59.88 -70.83
C GLU J 378 -2.53 -59.50 -70.82
N MET J 379 -1.67 -60.46 -70.52
CA MET J 379 -0.23 -60.24 -70.60
C MET J 379 0.19 -60.02 -72.04
N GLU J 380 -0.27 -60.90 -72.92
CA GLU J 380 0.04 -60.75 -74.34
C GLU J 380 -0.49 -59.42 -74.87
N GLU J 381 -1.67 -59.03 -74.41
CA GLU J 381 -2.23 -57.74 -74.82
C GLU J 381 -1.43 -56.56 -74.26
N ILE J 382 -0.87 -56.74 -73.08
CA ILE J 382 0.01 -55.72 -72.48
C ILE J 382 1.27 -55.56 -73.31
N ALA J 383 1.88 -56.69 -73.66
CA ALA J 383 3.06 -56.71 -74.54
C ALA J 383 2.73 -56.09 -75.89
N GLU J 384 1.46 -56.23 -76.30
CA GLU J 384 0.98 -55.60 -77.52
C GLU J 384 0.95 -54.09 -77.35
N PHE J 385 0.52 -53.63 -76.17
CA PHE J 385 0.47 -52.20 -75.89
C PHE J 385 1.85 -51.58 -75.76
N MET J 386 2.82 -52.41 -75.38
CA MET J 386 4.20 -51.96 -75.31
C MET J 386 4.84 -51.95 -76.68
N LYS J 387 4.46 -52.93 -77.49
CA LYS J 387 4.94 -53.06 -78.87
C LYS J 387 4.64 -51.82 -79.71
N ARG J 388 3.41 -51.34 -79.60
CA ARG J 388 2.94 -50.23 -80.42
C ARG J 388 3.55 -48.89 -80.03
N ILE J 389 4.29 -48.87 -78.93
CA ILE J 389 4.88 -47.63 -78.44
C ILE J 389 6.39 -47.59 -78.68
N ALA J 390 7.10 -48.54 -78.09
CA ALA J 390 8.56 -48.57 -78.16
C ALA J 390 9.10 -48.56 -79.60
N ILE J 391 8.94 -49.68 -80.30
CA ILE J 391 9.48 -49.78 -81.65
C ILE J 391 8.58 -49.14 -82.71
N ASP J 392 7.28 -49.38 -82.60
CA ASP J 392 6.36 -48.97 -83.67
C ASP J 392 6.13 -47.46 -83.71
N LYS J 393 6.60 -46.77 -82.67
CA LYS J 393 6.63 -45.31 -82.63
C LYS J 393 5.26 -44.65 -82.80
N GLU J 394 4.20 -45.35 -82.41
CA GLU J 394 2.86 -44.78 -82.45
C GLU J 394 2.63 -43.86 -81.26
N LYS J 395 1.72 -42.91 -81.41
CA LYS J 395 1.42 -41.95 -80.35
C LYS J 395 0.96 -42.60 -79.06
N PRO J 396 1.70 -42.38 -77.98
CA PRO J 396 1.32 -42.85 -76.64
C PRO J 396 0.09 -42.12 -76.10
N GLU J 397 -0.22 -40.96 -76.70
CA GLU J 397 -1.36 -40.17 -76.29
C GLU J 397 -2.68 -40.83 -76.72
N LYS J 398 -2.65 -41.47 -77.89
CA LYS J 398 -3.82 -42.21 -78.36
C LYS J 398 -3.93 -43.57 -77.68
N VAL J 399 -2.77 -44.23 -77.56
CA VAL J 399 -2.68 -45.52 -76.92
C VAL J 399 -3.08 -45.41 -75.45
N ARG J 400 -2.93 -44.22 -74.88
CA ARG J 400 -3.42 -43.94 -73.53
C ARG J 400 -4.94 -44.17 -73.47
N GLU J 401 -5.65 -43.57 -74.42
CA GLU J 401 -7.08 -43.78 -74.56
C GLU J 401 -7.39 -45.23 -74.90
N ASP J 402 -6.44 -45.89 -75.55
CA ASP J 402 -6.61 -47.29 -75.94
C ASP J 402 -6.60 -48.21 -74.71
N VAL J 403 -5.73 -47.92 -73.76
CA VAL J 403 -5.59 -48.74 -72.56
C VAL J 403 -6.48 -48.26 -71.42
N LYS J 404 -7.10 -47.10 -71.59
CA LYS J 404 -7.92 -46.51 -70.53
C LYS J 404 -9.01 -47.48 -70.09
N GLU J 405 -9.84 -47.91 -71.03
CA GLU J 405 -10.92 -48.82 -70.73
C GLU J 405 -10.44 -50.27 -70.57
N PHE J 406 -9.30 -50.59 -71.20
CA PHE J 406 -8.71 -51.93 -71.09
C PHE J 406 -8.29 -52.19 -69.65
N ALA J 407 -7.80 -51.15 -69.00
CA ALA J 407 -7.48 -51.22 -67.58
C ALA J 407 -8.75 -51.08 -66.75
N LYS J 408 -9.62 -50.16 -67.17
CA LYS J 408 -10.86 -49.89 -66.45
C LYS J 408 -11.76 -51.11 -66.29
N GLU J 409 -11.65 -52.05 -67.23
CA GLU J 409 -12.41 -53.29 -67.16
C GLU J 409 -12.14 -54.04 -65.85
N TYR J 410 -10.89 -54.46 -65.66
CA TYR J 410 -10.56 -55.26 -64.49
C TYR J 410 -10.51 -54.39 -63.24
N SER J 411 -11.38 -54.73 -62.29
CA SER J 411 -11.54 -53.98 -61.04
C SER J 411 -11.50 -54.95 -59.87
N THR J 412 -12.42 -55.91 -59.89
CA THR J 412 -12.61 -56.89 -58.83
C THR J 412 -11.31 -57.56 -58.39
N ILE J 413 -11.16 -57.73 -57.09
CA ILE J 413 -9.97 -58.37 -56.52
C ILE J 413 -10.20 -59.87 -56.41
N HIS J 414 -9.42 -60.63 -57.17
CA HIS J 414 -9.52 -62.08 -57.14
C HIS J 414 -8.52 -62.64 -56.14
N TYR J 415 -8.51 -63.96 -56.00
CA TYR J 415 -7.68 -64.64 -55.01
C TYR J 415 -7.97 -64.07 -53.61
N SER J 416 -9.24 -63.90 -53.30
CA SER J 416 -9.64 -63.30 -52.04
C SER J 416 -11.00 -63.82 -51.57
N PHE J 417 -11.24 -63.75 -50.26
CA PHE J 417 -12.52 -64.14 -49.69
C PHE J 417 -13.60 -63.14 -50.03
N ASP J 418 -13.28 -61.85 -49.87
CA ASP J 418 -14.19 -60.77 -50.21
C ASP J 418 -13.79 -60.18 -51.56
N GLU J 419 -14.61 -60.41 -52.57
CA GLU J 419 -14.29 -59.96 -53.92
C GLU J 419 -15.23 -58.85 -54.37
N GLY J 420 -14.69 -57.64 -54.48
CA GLY J 420 -15.45 -56.49 -54.90
C GLY J 420 -14.51 -55.51 -55.59
N ASP J 421 -15.05 -54.40 -56.08
CA ASP J 421 -14.24 -53.40 -56.77
C ASP J 421 -13.11 -52.96 -55.86
N GLY J 422 -11.88 -53.10 -56.36
CA GLY J 422 -10.70 -52.91 -55.55
C GLY J 422 -10.32 -51.45 -55.38
N PHE J 423 -10.84 -50.62 -56.26
CA PHE J 423 -10.52 -49.19 -56.23
C PHE J 423 -11.55 -48.37 -55.46
N LYS J 424 -12.51 -49.04 -54.84
CA LYS J 424 -13.60 -48.34 -54.17
C LYS J 424 -13.11 -47.36 -53.12
N TYR J 425 -13.49 -46.09 -53.31
CA TYR J 425 -13.28 -45.07 -52.31
C TYR J 425 -14.65 -44.72 -51.78
N LEU J 426 -14.93 -45.14 -50.55
CA LEU J 426 -16.27 -44.93 -50.01
C LEU J 426 -16.29 -43.65 -49.18
N ARG J 427 -17.46 -43.30 -48.68
CA ARG J 427 -17.65 -42.01 -48.04
C ARG J 427 -17.68 -42.17 -46.52
N PHE J 428 -16.63 -41.68 -45.87
CA PHE J 428 -16.47 -41.78 -44.42
C PHE J 428 -17.57 -41.06 -43.66
N TYR J 429 -17.69 -39.76 -43.93
CA TYR J 429 -18.63 -38.90 -43.21
C TYR J 429 -20.06 -39.29 -43.55
N TYR K 3 53.09 6.45 20.59
CA TYR K 3 53.43 5.31 21.43
C TYR K 3 52.60 5.32 22.71
N SER K 4 52.56 6.47 23.37
CA SER K 4 51.91 6.58 24.67
C SER K 4 50.39 6.51 24.58
N ASP K 5 49.80 7.27 23.68
CA ASP K 5 48.35 7.42 23.64
C ASP K 5 47.62 6.41 22.75
N VAL K 6 48.37 5.66 21.95
CA VAL K 6 47.75 4.69 21.03
C VAL K 6 47.02 3.51 21.72
N PRO K 7 47.54 2.97 22.85
CA PRO K 7 46.75 1.90 23.47
C PRO K 7 45.32 2.30 23.83
N LYS K 8 45.14 3.54 24.29
CA LYS K 8 43.83 4.04 24.63
C LYS K 8 43.02 4.37 23.37
N PHE K 9 43.72 4.47 22.24
CA PHE K 9 43.07 4.67 20.95
C PHE K 9 42.49 3.33 20.45
N ILE K 10 43.26 2.27 20.63
CA ILE K 10 42.78 0.92 20.40
C ILE K 10 41.62 0.64 21.34
N ARG K 11 41.72 1.19 22.55
CA ARG K 11 40.61 1.17 23.50
C ARG K 11 39.41 1.91 22.91
N ASP K 12 39.68 2.99 22.19
CA ASP K 12 38.62 3.79 21.58
C ASP K 12 37.83 2.99 20.56
N VAL K 13 38.55 2.42 19.59
CA VAL K 13 37.87 1.61 18.59
C VAL K 13 37.29 0.34 19.22
N SER K 14 37.80 -0.04 20.39
CA SER K 14 37.28 -1.18 21.13
C SER K 14 35.89 -0.91 21.71
N ILE K 15 35.75 0.19 22.45
CA ILE K 15 34.46 0.54 23.03
C ILE K 15 33.48 0.90 21.91
N LYS K 16 33.95 1.67 20.93
CA LYS K 16 33.14 1.97 19.76
C LYS K 16 32.61 0.68 19.14
N GLN K 17 33.50 -0.31 19.06
CA GLN K 17 33.11 -1.64 18.60
C GLN K 17 31.98 -2.22 19.44
N HIS K 18 32.19 -2.27 20.74
CA HIS K 18 31.19 -2.78 21.69
C HIS K 18 29.83 -2.16 21.46
N GLU K 19 29.73 -0.84 21.66
CA GLU K 19 28.44 -0.17 21.54
C GLU K 19 27.84 -0.30 20.15
N TRP K 20 28.69 -0.33 19.12
CA TRP K 20 28.21 -0.56 17.75
C TRP K 20 27.51 -1.91 17.68
N MET K 21 28.11 -2.92 18.28
CA MET K 21 27.55 -4.26 18.25
C MET K 21 26.30 -4.37 19.11
N ARG K 22 26.22 -3.60 20.19
CA ARG K 22 25.02 -3.58 21.01
C ARG K 22 23.86 -2.97 20.24
N GLU K 23 24.11 -1.81 19.64
CA GLU K 23 23.07 -1.09 18.91
C GLU K 23 22.65 -1.82 17.63
N SER K 24 23.63 -2.36 16.91
CA SER K 24 23.34 -3.10 15.69
C SER K 24 22.86 -4.51 15.99
N ILE K 25 22.02 -5.05 15.10
CA ILE K 25 21.73 -6.48 15.12
C ILE K 25 22.70 -7.12 14.14
N LYS K 26 23.15 -8.32 14.45
CA LYS K 26 24.16 -8.97 13.63
C LYS K 26 23.66 -10.29 13.06
N LEU K 27 23.44 -10.33 11.75
CA LEU K 27 23.10 -11.58 11.10
C LEU K 27 24.23 -11.99 10.19
N ILE K 28 25.02 -12.97 10.65
CA ILE K 28 26.19 -13.44 9.92
C ILE K 28 26.32 -14.94 10.14
N ALA K 29 26.62 -15.65 9.07
CA ALA K 29 26.69 -17.12 9.12
C ALA K 29 27.72 -17.62 10.15
N SER K 30 28.90 -16.99 10.16
CA SER K 30 30.01 -17.48 10.98
C SER K 30 30.19 -16.79 12.34
N GLU K 31 29.31 -15.85 12.67
CA GLU K 31 29.48 -15.08 13.91
C GLU K 31 28.55 -15.51 15.04
N ASN K 32 29.14 -15.88 16.17
CA ASN K 32 28.39 -16.20 17.39
C ASN K 32 28.94 -15.41 18.58
N ILE K 33 28.10 -15.17 19.58
CA ILE K 33 28.50 -14.34 20.72
C ILE K 33 28.98 -15.17 21.91
N THR K 34 30.00 -14.66 22.60
CA THR K 34 30.54 -15.29 23.78
C THR K 34 29.91 -14.73 25.05
N SER K 35 29.59 -15.61 26.00
CA SER K 35 29.01 -15.15 27.26
C SER K 35 30.08 -14.48 28.12
N LEU K 36 29.66 -13.96 29.27
CA LEU K 36 30.56 -13.20 30.12
C LEU K 36 31.54 -14.08 30.87
N ALA K 37 31.11 -15.29 31.23
CA ALA K 37 31.98 -16.22 31.94
C ALA K 37 33.18 -16.56 31.09
N VAL K 38 32.93 -16.91 29.83
CA VAL K 38 33.98 -17.34 28.92
C VAL K 38 34.81 -16.15 28.43
N ARG K 39 34.17 -15.00 28.29
CA ARG K 39 34.85 -13.81 27.81
C ARG K 39 35.80 -13.26 28.88
N GLU K 40 35.36 -13.36 30.13
CA GLU K 40 36.22 -13.06 31.26
C GLU K 40 37.35 -14.08 31.34
N ALA K 41 36.99 -15.35 31.21
CA ALA K 41 37.94 -16.45 31.34
C ALA K 41 39.03 -16.42 30.26
N CYS K 42 38.72 -15.81 29.12
CA CYS K 42 39.69 -15.72 28.04
C CYS K 42 40.80 -14.71 28.35
N ALA K 43 40.52 -13.81 29.28
CA ALA K 43 41.46 -12.75 29.63
C ALA K 43 42.34 -13.11 30.82
N THR K 44 42.19 -14.32 31.34
CA THR K 44 42.91 -14.72 32.54
C THR K 44 44.37 -15.06 32.25
N ASP K 45 45.06 -15.58 33.26
CA ASP K 45 46.50 -15.78 33.18
C ASP K 45 46.86 -17.09 32.47
N PHE K 46 45.86 -17.81 31.97
CA PHE K 46 46.12 -19.07 31.28
C PHE K 46 46.90 -18.86 29.98
N MET K 47 47.08 -17.60 29.58
CA MET K 47 47.96 -17.28 28.46
C MET K 47 49.41 -17.57 28.85
N HIS K 48 49.69 -17.44 30.14
CA HIS K 48 51.02 -17.68 30.72
C HIS K 48 51.61 -19.00 30.26
N ARG K 49 51.04 -20.09 30.76
CA ARG K 49 51.61 -21.40 30.56
C ARG K 49 51.18 -22.06 29.26
N TYR K 50 51.55 -23.33 29.11
CA TYR K 50 51.16 -24.12 27.96
C TYR K 50 50.78 -25.53 28.43
N ALA K 51 50.04 -26.27 27.61
CA ALA K 51 49.72 -27.65 27.97
C ALA K 51 50.76 -28.67 27.48
N GLU K 52 51.56 -28.26 26.48
CA GLU K 52 52.59 -29.13 25.85
C GLU K 52 52.13 -30.58 25.75
N GLY K 53 51.09 -30.82 24.97
CA GLY K 53 50.53 -32.15 24.90
C GLY K 53 49.45 -32.39 25.94
N LEU K 54 49.22 -33.68 26.22
CA LEU K 54 48.06 -34.11 27.00
C LEU K 54 48.29 -34.08 28.50
N PRO K 55 47.22 -33.98 29.30
CA PRO K 55 47.38 -34.03 30.76
C PRO K 55 48.06 -35.30 31.22
N GLY K 56 49.09 -35.14 32.06
CA GLY K 56 49.92 -36.25 32.48
C GLY K 56 51.14 -36.41 31.60
N LYS K 57 51.05 -35.89 30.37
CA LYS K 57 52.20 -35.87 29.48
C LYS K 57 52.58 -34.42 29.20
N ARG K 58 53.67 -33.98 29.81
CA ARG K 58 53.94 -32.55 29.86
C ARG K 58 55.33 -32.15 29.39
N LEU K 59 56.35 -32.61 30.13
CA LEU K 59 57.74 -32.18 29.98
C LEU K 59 57.95 -30.76 30.52
N TYR K 60 56.86 -30.05 30.79
CA TYR K 60 56.93 -28.76 31.46
C TYR K 60 56.18 -28.86 32.78
N GLN K 61 56.54 -27.99 33.72
CA GLN K 61 55.94 -28.02 35.05
C GLN K 61 54.93 -26.89 35.27
N GLY K 62 54.33 -26.89 36.45
CA GLY K 62 53.36 -25.88 36.82
C GLY K 62 52.07 -25.91 36.03
N CYS K 63 51.81 -27.03 35.35
CA CYS K 63 50.67 -27.14 34.44
C CYS K 63 49.45 -27.76 35.12
N LYS K 64 49.55 -27.97 36.43
CA LYS K 64 48.62 -28.78 37.19
C LYS K 64 47.13 -28.46 37.00
N TYR K 65 46.76 -27.19 37.06
CA TYR K 65 45.36 -26.79 36.87
C TYR K 65 44.90 -26.97 35.43
N ILE K 66 45.81 -26.71 34.50
CA ILE K 66 45.53 -26.86 33.07
C ILE K 66 45.12 -28.28 32.76
N ASP K 67 45.77 -29.24 33.40
CA ASP K 67 45.38 -30.64 33.26
C ASP K 67 43.92 -30.82 33.64
N GLU K 68 43.52 -30.17 34.73
CA GLU K 68 42.15 -30.29 35.23
C GLU K 68 41.13 -29.70 34.26
N VAL K 69 41.39 -28.48 33.78
CA VAL K 69 40.43 -27.83 32.88
C VAL K 69 40.36 -28.52 31.52
N GLU K 70 41.52 -28.95 31.01
CA GLU K 70 41.58 -29.65 29.73
C GLU K 70 40.85 -30.97 29.82
N THR K 71 41.12 -31.72 30.88
CA THR K 71 40.42 -32.99 31.12
C THR K 71 38.92 -32.74 31.23
N LEU K 72 38.57 -31.63 31.87
CA LEU K 72 37.17 -31.29 32.10
C LEU K 72 36.42 -31.02 30.81
N CYS K 73 37.04 -30.30 29.88
CA CYS K 73 36.37 -30.00 28.61
C CYS K 73 36.44 -31.18 27.65
N ILE K 74 37.49 -31.99 27.76
CA ILE K 74 37.58 -33.22 26.97
C ILE K 74 36.45 -34.15 27.35
N GLU K 75 36.24 -34.32 28.65
CA GLU K 75 35.19 -35.18 29.15
C GLU K 75 33.82 -34.57 28.88
N LEU K 76 33.76 -33.24 28.90
CA LEU K 76 32.51 -32.51 28.68
C LEU K 76 32.03 -32.70 27.24
N SER K 77 32.94 -32.55 26.29
CA SER K 77 32.60 -32.74 24.88
C SER K 77 32.39 -34.23 24.59
N LYS K 78 33.13 -35.07 25.31
CA LYS K 78 32.97 -36.52 25.20
C LYS K 78 31.54 -36.89 25.56
N GLU K 79 31.02 -36.22 26.58
CA GLU K 79 29.63 -36.36 26.96
C GLU K 79 28.69 -35.80 25.90
N LEU K 80 28.90 -34.54 25.54
CA LEU K 80 27.99 -33.82 24.64
C LEU K 80 27.79 -34.50 23.30
N PHE K 81 28.82 -34.47 22.46
CA PHE K 81 28.72 -34.97 21.10
C PHE K 81 28.75 -36.50 21.08
N LYS K 82 28.99 -37.09 22.24
CA LYS K 82 28.96 -38.54 22.42
C LYS K 82 29.99 -39.25 21.56
N ALA K 83 31.14 -38.60 21.37
CA ALA K 83 32.27 -39.23 20.72
C ALA K 83 32.98 -40.13 21.73
N GLU K 84 33.67 -41.15 21.24
CA GLU K 84 34.44 -42.01 22.15
C GLU K 84 35.87 -41.53 22.28
N HIS K 85 36.18 -40.42 21.61
CA HIS K 85 37.46 -39.73 21.79
C HIS K 85 37.31 -38.25 21.49
N ALA K 86 38.06 -37.42 22.20
CA ALA K 86 38.07 -35.99 21.94
C ALA K 86 39.40 -35.35 22.30
N ASN K 87 39.81 -34.38 21.49
CA ASN K 87 40.97 -33.56 21.78
C ASN K 87 40.66 -32.08 21.49
N VAL K 88 40.77 -31.25 22.51
CA VAL K 88 40.36 -29.85 22.44
C VAL K 88 41.53 -28.93 22.08
N GLN K 89 42.68 -29.54 21.82
CA GLN K 89 43.93 -28.80 21.58
C GLN K 89 43.99 -27.82 20.39
N PRO K 90 43.32 -28.13 19.26
CA PRO K 90 43.43 -27.21 18.11
C PRO K 90 43.15 -25.75 18.43
N THR K 91 44.04 -24.87 17.96
CA THR K 91 43.97 -23.44 18.27
C THR K 91 42.96 -22.73 17.39
N SER K 92 42.44 -23.44 16.39
CA SER K 92 41.40 -22.92 15.51
C SER K 92 40.79 -24.07 14.70
N GLY K 93 39.81 -23.76 13.86
CA GLY K 93 39.16 -24.77 13.04
C GLY K 93 40.07 -25.29 11.96
N VAL K 94 40.80 -24.37 11.32
CA VAL K 94 41.69 -24.73 10.22
C VAL K 94 42.82 -25.63 10.71
N VAL K 95 43.26 -25.39 11.95
CA VAL K 95 44.27 -26.25 12.56
C VAL K 95 43.70 -27.64 12.80
N ALA K 96 42.43 -27.71 13.19
CA ALA K 96 41.75 -28.98 13.35
C ALA K 96 41.72 -29.73 12.03
N ASN K 97 41.39 -29.02 10.95
CA ASN K 97 41.43 -29.61 9.62
C ASN K 97 42.81 -30.17 9.30
N LEU K 98 43.82 -29.31 9.35
CA LEU K 98 45.19 -29.70 9.06
C LEU K 98 45.63 -30.91 9.87
N ALA K 99 45.16 -30.98 11.11
CA ALA K 99 45.53 -32.05 12.02
C ALA K 99 44.87 -33.38 11.65
N VAL K 100 43.55 -33.36 11.46
CA VAL K 100 42.83 -34.57 11.13
C VAL K 100 43.21 -35.07 9.74
N PHE K 101 43.72 -34.17 8.91
CA PHE K 101 44.27 -34.55 7.62
C PHE K 101 45.60 -35.26 7.85
N PHE K 102 46.54 -34.51 8.45
CA PHE K 102 47.89 -35.00 8.72
C PHE K 102 47.88 -36.37 9.40
N ALA K 103 46.85 -36.61 10.21
CA ALA K 103 46.65 -37.94 10.79
C ALA K 103 46.01 -38.91 9.79
N GLU K 104 44.93 -38.47 9.14
CA GLU K 104 44.16 -39.38 8.28
C GLU K 104 44.45 -39.32 6.78
N THR K 105 45.39 -38.47 6.37
CA THR K 105 45.73 -38.45 4.94
C THR K 105 47.15 -38.04 4.62
N LYS K 106 47.60 -38.52 3.47
CA LYS K 106 48.88 -38.22 2.89
C LYS K 106 48.61 -38.04 1.40
N PRO K 107 49.58 -37.50 0.65
CA PRO K 107 49.45 -37.58 -0.82
C PRO K 107 49.27 -39.05 -1.23
N GLY K 108 48.78 -39.32 -2.43
CA GLY K 108 47.93 -40.50 -2.61
C GLY K 108 46.48 -40.09 -2.86
N ASP K 109 46.36 -38.90 -3.43
CA ASP K 109 45.16 -38.30 -4.06
C ASP K 109 43.93 -38.12 -3.15
N LYS K 110 42.76 -38.33 -3.72
CA LYS K 110 41.53 -37.53 -3.58
C LYS K 110 41.14 -37.07 -2.18
N LEU K 111 40.83 -35.78 -2.09
CA LEU K 111 40.13 -35.20 -0.96
C LEU K 111 38.82 -34.63 -1.49
N MET K 112 37.70 -35.22 -1.07
CA MET K 112 36.40 -34.87 -1.66
C MET K 112 35.67 -33.80 -0.86
N ALA K 113 35.50 -32.62 -1.46
CA ALA K 113 34.83 -31.51 -0.78
C ALA K 113 34.22 -30.51 -1.76
N LEU K 114 33.28 -29.72 -1.26
CA LEU K 114 32.56 -28.74 -2.07
C LEU K 114 33.48 -27.71 -2.72
N SER K 115 33.12 -27.28 -3.92
CA SER K 115 33.77 -26.14 -4.56
C SER K 115 33.40 -24.89 -3.80
N VAL K 116 34.27 -23.89 -3.83
CA VAL K 116 34.09 -22.69 -3.02
C VAL K 116 32.79 -21.92 -3.31
N PRO K 117 32.48 -21.62 -4.60
CA PRO K 117 31.17 -20.99 -4.81
C PRO K 117 30.02 -21.98 -4.60
N ASP K 118 30.36 -23.26 -4.59
CA ASP K 118 29.38 -24.34 -4.55
C ASP K 118 29.03 -24.71 -3.11
N GLY K 119 29.49 -23.90 -2.17
CA GLY K 119 29.26 -24.18 -0.76
C GLY K 119 30.50 -24.64 -0.02
N GLY K 120 31.63 -24.55 -0.68
CA GLY K 120 32.90 -24.82 -0.03
C GLY K 120 33.32 -23.69 0.88
N HIS K 121 34.23 -24.00 1.79
CA HIS K 121 34.83 -23.01 2.68
C HIS K 121 36.31 -23.05 2.36
N ILE K 122 37.09 -22.03 2.74
CA ILE K 122 38.48 -22.11 2.35
C ILE K 122 39.20 -22.90 3.42
N SER K 123 39.32 -24.19 3.16
CA SER K 123 40.23 -25.06 3.87
C SER K 123 40.86 -26.01 2.87
N HIS K 124 40.05 -26.96 2.41
CA HIS K 124 40.51 -28.16 1.71
C HIS K 124 41.26 -27.86 0.41
N TRP K 125 40.80 -26.83 -0.29
CA TRP K 125 41.39 -26.41 -1.55
C TRP K 125 42.71 -25.70 -1.30
N LYS K 126 43.51 -25.56 -2.34
CA LYS K 126 44.90 -25.10 -2.22
C LYS K 126 45.02 -23.68 -1.67
N VAL K 127 46.24 -23.37 -1.21
CA VAL K 127 46.56 -22.14 -0.48
C VAL K 127 45.81 -22.17 0.87
N SER K 128 45.57 -23.37 1.37
CA SER K 128 44.94 -23.56 2.67
C SER K 128 45.11 -25.01 3.14
N ALA K 129 44.41 -25.37 4.22
CA ALA K 129 44.52 -26.70 4.81
C ALA K 129 44.29 -27.83 3.81
N ALA K 130 45.20 -28.80 3.82
CA ALA K 130 45.21 -29.92 2.85
C ALA K 130 45.53 -29.46 1.44
N GLY K 131 45.59 -28.14 1.23
CA GLY K 131 46.24 -27.60 0.06
C GLY K 131 47.69 -27.49 0.47
N ILE K 132 47.87 -27.27 1.77
CA ILE K 132 49.17 -27.31 2.41
C ILE K 132 49.57 -28.76 2.71
N ARG K 133 48.58 -29.63 2.91
CA ARG K 133 48.87 -31.02 3.26
C ARG K 133 48.48 -32.02 2.18
N GLY K 134 47.17 -32.26 2.05
CA GLY K 134 46.66 -33.35 1.25
C GLY K 134 46.89 -33.17 -0.23
N LEU K 135 47.02 -31.91 -0.66
CA LEU K 135 47.06 -31.57 -2.09
C LEU K 135 45.75 -32.02 -2.72
N LYS K 136 45.82 -32.53 -3.95
CA LYS K 136 44.88 -33.50 -4.50
C LYS K 136 43.39 -33.31 -4.15
N VAL K 137 42.75 -32.28 -4.68
CA VAL K 137 41.37 -31.99 -4.26
C VAL K 137 40.35 -32.28 -5.37
N ILE K 138 39.12 -32.60 -4.97
CA ILE K 138 38.04 -32.81 -5.93
C ILE K 138 36.71 -32.26 -5.40
N ASN K 139 35.90 -31.72 -6.31
CA ASN K 139 34.65 -31.08 -5.94
C ASN K 139 33.53 -32.08 -5.64
N HIS K 140 32.68 -31.71 -4.69
CA HIS K 140 31.54 -32.53 -4.28
C HIS K 140 30.34 -32.26 -5.19
N PRO K 141 29.58 -33.30 -5.52
CA PRO K 141 28.41 -33.17 -6.41
C PRO K 141 27.26 -32.39 -5.77
N PHE K 142 27.40 -31.06 -5.74
CA PHE K 142 26.37 -30.18 -5.19
C PHE K 142 25.41 -29.72 -6.29
N ASP K 143 24.11 -29.92 -6.07
CA ASP K 143 23.11 -29.39 -6.99
C ASP K 143 22.50 -28.09 -6.43
N PRO K 144 22.47 -27.03 -7.24
CA PRO K 144 22.03 -25.69 -6.84
C PRO K 144 20.53 -25.55 -6.57
N GLU K 145 19.70 -26.43 -7.11
CA GLU K 145 18.25 -26.26 -6.98
C GLU K 145 17.81 -26.60 -5.57
N GLU K 146 17.86 -27.88 -5.21
CA GLU K 146 17.76 -28.26 -3.82
C GLU K 146 19.17 -28.23 -3.27
N MET K 147 19.44 -27.36 -2.30
CA MET K 147 20.83 -27.06 -2.00
C MET K 147 21.34 -28.06 -0.98
N ASN K 148 22.21 -28.93 -1.49
CA ASN K 148 22.64 -30.14 -0.79
C ASN K 148 23.48 -30.95 -1.77
N ILE K 149 24.11 -32.01 -1.27
CA ILE K 149 24.87 -32.88 -2.14
C ILE K 149 23.94 -33.92 -2.76
N ASP K 150 24.14 -34.22 -4.05
CA ASP K 150 23.42 -35.33 -4.67
C ASP K 150 24.27 -36.57 -4.48
N ALA K 151 23.78 -37.50 -3.67
CA ALA K 151 24.58 -38.61 -3.17
C ALA K 151 24.89 -39.65 -4.24
N ASP K 152 24.13 -39.67 -5.33
CA ASP K 152 24.33 -40.66 -6.38
C ASP K 152 25.67 -40.45 -7.09
N ALA K 153 25.87 -39.24 -7.61
CA ALA K 153 27.11 -38.90 -8.29
C ALA K 153 28.28 -38.98 -7.32
N MET K 154 28.01 -38.65 -6.06
CA MET K 154 29.02 -38.73 -5.01
C MET K 154 29.50 -40.17 -4.84
N VAL K 155 28.56 -41.09 -4.65
CA VAL K 155 28.89 -42.50 -4.49
C VAL K 155 29.55 -43.05 -5.75
N LYS K 156 29.21 -42.51 -6.91
CA LYS K 156 29.84 -42.93 -8.16
C LYS K 156 31.32 -42.54 -8.21
N LYS K 157 31.60 -41.26 -7.98
CA LYS K 157 32.96 -40.74 -7.94
C LYS K 157 33.78 -41.47 -6.89
N ILE K 158 33.16 -41.73 -5.74
CA ILE K 158 33.81 -42.49 -4.70
C ILE K 158 34.03 -43.92 -5.16
N LEU K 159 33.19 -44.39 -6.08
CA LEU K 159 33.21 -45.78 -6.49
C LEU K 159 34.32 -46.06 -7.49
N GLU K 160 34.16 -45.59 -8.73
CA GLU K 160 35.11 -45.99 -9.76
C GLU K 160 36.41 -45.20 -9.72
N GLU K 161 36.33 -43.95 -9.30
CA GLU K 161 37.50 -43.07 -9.35
C GLU K 161 38.35 -43.15 -8.09
N LYS K 162 37.91 -43.96 -7.13
CA LYS K 162 38.72 -44.44 -6.00
C LYS K 162 39.47 -43.37 -5.17
N PRO K 163 38.73 -42.60 -4.35
CA PRO K 163 39.28 -41.65 -3.37
C PRO K 163 39.76 -42.33 -2.08
N LYS K 164 40.75 -41.74 -1.41
CA LYS K 164 41.17 -42.25 -0.11
C LYS K 164 40.54 -41.55 1.09
N LEU K 165 39.85 -40.43 0.87
CA LEU K 165 39.24 -39.69 1.97
C LEU K 165 38.05 -38.85 1.50
N ILE K 166 37.06 -38.68 2.37
CA ILE K 166 35.89 -37.87 2.04
C ILE K 166 35.45 -37.01 3.24
N LEU K 167 35.17 -35.73 2.96
CA LEU K 167 34.77 -34.77 3.98
C LEU K 167 33.34 -34.29 3.74
N PHE K 168 32.67 -33.87 4.82
CA PHE K 168 31.34 -33.29 4.70
C PHE K 168 31.20 -32.02 5.53
N GLY K 169 30.21 -31.21 5.21
CA GLY K 169 30.04 -29.91 5.83
C GLY K 169 30.62 -28.82 4.95
N GLY K 170 30.26 -27.57 5.21
CA GLY K 170 30.76 -26.46 4.42
C GLY K 170 30.21 -25.10 4.83
N SER K 171 30.48 -24.11 3.99
CA SER K 171 30.02 -22.75 4.22
C SER K 171 28.53 -22.61 3.90
N LEU K 172 28.11 -23.12 2.74
CA LEU K 172 26.70 -23.15 2.40
C LEU K 172 26.12 -24.49 2.82
N PHE K 173 25.26 -24.47 3.83
CA PHE K 173 24.79 -25.69 4.47
C PHE K 173 23.32 -25.65 4.87
N PRO K 174 22.40 -25.54 3.90
CA PRO K 174 20.97 -25.41 4.21
C PRO K 174 20.35 -26.68 4.80
N PHE K 175 20.78 -27.83 4.30
CA PHE K 175 20.21 -29.11 4.70
C PHE K 175 21.33 -30.15 4.85
N PRO K 176 21.12 -31.14 5.73
CA PRO K 176 22.17 -32.12 6.05
C PRO K 176 22.71 -32.84 4.83
N HIS K 177 24.02 -32.85 4.70
CA HIS K 177 24.69 -33.56 3.61
C HIS K 177 24.67 -35.05 3.88
N PRO K 178 24.51 -35.85 2.81
CA PRO K 178 24.33 -37.31 2.95
C PRO K 178 25.62 -38.02 3.36
N VAL K 179 25.94 -37.97 4.65
CA VAL K 179 27.08 -38.71 5.18
C VAL K 179 26.72 -40.18 5.32
N ALA K 180 25.42 -40.46 5.36
CA ALA K 180 24.93 -41.82 5.51
C ALA K 180 25.11 -42.64 4.24
N ASP K 181 24.65 -42.09 3.12
CA ASP K 181 24.63 -42.81 1.85
C ASP K 181 26.02 -43.01 1.26
N ALA K 182 26.96 -42.15 1.65
CA ALA K 182 28.31 -42.22 1.12
C ALA K 182 29.14 -43.31 1.81
N TYR K 183 28.69 -43.74 2.98
CA TYR K 183 29.48 -44.64 3.82
C TYR K 183 29.83 -45.96 3.14
N GLU K 184 28.92 -46.48 2.33
CA GLU K 184 29.14 -47.78 1.69
C GLU K 184 30.37 -47.77 0.80
N ALA K 185 30.38 -46.88 -0.18
CA ALA K 185 31.49 -46.77 -1.12
C ALA K 185 32.76 -46.27 -0.44
N ALA K 186 32.59 -45.31 0.47
CA ALA K 186 33.72 -44.75 1.19
C ALA K 186 34.45 -45.83 1.97
N GLN K 187 33.69 -46.66 2.68
CA GLN K 187 34.25 -47.77 3.43
C GLN K 187 34.79 -48.84 2.49
N GLU K 188 34.18 -48.95 1.31
CA GLU K 188 34.65 -49.90 0.30
C GLU K 188 36.08 -49.59 -0.16
N VAL K 189 36.28 -48.39 -0.68
CA VAL K 189 37.56 -48.02 -1.28
C VAL K 189 38.66 -47.90 -0.23
N GLY K 190 38.27 -47.79 1.03
CA GLY K 190 39.21 -47.54 2.11
C GLY K 190 39.30 -46.06 2.38
N ALA K 191 38.26 -45.35 1.95
CA ALA K 191 38.19 -43.90 2.13
C ALA K 191 37.50 -43.53 3.43
N LYS K 192 38.24 -42.86 4.32
CA LYS K 192 37.70 -42.46 5.62
C LYS K 192 36.64 -41.38 5.47
N ILE K 193 35.79 -41.26 6.49
CA ILE K 193 34.77 -40.21 6.49
C ILE K 193 34.96 -39.22 7.63
N ALA K 194 35.16 -37.97 7.26
CA ALA K 194 35.26 -36.90 8.25
C ALA K 194 34.20 -35.83 7.97
N TYR K 195 33.82 -35.15 9.04
CA TYR K 195 32.76 -34.16 8.98
C TYR K 195 33.20 -32.93 9.74
N ASP K 196 33.22 -31.80 9.06
CA ASP K 196 33.56 -30.56 9.73
C ASP K 196 32.25 -30.02 10.29
N GLY K 197 32.16 -30.01 11.62
CA GLY K 197 30.91 -29.70 12.27
C GLY K 197 30.73 -28.22 12.46
N ALA K 198 31.79 -27.45 12.22
CA ALA K 198 31.91 -26.07 12.69
C ALA K 198 30.64 -25.25 12.50
N HIS K 199 30.28 -25.02 11.23
CA HIS K 199 29.12 -24.20 10.91
C HIS K 199 27.84 -24.67 11.59
N VAL K 200 27.65 -25.99 11.65
CA VAL K 200 26.50 -26.58 12.32
C VAL K 200 26.79 -27.11 13.73
N LEU K 201 28.00 -26.87 14.24
CA LEU K 201 28.47 -27.55 15.46
C LEU K 201 27.52 -27.44 16.65
N GLY K 202 26.79 -26.33 16.73
CA GLY K 202 25.83 -26.15 17.79
C GLY K 202 24.54 -26.92 17.57
N LEU K 203 24.04 -26.88 16.34
CA LEU K 203 22.76 -27.50 15.98
C LEU K 203 22.76 -29.00 16.22
N ILE K 204 23.93 -29.62 16.08
CA ILE K 204 24.06 -31.05 16.30
C ILE K 204 24.13 -31.35 17.79
N ALA K 205 24.69 -30.42 18.54
CA ALA K 205 24.78 -30.55 19.99
C ALA K 205 23.40 -30.41 20.62
N GLY K 206 22.54 -29.64 19.97
CA GLY K 206 21.16 -29.49 20.41
C GLY K 206 20.29 -30.58 19.80
N LYS K 207 20.94 -31.57 19.20
CA LYS K 207 20.28 -32.73 18.62
C LYS K 207 19.30 -32.32 17.52
N GLN K 208 19.74 -31.43 16.65
CA GLN K 208 18.95 -31.01 15.50
C GLN K 208 19.74 -31.30 14.22
N PHE K 209 19.17 -30.92 13.07
CA PHE K 209 19.87 -31.01 11.79
C PHE K 209 20.38 -32.42 11.51
N GLN K 210 21.69 -32.56 11.43
CA GLN K 210 22.31 -33.84 11.09
C GLN K 210 22.84 -34.56 12.34
N ASP K 211 23.32 -35.80 12.16
CA ASP K 211 23.96 -36.54 13.25
C ASP K 211 25.08 -37.44 12.71
N PRO K 212 26.26 -36.86 12.44
CA PRO K 212 27.35 -37.50 11.69
C PRO K 212 27.81 -38.86 12.21
N LEU K 213 28.05 -38.98 13.51
CA LEU K 213 28.66 -40.20 14.06
C LEU K 213 27.72 -41.40 14.04
N ARG K 214 26.46 -41.18 14.37
CA ARG K 214 25.47 -42.25 14.32
C ARG K 214 25.17 -42.60 12.87
N GLU K 215 25.45 -41.66 11.97
CA GLU K 215 25.24 -41.85 10.56
C GLU K 215 26.48 -42.42 9.87
N GLY K 216 27.50 -42.74 10.67
CA GLY K 216 28.65 -43.47 10.17
C GLY K 216 29.97 -42.72 9.99
N ALA K 217 29.99 -41.45 10.38
CA ALA K 217 31.23 -40.66 10.28
C ALA K 217 32.26 -41.12 11.31
N GLU K 218 33.49 -41.35 10.86
CA GLU K 218 34.56 -41.71 11.78
C GLU K 218 35.13 -40.46 12.48
N TYR K 219 35.12 -39.33 11.78
CA TYR K 219 35.68 -38.11 12.38
C TYR K 219 34.71 -36.93 12.35
N LEU K 220 34.71 -36.15 13.42
CA LEU K 220 33.97 -34.89 13.49
C LEU K 220 34.83 -33.83 14.14
N MET K 221 35.05 -32.72 13.45
CA MET K 221 35.89 -31.65 14.02
C MET K 221 35.43 -30.28 13.57
N GLY K 222 35.86 -29.24 14.27
CA GLY K 222 35.51 -27.90 13.85
C GLY K 222 35.75 -26.76 14.83
N SER K 223 35.35 -25.56 14.40
CA SER K 223 35.55 -24.36 15.19
C SER K 223 34.52 -24.23 16.29
N THR K 224 34.95 -23.76 17.45
CA THR K 224 34.07 -23.63 18.60
C THR K 224 33.45 -22.25 18.71
N HIS K 225 33.86 -21.34 17.82
CA HIS K 225 33.38 -19.95 17.89
C HIS K 225 32.19 -19.65 16.98
N LYS K 226 31.68 -20.66 16.29
CA LYS K 226 30.57 -20.46 15.39
C LYS K 226 29.53 -21.49 15.63
N THR K 227 28.30 -21.03 15.83
CA THR K 227 27.12 -21.87 16.13
C THR K 227 27.23 -22.58 17.48
N PHE K 228 28.41 -22.47 18.10
CA PHE K 228 28.68 -23.01 19.41
C PHE K 228 29.24 -21.87 20.27
N PHE K 229 28.88 -21.87 21.55
CA PHE K 229 29.10 -20.72 22.42
C PHE K 229 30.57 -20.42 22.70
N GLY K 230 31.45 -21.35 22.35
CA GLY K 230 32.87 -21.24 22.68
C GLY K 230 33.59 -20.06 22.05
N PRO K 231 34.78 -19.75 22.59
CA PRO K 231 35.70 -18.74 22.03
C PRO K 231 36.45 -19.27 20.82
N GLN K 232 37.41 -18.51 20.31
CA GLN K 232 38.13 -18.90 19.10
C GLN K 232 39.06 -20.08 19.35
N GLY K 233 38.86 -21.15 18.58
CA GLY K 233 39.68 -22.34 18.70
C GLY K 233 39.00 -23.52 18.04
N GLY K 234 39.75 -24.59 17.81
CA GLY K 234 39.18 -25.80 17.22
C GLY K 234 38.98 -26.92 18.22
N VAL K 235 38.26 -27.94 17.79
CA VAL K 235 38.09 -29.15 18.60
C VAL K 235 37.92 -30.36 17.69
N ILE K 236 38.49 -31.50 18.12
CA ILE K 236 38.41 -32.73 17.36
C ILE K 236 37.72 -33.82 18.19
N LEU K 237 36.89 -34.62 17.53
CA LEU K 237 36.17 -35.71 18.17
C LEU K 237 36.11 -36.89 17.21
N THR K 238 36.39 -38.09 17.71
CA THR K 238 36.49 -39.25 16.84
C THR K 238 36.36 -40.59 17.56
N THR K 239 36.65 -41.67 16.84
CA THR K 239 36.66 -43.01 17.40
C THR K 239 37.82 -43.18 18.37
N LYS K 240 37.73 -44.16 19.27
CA LYS K 240 38.71 -44.31 20.33
C LYS K 240 39.94 -45.09 19.90
N GLU K 241 39.97 -45.54 18.65
CA GLU K 241 41.18 -46.16 18.11
C GLU K 241 42.10 -45.08 17.53
N ASN K 242 41.59 -43.86 17.48
CA ASN K 242 42.37 -42.70 17.05
C ASN K 242 42.97 -41.97 18.23
N ALA K 243 42.75 -42.52 19.43
CA ALA K 243 43.17 -41.91 20.68
C ALA K 243 44.65 -41.54 20.67
N ASP K 244 45.50 -42.45 20.19
CA ASP K 244 46.94 -42.18 20.13
C ASP K 244 47.34 -41.54 18.80
N LYS K 245 46.40 -41.47 17.85
CA LYS K 245 46.74 -40.95 16.53
C LYS K 245 46.57 -39.43 16.46
N ILE K 246 45.33 -38.96 16.52
CA ILE K 246 45.06 -37.53 16.35
C ILE K 246 45.65 -36.70 17.50
N ASP K 247 45.76 -37.32 18.68
CA ASP K 247 46.37 -36.65 19.82
C ASP K 247 47.86 -36.46 19.59
N SER K 248 48.44 -37.34 18.78
CA SER K 248 49.84 -37.22 18.39
C SER K 248 50.01 -36.18 17.28
N HIS K 249 49.10 -36.20 16.32
CA HIS K 249 49.21 -35.33 15.15
C HIS K 249 48.85 -33.89 15.48
N VAL K 250 48.34 -33.66 16.69
CA VAL K 250 48.32 -32.32 17.25
C VAL K 250 49.46 -32.26 18.26
N PHE K 251 50.15 -31.13 18.32
CA PHE K 251 51.41 -31.04 19.04
C PHE K 251 52.35 -32.19 18.67
N PRO K 252 53.02 -32.11 17.49
CA PRO K 252 53.24 -30.95 16.64
C PRO K 252 52.23 -30.67 15.52
N GLY K 253 50.95 -30.55 15.85
CA GLY K 253 49.97 -29.93 14.98
C GLY K 253 49.67 -28.55 15.50
N VAL K 254 50.08 -28.30 16.74
CA VAL K 254 49.86 -27.01 17.39
C VAL K 254 51.12 -26.53 18.11
N HIS K 258 48.99 -25.05 23.11
CA HIS K 258 47.84 -24.35 22.54
C HIS K 258 47.40 -23.20 23.42
N HIS K 259 46.26 -22.59 23.10
CA HIS K 259 45.80 -21.44 23.86
C HIS K 259 44.84 -21.91 24.95
N LEU K 260 45.29 -21.84 26.19
CA LEU K 260 44.62 -22.49 27.30
C LEU K 260 43.42 -21.73 27.84
N HIS K 261 43.51 -20.41 27.85
CA HIS K 261 42.39 -19.56 28.26
C HIS K 261 41.20 -19.83 27.36
N HIS K 262 41.50 -19.96 26.07
CA HIS K 262 40.51 -20.31 25.07
C HIS K 262 39.88 -21.67 25.35
N LYS K 263 40.67 -22.60 25.87
CA LYS K 263 40.16 -23.94 26.18
C LYS K 263 39.27 -23.90 27.42
N ALA K 264 39.59 -23.00 28.34
CA ALA K 264 38.80 -22.83 29.55
C ALA K 264 37.44 -22.24 29.21
N GLY K 265 37.47 -21.13 28.48
CA GLY K 265 36.24 -20.50 28.02
C GLY K 265 35.45 -21.49 27.17
N LEU K 266 36.17 -22.28 26.40
CA LEU K 266 35.59 -23.37 25.64
C LEU K 266 34.82 -24.31 26.55
N ALA K 267 35.42 -24.65 27.69
CA ALA K 267 34.77 -25.55 28.65
C ALA K 267 33.49 -24.94 29.21
N ILE K 268 33.57 -23.69 29.65
CA ILE K 268 32.40 -23.03 30.24
C ILE K 268 31.26 -22.93 29.25
N ALA K 269 31.56 -22.44 28.05
CA ALA K 269 30.57 -22.32 26.99
C ALA K 269 30.07 -23.68 26.56
N LEU K 270 30.91 -24.69 26.73
CA LEU K 270 30.57 -26.07 26.39
C LEU K 270 29.54 -26.62 27.35
N ALA K 271 29.61 -26.19 28.61
CA ALA K 271 28.62 -26.59 29.59
C ALA K 271 27.34 -25.75 29.47
N GLU K 272 27.50 -24.49 29.05
CA GLU K 272 26.35 -23.67 28.68
C GLU K 272 25.58 -24.39 27.58
N MET K 273 26.35 -24.95 26.64
CA MET K 273 25.78 -25.71 25.53
C MET K 273 25.22 -27.04 25.99
N LEU K 274 25.81 -27.59 27.05
CA LEU K 274 25.35 -28.85 27.61
C LEU K 274 23.95 -28.69 28.20
N GLU K 275 23.80 -27.73 29.11
CA GLU K 275 22.53 -27.52 29.79
C GLU K 275 21.47 -26.87 28.89
N PHE K 276 21.84 -25.75 28.25
CA PHE K 276 20.88 -24.96 27.49
C PHE K 276 20.88 -25.23 25.98
N GLY K 277 21.69 -26.19 25.55
CA GLY K 277 21.88 -26.45 24.13
C GLY K 277 20.68 -26.85 23.30
N GLU K 278 19.81 -27.70 23.83
CA GLU K 278 18.66 -28.15 23.06
C GLU K 278 17.68 -27.01 22.82
N ALA K 279 17.31 -26.31 23.90
CA ALA K 279 16.47 -25.14 23.82
C ALA K 279 17.07 -24.11 22.87
N TYR K 280 18.37 -23.86 23.02
CA TYR K 280 19.09 -22.92 22.17
C TYR K 280 18.98 -23.28 20.69
N ALA K 281 19.42 -24.49 20.34
CA ALA K 281 19.49 -24.92 18.95
C ALA K 281 18.11 -24.96 18.29
N LYS K 282 17.16 -25.60 18.97
CA LYS K 282 15.78 -25.63 18.48
C LYS K 282 15.31 -24.21 18.22
N GLN K 283 15.48 -23.33 19.20
CA GLN K 283 15.10 -21.93 19.04
C GLN K 283 15.82 -21.26 17.88
N VAL K 284 17.03 -21.71 17.58
CA VAL K 284 17.82 -21.13 16.50
C VAL K 284 17.25 -21.48 15.14
N ILE K 285 17.03 -22.77 14.88
CA ILE K 285 16.50 -23.17 13.59
C ILE K 285 15.08 -22.60 13.42
N LYS K 286 14.32 -22.61 14.51
CA LYS K 286 13.00 -22.01 14.49
C LYS K 286 13.10 -20.50 14.22
N ASN K 287 14.20 -19.89 14.64
CA ASN K 287 14.44 -18.48 14.35
C ASN K 287 14.93 -18.26 12.92
N ALA K 288 15.34 -19.35 12.28
CA ALA K 288 15.80 -19.30 10.90
C ALA K 288 14.63 -19.40 9.91
N LYS K 289 13.92 -20.52 9.99
CA LYS K 289 12.87 -20.84 9.00
C LYS K 289 11.86 -19.71 8.77
N ALA K 290 11.22 -19.24 9.83
CA ALA K 290 10.17 -18.24 9.69
C ALA K 290 10.76 -16.88 9.35
N LEU K 291 12.06 -16.71 9.61
CA LEU K 291 12.78 -15.55 9.13
C LEU K 291 12.85 -15.60 7.61
N ALA K 292 13.17 -16.78 7.10
CA ALA K 292 13.22 -16.98 5.65
C ALA K 292 11.84 -16.77 5.02
N GLN K 293 10.80 -17.27 5.69
CA GLN K 293 9.43 -17.12 5.19
C GLN K 293 9.02 -15.65 5.16
N ALA K 294 9.15 -14.96 6.29
CA ALA K 294 8.78 -13.55 6.37
C ALA K 294 9.61 -12.71 5.42
N LEU K 295 10.84 -13.13 5.17
CA LEU K 295 11.71 -12.46 4.22
C LEU K 295 11.22 -12.70 2.80
N TYR K 296 10.58 -13.85 2.59
CA TYR K 296 10.02 -14.20 1.29
C TYR K 296 8.66 -13.54 1.09
N GLU K 297 8.08 -13.05 2.17
CA GLU K 297 6.83 -12.30 2.13
C GLU K 297 7.07 -10.85 1.72
N ARG K 298 8.23 -10.33 2.09
CA ARG K 298 8.54 -8.92 1.92
C ARG K 298 9.07 -8.61 0.52
N GLY K 299 9.14 -9.64 -0.32
CA GLY K 299 9.46 -9.44 -1.73
C GLY K 299 10.87 -9.85 -2.15
N PHE K 300 11.65 -10.38 -1.23
CA PHE K 300 12.98 -10.88 -1.59
C PHE K 300 12.83 -12.18 -2.37
N ASN K 301 13.94 -12.72 -2.84
CA ASN K 301 13.96 -14.11 -3.27
C ASN K 301 14.90 -14.89 -2.38
N VAL K 302 14.34 -15.69 -1.49
CA VAL K 302 15.13 -16.51 -0.58
C VAL K 302 15.12 -17.93 -1.11
N LEU K 303 16.28 -18.55 -1.21
CA LEU K 303 16.39 -19.85 -1.86
C LEU K 303 15.80 -20.96 -1.01
N CYS K 304 15.77 -22.16 -1.56
CA CYS K 304 15.08 -23.31 -0.96
C CYS K 304 13.69 -22.93 -0.51
N GLU K 305 12.84 -22.58 -1.47
CA GLU K 305 11.48 -22.12 -1.19
C GLU K 305 10.58 -23.30 -0.84
N HIS K 306 11.08 -24.51 -1.08
CA HIS K 306 10.36 -25.73 -0.76
C HIS K 306 10.74 -26.24 0.62
N LYS K 307 11.59 -25.49 1.31
CA LYS K 307 12.07 -25.87 2.63
C LYS K 307 11.76 -24.80 3.66
N THR K 310 15.01 -24.26 4.98
CA THR K 310 16.31 -24.55 5.58
C THR K 310 16.17 -25.24 6.93
N GLU K 311 16.96 -26.29 7.14
CA GLU K 311 16.97 -26.98 8.43
C GLU K 311 18.10 -26.46 9.29
N SER K 312 18.92 -25.57 8.74
CA SER K 312 20.09 -25.04 9.43
C SER K 312 19.84 -23.67 10.06
N HIS K 313 20.91 -23.08 10.57
CA HIS K 313 20.86 -21.75 11.16
C HIS K 313 21.16 -20.67 10.12
N GLN K 314 21.62 -21.09 8.95
CA GLN K 314 22.00 -20.16 7.90
C GLN K 314 20.92 -20.06 6.82
N VAL K 315 20.73 -18.86 6.26
CA VAL K 315 19.74 -18.67 5.21
C VAL K 315 20.38 -18.10 3.94
N ILE K 316 19.83 -18.46 2.79
CA ILE K 316 20.43 -18.14 1.49
C ILE K 316 19.50 -17.33 0.59
N ILE K 317 19.99 -16.18 0.14
CA ILE K 317 19.20 -15.27 -0.68
C ILE K 317 19.89 -14.99 -2.00
N ASP K 318 19.15 -15.06 -3.11
CA ASP K 318 19.70 -14.70 -4.40
C ASP K 318 19.13 -13.38 -4.87
N ILE K 319 19.97 -12.34 -4.86
CA ILE K 319 19.52 -10.97 -5.10
C ILE K 319 19.33 -10.66 -6.57
N GLU K 320 20.27 -11.12 -7.39
CA GLU K 320 20.24 -10.85 -8.82
C GLU K 320 18.92 -11.30 -9.46
N SER K 321 18.52 -12.54 -9.19
CA SER K 321 17.27 -13.06 -9.72
C SER K 321 16.07 -12.48 -8.98
N SER K 322 16.31 -11.95 -7.79
CA SER K 322 15.25 -11.32 -7.01
C SER K 322 14.84 -10.00 -7.63
N PRO K 323 13.58 -9.90 -8.08
CA PRO K 323 13.10 -8.69 -8.73
C PRO K 323 12.65 -7.64 -7.71
N ASP K 324 12.25 -6.47 -8.20
CA ASP K 324 11.89 -5.32 -7.38
C ASP K 324 13.11 -4.74 -6.63
N ILE K 325 14.23 -5.46 -6.72
CA ILE K 325 15.50 -4.99 -6.19
C ILE K 325 16.38 -4.57 -7.34
N GLU K 326 16.74 -5.53 -8.19
CA GLU K 326 17.61 -5.32 -9.34
C GLU K 326 18.91 -4.61 -8.93
N PHE K 327 19.42 -5.02 -7.78
CA PHE K 327 20.73 -4.56 -7.32
C PHE K 327 21.68 -5.74 -7.36
N SER K 328 22.92 -5.54 -6.92
CA SER K 328 23.84 -6.66 -6.74
C SER K 328 23.98 -6.97 -5.25
N ALA K 329 24.73 -8.01 -4.93
CA ALA K 329 24.81 -8.49 -3.55
C ALA K 329 25.51 -7.49 -2.63
N SER K 330 26.71 -7.07 -3.03
CA SER K 330 27.48 -6.14 -2.22
C SER K 330 26.80 -4.77 -2.18
N GLU K 331 26.05 -4.48 -3.24
CA GLU K 331 25.27 -3.25 -3.33
C GLU K 331 24.32 -3.13 -2.14
N LEU K 332 23.71 -4.26 -1.77
CA LEU K 332 22.87 -4.30 -0.57
C LEU K 332 23.74 -4.37 0.67
N ALA K 333 24.78 -5.22 0.61
CA ALA K 333 25.60 -5.53 1.77
C ALA K 333 26.22 -4.29 2.44
N LYS K 334 26.71 -3.36 1.64
CA LYS K 334 27.34 -2.15 2.18
C LYS K 334 26.34 -1.27 2.92
N MET K 335 25.28 -0.87 2.22
CA MET K 335 24.24 -0.02 2.80
C MET K 335 23.67 -0.69 4.04
N TYR K 336 23.60 -2.01 4.02
CA TYR K 336 23.22 -2.78 5.18
C TYR K 336 24.23 -2.56 6.31
N GLU K 337 25.51 -2.60 5.98
CA GLU K 337 26.57 -2.44 6.96
C GLU K 337 26.47 -1.08 7.65
N GLU K 338 26.09 -0.05 6.91
CA GLU K 338 25.90 1.26 7.53
C GLU K 338 24.46 1.47 8.01
N ALA K 339 23.63 0.44 7.86
CA ALA K 339 22.26 0.47 8.37
C ALA K 339 22.13 -0.24 9.73
N ASN K 340 23.27 -0.68 10.28
CA ASN K 340 23.32 -1.46 11.52
C ASN K 340 22.69 -2.85 11.39
N ILE K 341 22.63 -3.36 10.16
CA ILE K 341 22.35 -4.78 9.94
C ILE K 341 23.45 -5.35 9.03
N ILE K 342 24.28 -6.23 9.58
CA ILE K 342 25.50 -6.64 8.88
C ILE K 342 25.46 -8.12 8.49
N LEU K 343 25.70 -8.42 7.22
CA LEU K 343 25.69 -9.82 6.81
C LEU K 343 26.99 -10.34 6.16
N ASN K 344 27.16 -10.13 4.86
CA ASN K 344 28.33 -10.59 4.10
C ASN K 344 28.32 -10.18 2.62
N LYS K 345 29.28 -10.69 1.86
CA LYS K 345 29.24 -10.82 0.41
C LYS K 345 29.55 -12.25 0.02
N ASN K 346 28.56 -13.00 -0.45
CA ASN K 346 28.75 -14.44 -0.67
C ASN K 346 28.32 -14.97 -2.03
N LEU K 347 29.18 -15.83 -2.59
CA LEU K 347 28.91 -16.48 -3.86
C LEU K 347 27.78 -17.49 -3.73
N LEU K 348 27.10 -17.73 -4.85
CA LEU K 348 26.10 -18.78 -4.94
C LEU K 348 26.53 -19.75 -6.03
N PRO K 349 26.05 -21.01 -5.96
CA PRO K 349 26.48 -22.00 -6.97
C PRO K 349 26.15 -21.59 -8.40
N TRP K 350 25.22 -20.66 -8.55
CA TRP K 350 24.82 -20.15 -9.87
C TRP K 350 25.87 -19.23 -10.49
N ASP K 351 26.75 -18.69 -9.64
CA ASP K 351 27.72 -17.69 -10.07
C ASP K 351 28.58 -18.14 -11.24
N ASP K 352 28.74 -17.25 -12.21
CA ASP K 352 29.49 -17.53 -13.44
C ASP K 352 30.94 -17.95 -13.18
N VAL K 353 31.77 -17.01 -12.76
CA VAL K 353 33.17 -17.27 -12.42
C VAL K 353 33.46 -16.61 -11.10
N ASN K 354 34.54 -16.98 -10.42
CA ASN K 354 34.86 -16.22 -9.22
C ASN K 354 36.16 -15.44 -9.29
N ASN K 355 36.01 -14.15 -9.60
CA ASN K 355 36.79 -13.07 -9.04
C ASN K 355 35.78 -11.95 -8.84
N SER K 356 35.43 -11.63 -7.60
CA SER K 356 34.31 -10.71 -7.39
C SER K 356 34.35 -9.91 -6.11
N ASP K 357 33.93 -8.66 -6.20
CA ASP K 357 33.49 -7.91 -5.02
C ASP K 357 31.96 -7.95 -4.94
N ASN K 358 31.34 -8.52 -5.96
CA ASN K 358 29.88 -8.46 -6.10
C ASN K 358 29.22 -9.74 -6.61
N PRO K 359 28.91 -10.68 -5.70
CA PRO K 359 28.27 -11.96 -6.03
C PRO K 359 26.76 -11.83 -6.31
N SER K 360 26.09 -12.98 -6.45
CA SER K 360 24.68 -13.01 -6.81
C SER K 360 23.72 -12.76 -5.65
N GLY K 361 24.17 -13.03 -4.42
CA GLY K 361 23.30 -12.90 -3.27
C GLY K 361 23.98 -12.88 -1.91
N ILE K 362 23.18 -13.06 -0.86
CA ILE K 362 23.66 -12.92 0.51
C ILE K 362 23.32 -14.13 1.38
N ARG K 363 24.18 -14.46 2.33
CA ARG K 363 23.92 -15.53 3.29
C ARG K 363 23.92 -15.00 4.71
N LEU K 364 22.87 -15.33 5.48
CA LEU K 364 22.74 -14.81 6.84
C LEU K 364 22.70 -15.93 7.87
N GLY K 365 22.63 -15.56 9.14
CA GLY K 365 22.48 -16.53 10.22
C GLY K 365 21.82 -15.96 11.47
N THR K 366 21.14 -16.83 12.20
CA THR K 366 20.32 -16.43 13.36
C THR K 366 20.94 -16.65 14.74
N GLN K 367 22.14 -17.22 14.81
CA GLN K 367 22.66 -17.74 16.08
C GLN K 367 22.91 -16.69 17.17
N GLU K 368 23.64 -15.63 16.82
CA GLU K 368 24.02 -14.62 17.80
C GLU K 368 22.78 -13.91 18.35
N CYS K 369 21.87 -13.56 17.45
CA CYS K 369 20.62 -12.93 17.83
C CYS K 369 19.82 -13.82 18.78
N THR K 370 19.90 -15.13 18.55
CA THR K 370 19.22 -16.08 19.42
C THR K 370 19.84 -16.08 20.80
N ARG K 371 21.16 -16.05 20.87
CA ARG K 371 21.83 -15.93 22.16
C ARG K 371 21.51 -14.60 22.82
N LEU K 372 21.24 -13.59 21.99
CA LEU K 372 20.80 -12.29 22.49
C LEU K 372 19.36 -12.36 22.98
N GLY K 373 18.70 -13.49 22.69
CA GLY K 373 17.37 -13.73 23.19
C GLY K 373 16.27 -13.62 22.14
N MET K 374 16.59 -13.03 20.99
CA MET K 374 15.59 -12.80 19.95
C MET K 374 14.84 -14.06 19.56
N LYS K 375 13.53 -13.92 19.40
CA LYS K 375 12.68 -15.03 18.98
C LYS K 375 11.86 -14.64 17.76
N GLU K 376 10.93 -15.51 17.38
CA GLU K 376 10.16 -15.41 16.14
C GLU K 376 9.60 -14.01 15.85
N LYS K 377 9.03 -13.39 16.88
CA LYS K 377 8.49 -12.04 16.75
C LYS K 377 9.58 -11.05 16.33
N GLU K 378 10.72 -11.13 17.01
CA GLU K 378 11.81 -10.19 16.78
C GLU K 378 12.46 -10.33 15.41
N MET K 379 12.57 -11.56 14.91
CA MET K 379 13.16 -11.76 13.60
C MET K 379 12.14 -11.45 12.50
N GLU K 380 10.86 -11.64 12.82
CA GLU K 380 9.80 -11.18 11.93
C GLU K 380 9.85 -9.65 11.84
N GLU K 381 10.33 -9.03 12.91
CA GLU K 381 10.57 -7.59 12.90
C GLU K 381 11.93 -7.25 12.29
N ILE K 382 12.80 -8.25 12.15
CA ILE K 382 14.06 -8.08 11.45
C ILE K 382 13.78 -7.97 9.97
N ALA K 383 12.79 -8.75 9.52
CA ALA K 383 12.35 -8.73 8.12
C ALA K 383 12.03 -7.31 7.64
N GLU K 384 11.48 -6.49 8.52
CA GLU K 384 11.17 -5.09 8.19
C GLU K 384 12.44 -4.31 7.86
N PHE K 385 13.38 -4.29 8.81
CA PHE K 385 14.64 -3.58 8.63
C PHE K 385 15.38 -4.05 7.38
N MET K 386 15.33 -5.37 7.15
CA MET K 386 15.93 -5.96 5.96
C MET K 386 15.29 -5.45 4.68
N LYS K 387 13.95 -5.51 4.63
CA LYS K 387 13.20 -5.16 3.43
C LYS K 387 13.30 -3.68 3.07
N ARG K 388 13.31 -2.82 4.09
CA ARG K 388 13.20 -1.37 3.89
C ARG K 388 14.18 -0.79 2.87
N ILE K 389 15.41 -1.31 2.85
CA ILE K 389 16.45 -0.80 1.97
C ILE K 389 16.39 -1.33 0.53
N ALA K 390 16.03 -2.60 0.36
CA ALA K 390 16.02 -3.23 -0.95
C ALA K 390 14.81 -2.82 -1.78
N ILE K 391 13.62 -3.19 -1.31
CA ILE K 391 12.35 -2.80 -1.90
C ILE K 391 11.91 -1.65 -1.02
N ASP K 392 11.10 -0.70 -1.53
CA ASP K 392 11.13 0.66 -1.01
C ASP K 392 12.34 1.59 -1.13
N LYS K 393 13.48 1.21 -0.55
CA LYS K 393 14.77 1.91 -0.71
C LYS K 393 14.69 3.38 -0.29
N GLU K 394 14.03 3.57 0.85
CA GLU K 394 14.17 4.80 1.65
C GLU K 394 15.59 4.91 2.23
N LYS K 395 15.94 6.10 2.70
CA LYS K 395 17.28 6.41 3.21
C LYS K 395 17.81 5.42 4.26
N PRO K 396 18.98 4.82 3.98
CA PRO K 396 19.65 3.84 4.85
C PRO K 396 20.08 4.36 6.22
N GLU K 397 20.70 5.53 6.27
CA GLU K 397 21.23 6.04 7.54
C GLU K 397 20.09 6.60 8.41
N LYS K 398 18.95 6.84 7.78
CA LYS K 398 17.78 7.38 8.47
C LYS K 398 17.17 6.35 9.42
N VAL K 399 17.18 5.09 9.00
CA VAL K 399 16.62 4.01 9.80
C VAL K 399 17.64 3.47 10.79
N ARG K 400 18.84 4.04 10.78
CA ARG K 400 19.88 3.64 11.72
C ARG K 400 19.59 4.19 13.11
N GLU K 401 19.04 5.40 13.16
CA GLU K 401 18.60 5.99 14.43
C GLU K 401 17.50 5.15 15.04
N ASP K 402 16.73 4.47 14.19
CA ASP K 402 15.69 3.55 14.62
C ASP K 402 16.27 2.21 15.08
N VAL K 403 17.17 1.63 14.29
CA VAL K 403 17.72 0.31 14.56
C VAL K 403 18.68 0.31 15.76
N LYS K 404 19.49 1.35 15.88
CA LYS K 404 20.46 1.42 16.97
C LYS K 404 19.77 1.56 18.33
N GLU K 405 18.52 1.99 18.33
CA GLU K 405 17.74 2.09 19.55
C GLU K 405 16.89 0.84 19.75
N PHE K 406 17.03 -0.12 18.84
CA PHE K 406 16.24 -1.35 18.87
C PHE K 406 16.97 -2.48 19.61
N ALA K 407 18.12 -2.88 19.07
CA ALA K 407 18.86 -4.02 19.61
C ALA K 407 19.49 -3.72 20.96
N LYS K 408 19.56 -2.44 21.33
CA LYS K 408 20.17 -2.03 22.59
C LYS K 408 19.38 -2.53 23.80
N GLU K 409 18.17 -3.01 23.54
CA GLU K 409 17.31 -3.48 24.62
C GLU K 409 17.78 -4.83 25.15
N TYR K 410 18.36 -5.66 24.29
CA TYR K 410 18.93 -6.91 24.78
C TYR K 410 20.45 -6.82 24.83
N SER K 411 20.97 -6.63 26.03
CA SER K 411 22.40 -6.75 26.30
C SER K 411 22.72 -8.13 26.85
N THR K 412 21.66 -8.87 27.17
CA THR K 412 21.79 -10.12 27.93
C THR K 412 22.31 -11.28 27.12
N ILE K 413 22.98 -12.20 27.81
CA ILE K 413 23.47 -13.42 27.19
C ILE K 413 22.60 -14.59 27.64
N HIS K 414 21.78 -15.09 26.73
CA HIS K 414 20.82 -16.12 27.10
C HIS K 414 21.41 -17.51 26.95
N TYR K 415 20.63 -18.50 27.35
CA TYR K 415 21.07 -19.90 27.31
C TYR K 415 22.38 -20.08 28.07
N SER K 416 22.57 -19.25 29.09
CA SER K 416 23.72 -19.35 29.98
C SER K 416 23.22 -19.44 31.41
N PHE K 417 24.13 -19.60 32.36
CA PHE K 417 23.75 -19.73 33.76
C PHE K 417 23.66 -18.37 34.44
N ASP K 418 24.12 -17.35 33.73
CA ASP K 418 24.12 -15.98 34.23
C ASP K 418 23.62 -15.04 33.14
N GLU K 419 22.93 -13.98 33.53
CA GLU K 419 22.52 -12.99 32.55
C GLU K 419 23.29 -11.70 32.78
N GLY K 420 24.26 -11.44 31.91
CA GLY K 420 25.08 -10.25 31.99
C GLY K 420 24.82 -9.29 30.86
N ASP K 421 25.83 -8.45 30.59
CA ASP K 421 25.81 -7.58 29.43
C ASP K 421 26.88 -8.07 28.46
N GLY K 422 26.44 -8.61 27.33
CA GLY K 422 27.34 -9.17 26.35
C GLY K 422 28.21 -8.15 25.64
N PHE K 423 27.75 -6.91 25.58
CA PHE K 423 28.50 -5.84 24.93
C PHE K 423 29.28 -5.00 25.94
N LYS K 424 29.19 -5.38 27.21
CA LYS K 424 29.85 -4.67 28.30
C LYS K 424 31.37 -4.64 28.14
N TYR K 425 31.95 -3.45 28.30
CA TYR K 425 33.40 -3.32 28.31
C TYR K 425 33.91 -3.20 29.74
N LEU K 426 34.93 -3.98 30.06
CA LEU K 426 35.48 -3.98 31.41
C LEU K 426 36.88 -3.39 31.43
N ARG K 427 37.07 -2.34 32.23
CA ARG K 427 38.36 -1.69 32.32
C ARG K 427 39.30 -2.47 33.23
N PHE K 428 40.42 -2.92 32.68
CA PHE K 428 41.46 -3.57 33.46
C PHE K 428 42.35 -2.53 34.13
N TYR K 429 42.30 -1.31 33.60
CA TYR K 429 43.10 -0.21 34.13
C TYR K 429 42.40 1.12 33.91
N GLU L 2 24.15 -29.08 37.86
CA GLU L 2 25.58 -29.03 38.16
C GLU L 2 26.32 -28.17 37.14
N TYR L 3 25.81 -28.15 35.91
CA TYR L 3 26.40 -27.30 34.87
C TYR L 3 26.35 -25.85 35.29
N SER L 4 25.29 -25.48 36.00
CA SER L 4 25.13 -24.13 36.54
C SER L 4 26.31 -23.74 37.42
N ASP L 5 26.98 -24.75 37.97
CA ASP L 5 28.12 -24.51 38.87
C ASP L 5 29.45 -24.36 38.14
N VAL L 6 29.50 -24.76 36.87
CA VAL L 6 30.76 -24.73 36.13
C VAL L 6 31.35 -23.32 35.86
N PRO L 7 30.52 -22.29 35.61
CA PRO L 7 31.23 -21.03 35.34
C PRO L 7 31.92 -20.53 36.61
N LYS L 8 31.39 -20.96 37.75
CA LYS L 8 31.99 -20.68 39.05
C LYS L 8 33.28 -21.46 39.21
N PHE L 9 33.33 -22.65 38.61
CA PHE L 9 34.48 -23.55 38.73
C PHE L 9 35.76 -22.87 38.25
N ILE L 10 35.90 -22.68 36.95
CA ILE L 10 37.18 -22.25 36.41
C ILE L 10 37.49 -20.81 36.79
N ARG L 11 36.47 -20.00 37.01
CA ARG L 11 36.70 -18.61 37.39
C ARG L 11 37.25 -18.57 38.82
N ASP L 12 37.02 -19.64 39.57
CA ASP L 12 37.75 -19.84 40.81
C ASP L 12 39.19 -20.21 40.46
N VAL L 13 39.33 -21.23 39.64
CA VAL L 13 40.64 -21.73 39.22
C VAL L 13 41.40 -20.64 38.47
N SER L 14 40.67 -19.69 37.90
CA SER L 14 41.27 -18.53 37.26
C SER L 14 41.78 -17.53 38.29
N ILE L 15 40.95 -17.21 39.28
CA ILE L 15 41.34 -16.22 40.27
C ILE L 15 42.40 -16.84 41.18
N LYS L 16 42.41 -18.16 41.22
CA LYS L 16 43.48 -18.88 41.90
C LYS L 16 44.71 -18.95 41.00
N GLN L 17 44.48 -19.04 39.68
CA GLN L 17 45.57 -19.10 38.72
C GLN L 17 46.55 -17.97 38.94
N HIS L 18 46.06 -16.75 38.74
CA HIS L 18 46.84 -15.54 39.03
C HIS L 18 47.45 -15.67 40.41
N GLU L 19 46.63 -16.08 41.38
CA GLU L 19 47.04 -16.15 42.77
C GLU L 19 48.29 -17.00 42.93
N TRP L 20 48.34 -18.11 42.20
CA TRP L 20 49.56 -18.91 42.19
C TRP L 20 50.69 -18.10 41.57
N MET L 21 50.48 -17.68 40.33
CA MET L 21 51.56 -17.11 39.52
C MET L 21 52.08 -15.78 40.06
N ARG L 22 51.24 -15.01 40.73
CA ARG L 22 51.71 -13.76 41.30
C ARG L 22 52.52 -14.03 42.55
N GLU L 23 52.21 -15.10 43.26
CA GLU L 23 52.98 -15.49 44.43
C GLU L 23 54.25 -16.25 44.05
N SER L 24 54.14 -17.09 43.04
CA SER L 24 55.25 -17.95 42.63
C SER L 24 56.28 -17.21 41.79
N ILE L 25 57.52 -17.69 41.82
CA ILE L 25 58.59 -17.17 40.97
C ILE L 25 58.75 -18.03 39.73
N LYS L 26 58.46 -17.45 38.57
CA LYS L 26 58.31 -18.23 37.35
C LYS L 26 59.51 -18.09 36.40
N LEU L 27 60.30 -19.16 36.30
CA LEU L 27 61.53 -19.14 35.51
C LEU L 27 61.39 -19.75 34.11
N ILE L 28 60.19 -20.22 33.77
CA ILE L 28 59.97 -20.86 32.47
C ILE L 28 60.21 -19.88 31.32
N ALA L 29 61.04 -20.29 30.36
CA ALA L 29 61.53 -19.40 29.31
C ALA L 29 60.57 -19.25 28.12
N SER L 30 59.58 -20.11 28.01
CA SER L 30 58.64 -20.03 26.90
C SER L 30 57.43 -19.19 27.26
N GLU L 31 57.43 -18.63 28.46
CA GLU L 31 56.26 -17.93 28.98
C GLU L 31 56.56 -16.51 29.39
N ASN L 32 55.53 -15.67 29.42
CA ASN L 32 55.67 -14.24 29.66
C ASN L 32 54.39 -13.65 30.24
N ILE L 33 54.49 -12.46 30.84
CA ILE L 33 53.33 -11.78 31.41
C ILE L 33 52.78 -10.73 30.45
N THR L 34 51.45 -10.61 30.41
CA THR L 34 50.79 -9.63 29.56
C THR L 34 50.23 -8.47 30.39
N SER L 35 50.45 -7.24 29.91
CA SER L 35 50.02 -6.05 30.63
C SER L 35 48.51 -5.89 30.62
N LEU L 36 48.00 -5.09 31.55
CA LEU L 36 46.56 -4.84 31.67
C LEU L 36 46.00 -4.24 30.39
N ALA L 37 46.78 -3.38 29.75
CA ALA L 37 46.37 -2.76 28.50
C ALA L 37 46.25 -3.80 27.40
N VAL L 38 47.23 -4.69 27.32
CA VAL L 38 47.21 -5.79 26.37
C VAL L 38 46.09 -6.77 26.71
N ARG L 39 46.02 -7.14 27.98
CA ARG L 39 45.08 -8.14 28.47
C ARG L 39 43.62 -7.69 28.35
N GLU L 40 43.42 -6.37 28.25
CA GLU L 40 42.08 -5.81 28.25
C GLU L 40 41.35 -6.06 26.93
N ALA L 41 42.10 -6.02 25.83
CA ALA L 41 41.53 -6.14 24.50
C ALA L 41 41.07 -7.56 24.19
N CYS L 42 41.54 -8.52 24.99
CA CYS L 42 41.25 -9.93 24.74
C CYS L 42 39.77 -10.28 24.96
N ALA L 43 39.10 -9.50 25.79
CA ALA L 43 37.70 -9.78 26.13
C ALA L 43 36.72 -9.08 25.19
N THR L 44 37.24 -8.22 24.32
CA THR L 44 36.39 -7.40 23.48
C THR L 44 35.61 -8.21 22.44
N ASP L 45 34.58 -7.59 21.88
CA ASP L 45 33.69 -8.21 20.90
C ASP L 45 34.43 -8.76 19.68
N PHE L 46 35.67 -8.31 19.48
CA PHE L 46 36.51 -8.75 18.37
C PHE L 46 36.61 -10.27 18.28
N MET L 47 36.39 -10.95 19.41
CA MET L 47 36.38 -12.40 19.47
C MET L 47 35.45 -13.03 18.46
N HIS L 48 34.40 -12.31 18.09
CA HIS L 48 33.35 -12.85 17.25
C HIS L 48 33.54 -12.55 15.76
N ARG L 49 34.60 -11.82 15.42
CA ARG L 49 34.69 -11.25 14.08
C ARG L 49 35.63 -11.94 13.10
N TYR L 50 35.60 -11.47 11.85
CA TYR L 50 36.48 -11.96 10.79
C TYR L 50 36.88 -10.83 9.83
N ALA L 51 38.17 -10.72 9.53
CA ALA L 51 38.68 -9.73 8.60
C ALA L 51 39.63 -10.39 7.61
N GLU L 52 39.61 -9.95 6.35
CA GLU L 52 40.32 -10.65 5.28
C GLU L 52 41.54 -9.92 4.74
N GLY L 53 42.72 -10.47 5.02
CA GLY L 53 43.95 -9.94 4.47
C GLY L 53 44.19 -8.46 4.76
N LEU L 54 44.62 -7.74 3.73
CA LEU L 54 45.05 -6.35 3.89
C LEU L 54 44.68 -5.43 2.70
N PRO L 55 44.37 -4.15 2.98
CA PRO L 55 44.06 -3.70 4.34
C PRO L 55 42.73 -4.21 4.90
N GLY L 56 41.61 -3.85 4.27
CA GLY L 56 40.34 -4.48 4.61
C GLY L 56 39.89 -5.68 3.80
N LYS L 57 39.65 -5.43 2.51
CA LYS L 57 39.39 -6.42 1.46
C LYS L 57 38.59 -7.66 1.88
N ARG L 58 37.58 -7.48 2.72
CA ARG L 58 36.83 -8.59 3.26
C ARG L 58 35.78 -9.14 2.29
N LEU L 59 35.57 -10.45 2.35
CA LEU L 59 34.48 -11.10 1.63
C LEU L 59 33.25 -11.15 2.55
N TYR L 60 33.41 -10.61 3.74
CA TYR L 60 32.29 -10.35 4.64
C TYR L 60 32.16 -8.84 4.80
N GLN L 61 31.23 -8.39 5.64
CA GLN L 61 31.11 -6.97 5.92
C GLN L 61 31.00 -6.73 7.42
N GLY L 62 30.91 -5.47 7.81
CA GLY L 62 30.82 -5.10 9.21
C GLY L 62 32.18 -5.02 9.88
N CYS L 63 33.23 -4.98 9.07
CA CYS L 63 34.60 -4.82 9.54
C CYS L 63 35.05 -3.35 9.52
N LYS L 64 34.11 -2.45 9.29
CA LYS L 64 34.41 -1.04 9.03
C LYS L 64 35.42 -0.42 9.99
N TYR L 65 35.35 -0.77 11.27
CA TYR L 65 36.34 -0.29 12.24
C TYR L 65 37.62 -1.12 12.19
N ILE L 66 37.52 -2.34 11.67
CA ILE L 66 38.64 -3.29 11.70
C ILE L 66 39.69 -3.02 10.64
N ASP L 67 39.26 -2.64 9.44
CA ASP L 67 40.17 -2.36 8.34
C ASP L 67 41.22 -1.34 8.76
N GLU L 68 40.86 -0.52 9.74
CA GLU L 68 41.78 0.41 10.37
C GLU L 68 42.71 -0.25 11.39
N VAL L 69 42.16 -1.11 12.24
CA VAL L 69 42.95 -1.66 13.35
C VAL L 69 43.99 -2.66 12.85
N GLU L 70 43.65 -3.40 11.79
CA GLU L 70 44.60 -4.30 11.16
C GLU L 70 45.78 -3.47 10.65
N THR L 71 45.45 -2.36 10.01
CA THR L 71 46.45 -1.44 9.48
C THR L 71 47.27 -0.82 10.60
N LEU L 72 46.65 -0.70 11.77
CA LEU L 72 47.34 -0.15 12.93
C LEU L 72 48.37 -1.12 13.43
N CYS L 73 48.00 -2.41 13.51
CA CYS L 73 48.95 -3.43 13.91
C CYS L 73 50.07 -3.56 12.88
N ILE L 74 49.71 -3.43 11.60
CA ILE L 74 50.68 -3.53 10.50
C ILE L 74 51.69 -2.38 10.57
N GLU L 75 51.21 -1.16 10.76
CA GLU L 75 52.09 0.00 10.86
C GLU L 75 52.95 -0.11 12.10
N LEU L 76 52.34 -0.55 13.20
CA LEU L 76 53.06 -0.74 14.43
C LEU L 76 54.11 -1.84 14.30
N SER L 77 53.93 -2.71 13.32
CA SER L 77 54.92 -3.73 13.02
C SER L 77 55.91 -3.26 11.96
N LYS L 78 55.62 -2.12 11.35
CA LYS L 78 56.55 -1.52 10.39
C LYS L 78 57.53 -0.58 11.09
N GLU L 79 57.01 0.51 11.64
CA GLU L 79 57.84 1.54 12.26
C GLU L 79 58.55 1.06 13.53
N LEU L 80 58.22 -0.13 14.00
CA LEU L 80 58.90 -0.73 15.15
C LEU L 80 60.13 -1.50 14.73
N PHE L 81 59.92 -2.56 13.95
CA PHE L 81 61.02 -3.40 13.49
C PHE L 81 61.81 -2.72 12.37
N LYS L 82 61.27 -1.60 11.88
CA LYS L 82 61.81 -0.92 10.71
C LYS L 82 61.89 -1.90 9.54
N ALA L 83 60.88 -2.76 9.45
CA ALA L 83 60.81 -3.77 8.40
C ALA L 83 60.00 -3.25 7.22
N GLU L 84 60.39 -3.64 6.02
CA GLU L 84 59.73 -3.19 4.80
C GLU L 84 58.28 -3.67 4.71
N HIS L 85 57.98 -4.81 5.33
CA HIS L 85 56.60 -5.29 5.40
C HIS L 85 56.35 -6.20 6.60
N ALA L 86 55.09 -6.28 7.01
CA ALA L 86 54.68 -7.17 8.10
C ALA L 86 53.22 -7.61 7.97
N ASN L 87 52.96 -8.83 8.45
CA ASN L 87 51.60 -9.36 8.52
C ASN L 87 51.37 -9.96 9.89
N VAL L 88 50.43 -9.37 10.63
CA VAL L 88 50.15 -9.79 12.00
C VAL L 88 48.97 -10.76 12.06
N GLN L 89 48.39 -11.04 10.90
CA GLN L 89 47.24 -11.94 10.80
C GLN L 89 47.41 -13.39 11.31
N PRO L 90 48.61 -14.00 11.15
CA PRO L 90 48.76 -15.40 11.59
C PRO L 90 48.26 -15.69 13.01
N THR L 91 47.52 -16.78 13.15
CA THR L 91 46.78 -17.07 14.37
C THR L 91 47.61 -17.85 15.38
N SER L 92 48.89 -18.03 15.06
CA SER L 92 49.81 -18.79 15.92
C SER L 92 51.24 -18.73 15.40
N GLY L 93 52.18 -19.07 16.27
CA GLY L 93 53.57 -19.11 15.90
C GLY L 93 53.81 -20.24 14.92
N VAL L 94 53.10 -21.34 15.12
CA VAL L 94 53.18 -22.48 14.22
C VAL L 94 52.39 -22.18 12.95
N VAL L 95 51.39 -21.30 13.06
CA VAL L 95 50.63 -20.86 11.89
C VAL L 95 51.47 -19.94 11.01
N ALA L 96 52.19 -19.01 11.66
CA ALA L 96 53.11 -18.13 10.96
C ALA L 96 54.24 -18.94 10.31
N ASN L 97 54.84 -19.80 11.11
CA ASN L 97 55.92 -20.68 10.66
C ASN L 97 55.49 -21.55 9.47
N LEU L 98 54.30 -22.13 9.58
CA LEU L 98 53.75 -22.98 8.52
C LEU L 98 53.47 -22.18 7.26
N ALA L 99 52.92 -20.99 7.42
CA ALA L 99 52.66 -20.11 6.28
C ALA L 99 53.95 -19.76 5.57
N VAL L 100 55.02 -19.61 6.36
CA VAL L 100 56.34 -19.34 5.79
C VAL L 100 56.88 -20.55 5.03
N PHE L 101 56.72 -21.74 5.61
CA PHE L 101 57.16 -22.96 4.96
C PHE L 101 56.40 -23.21 3.66
N PHE L 102 55.15 -22.79 3.64
CA PHE L 102 54.29 -22.95 2.47
C PHE L 102 54.58 -21.87 1.43
N ALA L 103 55.11 -20.73 1.89
CA ALA L 103 55.36 -19.60 1.00
C ALA L 103 56.25 -19.99 -0.17
N GLU L 104 57.54 -20.21 0.07
CA GLU L 104 58.38 -20.74 -0.98
C GLU L 104 58.95 -22.10 -0.60
N THR L 105 58.38 -23.16 -1.21
CA THR L 105 58.80 -24.55 -1.01
C THR L 105 57.85 -25.45 -1.81
N LYS L 106 58.30 -26.66 -2.12
CA LYS L 106 57.47 -27.71 -2.67
C LYS L 106 57.74 -28.96 -1.85
N PRO L 107 56.85 -29.96 -1.91
CA PRO L 107 57.20 -31.21 -1.21
C PRO L 107 58.48 -31.82 -1.79
N GLY L 108 59.44 -32.11 -0.92
CA GLY L 108 60.73 -32.63 -1.35
C GLY L 108 61.84 -31.59 -1.31
N ASP L 109 61.48 -30.32 -1.15
CA ASP L 109 62.47 -29.25 -1.11
C ASP L 109 63.24 -29.24 0.21
N LYS L 110 64.57 -29.22 0.10
CA LYS L 110 65.43 -29.24 1.28
C LYS L 110 65.26 -27.99 2.13
N LEU L 111 65.13 -28.17 3.44
CA LEU L 111 64.99 -27.06 4.37
C LEU L 111 66.03 -27.19 5.49
N MET L 112 66.98 -26.25 5.52
CA MET L 112 68.03 -26.30 6.54
C MET L 112 67.55 -25.63 7.83
N ALA L 113 67.51 -26.41 8.90
CA ALA L 113 66.92 -25.97 10.16
C ALA L 113 67.62 -26.56 11.38
N LEU L 114 67.36 -25.95 12.54
CA LEU L 114 67.90 -26.44 13.80
C LEU L 114 67.06 -27.61 14.31
N SER L 115 67.71 -28.74 14.53
CA SER L 115 67.02 -29.96 14.94
C SER L 115 66.64 -29.92 16.42
N VAL L 116 65.62 -30.70 16.77
CA VAL L 116 65.16 -30.78 18.15
C VAL L 116 66.24 -31.35 19.10
N PRO L 117 66.86 -32.50 18.75
CA PRO L 117 67.94 -32.95 19.64
C PRO L 117 69.13 -32.01 19.59
N ASP L 118 69.23 -31.25 18.50
CA ASP L 118 70.27 -30.24 18.34
C ASP L 118 70.01 -29.02 19.23
N GLY L 119 68.92 -29.07 19.99
CA GLY L 119 68.50 -27.93 20.78
C GLY L 119 67.75 -26.86 20.03
N GLY L 120 66.66 -27.25 19.37
CA GLY L 120 65.79 -26.31 18.71
C GLY L 120 64.34 -26.76 18.81
N HIS L 121 63.41 -25.83 18.57
CA HIS L 121 61.99 -26.08 18.76
C HIS L 121 61.43 -27.00 17.69
N ILE L 122 60.28 -27.61 17.98
CA ILE L 122 59.57 -28.41 17.00
C ILE L 122 58.97 -27.51 15.92
N SER L 123 58.22 -28.11 15.00
CA SER L 123 57.64 -27.44 13.84
C SER L 123 58.70 -27.04 12.81
N HIS L 124 59.97 -27.15 13.18
CA HIS L 124 61.06 -27.04 12.21
C HIS L 124 61.28 -28.38 11.51
N TRP L 125 60.92 -29.46 12.21
CA TRP L 125 61.08 -30.82 11.70
C TRP L 125 59.73 -31.53 11.71
N LYS L 126 59.65 -32.65 11.01
CA LYS L 126 58.36 -33.23 10.65
C LYS L 126 57.57 -33.78 11.83
N VAL L 127 56.40 -34.32 11.52
CA VAL L 127 55.41 -34.77 12.52
C VAL L 127 55.01 -33.61 13.42
N ALA L 129 54.73 -29.54 12.85
CA ALA L 129 54.51 -29.32 11.43
C ALA L 129 55.75 -29.64 10.61
N ALA L 130 55.98 -28.85 9.56
CA ALA L 130 57.16 -28.95 8.69
C ALA L 130 57.29 -30.28 7.94
N GLY L 131 56.39 -31.22 8.23
CA GLY L 131 56.30 -32.46 7.48
C GLY L 131 55.00 -32.47 6.70
N ILE L 132 54.36 -31.30 6.65
CA ILE L 132 53.06 -31.17 6.05
C ILE L 132 53.14 -30.94 4.53
N ARG L 133 53.72 -29.81 4.13
CA ARG L 133 53.87 -29.50 2.71
C ARG L 133 55.25 -29.88 2.18
N GLY L 134 56.26 -29.10 2.57
CA GLY L 134 57.62 -29.41 2.17
C GLY L 134 58.22 -30.41 3.13
N LEU L 135 59.15 -31.23 2.64
CA LEU L 135 59.76 -32.25 3.49
C LEU L 135 61.26 -32.35 3.25
N LYS L 136 61.88 -33.35 3.87
CA LYS L 136 63.34 -33.53 3.86
C LYS L 136 64.05 -32.33 4.47
N VAL L 137 63.88 -32.16 5.78
CA VAL L 137 64.55 -31.11 6.52
C VAL L 137 65.94 -31.59 6.98
N ILE L 138 66.95 -30.78 6.74
CA ILE L 138 68.32 -31.12 7.08
C ILE L 138 68.83 -30.25 8.22
N ASN L 139 69.77 -30.79 9.00
CA ASN L 139 70.21 -30.13 10.23
C ASN L 139 71.44 -29.25 10.06
N HIS L 140 71.44 -28.11 10.76
CA HIS L 140 72.61 -27.23 10.80
C HIS L 140 73.77 -27.92 11.48
N PRO L 141 75.01 -27.64 11.02
CA PRO L 141 76.17 -28.09 11.77
C PRO L 141 76.21 -27.45 13.15
N PHE L 142 76.36 -28.27 14.18
CA PHE L 142 76.32 -27.75 15.55
C PHE L 142 77.62 -28.05 16.29
N ASP L 143 77.90 -27.22 17.30
CA ASP L 143 79.11 -27.37 18.08
C ASP L 143 78.75 -27.52 19.56
N PRO L 144 78.60 -28.77 20.02
CA PRO L 144 78.22 -29.07 21.40
C PRO L 144 79.05 -28.32 22.45
N GLU L 145 80.35 -28.16 22.21
CA GLU L 145 81.22 -27.41 23.13
C GLU L 145 80.74 -25.99 23.34
N GLU L 146 80.86 -25.16 22.32
CA GLU L 146 80.36 -23.80 22.36
C GLU L 146 79.00 -23.75 21.69
N MET L 147 77.94 -23.52 22.46
CA MET L 147 76.61 -23.78 21.92
C MET L 147 76.19 -22.68 20.95
N ASN L 148 76.06 -23.08 19.70
CA ASN L 148 75.74 -22.21 18.56
C ASN L 148 75.66 -23.08 17.31
N ILE L 149 75.51 -22.46 16.15
CA ILE L 149 75.71 -23.11 14.86
C ILE L 149 77.18 -23.03 14.45
N ASP L 150 77.67 -24.06 13.75
CA ASP L 150 79.02 -24.04 13.19
C ASP L 150 78.98 -23.45 11.79
N ALA L 151 79.60 -22.29 11.63
CA ALA L 151 79.43 -21.47 10.42
C ALA L 151 80.16 -21.97 9.19
N ASP L 152 81.43 -22.34 9.36
CA ASP L 152 82.25 -22.80 8.24
C ASP L 152 81.61 -24.03 7.58
N ALA L 153 81.33 -25.03 8.41
CA ALA L 153 80.69 -26.25 7.93
C ALA L 153 79.26 -26.00 7.51
N MET L 154 78.66 -24.92 8.00
CA MET L 154 77.31 -24.53 7.57
C MET L 154 77.35 -24.10 6.11
N VAL L 155 78.27 -23.18 5.80
CA VAL L 155 78.46 -22.70 4.43
C VAL L 155 78.88 -23.84 3.51
N LYS L 156 79.76 -24.71 4.00
CA LYS L 156 80.20 -25.85 3.19
C LYS L 156 79.02 -26.80 2.92
N LYS L 157 78.15 -26.94 3.91
CA LYS L 157 76.99 -27.82 3.81
C LYS L 157 75.96 -27.27 2.82
N ILE L 158 75.78 -25.96 2.84
CA ILE L 158 74.90 -25.28 1.89
C ILE L 158 75.38 -25.53 0.46
N LEU L 159 76.68 -25.73 0.30
CA LEU L 159 77.26 -26.07 -0.99
C LEU L 159 77.44 -27.57 -1.13
N LYS L 162 73.11 -27.54 -1.31
CA LYS L 162 72.28 -26.84 -2.29
C LYS L 162 70.81 -26.87 -1.87
N PRO L 163 70.45 -26.12 -0.80
CA PRO L 163 69.10 -26.22 -0.24
C PRO L 163 68.10 -25.25 -0.86
N LYS L 164 66.84 -25.37 -0.45
CA LYS L 164 65.81 -24.40 -0.85
C LYS L 164 65.63 -23.28 0.19
N LEU L 165 66.13 -23.49 1.40
CA LEU L 165 65.83 -22.59 2.51
C LEU L 165 66.85 -22.70 3.65
N ILE L 166 66.87 -21.70 4.52
CA ILE L 166 67.69 -21.75 5.73
C ILE L 166 66.87 -21.27 6.93
N LEU L 167 66.91 -22.02 8.03
CA LEU L 167 66.11 -21.69 9.21
C LEU L 167 66.94 -21.51 10.48
N PHE L 168 66.64 -20.45 11.22
CA PHE L 168 67.30 -20.16 12.49
C PHE L 168 66.28 -20.03 13.61
N GLY L 169 66.74 -20.14 14.85
CA GLY L 169 65.86 -20.03 16.00
C GLY L 169 65.54 -21.36 16.62
N GLY L 170 64.99 -21.34 17.84
CA GLY L 170 64.63 -22.57 18.53
C GLY L 170 64.15 -22.34 19.95
N SER L 171 63.62 -23.40 20.56
CA SER L 171 63.14 -23.34 21.93
C SER L 171 64.31 -23.32 22.90
N LEU L 172 65.38 -24.04 22.52
CA LEU L 172 66.65 -23.92 23.21
C LEU L 172 67.55 -23.03 22.37
N PHE L 173 67.77 -21.80 22.82
CA PHE L 173 68.37 -20.79 21.95
C PHE L 173 69.37 -19.92 22.70
N PRO L 174 70.52 -20.49 23.07
CA PRO L 174 71.51 -19.75 23.87
C PRO L 174 72.15 -18.58 23.12
N PHE L 175 72.49 -18.78 21.85
CA PHE L 175 73.31 -17.81 21.13
C PHE L 175 72.75 -17.44 19.77
N PRO L 176 73.01 -16.19 19.34
CA PRO L 176 72.58 -15.74 18.01
C PRO L 176 73.17 -16.60 16.91
N HIS L 177 72.32 -17.06 15.99
CA HIS L 177 72.75 -17.90 14.89
C HIS L 177 73.34 -17.07 13.76
N PRO L 178 74.41 -17.57 13.15
CA PRO L 178 75.20 -16.86 12.13
C PRO L 178 74.44 -16.66 10.83
N VAL L 179 73.55 -15.66 10.82
CA VAL L 179 72.77 -15.34 9.63
C VAL L 179 73.64 -14.84 8.49
N ALA L 180 74.55 -13.91 8.80
CA ALA L 180 75.40 -13.29 7.79
C ALA L 180 76.33 -14.30 7.12
N ASP L 181 76.75 -15.30 7.89
CA ASP L 181 77.62 -16.34 7.37
C ASP L 181 76.91 -17.18 6.32
N ALA L 182 75.62 -17.40 6.53
CA ALA L 182 74.81 -18.20 5.61
C ALA L 182 74.08 -17.31 4.60
N TYR L 183 74.36 -16.01 4.63
CA TYR L 183 73.64 -15.08 3.76
C TYR L 183 74.08 -15.19 2.30
N GLU L 184 75.32 -14.80 2.02
CA GLU L 184 75.82 -14.82 0.66
C GLU L 184 75.96 -16.24 0.13
N ALA L 185 75.96 -17.20 1.05
CA ALA L 185 76.04 -18.61 0.69
C ALA L 185 74.69 -19.16 0.27
N ALA L 186 73.63 -18.45 0.65
CA ALA L 186 72.26 -18.89 0.36
C ALA L 186 71.81 -18.55 -1.05
N GLN L 187 72.23 -17.40 -1.55
CA GLN L 187 71.64 -16.85 -2.76
C GLN L 187 72.10 -17.51 -4.06
N GLU L 188 73.33 -18.01 -4.09
CA GLU L 188 73.88 -18.56 -5.32
C GLU L 188 73.45 -20.03 -5.53
N VAL L 189 72.93 -20.65 -4.47
CA VAL L 189 72.36 -21.99 -4.60
C VAL L 189 70.86 -21.90 -4.85
N GLY L 190 70.37 -20.67 -4.97
CA GLY L 190 68.97 -20.44 -5.28
C GLY L 190 68.06 -20.65 -4.09
N ALA L 191 68.62 -20.55 -2.89
CA ALA L 191 67.84 -20.70 -1.67
C ALA L 191 67.43 -19.35 -1.12
N LYS L 192 66.66 -19.39 -0.04
CA LYS L 192 66.26 -18.18 0.67
C LYS L 192 66.46 -18.41 2.17
N ILE L 193 66.18 -17.38 2.97
CA ILE L 193 66.43 -17.46 4.40
C ILE L 193 65.23 -16.98 5.20
N ALA L 194 64.78 -17.84 6.11
CA ALA L 194 63.68 -17.51 7.01
C ALA L 194 64.13 -17.70 8.46
N TYR L 195 64.21 -16.60 9.19
CA TYR L 195 64.58 -16.62 10.60
C TYR L 195 63.32 -16.79 11.45
N ASP L 196 63.30 -17.84 12.26
CA ASP L 196 62.17 -18.04 13.17
C ASP L 196 62.52 -17.37 14.49
N GLY L 197 61.81 -16.28 14.76
CA GLY L 197 62.17 -15.41 15.88
C GLY L 197 61.25 -15.54 17.07
N ALA L 198 60.53 -16.65 17.12
CA ALA L 198 59.50 -16.87 18.13
C ALA L 198 59.97 -16.64 19.57
N HIS L 199 61.14 -17.18 19.90
CA HIS L 199 61.64 -17.15 21.28
C HIS L 199 62.57 -15.96 21.55
N VAL L 200 62.72 -15.11 20.55
CA VAL L 200 63.68 -14.01 20.60
C VAL L 200 63.04 -12.65 20.26
N LEU L 201 62.35 -12.60 19.12
CA LEU L 201 62.08 -11.39 18.34
C LEU L 201 61.78 -10.10 19.10
N GLY L 202 61.02 -10.20 20.19
CA GLY L 202 60.77 -9.04 21.02
C GLY L 202 62.05 -8.38 21.49
N LEU L 203 63.08 -9.21 21.68
CA LEU L 203 64.42 -8.72 22.00
C LEU L 203 65.00 -7.96 20.83
N ILE L 204 64.73 -8.44 19.63
CA ILE L 204 65.20 -7.77 18.42
C ILE L 204 64.43 -6.47 18.22
N ALA L 205 63.20 -6.44 18.74
CA ALA L 205 62.41 -5.22 18.73
C ALA L 205 62.98 -4.21 19.70
N GLY L 206 63.69 -4.72 20.72
CA GLY L 206 64.41 -3.89 21.66
C GLY L 206 65.88 -3.78 21.26
N LYS L 207 66.17 -4.20 20.04
CA LYS L 207 67.52 -4.17 19.47
C LYS L 207 68.55 -4.86 20.35
N GLN L 208 68.37 -6.17 20.53
CA GLN L 208 69.35 -7.01 21.22
C GLN L 208 69.47 -8.35 20.48
N PHE L 209 70.19 -9.30 21.08
CA PHE L 209 70.48 -10.58 20.43
C PHE L 209 71.16 -10.30 19.10
N GLN L 210 70.50 -10.67 18.01
CA GLN L 210 71.00 -10.34 16.68
C GLN L 210 70.03 -9.47 15.91
N ASP L 211 70.39 -9.13 14.68
CA ASP L 211 69.55 -8.32 13.81
C ASP L 211 69.36 -9.01 12.46
N PRO L 212 68.49 -10.03 12.42
CA PRO L 212 68.37 -10.99 11.31
C PRO L 212 68.01 -10.39 9.95
N LEU L 213 67.03 -9.49 9.94
CA LEU L 213 66.52 -8.94 8.68
C LEU L 213 67.57 -8.07 7.99
N ARG L 214 68.44 -7.46 8.80
CA ARG L 214 69.55 -6.68 8.28
C ARG L 214 70.81 -7.53 8.17
N GLU L 215 70.72 -8.77 8.66
CA GLU L 215 71.80 -9.73 8.52
C GLU L 215 71.56 -10.60 7.29
N GLY L 216 70.52 -10.26 6.53
CA GLY L 216 70.22 -10.93 5.28
C GLY L 216 68.96 -11.79 5.22
N ALA L 217 68.29 -11.98 6.36
CA ALA L 217 67.07 -12.78 6.38
C ALA L 217 65.97 -12.18 5.49
N GLU L 218 65.44 -12.99 4.59
CA GLU L 218 64.37 -12.53 3.70
C GLU L 218 62.99 -12.81 4.29
N TYR L 219 62.96 -13.58 5.37
CA TYR L 219 61.74 -13.76 6.16
C TYR L 219 62.10 -13.70 7.63
N LEU L 220 61.23 -13.08 8.43
CA LEU L 220 61.38 -13.16 9.88
C LEU L 220 60.03 -13.43 10.53
N MET L 221 59.88 -14.61 11.12
CA MET L 221 58.60 -14.97 11.73
C MET L 221 58.77 -15.10 13.23
N GLY L 222 57.74 -14.77 13.99
CA GLY L 222 57.86 -14.83 15.43
C GLY L 222 56.56 -15.02 16.19
N SER L 223 56.69 -15.56 17.40
CA SER L 223 55.56 -15.78 18.28
C SER L 223 55.44 -14.63 19.26
N THR L 224 54.20 -14.22 19.51
CA THR L 224 53.93 -13.10 20.41
C THR L 224 53.86 -13.58 21.86
N HIS L 225 54.12 -14.87 22.07
CA HIS L 225 54.16 -15.42 23.42
C HIS L 225 55.54 -15.19 24.04
N LYS L 226 56.55 -15.82 23.45
CA LYS L 226 57.89 -15.81 23.98
C LYS L 226 58.61 -14.56 23.68
N THR L 227 59.12 -13.90 24.72
CA THR L 227 59.87 -12.64 24.65
C THR L 227 59.08 -11.54 23.93
N PHE L 228 57.76 -11.68 23.92
CA PHE L 228 56.86 -10.66 23.45
C PHE L 228 55.75 -10.57 24.47
N PHE L 229 55.63 -9.43 25.16
CA PHE L 229 54.51 -9.30 26.07
C PHE L 229 53.29 -8.92 25.23
N GLY L 230 52.29 -9.80 25.25
CA GLY L 230 51.15 -9.64 24.38
C GLY L 230 50.43 -10.95 24.09
N PRO L 231 49.51 -10.92 23.13
CA PRO L 231 48.55 -12.00 22.84
C PRO L 231 49.18 -13.28 22.29
N GLN L 232 48.33 -14.23 21.93
CA GLN L 232 48.76 -15.44 21.24
C GLN L 232 48.64 -15.23 19.73
N GLY L 233 49.65 -15.69 19.00
CA GLY L 233 49.64 -15.60 17.56
C GLY L 233 51.03 -15.50 16.96
N GLY L 234 51.10 -15.47 15.64
CA GLY L 234 52.37 -15.24 14.96
C GLY L 234 52.44 -13.86 14.35
N VAL L 235 53.62 -13.52 13.84
CA VAL L 235 53.80 -12.29 13.08
C VAL L 235 54.89 -12.52 12.04
N ILE L 236 54.68 -11.98 10.84
CA ILE L 236 55.64 -12.19 9.76
C ILE L 236 56.18 -10.88 9.19
N LEU L 237 57.45 -10.60 9.46
CA LEU L 237 58.13 -9.41 8.97
C LEU L 237 59.04 -9.77 7.80
N THR L 238 58.72 -9.27 6.61
CA THR L 238 59.50 -9.62 5.43
C THR L 238 59.82 -8.41 4.57
N THR L 239 60.45 -8.66 3.43
CA THR L 239 60.80 -7.61 2.49
C THR L 239 59.54 -7.03 1.85
N LYS L 240 59.65 -5.84 1.29
CA LYS L 240 58.52 -5.20 0.63
C LYS L 240 58.19 -5.90 -0.69
N GLU L 241 59.19 -6.62 -1.23
CA GLU L 241 58.99 -7.41 -2.43
C GLU L 241 57.98 -8.52 -2.15
N ASN L 242 58.02 -9.03 -0.93
CA ASN L 242 57.22 -10.17 -0.52
C ASN L 242 55.89 -9.79 0.13
N ALA L 243 55.55 -8.50 0.08
CA ALA L 243 54.36 -7.97 0.74
C ALA L 243 53.10 -8.77 0.46
N ASP L 244 52.59 -8.72 -0.77
CA ASP L 244 51.37 -9.43 -1.12
C ASP L 244 51.66 -10.93 -1.24
N LYS L 245 52.94 -11.26 -1.40
CA LYS L 245 53.39 -12.65 -1.37
C LYS L 245 52.92 -13.33 -0.09
N ILE L 246 53.39 -12.81 1.05
CA ILE L 246 53.08 -13.39 2.34
C ILE L 246 51.69 -12.97 2.83
N ASP L 247 51.19 -11.83 2.35
CA ASP L 247 49.85 -11.39 2.69
C ASP L 247 48.80 -12.34 2.14
N SER L 248 49.01 -12.75 0.90
CA SER L 248 48.12 -13.72 0.27
C SER L 248 48.43 -15.14 0.71
N HIS L 249 49.71 -15.41 0.97
CA HIS L 249 50.12 -16.76 1.33
C HIS L 249 49.43 -17.17 2.62
N VAL L 250 49.15 -16.22 3.49
CA VAL L 250 48.01 -16.44 4.33
C VAL L 250 47.05 -15.25 4.45
N PHE L 251 45.95 -15.29 3.71
CA PHE L 251 44.64 -15.38 4.31
C PHE L 251 43.58 -16.03 3.38
N PRO L 252 43.94 -17.06 2.60
CA PRO L 252 43.31 -18.37 2.47
C PRO L 252 43.86 -19.35 3.49
N GLY L 253 45.13 -19.14 3.81
CA GLY L 253 45.97 -20.14 4.43
C GLY L 253 45.51 -20.59 5.79
N VAL L 254 45.34 -19.62 6.69
CA VAL L 254 44.81 -19.90 8.00
C VAL L 254 43.74 -18.86 8.32
N VAL L 255 42.51 -19.34 8.48
CA VAL L 255 41.38 -18.46 8.79
C VAL L 255 40.92 -18.65 10.22
N HIS L 258 41.24 -15.41 11.13
CA HIS L 258 41.89 -14.39 11.97
C HIS L 258 41.31 -14.39 13.37
N HIS L 259 42.15 -14.14 14.37
CA HIS L 259 41.67 -13.94 15.73
C HIS L 259 41.90 -12.48 16.11
N LEU L 260 40.80 -11.73 16.16
CA LEU L 260 40.87 -10.26 16.18
C LEU L 260 41.10 -9.64 17.55
N HIS L 261 40.56 -10.27 18.59
CA HIS L 261 40.75 -9.80 19.96
C HIS L 261 42.23 -9.82 20.34
N HIS L 262 42.88 -10.95 20.07
CA HIS L 262 44.29 -11.11 20.35
C HIS L 262 45.12 -10.06 19.63
N LYS L 263 44.96 -9.95 18.31
CA LYS L 263 45.73 -8.99 17.53
C LYS L 263 45.43 -7.55 17.95
N ALA L 264 44.20 -7.33 18.43
CA ALA L 264 43.84 -6.06 19.01
C ALA L 264 44.69 -5.80 20.24
N GLY L 265 45.03 -6.86 20.96
CA GLY L 265 45.99 -6.76 22.04
C GLY L 265 47.40 -6.53 21.52
N LEU L 266 47.71 -7.12 20.36
CA LEU L 266 49.02 -6.99 19.75
C LEU L 266 49.30 -5.55 19.36
N ALA L 267 48.24 -4.81 19.02
CA ALA L 267 48.37 -3.38 18.74
C ALA L 267 49.01 -2.66 19.92
N ILE L 268 48.45 -2.86 21.11
CA ILE L 268 49.00 -2.30 22.34
C ILE L 268 50.42 -2.82 22.58
N ALA L 269 50.59 -4.12 22.38
CA ALA L 269 51.88 -4.78 22.62
C ALA L 269 53.00 -4.11 21.85
N LEU L 270 52.83 -3.99 20.54
CA LEU L 270 53.79 -3.29 19.69
C LEU L 270 53.91 -1.84 20.14
N ALA L 271 52.77 -1.20 20.40
CA ALA L 271 52.71 0.20 20.79
C ALA L 271 53.66 0.52 21.94
N GLU L 272 53.68 -0.32 22.96
CA GLU L 272 54.60 -0.11 24.07
C GLU L 272 55.96 -0.73 23.77
N MET L 273 56.01 -1.60 22.77
CA MET L 273 57.25 -2.25 22.38
C MET L 273 58.22 -1.24 21.76
N LEU L 274 57.69 -0.30 20.98
CA LEU L 274 58.54 0.75 20.40
C LEU L 274 59.16 1.60 21.49
N GLU L 275 58.31 2.12 22.37
CA GLU L 275 58.72 3.02 23.43
C GLU L 275 59.70 2.37 24.41
N PHE L 276 59.27 1.28 25.05
CA PHE L 276 60.06 0.70 26.13
C PHE L 276 60.93 -0.50 25.73
N GLY L 277 60.93 -0.84 24.45
CA GLY L 277 61.64 -1.99 23.93
C GLY L 277 63.09 -2.13 24.37
N GLU L 278 63.85 -1.05 24.25
CA GLU L 278 65.27 -1.07 24.62
C GLU L 278 65.45 -1.20 26.14
N ALA L 279 64.70 -0.40 26.88
CA ALA L 279 64.78 -0.38 28.34
C ALA L 279 64.48 -1.75 28.92
N TYR L 280 63.54 -2.46 28.31
CA TYR L 280 63.26 -3.83 28.71
C TYR L 280 64.39 -4.77 28.27
N ALA L 281 64.71 -4.73 26.98
CA ALA L 281 65.61 -5.69 26.35
C ALA L 281 67.01 -5.73 26.97
N LYS L 282 67.61 -4.57 27.20
CA LYS L 282 68.94 -4.52 27.80
C LYS L 282 68.93 -5.20 29.16
N GLN L 283 68.06 -4.72 30.05
CA GLN L 283 68.00 -5.20 31.41
C GLN L 283 67.61 -6.67 31.53
N VAL L 284 66.93 -7.19 30.50
CA VAL L 284 66.62 -8.62 30.46
C VAL L 284 67.90 -9.44 30.58
N ILE L 285 68.82 -9.23 29.66
CA ILE L 285 70.07 -9.96 29.65
C ILE L 285 70.97 -9.51 30.79
N LYS L 286 70.94 -8.22 31.10
CA LYS L 286 71.81 -7.70 32.15
C LYS L 286 71.49 -8.34 33.51
N ASN L 287 70.22 -8.67 33.73
CA ASN L 287 69.82 -9.40 34.93
C ASN L 287 70.03 -10.92 34.78
N ALA L 288 69.79 -11.44 33.58
CA ALA L 288 69.99 -12.85 33.31
C ALA L 288 71.43 -13.28 33.59
N LYS L 289 72.37 -12.40 33.29
CA LYS L 289 73.78 -12.67 33.54
C LYS L 289 74.07 -12.65 35.03
N ALA L 290 73.23 -11.96 35.80
CA ALA L 290 73.34 -12.01 37.26
C ALA L 290 72.85 -13.37 37.75
N LEU L 291 71.75 -13.84 37.14
CA LEU L 291 71.26 -15.19 37.39
C LEU L 291 72.36 -16.23 37.20
N ALA L 292 72.97 -16.20 36.01
CA ALA L 292 73.99 -17.17 35.65
C ALA L 292 75.26 -17.02 36.50
N GLN L 293 75.64 -15.78 36.79
CA GLN L 293 76.85 -15.51 37.57
C GLN L 293 76.70 -16.04 38.98
N ALA L 294 75.58 -15.77 39.62
CA ALA L 294 75.31 -16.33 40.94
C ALA L 294 75.27 -17.86 40.85
N LEU L 295 74.63 -18.34 39.78
CA LEU L 295 74.50 -19.77 39.52
C LEU L 295 75.85 -20.47 39.59
N TYR L 296 76.85 -19.95 38.87
CA TYR L 296 78.18 -20.57 38.89
C TYR L 296 78.96 -20.22 40.16
N GLU L 297 78.67 -19.07 40.74
CA GLU L 297 79.37 -18.64 41.95
C GLU L 297 78.97 -19.52 43.12
N ARG L 298 77.86 -20.25 42.95
CA ARG L 298 77.46 -21.23 43.95
C ARG L 298 78.11 -22.59 43.69
N GLY L 299 78.76 -22.73 42.54
CA GLY L 299 79.51 -23.94 42.24
C GLY L 299 78.78 -24.92 41.35
N PHE L 300 77.73 -24.44 40.68
CA PHE L 300 76.92 -25.26 39.79
C PHE L 300 77.65 -25.69 38.52
N ASN L 301 77.16 -26.76 37.89
CA ASN L 301 77.61 -27.12 36.55
C ASN L 301 76.56 -26.69 35.53
N VAL L 302 76.87 -25.66 34.76
CA VAL L 302 75.90 -25.05 33.85
C VAL L 302 76.52 -24.85 32.47
N LEU L 303 75.74 -25.12 31.42
CA LEU L 303 76.24 -25.12 30.04
C LEU L 303 76.88 -23.79 29.63
N CYS L 304 77.95 -23.89 28.83
CA CYS L 304 78.73 -22.73 28.41
C CYS L 304 79.25 -21.94 29.61
N GLU L 305 80.10 -22.59 30.40
CA GLU L 305 80.68 -22.00 31.59
C GLU L 305 81.59 -20.83 31.22
N HIS L 306 82.15 -20.89 30.02
CA HIS L 306 83.05 -19.87 29.52
C HIS L 306 82.30 -18.65 28.99
N LYS L 307 81.21 -18.89 28.28
CA LYS L 307 80.54 -17.86 27.49
C LYS L 307 79.52 -17.07 28.30
N ASP L 308 79.51 -17.31 29.61
CA ASP L 308 78.52 -16.77 30.54
C ASP L 308 77.16 -17.39 30.25
N PHE L 309 77.22 -18.65 29.83
CA PHE L 309 76.07 -19.56 29.81
C PHE L 309 74.94 -19.16 28.86
N THR L 310 75.06 -17.98 28.24
CA THR L 310 74.13 -17.54 27.19
C THR L 310 74.36 -16.11 26.72
N GLU L 311 73.90 -15.81 25.50
CA GLU L 311 73.66 -14.44 25.08
C GLU L 311 72.17 -14.12 25.17
N SER L 312 71.37 -15.14 25.46
CA SER L 312 69.92 -15.03 25.44
C SER L 312 69.30 -15.01 26.83
N HIS L 313 67.98 -15.05 26.86
CA HIS L 313 67.22 -15.10 28.09
C HIS L 313 67.23 -16.49 28.75
N GLN L 314 67.68 -17.49 27.98
CA GLN L 314 67.64 -18.87 28.46
C GLN L 314 68.97 -19.31 29.08
N VAL L 315 68.92 -19.67 30.36
CA VAL L 315 70.08 -20.28 31.00
C VAL L 315 69.92 -21.80 30.95
N ILE L 316 70.98 -22.50 30.58
CA ILE L 316 70.92 -23.95 30.40
C ILE L 316 71.82 -24.70 31.36
N ILE L 317 71.23 -25.41 32.31
CA ILE L 317 72.00 -26.18 33.29
C ILE L 317 71.97 -27.66 32.93
N ASP L 318 73.14 -28.29 32.85
CA ASP L 318 73.17 -29.73 32.62
C ASP L 318 72.91 -30.42 33.96
N ILE L 319 71.81 -31.16 34.02
CA ILE L 319 71.39 -31.80 35.26
C ILE L 319 71.92 -33.24 35.32
N GLU L 320 72.51 -33.70 34.23
CA GLU L 320 73.23 -34.96 34.25
C GLU L 320 74.72 -34.64 34.41
N SER L 321 75.40 -35.44 35.23
CA SER L 321 76.79 -35.19 35.62
C SER L 321 76.91 -33.84 36.33
N SER L 322 75.87 -33.45 37.06
CA SER L 322 75.89 -32.25 37.89
C SER L 322 76.38 -32.58 39.29
N PRO L 323 76.95 -31.59 40.00
CA PRO L 323 77.49 -31.81 41.34
C PRO L 323 76.49 -32.41 42.35
N ASP L 324 75.28 -31.87 42.47
CA ASP L 324 74.28 -32.60 43.24
C ASP L 324 73.11 -33.00 42.38
N ILE L 325 73.06 -34.26 41.94
CA ILE L 325 71.85 -34.79 41.33
C ILE L 325 71.50 -36.21 41.74
N GLU L 326 72.26 -37.16 41.18
CA GLU L 326 71.94 -38.60 41.18
C GLU L 326 70.47 -38.86 40.82
N PHE L 327 69.90 -37.98 40.00
CA PHE L 327 68.47 -37.98 39.69
C PHE L 327 68.19 -37.73 38.22
N SER L 328 66.90 -37.61 37.90
CA SER L 328 66.45 -37.08 36.63
C SER L 328 66.50 -35.55 36.64
N ALA L 329 66.62 -34.95 35.46
CA ALA L 329 66.52 -33.50 35.35
C ALA L 329 65.09 -33.05 35.68
N SER L 330 64.14 -33.78 35.09
CA SER L 330 62.73 -33.54 35.33
C SER L 330 62.38 -33.69 36.81
N GLU L 331 63.13 -34.54 37.50
CA GLU L 331 62.94 -34.71 38.93
C GLU L 331 63.10 -33.39 39.66
N LEU L 332 64.26 -32.76 39.49
CA LEU L 332 64.52 -31.47 40.09
C LEU L 332 63.56 -30.42 39.55
N ALA L 333 63.16 -30.58 38.29
CA ALA L 333 62.19 -29.67 37.70
C ALA L 333 60.88 -29.66 38.50
N LYS L 334 60.42 -30.85 38.87
CA LYS L 334 59.19 -30.97 39.66
C LYS L 334 59.42 -30.52 41.10
N MET L 335 60.61 -30.82 41.60
CA MET L 335 61.02 -30.37 42.93
C MET L 335 60.86 -28.86 43.06
N TYR L 336 61.41 -28.12 42.10
CA TYR L 336 61.26 -26.67 42.09
C TYR L 336 59.83 -26.28 41.75
N GLU L 337 59.14 -27.16 41.03
CA GLU L 337 57.76 -26.89 40.63
C GLU L 337 56.85 -26.73 41.84
N GLU L 338 56.92 -27.68 42.78
CA GLU L 338 56.09 -27.56 43.97
C GLU L 338 56.82 -26.76 45.05
N ALA L 339 58.00 -26.28 44.71
CA ALA L 339 58.66 -25.24 45.48
C ALA L 339 58.22 -23.89 44.92
N ASN L 340 57.29 -23.96 43.96
CA ASN L 340 56.76 -22.80 43.25
C ASN L 340 57.84 -21.99 42.56
N ILE L 341 58.78 -22.71 41.95
CA ILE L 341 59.68 -22.14 40.97
C ILE L 341 59.43 -22.90 39.68
N ILE L 342 58.92 -22.20 38.67
CA ILE L 342 58.43 -22.88 37.47
C ILE L 342 59.53 -22.99 36.41
N LEU L 343 59.98 -24.22 36.16
CA LEU L 343 61.09 -24.47 35.26
C LEU L 343 60.65 -25.31 34.07
N ASN L 344 61.60 -25.66 33.21
CA ASN L 344 61.29 -26.46 32.04
C ASN L 344 62.39 -27.45 31.62
N LYS L 345 61.97 -28.65 31.25
CA LYS L 345 62.83 -29.63 30.58
C LYS L 345 63.51 -29.04 29.36
N ASN L 346 64.79 -29.33 29.20
CA ASN L 346 65.42 -29.16 27.91
C ASN L 346 66.37 -30.28 27.58
N LEU L 347 66.08 -31.01 26.52
CA LEU L 347 66.95 -32.10 26.10
C LEU L 347 68.19 -31.53 25.45
N LEU L 348 69.34 -31.89 26.01
CA LEU L 348 70.62 -31.37 25.55
C LEU L 348 71.11 -32.17 24.35
N PRO L 349 72.05 -31.63 23.58
CA PRO L 349 72.61 -32.36 22.43
C PRO L 349 73.20 -33.72 22.80
N TRP L 350 73.57 -33.89 24.06
CA TRP L 350 74.13 -35.17 24.52
C TRP L 350 73.06 -36.08 25.11
N ASP L 351 71.80 -35.64 25.02
CA ASP L 351 70.68 -36.52 25.34
C ASP L 351 70.44 -37.48 24.18
N ASP L 352 70.47 -38.77 24.46
CA ASP L 352 70.26 -39.79 23.43
C ASP L 352 68.76 -39.98 23.15
N SER L 356 63.02 -38.00 23.97
CA SER L 356 63.28 -38.22 25.39
C SER L 356 62.58 -37.17 26.25
N ASP L 357 61.78 -37.62 27.21
CA ASP L 357 61.16 -36.73 28.17
C ASP L 357 62.22 -36.26 29.15
N ASN L 358 62.75 -37.20 29.92
CA ASN L 358 63.79 -36.89 30.90
C ASN L 358 65.06 -36.40 30.20
N PRO L 359 65.39 -35.12 30.41
CA PRO L 359 66.53 -34.52 29.71
C PRO L 359 67.83 -34.60 30.51
N SER L 360 68.92 -34.15 29.91
CA SER L 360 70.13 -33.85 30.67
C SER L 360 70.05 -32.44 31.24
N GLY L 361 69.37 -31.56 30.53
CA GLY L 361 69.36 -30.14 30.86
C GLY L 361 68.10 -29.51 31.41
N ILE L 362 68.08 -28.18 31.39
CA ILE L 362 66.97 -27.37 31.85
C ILE L 362 67.04 -26.00 31.19
N ARG L 363 65.94 -25.25 31.17
CA ARG L 363 65.90 -23.95 30.52
C ARG L 363 65.18 -22.90 31.38
N LEU L 364 65.87 -21.80 31.67
CA LEU L 364 65.36 -20.80 32.61
C LEU L 364 65.21 -19.40 32.01
N GLY L 365 63.97 -18.94 31.84
CA GLY L 365 63.73 -17.57 31.41
C GLY L 365 63.59 -16.54 32.52
N THR L 366 64.07 -15.33 32.26
CA THR L 366 63.95 -14.23 33.20
C THR L 366 62.82 -13.24 32.87
N GLN L 367 62.08 -13.53 31.80
CA GLN L 367 61.12 -12.58 31.22
C GLN L 367 60.06 -12.07 32.20
N GLU L 368 59.29 -13.01 32.74
CA GLU L 368 58.20 -12.68 33.64
C GLU L 368 58.71 -11.96 34.88
N CYS L 369 59.95 -12.29 35.25
CA CYS L 369 60.61 -11.64 36.37
C CYS L 369 61.08 -10.25 35.99
N THR L 370 61.45 -10.08 34.72
CA THR L 370 62.03 -8.83 34.26
C THR L 370 60.98 -7.74 34.00
N ARG L 371 59.87 -8.10 33.35
CA ARG L 371 58.84 -7.09 33.08
C ARG L 371 58.24 -6.56 34.36
N LEU L 372 58.35 -7.35 35.42
CA LEU L 372 57.94 -6.94 36.75
C LEU L 372 58.89 -5.83 37.27
N GLY L 373 60.02 -5.66 36.59
CA GLY L 373 60.99 -4.65 36.96
C GLY L 373 61.85 -5.03 38.15
N MET L 374 62.36 -6.25 38.16
CA MET L 374 63.31 -6.68 39.18
C MET L 374 64.70 -6.79 38.59
N LYS L 375 65.71 -6.43 39.39
CA LYS L 375 67.07 -6.27 38.90
C LYS L 375 68.04 -7.30 39.48
N GLU L 376 69.32 -7.09 39.19
CA GLU L 376 70.39 -8.07 39.43
C GLU L 376 70.38 -8.76 40.81
N LYS L 377 70.17 -7.98 41.86
CA LYS L 377 70.22 -8.55 43.21
C LYS L 377 68.96 -9.36 43.51
N GLU L 378 67.86 -9.04 42.85
CA GLU L 378 66.65 -9.84 42.98
C GLU L 378 66.85 -11.19 42.30
N MET L 379 67.67 -11.18 41.25
CA MET L 379 68.07 -12.41 40.58
C MET L 379 69.03 -13.20 41.46
N GLU L 380 69.87 -12.48 42.21
CA GLU L 380 70.69 -13.09 43.25
C GLU L 380 69.79 -13.79 44.27
N GLU L 381 68.68 -13.16 44.58
CA GLU L 381 67.69 -13.72 45.50
C GLU L 381 67.08 -15.00 44.92
N ILE L 382 66.76 -14.98 43.63
CA ILE L 382 66.24 -16.17 42.96
C ILE L 382 67.25 -17.32 43.04
N ALA L 383 68.50 -16.99 42.73
CA ALA L 383 69.58 -17.96 42.85
C ALA L 383 69.59 -18.58 44.24
N GLU L 384 69.64 -17.74 45.26
CA GLU L 384 69.65 -18.21 46.65
C GLU L 384 68.46 -19.12 46.95
N PHE L 385 67.30 -18.76 46.42
CA PHE L 385 66.09 -19.58 46.54
C PHE L 385 66.34 -20.97 45.99
N MET L 386 67.01 -21.04 44.84
CA MET L 386 67.31 -22.34 44.23
C MET L 386 68.39 -23.10 45.02
N LYS L 387 69.25 -22.35 45.71
CA LYS L 387 70.31 -22.96 46.52
C LYS L 387 69.73 -23.54 47.80
N ARG L 388 68.57 -23.03 48.20
CA ARG L 388 67.85 -23.56 49.35
C ARG L 388 67.57 -25.05 49.19
N ILE L 389 67.26 -25.45 47.95
CA ILE L 389 66.95 -26.83 47.62
C ILE L 389 68.18 -27.57 47.12
N ALA L 390 68.74 -27.10 46.01
CA ALA L 390 69.84 -27.78 45.33
C ALA L 390 71.02 -28.11 46.25
N ILE L 391 71.23 -27.29 47.26
CA ILE L 391 72.39 -27.44 48.13
C ILE L 391 72.03 -27.98 49.52
N ASP L 392 71.31 -27.18 50.29
CA ASP L 392 71.14 -27.44 51.71
C ASP L 392 70.01 -28.43 52.00
N LYS L 393 69.36 -28.91 50.94
CA LYS L 393 68.31 -29.92 51.05
C LYS L 393 67.15 -29.47 51.94
N GLU L 394 66.93 -28.16 52.01
CA GLU L 394 65.80 -27.61 52.74
C GLU L 394 64.49 -28.01 52.06
N LYS L 395 63.51 -28.42 52.86
CA LYS L 395 62.24 -28.91 52.34
C LYS L 395 61.55 -27.86 51.45
N PRO L 396 61.26 -28.25 50.20
CA PRO L 396 60.70 -27.36 49.16
C PRO L 396 59.40 -26.68 49.58
N GLU L 397 58.66 -27.29 50.50
CA GLU L 397 57.38 -26.75 50.95
C GLU L 397 57.55 -25.63 51.98
N LYS L 398 58.52 -25.77 52.88
CA LYS L 398 58.81 -24.69 53.82
C LYS L 398 59.65 -23.62 53.13
N VAL L 399 60.45 -24.04 52.15
CA VAL L 399 61.19 -23.10 51.30
C VAL L 399 60.19 -22.28 50.49
N ARG L 400 59.09 -22.91 50.11
CA ARG L 400 58.03 -22.27 49.33
C ARG L 400 57.51 -21.02 50.03
N GLU L 401 57.60 -21.00 51.36
CA GLU L 401 57.24 -19.82 52.12
C GLU L 401 58.20 -18.68 51.82
N ASP L 402 59.50 -19.00 51.74
CA ASP L 402 60.52 -18.03 51.38
C ASP L 402 60.50 -17.73 49.89
N VAL L 403 59.75 -18.51 49.13
CA VAL L 403 59.49 -18.21 47.73
C VAL L 403 58.34 -17.21 47.62
N LYS L 404 57.33 -17.38 48.46
CA LYS L 404 56.11 -16.58 48.41
C LYS L 404 56.35 -15.12 48.75
N GLU L 405 57.41 -14.84 49.51
CA GLU L 405 57.70 -13.48 49.91
C GLU L 405 58.17 -12.63 48.72
N PHE L 406 58.78 -13.28 47.74
CA PHE L 406 59.50 -12.59 46.68
C PHE L 406 58.60 -12.01 45.59
N ALA L 407 58.03 -12.89 44.77
CA ALA L 407 57.25 -12.45 43.61
C ALA L 407 55.93 -11.79 44.03
N LYS L 408 55.45 -12.13 45.21
CA LYS L 408 54.19 -11.58 45.72
C LYS L 408 54.40 -10.16 46.22
N GLU L 409 55.63 -9.87 46.64
CA GLU L 409 55.97 -8.54 47.15
C GLU L 409 55.63 -7.48 46.12
N TYR L 410 56.37 -7.46 45.02
CA TYR L 410 56.03 -6.61 43.89
C TYR L 410 55.37 -7.49 42.83
N SER L 411 54.06 -7.33 42.66
CA SER L 411 53.34 -8.05 41.62
C SER L 411 53.10 -7.17 40.39
N THR L 412 53.50 -5.91 40.47
CA THR L 412 53.22 -4.94 39.42
C THR L 412 54.27 -4.98 38.32
N ILE L 413 53.80 -5.04 37.07
CA ILE L 413 54.71 -5.11 35.93
C ILE L 413 55.10 -3.73 35.44
N HIS L 414 56.39 -3.56 35.17
CA HIS L 414 56.89 -2.33 34.58
C HIS L 414 56.93 -2.46 33.07
N TYR L 415 57.57 -1.49 32.43
CA TYR L 415 57.89 -1.53 31.01
C TYR L 415 56.69 -1.61 30.08
N SER L 416 55.53 -1.08 30.48
CA SER L 416 54.48 -0.95 29.48
C SER L 416 54.01 0.49 29.28
N PHE L 417 53.01 0.91 30.05
CA PHE L 417 52.77 2.33 30.28
C PHE L 417 52.28 2.57 31.70
N ASP L 418 51.07 2.07 31.93
CA ASP L 418 50.43 2.14 33.23
C ASP L 418 50.78 0.90 34.04
N GLU L 419 51.37 1.10 35.21
CA GLU L 419 51.75 -0.05 36.02
C GLU L 419 50.63 -0.36 37.01
N GLY L 420 49.93 -1.46 36.74
CA GLY L 420 48.96 -2.01 37.67
C GLY L 420 49.50 -3.33 38.17
N ASP L 421 48.64 -4.12 38.80
CA ASP L 421 49.00 -5.48 39.13
C ASP L 421 48.84 -6.32 37.88
N GLY L 422 49.93 -6.93 37.44
CA GLY L 422 49.93 -7.70 36.20
C GLY L 422 49.03 -8.91 36.29
N PHE L 423 48.88 -9.44 37.51
CA PHE L 423 48.05 -10.60 37.77
C PHE L 423 46.66 -10.24 38.28
N LYS L 424 46.35 -8.95 38.33
CA LYS L 424 45.07 -8.46 38.84
C LYS L 424 43.88 -9.10 38.13
N TYR L 425 42.97 -9.66 38.92
CA TYR L 425 41.82 -10.36 38.38
C TYR L 425 40.60 -9.45 38.27
N LEU L 426 39.87 -9.57 37.15
CA LEU L 426 38.73 -8.71 36.89
C LEU L 426 37.44 -9.50 36.72
N ARG L 427 36.52 -9.33 37.66
CA ARG L 427 35.21 -9.99 37.60
C ARG L 427 34.33 -9.32 36.56
N PHE L 428 33.79 -10.11 35.63
CA PHE L 428 32.98 -9.56 34.54
C PHE L 428 31.52 -9.37 34.94
N TYR L 429 30.83 -10.46 35.25
CA TYR L 429 29.43 -10.38 35.67
C TYR L 429 29.29 -10.48 37.18
N1 PLP M . -53.15 10.43 17.72
C2 PLP M . -53.18 9.58 16.67
C2A PLP M . -52.01 8.64 16.45
C3 PLP M . -54.25 9.55 15.81
O3 PLP M . -54.24 8.67 14.76
C4 PLP M . -55.34 10.41 16.02
C4A PLP M . -56.52 10.37 15.07
C5 PLP M . -55.28 11.27 17.11
C6 PLP M . -54.17 11.27 17.94
C5A PLP M . -56.41 12.24 17.38
O4P PLP M . -57.47 11.78 18.10
P PLP M . -58.27 12.84 18.90
O1P PLP M . -57.36 13.37 19.98
O2P PLP M . -58.65 13.92 17.92
O3P PLP M . -59.50 12.24 19.53
N1 PLP N . -58.53 27.89 34.01
C2 PLP N . -58.97 28.56 35.08
C2A PLP N . -58.15 29.69 35.66
C3 PLP N . -60.16 28.21 35.69
O3 PLP N . -60.58 28.92 36.79
C4 PLP N . -60.94 27.17 35.18
C4A PLP N . -62.23 26.84 35.89
C5 PLP N . -60.46 26.48 34.05
C6 PLP N . -59.25 26.87 33.48
C5A PLP N . -61.24 25.34 33.45
O4P PLP N . -61.14 25.10 32.09
P PLP N . -61.21 23.63 31.57
O1P PLP N . -61.96 23.65 30.27
O2P PLP N . -59.81 23.13 31.36
O3P PLP N . -61.92 22.77 32.58
N1 PLP O . -16.44 22.63 6.66
C2 PLP O . -15.52 23.56 6.95
C2A PLP O . -15.69 24.41 8.18
C3 PLP O . -14.42 23.74 6.13
O3 PLP O . -13.50 24.69 6.45
C4 PLP O . -14.26 22.94 4.97
C4A PLP O . -13.05 23.17 4.10
C5 PLP O . -15.26 21.97 4.70
C6 PLP O . -16.33 21.86 5.57
C5A PLP O . -15.25 21.04 3.50
O4P PLP O . -14.08 20.54 2.97
P PLP O . -14.06 20.21 1.45
O1P PLP O . -15.00 21.14 0.76
O2P PLP O . -12.66 20.42 0.91
O3P PLP O . -14.48 18.78 1.24
N1 PLP P . -24.00 3.05 -8.15
C2 PLP P . -24.83 2.79 -9.18
C2A PLP P . -25.60 1.51 -9.24
C3 PLP P . -24.98 3.70 -10.21
O3 PLP P . -25.82 3.39 -11.24
C4 PLP P . -24.27 4.91 -10.19
C4A PLP P . -24.47 5.86 -11.35
C5 PLP P . -23.41 5.16 -9.10
C6 PLP P . -23.31 4.20 -8.09
C5A PLP P . -22.61 6.45 -9.01
O4P PLP P . -21.56 6.53 -8.13
P PLP P . -20.98 7.94 -7.78
O1P PLP P . -22.01 8.71 -7.01
O2P PLP P . -19.74 7.75 -6.93
O3P PLP P . -20.63 8.66 -9.06
N1 PLP Q . -26.97 58.57 34.26
C2 PLP Q . -25.78 58.05 34.58
C2A PLP Q . -25.06 57.15 33.60
C3 PLP Q . -25.19 58.33 35.78
O3 PLP Q . -23.97 57.81 36.07
C4 PLP Q . -25.83 59.17 36.70
C4A PLP Q . -25.08 59.42 37.99
C5 PLP Q . -27.10 59.70 36.35
C6 PLP Q . -27.63 59.37 35.10
C5A PLP Q . -27.95 60.61 37.21
O4P PLP Q . -27.43 61.39 38.20
P PLP Q . -27.93 61.18 39.67
O1P PLP Q . -27.35 62.25 40.56
O2P PLP Q . -29.43 61.30 39.68
O3P PLP Q . -27.50 59.81 40.12
N1 PLP R . -46.50 71.28 45.19
C2 PLP R . -47.20 72.38 45.47
C2A PLP R . -48.70 72.35 45.41
C3 PLP R . -46.56 73.56 45.82
O3 PLP R . -47.28 74.68 46.10
C4 PLP R . -45.14 73.59 45.88
C4A PLP R . -44.48 74.90 46.25
C5 PLP R . -44.44 72.41 45.57
C6 PLP R . -45.16 71.26 45.23
C5A PLP R . -42.92 72.34 45.61
O4P PLP R . -42.26 71.21 45.19
P PLP R . -40.78 71.32 44.74
O1P PLP R . -40.50 70.20 43.78
O2P PLP R . -40.55 72.67 44.07
O3P PLP R . -39.87 71.18 45.93
N1 PLP S . 47.40 -34.21 -48.63
C2 PLP S . 47.33 -35.52 -48.92
C2A PLP S . 46.15 -36.06 -49.68
C3 PLP S . 48.34 -36.37 -48.51
O3 PLP S . 48.26 -37.71 -48.79
C4 PLP S . 49.44 -35.87 -47.80
C4A PLP S . 50.50 -36.86 -47.38
C5 PLP S . 49.49 -34.49 -47.52
C6 PLP S . 48.44 -33.69 -47.95
C5A PLP S . 50.63 -33.85 -46.76
O4P PLP S . 50.98 -34.37 -45.53
P PLP S . 52.47 -34.63 -45.17
O1P PLP S . 53.37 -33.66 -45.88
O2P PLP S . 52.86 -36.04 -45.57
O3P PLP S . 52.61 -34.48 -43.68
N1 PLP T . 60.04 -22.98 -29.23
C2 PLP T . 60.85 -22.06 -28.69
C2A PLP T . 60.53 -21.51 -27.32
C3 PLP T . 61.96 -21.61 -29.36
O3 PLP T . 62.76 -20.66 -28.77
C4 PLP T . 62.28 -22.11 -30.64
C4A PLP T . 63.51 -21.58 -31.37
C5 PLP T . 61.40 -23.07 -31.19
C6 PLP T . 60.30 -23.48 -30.45
C5A PLP T . 61.64 -23.68 -32.56
O4P PLP T . 60.60 -24.36 -33.16
P PLP T . 60.89 -25.26 -34.38
O1P PLP T . 59.69 -25.24 -35.30
O2P PLP T . 62.11 -24.74 -35.10
O3P PLP T . 61.13 -26.67 -33.91
N1 PLP U . 10.95 -40.94 -29.14
C2 PLP U . 10.58 -40.45 -27.96
C2A PLP U . 11.50 -39.56 -27.17
C3 PLP U . 9.32 -40.75 -27.44
O3 PLP U . 8.95 -40.24 -26.22
C4 PLP U . 8.45 -41.58 -28.16
C4A PLP U . 7.10 -41.87 -27.54
C5 PLP U . 8.88 -42.07 -29.40
C6 PLP U . 10.14 -41.73 -29.86
C5A PLP U . 8.00 -42.98 -30.25
O4P PLP U . 8.18 -43.02 -31.61
P PLP U . 7.29 -43.97 -32.47
O1P PLP U . 8.02 -45.27 -32.68
O2P PLP U . 5.99 -44.20 -31.76
O3P PLP U . 7.02 -43.31 -33.80
N1 PLP V . 14.18 -54.56 -48.78
C2 PLP V . 14.11 -55.24 -49.94
C2A PLP V . 15.16 -56.28 -50.27
C3 PLP V . 13.09 -55.00 -50.84
O3 PLP V . 13.03 -55.70 -52.01
C4 PLP V . 12.12 -54.04 -50.54
C4A PLP V . 11.01 -53.78 -51.54
C5 PLP V . 12.22 -53.34 -49.32
C6 PLP V . 13.28 -53.63 -48.46
C5A PLP V . 11.20 -52.29 -48.95
O4P PLP V . 11.27 -51.68 -47.73
P PLP V . 9.97 -51.09 -47.10
O1P PLP V . 9.21 -52.21 -46.45
O2P PLP V . 10.37 -50.06 -46.09
O3P PLP V . 9.11 -50.48 -48.17
N1 PLP W . 37.77 -23.92 9.24
C2 PLP W . 36.59 -24.38 8.84
C2A PLP W . 36.48 -25.75 8.26
C3 PLP W . 35.45 -23.60 8.98
O3 PLP W . 34.23 -24.10 8.58
C4 PLP W . 35.54 -22.32 9.53
C4A PLP W . 34.27 -21.50 9.65
C5 PLP W . 36.81 -21.87 9.93
C6 PLP W . 37.91 -22.70 9.77
C5A PLP W . 37.03 -20.50 10.54
O4P PLP W . 38.30 -20.14 10.91
P PLP W . 38.86 -20.70 12.24
O1P PLP W . 39.02 -19.55 13.20
O2P PLP W . 37.89 -21.72 12.79
O3P PLP W . 40.20 -21.34 11.97
N1 PLP X . 58.35 -22.28 16.47
C2 PLP X . 59.55 -22.08 17.02
C2A PLP X . 60.81 -22.33 16.22
C3 PLP X . 59.65 -21.64 18.33
O3 PLP X . 60.89 -21.43 18.88
C4 PLP X . 58.49 -21.41 19.09
C4A PLP X . 58.68 -20.91 20.51
C5 PLP X . 57.24 -21.62 18.46
C6 PLP X . 57.21 -22.07 17.15
C5A PLP X . 55.93 -21.38 19.20
O4P PLP X . 54.75 -21.38 18.49
P PLP X . 53.41 -21.69 19.22
O1P PLP X . 52.32 -20.94 18.52
O2P PLP X . 53.15 -23.18 19.18
O3P PLP X . 53.53 -21.24 20.65
#